data_3KUM
#
_entry.id   3KUM
#
_cell.length_a   163.304
_cell.length_b   163.304
_cell.length_c   317.625
_cell.angle_alpha   90.00
_cell.angle_beta   90.00
_cell.angle_gamma   120.00
#
_symmetry.space_group_name_H-M   'H 3'
#
loop_
_entity.id
_entity.type
_entity.pdbx_description
1 polymer 'Dipeptide Epimerase'
2 non-polymer ARGININE
3 non-polymer TYROSINE
4 non-polymer 'MAGNESIUM ION'
5 water water
#
_entity_poly.entity_id   1
_entity_poly.type   'polypeptide(L)'
_entity_poly.pdbx_seq_one_letter_code
;MKIKQVHVRASKIKLKETFTIALGTIESADSAIVEIETEEGLVGYGEGGPGIFITGETLAGTLETIELFGQAIIGLNPFN
IEKIHEVMDKISAFAPAAKAAIDIACYDLMGQKAQLPLYQLLGGYDNQVITDITLGIDEPNVMAQKAVEKVKLGFDTLKI
KVGTGIEADIARVKAIREAVGFDIKLRLDANQAWTPKDAVKAIQALADYQIELVEQPVKRRDLEGLKYVTSQVNTTIMAD
ESCFDAQDALELVKKGTVDVINIKLMKCGGIHEALKINQICETAGIECMIGCMAEETTIGITAAAHLAAAQKNITRADLD
ATFGLETAPVTGGVSLEAKPLLELGEAAGLGISH
;
_entity_poly.pdbx_strand_id   A,B,C,D,E,F,G,H
#
# COMPACT_ATOMS: atom_id res chain seq x y z
N MET A 1 12.96 -31.38 39.95
CA MET A 1 13.81 -32.09 38.97
C MET A 1 14.96 -31.20 38.51
N LYS A 2 16.16 -31.76 38.42
CA LYS A 2 17.34 -31.00 38.01
C LYS A 2 18.23 -31.81 37.08
N ILE A 3 18.75 -31.18 36.04
CA ILE A 3 19.64 -31.85 35.10
C ILE A 3 20.99 -32.06 35.75
N LYS A 4 21.45 -33.31 35.78
CA LYS A 4 22.73 -33.66 36.39
C LYS A 4 23.83 -33.69 35.33
N GLN A 5 23.53 -34.28 34.18
CA GLN A 5 24.52 -34.37 33.13
C GLN A 5 23.88 -34.58 31.75
N VAL A 6 24.58 -34.18 30.71
CA VAL A 6 24.10 -34.34 29.35
C VAL A 6 25.15 -35.10 28.55
N HIS A 7 24.76 -36.24 27.99
CA HIS A 7 25.67 -37.07 27.20
C HIS A 7 25.22 -37.05 25.73
N VAL A 8 26.18 -36.92 24.81
CA VAL A 8 25.83 -36.92 23.40
C VAL A 8 26.72 -37.88 22.62
N ARG A 9 26.11 -38.58 21.66
CA ARG A 9 26.86 -39.53 20.84
C ARG A 9 26.47 -39.42 19.38
N ALA A 10 27.35 -39.89 18.51
CA ALA A 10 27.06 -39.87 17.10
C ALA A 10 26.26 -41.15 16.86
N SER A 11 25.43 -41.13 15.83
CA SER A 11 24.63 -42.30 15.48
C SER A 11 24.64 -42.39 13.97
N LYS A 12 25.07 -43.54 13.45
CA LYS A 12 25.11 -43.75 12.01
C LYS A 12 24.35 -45.02 11.68
N ILE A 13 23.26 -44.87 10.94
CA ILE A 13 22.41 -46.00 10.57
C ILE A 13 22.33 -46.09 9.05
N LYS A 14 22.70 -47.24 8.50
CA LYS A 14 22.66 -47.43 7.05
C LYS A 14 21.22 -47.37 6.52
N LEU A 15 21.01 -46.67 5.42
CA LEU A 15 19.68 -46.59 4.81
C LEU A 15 19.50 -47.79 3.89
N LYS A 16 18.28 -48.33 3.83
CA LYS A 16 17.99 -49.47 2.97
C LYS A 16 18.13 -49.15 1.48
N GLU A 17 17.94 -47.89 1.13
CA GLU A 17 18.07 -47.45 -0.26
C GLU A 17 18.60 -46.02 -0.28
N THR A 18 19.29 -45.64 -1.34
CA THR A 18 19.80 -44.28 -1.46
C THR A 18 18.62 -43.38 -1.81
N PHE A 19 18.38 -42.37 -0.98
CA PHE A 19 17.25 -41.46 -1.19
C PHE A 19 17.69 -40.22 -1.97
N THR A 20 16.91 -39.87 -2.99
CA THR A 20 17.24 -38.71 -3.83
C THR A 20 16.11 -37.69 -3.98
N ILE A 21 16.47 -36.41 -3.86
CA ILE A 21 15.53 -35.31 -4.03
C ILE A 21 16.24 -34.25 -4.87
N ALA A 22 15.51 -33.19 -5.22
CA ALA A 22 16.09 -32.13 -6.04
C ALA A 22 17.36 -31.51 -5.47
N LEU A 23 17.48 -31.50 -4.15
CA LEU A 23 18.62 -30.89 -3.48
C LEU A 23 19.87 -31.77 -3.34
N GLY A 24 19.71 -33.08 -3.46
CA GLY A 24 20.86 -33.97 -3.33
C GLY A 24 20.47 -35.39 -2.98
N THR A 25 21.46 -36.19 -2.59
CA THR A 25 21.21 -37.58 -2.24
C THR A 25 21.80 -37.94 -0.88
N ILE A 26 21.27 -38.98 -0.27
CA ILE A 26 21.74 -39.43 1.04
C ILE A 26 21.65 -40.96 1.10
N GLU A 27 22.61 -41.60 1.76
CA GLU A 27 22.60 -43.06 1.88
C GLU A 27 22.82 -43.58 3.30
N SER A 28 22.94 -42.68 4.26
CA SER A 28 23.12 -43.07 5.66
C SER A 28 22.55 -42.02 6.59
N ALA A 29 21.80 -42.47 7.58
CA ALA A 29 21.18 -41.57 8.55
C ALA A 29 22.14 -41.31 9.70
N ASP A 30 22.87 -40.21 9.60
CA ASP A 30 23.85 -39.86 10.64
C ASP A 30 23.34 -38.71 11.49
N SER A 31 23.09 -38.99 12.77
CA SER A 31 22.59 -37.96 13.65
C SER A 31 23.29 -37.94 15.01
N ALA A 32 22.91 -36.96 15.82
CA ALA A 32 23.47 -36.82 17.15
C ALA A 32 22.38 -37.24 18.13
N ILE A 33 22.70 -38.17 19.02
CA ILE A 33 21.73 -38.63 20.00
C ILE A 33 22.10 -38.16 21.38
N VAL A 34 21.14 -37.53 22.06
CA VAL A 34 21.35 -36.98 23.39
C VAL A 34 20.60 -37.72 24.48
N GLU A 35 21.23 -37.81 25.65
CA GLU A 35 20.63 -38.44 26.81
C GLU A 35 20.87 -37.46 27.96
N ILE A 36 19.78 -36.96 28.52
CA ILE A 36 19.88 -36.02 29.61
C ILE A 36 19.50 -36.71 30.91
N GLU A 37 20.46 -36.78 31.82
CA GLU A 37 20.27 -37.42 33.11
C GLU A 37 19.94 -36.40 34.20
N THR A 38 18.93 -36.70 35.01
CA THR A 38 18.54 -35.82 36.11
C THR A 38 19.21 -36.32 37.38
N GLU A 39 19.19 -35.51 38.43
CA GLU A 39 19.81 -35.92 39.69
C GLU A 39 19.09 -37.13 40.27
N GLU A 40 17.78 -37.23 40.04
CA GLU A 40 16.99 -38.33 40.58
C GLU A 40 17.11 -39.65 39.81
N GLY A 41 17.73 -39.63 38.64
CA GLY A 41 17.89 -40.86 37.88
C GLY A 41 17.15 -40.97 36.56
N LEU A 42 16.14 -40.13 36.32
CA LEU A 42 15.42 -40.18 35.05
C LEU A 42 16.33 -39.72 33.91
N VAL A 43 16.18 -40.34 32.75
CA VAL A 43 16.99 -40.03 31.57
C VAL A 43 16.10 -39.79 30.35
N GLY A 44 16.20 -38.58 29.78
CA GLY A 44 15.42 -38.25 28.61
C GLY A 44 16.25 -38.38 27.33
N TYR A 45 15.60 -38.82 26.26
CA TYR A 45 16.28 -39.02 24.97
C TYR A 45 15.94 -37.92 23.98
N GLY A 46 16.95 -37.51 23.20
CA GLY A 46 16.77 -36.48 22.20
C GLY A 46 17.63 -36.74 20.98
N GLU A 47 17.30 -36.08 19.87
CA GLU A 47 18.05 -36.27 18.65
C GLU A 47 18.16 -35.01 17.80
N GLY A 48 19.30 -34.89 17.13
CA GLY A 48 19.55 -33.77 16.25
C GLY A 48 19.92 -34.35 14.89
N GLY A 49 19.04 -34.23 13.92
CA GLY A 49 19.31 -34.74 12.59
C GLY A 49 19.73 -33.60 11.68
N PRO A 50 21.04 -33.45 11.39
CA PRO A 50 21.54 -32.38 10.52
C PRO A 50 21.43 -32.67 9.02
N GLY A 51 20.88 -31.72 8.27
CA GLY A 51 20.74 -31.89 6.83
C GLY A 51 21.52 -30.79 6.13
N ILE A 52 22.77 -31.08 5.78
CA ILE A 52 23.60 -30.09 5.14
C ILE A 52 22.96 -29.35 3.97
N PHE A 53 22.23 -30.05 3.10
CA PHE A 53 21.61 -29.34 1.98
C PHE A 53 20.21 -28.78 2.24
N ILE A 54 19.77 -28.82 3.50
CA ILE A 54 18.47 -28.26 3.88
C ILE A 54 18.71 -27.07 4.82
N THR A 55 19.45 -27.33 5.90
CA THR A 55 19.73 -26.31 6.91
C THR A 55 21.17 -25.85 6.97
N GLY A 56 22.08 -26.62 6.36
CA GLY A 56 23.48 -26.26 6.39
C GLY A 56 24.19 -26.88 7.60
N GLU A 57 23.41 -27.45 8.50
CA GLU A 57 23.98 -28.07 9.68
C GLU A 57 24.68 -29.38 9.37
N THR A 58 25.75 -29.63 10.10
CA THR A 58 26.56 -30.84 9.94
C THR A 58 26.55 -31.63 11.25
N LEU A 59 26.95 -32.90 11.17
CA LEU A 59 26.97 -33.70 12.38
C LEU A 59 28.07 -33.18 13.33
N ALA A 60 29.21 -32.80 12.77
CA ALA A 60 30.31 -32.29 13.58
C ALA A 60 29.91 -31.04 14.32
N GLY A 61 29.31 -30.11 13.59
CA GLY A 61 28.89 -28.86 14.20
C GLY A 61 27.78 -29.08 15.20
N THR A 62 26.88 -30.01 14.91
CA THR A 62 25.76 -30.31 15.81
C THR A 62 26.27 -30.90 17.13
N LEU A 63 27.21 -31.84 17.02
CA LEU A 63 27.77 -32.46 18.21
C LEU A 63 28.45 -31.42 19.08
N GLU A 64 29.24 -30.53 18.47
CA GLU A 64 29.92 -29.49 19.22
C GLU A 64 28.94 -28.58 19.94
N THR A 65 27.93 -28.11 19.21
CA THR A 65 26.93 -27.21 19.77
C THR A 65 26.17 -27.85 20.93
N ILE A 66 25.77 -29.11 20.76
CA ILE A 66 25.05 -29.82 21.80
C ILE A 66 25.89 -29.89 23.08
N GLU A 67 27.19 -30.12 22.92
CA GLU A 67 28.09 -30.20 24.07
C GLU A 67 28.12 -28.87 24.82
N LEU A 68 28.09 -27.76 24.09
CA LEU A 68 28.08 -26.43 24.73
C LEU A 68 26.76 -26.25 25.49
N PHE A 69 25.66 -26.66 24.86
CA PHE A 69 24.34 -26.56 25.48
C PHE A 69 24.28 -27.38 26.77
N GLY A 70 24.72 -28.64 26.68
CA GLY A 70 24.71 -29.55 27.81
C GLY A 70 25.37 -29.02 29.06
N GLN A 71 26.54 -28.41 28.90
CA GLN A 71 27.25 -27.85 30.05
C GLN A 71 26.55 -26.61 30.59
N ALA A 72 25.86 -25.88 29.72
CA ALA A 72 25.17 -24.67 30.13
C ALA A 72 23.85 -24.92 30.85
N ILE A 73 23.26 -26.09 30.68
CA ILE A 73 21.96 -26.33 31.35
C ILE A 73 22.01 -27.24 32.57
N ILE A 74 23.19 -27.66 32.97
CA ILE A 74 23.32 -28.51 34.15
C ILE A 74 22.73 -27.72 35.31
N GLY A 75 21.91 -28.36 36.13
CA GLY A 75 21.32 -27.66 37.26
C GLY A 75 19.96 -27.05 37.00
N LEU A 76 19.54 -26.98 35.74
CA LEU A 76 18.23 -26.44 35.41
C LEU A 76 17.17 -27.54 35.48
N ASN A 77 15.91 -27.13 35.57
CA ASN A 77 14.79 -28.06 35.63
C ASN A 77 14.31 -28.27 34.20
N PRO A 78 14.14 -29.54 33.76
CA PRO A 78 13.67 -29.82 32.40
C PRO A 78 12.33 -29.15 32.08
N PHE A 79 11.53 -28.87 33.11
CA PHE A 79 10.24 -28.22 32.93
C PHE A 79 10.38 -26.74 32.57
N ASN A 80 11.54 -26.15 32.88
CA ASN A 80 11.79 -24.74 32.55
C ASN A 80 12.28 -24.70 31.09
N ILE A 81 11.43 -25.15 30.19
CA ILE A 81 11.78 -25.19 28.78
C ILE A 81 11.99 -23.76 28.26
N GLU A 82 11.32 -22.80 28.90
CA GLU A 82 11.46 -21.41 28.53
C GLU A 82 12.92 -20.96 28.71
N LYS A 83 13.50 -21.24 29.88
CA LYS A 83 14.87 -20.82 30.14
C LYS A 83 15.86 -21.65 29.35
N ILE A 84 15.55 -22.94 29.17
CA ILE A 84 16.46 -23.80 28.43
C ILE A 84 16.65 -23.25 27.01
N HIS A 85 15.56 -22.82 26.37
CA HIS A 85 15.69 -22.27 25.03
C HIS A 85 16.39 -20.90 25.10
N GLU A 86 16.11 -20.16 26.16
CA GLU A 86 16.76 -18.86 26.34
C GLU A 86 18.28 -19.07 26.36
N VAL A 87 18.72 -20.07 27.12
CA VAL A 87 20.14 -20.38 27.25
C VAL A 87 20.75 -20.78 25.90
N MET A 88 20.12 -21.72 25.21
CA MET A 88 20.63 -22.15 23.91
C MET A 88 20.65 -21.01 22.89
N ASP A 89 19.60 -20.20 22.90
CA ASP A 89 19.52 -19.09 21.96
C ASP A 89 20.60 -18.04 22.21
N LYS A 90 20.99 -17.87 23.46
CA LYS A 90 22.04 -16.91 23.75
C LYS A 90 23.39 -17.48 23.30
N ILE A 91 23.54 -18.80 23.41
CA ILE A 91 24.77 -19.45 23.02
C ILE A 91 24.97 -19.50 21.50
N SER A 92 23.93 -19.89 20.77
CA SER A 92 24.02 -19.99 19.33
C SER A 92 22.90 -19.25 18.61
N ALA A 93 23.28 -18.47 17.60
CA ALA A 93 22.33 -17.71 16.82
C ALA A 93 21.59 -18.60 15.83
N PHE A 94 22.12 -19.79 15.57
CA PHE A 94 21.47 -20.73 14.64
C PHE A 94 22.00 -22.15 14.75
N ALA A 95 21.14 -23.07 15.19
CA ALA A 95 21.52 -24.47 15.33
C ALA A 95 20.26 -25.25 15.72
N PRO A 96 19.26 -25.31 14.83
CA PRO A 96 18.03 -26.04 15.15
C PRO A 96 18.19 -27.52 15.43
N ALA A 97 19.19 -28.16 14.81
CA ALA A 97 19.39 -29.59 15.04
C ALA A 97 19.88 -29.78 16.48
N ALA A 98 20.83 -28.96 16.89
CA ALA A 98 21.37 -29.05 18.25
C ALA A 98 20.26 -28.73 19.27
N LYS A 99 19.56 -27.64 19.03
CA LYS A 99 18.50 -27.21 19.94
C LYS A 99 17.37 -28.22 20.05
N ALA A 100 17.02 -28.85 18.94
CA ALA A 100 15.97 -29.85 18.93
C ALA A 100 16.37 -31.06 19.74
N ALA A 101 17.63 -31.44 19.67
CA ALA A 101 18.11 -32.59 20.40
C ALA A 101 17.95 -32.37 21.91
N ILE A 102 18.26 -31.16 22.38
CA ILE A 102 18.16 -30.83 23.81
C ILE A 102 16.68 -30.72 24.17
N ASP A 103 15.94 -29.96 23.36
CA ASP A 103 14.51 -29.74 23.55
C ASP A 103 13.77 -31.07 23.67
N ILE A 104 13.97 -31.97 22.71
CA ILE A 104 13.28 -33.25 22.75
C ILE A 104 13.55 -34.05 24.03
N ALA A 105 14.80 -34.09 24.45
CA ALA A 105 15.14 -34.84 25.68
C ALA A 105 14.44 -34.24 26.90
N CYS A 106 14.26 -32.92 26.88
CA CYS A 106 13.60 -32.24 28.00
C CYS A 106 12.12 -32.59 28.08
N TYR A 107 11.47 -32.66 26.92
CA TYR A 107 10.07 -33.02 26.92
C TYR A 107 9.92 -34.48 27.30
N ASP A 108 10.90 -35.31 26.94
CA ASP A 108 10.86 -36.72 27.28
C ASP A 108 10.89 -36.81 28.80
N LEU A 109 11.80 -36.05 29.42
CA LEU A 109 11.91 -36.02 30.88
C LEU A 109 10.63 -35.50 31.53
N MET A 110 10.01 -34.49 30.93
CA MET A 110 8.77 -33.95 31.48
C MET A 110 7.71 -35.05 31.52
N GLY A 111 7.57 -35.79 30.41
CA GLY A 111 6.60 -36.87 30.37
C GLY A 111 6.88 -37.91 31.43
N GLN A 112 8.15 -38.33 31.51
CA GLN A 112 8.55 -39.33 32.48
C GLN A 112 8.30 -38.87 33.92
N LYS A 113 8.55 -37.59 34.20
CA LYS A 113 8.33 -37.09 35.55
C LYS A 113 6.85 -37.00 35.88
N ALA A 114 6.05 -36.55 34.92
CA ALA A 114 4.60 -36.45 35.11
C ALA A 114 3.97 -37.83 35.02
N GLN A 115 4.72 -38.79 34.48
CA GLN A 115 4.24 -40.16 34.28
C GLN A 115 3.08 -40.16 33.29
N LEU A 116 3.31 -39.51 32.15
CA LEU A 116 2.33 -39.40 31.10
C LEU A 116 3.00 -39.50 29.74
N PRO A 117 2.31 -40.10 28.75
CA PRO A 117 2.94 -40.18 27.44
C PRO A 117 3.05 -38.73 26.99
N LEU A 118 4.05 -38.41 26.19
CA LEU A 118 4.26 -37.03 25.76
C LEU A 118 3.07 -36.33 25.09
N TYR A 119 2.34 -37.00 24.21
CA TYR A 119 1.23 -36.35 23.52
C TYR A 119 0.19 -35.75 24.49
N GLN A 120 0.13 -36.26 25.72
CA GLN A 120 -0.83 -35.74 26.69
C GLN A 120 -0.39 -34.38 27.23
N LEU A 121 0.91 -34.08 27.13
CA LEU A 121 1.42 -32.80 27.60
C LEU A 121 1.42 -31.75 26.49
N LEU A 122 1.23 -32.21 25.26
CA LEU A 122 1.27 -31.33 24.09
C LEU A 122 -0.06 -30.99 23.44
N GLY A 123 -1.17 -31.31 24.11
CA GLY A 123 -2.47 -31.01 23.51
C GLY A 123 -3.51 -32.10 23.69
N GLY A 124 -3.04 -33.35 23.73
CA GLY A 124 -3.90 -34.51 23.91
C GLY A 124 -5.00 -34.78 22.89
N TYR A 125 -4.95 -34.14 21.73
CA TYR A 125 -6.00 -34.34 20.72
C TYR A 125 -6.20 -35.79 20.29
N ASP A 126 -5.10 -36.52 20.07
CA ASP A 126 -5.20 -37.92 19.65
C ASP A 126 -4.00 -38.69 20.18
N ASN A 127 -4.05 -40.02 20.11
CA ASN A 127 -2.94 -40.83 20.59
C ASN A 127 -2.31 -41.64 19.45
N GLN A 128 -2.52 -41.20 18.23
CA GLN A 128 -1.97 -41.89 17.07
C GLN A 128 -1.96 -40.96 15.87
N VAL A 129 -1.16 -41.29 14.87
CA VAL A 129 -1.11 -40.47 13.67
C VAL A 129 -0.92 -41.31 12.42
N ILE A 130 -1.48 -40.86 11.32
CA ILE A 130 -1.36 -41.57 10.06
C ILE A 130 -0.35 -40.84 9.20
N THR A 131 0.67 -41.55 8.74
CA THR A 131 1.68 -40.90 7.92
C THR A 131 1.68 -41.41 6.49
N ASP A 132 2.12 -40.55 5.59
CA ASP A 132 2.26 -40.93 4.20
C ASP A 132 3.61 -41.62 4.15
N ILE A 133 4.11 -41.88 2.95
CA ILE A 133 5.42 -42.48 2.78
C ILE A 133 5.92 -41.81 1.52
N THR A 134 7.18 -41.39 1.54
CA THR A 134 7.76 -40.68 0.41
C THR A 134 8.38 -41.61 -0.63
N LEU A 135 8.45 -41.12 -1.86
CA LEU A 135 9.06 -41.85 -2.96
C LEU A 135 10.10 -40.91 -3.55
N GLY A 136 11.37 -41.31 -3.46
CA GLY A 136 12.45 -40.47 -3.97
C GLY A 136 12.48 -40.40 -5.48
N ILE A 137 13.01 -39.30 -6.00
CA ILE A 137 13.11 -39.09 -7.43
C ILE A 137 13.70 -40.31 -8.13
N ASP A 138 13.14 -40.65 -9.29
CA ASP A 138 13.58 -41.79 -10.08
C ASP A 138 12.86 -41.74 -11.43
N GLU A 139 12.93 -42.83 -12.20
CA GLU A 139 12.27 -42.87 -13.50
C GLU A 139 10.77 -43.02 -13.32
N PRO A 140 9.97 -42.38 -14.18
CA PRO A 140 8.51 -42.46 -14.10
C PRO A 140 7.96 -43.86 -13.84
N ASN A 141 8.51 -44.86 -14.54
CA ASN A 141 8.05 -46.24 -14.37
C ASN A 141 8.55 -46.85 -13.05
N VAL A 142 9.73 -46.41 -12.62
CA VAL A 142 10.31 -46.91 -11.38
C VAL A 142 9.49 -46.42 -10.18
N MET A 143 9.18 -45.13 -10.16
CA MET A 143 8.40 -44.54 -9.07
C MET A 143 7.00 -45.15 -9.06
N ALA A 144 6.37 -45.23 -10.23
CA ALA A 144 5.02 -45.81 -10.33
C ALA A 144 5.02 -47.22 -9.77
N GLN A 145 6.08 -47.97 -10.05
CA GLN A 145 6.21 -49.33 -9.57
C GLN A 145 6.29 -49.38 -8.04
N LYS A 146 7.05 -48.47 -7.45
CA LYS A 146 7.20 -48.44 -5.99
C LYS A 146 5.89 -48.02 -5.31
N ALA A 147 5.09 -47.23 -6.00
CA ALA A 147 3.82 -46.78 -5.45
C ALA A 147 2.94 -47.98 -5.11
N VAL A 148 2.74 -48.87 -6.09
CA VAL A 148 1.92 -50.05 -5.89
C VAL A 148 2.36 -50.83 -4.66
N GLU A 149 3.66 -50.86 -4.42
CA GLU A 149 4.21 -51.58 -3.28
C GLU A 149 3.76 -50.96 -1.96
N LYS A 150 3.95 -49.66 -1.85
CA LYS A 150 3.58 -48.93 -0.63
C LYS A 150 2.07 -49.04 -0.40
N VAL A 151 1.28 -48.86 -1.47
CA VAL A 151 -0.16 -48.95 -1.34
C VAL A 151 -0.52 -50.33 -0.79
N LYS A 152 0.19 -51.35 -1.28
CA LYS A 152 -0.05 -52.72 -0.85
C LYS A 152 0.22 -52.86 0.65
N LEU A 153 1.08 -52.00 1.18
CA LEU A 153 1.40 -52.03 2.61
C LEU A 153 0.29 -51.40 3.44
N GLY A 154 -0.57 -50.61 2.78
CA GLY A 154 -1.67 -49.98 3.49
C GLY A 154 -1.67 -48.46 3.42
N PHE A 155 -0.65 -47.90 2.78
CA PHE A 155 -0.54 -46.45 2.66
C PHE A 155 -1.56 -45.86 1.71
N ASP A 156 -2.32 -44.88 2.20
CA ASP A 156 -3.34 -44.21 1.40
C ASP A 156 -2.84 -42.88 0.85
N THR A 157 -1.64 -42.47 1.27
CA THR A 157 -1.08 -41.20 0.80
C THR A 157 0.39 -41.37 0.43
N LEU A 158 0.78 -40.84 -0.71
CA LEU A 158 2.16 -40.95 -1.16
C LEU A 158 2.76 -39.57 -1.44
N LYS A 159 3.95 -39.35 -0.92
CA LYS A 159 4.63 -38.08 -1.16
C LYS A 159 5.58 -38.35 -2.32
N ILE A 160 5.46 -37.55 -3.39
CA ILE A 160 6.27 -37.73 -4.58
C ILE A 160 7.26 -36.61 -4.85
N LYS A 161 8.54 -36.96 -4.92
CA LYS A 161 9.58 -35.97 -5.20
C LYS A 161 9.73 -35.75 -6.71
N VAL A 162 9.98 -34.50 -7.07
CA VAL A 162 10.17 -34.13 -8.47
C VAL A 162 11.11 -32.93 -8.46
N GLY A 163 11.66 -32.58 -9.61
CA GLY A 163 12.56 -31.45 -9.67
C GLY A 163 13.71 -31.54 -10.66
N THR A 164 13.64 -32.45 -11.62
CA THR A 164 14.70 -32.58 -12.63
C THR A 164 14.35 -31.73 -13.85
N GLY A 165 13.05 -31.55 -14.06
CA GLY A 165 12.57 -30.76 -15.18
C GLY A 165 11.06 -30.88 -15.25
N ILE A 166 10.37 -29.75 -15.40
CA ILE A 166 8.91 -29.76 -15.48
C ILE A 166 8.43 -30.88 -16.39
N GLU A 167 9.18 -31.10 -17.48
CA GLU A 167 8.85 -32.15 -18.44
C GLU A 167 8.83 -33.54 -17.79
N ALA A 168 10.00 -34.01 -17.38
CA ALA A 168 10.14 -35.32 -16.76
C ALA A 168 9.32 -35.46 -15.47
N ASP A 169 9.22 -34.37 -14.71
CA ASP A 169 8.47 -34.41 -13.46
C ASP A 169 7.00 -34.71 -13.72
N ILE A 170 6.40 -34.02 -14.69
CA ILE A 170 5.01 -34.24 -15.04
C ILE A 170 4.83 -35.69 -15.46
N ALA A 171 5.80 -36.21 -16.21
CA ALA A 171 5.77 -37.58 -16.67
C ALA A 171 5.79 -38.52 -15.46
N ARG A 172 6.50 -38.10 -14.42
CA ARG A 172 6.61 -38.88 -13.20
C ARG A 172 5.25 -39.06 -12.52
N VAL A 173 4.61 -37.94 -12.18
CA VAL A 173 3.32 -37.97 -11.51
C VAL A 173 2.29 -38.77 -12.31
N LYS A 174 2.09 -38.42 -13.57
CA LYS A 174 1.13 -39.11 -14.41
C LYS A 174 1.35 -40.62 -14.36
N ALA A 175 2.59 -41.05 -14.54
CA ALA A 175 2.91 -42.47 -14.52
C ALA A 175 2.39 -43.12 -13.24
N ILE A 176 2.64 -42.47 -12.12
CA ILE A 176 2.23 -42.97 -10.81
C ILE A 176 0.72 -42.97 -10.59
N ARG A 177 0.06 -41.86 -10.92
CA ARG A 177 -1.38 -41.77 -10.75
C ARG A 177 -2.13 -42.93 -11.42
N GLU A 178 -2.06 -42.97 -12.74
CA GLU A 178 -2.72 -44.03 -13.51
C GLU A 178 -2.02 -45.37 -13.33
N ALA A 179 -1.48 -45.58 -12.13
CA ALA A 179 -0.76 -46.79 -11.80
C ALA A 179 -1.28 -47.41 -10.49
N VAL A 180 -1.75 -46.57 -9.57
CA VAL A 180 -2.25 -47.06 -8.28
C VAL A 180 -3.72 -46.73 -8.04
N GLY A 181 -4.27 -45.83 -8.85
CA GLY A 181 -5.67 -45.47 -8.70
C GLY A 181 -5.95 -44.01 -8.48
N PHE A 182 -7.10 -43.71 -7.87
CA PHE A 182 -7.50 -42.35 -7.59
C PHE A 182 -7.97 -42.21 -6.15
N ASP A 183 -7.98 -43.33 -5.43
CA ASP A 183 -8.38 -43.31 -4.03
C ASP A 183 -7.14 -43.02 -3.18
N ILE A 184 -5.97 -43.03 -3.82
CA ILE A 184 -4.71 -42.76 -3.13
C ILE A 184 -4.39 -41.28 -3.25
N LYS A 185 -4.13 -40.63 -2.12
CA LYS A 185 -3.80 -39.20 -2.13
C LYS A 185 -2.36 -39.03 -2.58
N LEU A 186 -2.10 -38.04 -3.42
CA LEU A 186 -0.75 -37.80 -3.92
C LEU A 186 -0.30 -36.38 -3.68
N ARG A 187 0.72 -36.21 -2.84
CA ARG A 187 1.27 -34.89 -2.56
C ARG A 187 2.62 -34.82 -3.29
N LEU A 188 2.94 -33.68 -3.87
CA LEU A 188 4.21 -33.55 -4.58
C LEU A 188 5.14 -32.60 -3.85
N ASP A 189 6.43 -32.81 -4.02
CA ASP A 189 7.45 -31.98 -3.39
C ASP A 189 8.55 -31.73 -4.44
N ALA A 190 8.70 -30.48 -4.85
CA ALA A 190 9.70 -30.13 -5.86
C ALA A 190 10.99 -29.52 -5.28
N ASN A 191 11.11 -29.54 -3.97
CA ASN A 191 12.27 -28.96 -3.30
C ASN A 191 12.91 -27.77 -4.02
N GLN A 192 12.14 -26.70 -4.19
CA GLN A 192 12.59 -25.46 -4.81
C GLN A 192 13.06 -25.54 -6.26
N ALA A 193 12.77 -26.64 -6.93
CA ALA A 193 13.23 -26.83 -8.31
C ALA A 193 12.69 -25.95 -9.43
N TRP A 194 11.53 -25.31 -9.25
CA TRP A 194 10.96 -24.50 -10.34
C TRP A 194 10.94 -22.99 -10.17
N THR A 195 10.89 -22.29 -11.31
CA THR A 195 10.80 -20.84 -11.31
C THR A 195 9.30 -20.58 -11.14
N PRO A 196 8.92 -19.36 -10.73
CA PRO A 196 7.51 -19.03 -10.53
C PRO A 196 6.60 -19.45 -11.69
N LYS A 197 6.82 -18.87 -12.87
CA LYS A 197 5.99 -19.19 -14.03
C LYS A 197 6.04 -20.65 -14.50
N ASP A 198 7.19 -21.31 -14.33
CA ASP A 198 7.30 -22.70 -14.74
C ASP A 198 6.57 -23.59 -13.76
N ALA A 199 6.51 -23.13 -12.51
CA ALA A 199 5.82 -23.87 -11.45
C ALA A 199 4.33 -23.89 -11.77
N VAL A 200 3.79 -22.72 -12.10
CA VAL A 200 2.37 -22.61 -12.44
C VAL A 200 2.06 -23.55 -13.61
N LYS A 201 2.85 -23.44 -14.67
CA LYS A 201 2.67 -24.27 -15.85
C LYS A 201 2.71 -25.76 -15.48
N ALA A 202 3.68 -26.13 -14.67
CA ALA A 202 3.84 -27.52 -14.24
C ALA A 202 2.65 -27.99 -13.39
N ILE A 203 2.21 -27.15 -12.46
CA ILE A 203 1.10 -27.52 -11.60
C ILE A 203 -0.17 -27.71 -12.41
N GLN A 204 -0.56 -26.69 -13.17
CA GLN A 204 -1.77 -26.76 -13.98
C GLN A 204 -1.80 -27.98 -14.90
N ALA A 205 -0.63 -28.39 -15.37
CA ALA A 205 -0.53 -29.55 -16.26
C ALA A 205 -1.11 -30.81 -15.62
N LEU A 206 -1.06 -30.87 -14.29
CA LEU A 206 -1.58 -32.02 -13.56
C LEU A 206 -2.96 -31.76 -12.98
N ALA A 207 -3.72 -30.90 -13.65
CA ALA A 207 -5.07 -30.55 -13.23
C ALA A 207 -5.97 -31.77 -13.08
N ASP A 208 -6.00 -32.63 -14.10
CA ASP A 208 -6.83 -33.83 -14.08
C ASP A 208 -6.22 -35.00 -13.34
N TYR A 209 -5.01 -34.82 -12.80
CA TYR A 209 -4.36 -35.88 -12.06
C TYR A 209 -4.69 -35.89 -10.57
N GLN A 210 -5.50 -34.91 -10.16
CA GLN A 210 -5.94 -34.82 -8.78
C GLN A 210 -4.78 -34.80 -7.78
N ILE A 211 -4.11 -33.66 -7.68
CA ILE A 211 -2.98 -33.52 -6.76
C ILE A 211 -3.47 -32.88 -5.46
N GLU A 212 -3.15 -33.51 -4.33
CA GLU A 212 -3.58 -32.97 -3.05
C GLU A 212 -2.94 -31.61 -2.79
N LEU A 213 -1.63 -31.51 -3.03
CA LEU A 213 -0.92 -30.27 -2.82
C LEU A 213 0.50 -30.35 -3.34
N VAL A 214 1.12 -29.19 -3.56
CA VAL A 214 2.50 -29.11 -4.04
C VAL A 214 3.35 -28.37 -3.00
N GLU A 215 4.40 -29.04 -2.53
CA GLU A 215 5.33 -28.53 -1.54
C GLU A 215 6.53 -27.78 -2.10
N GLN A 216 6.78 -26.59 -1.57
CA GLN A 216 7.90 -25.73 -1.96
C GLN A 216 8.31 -25.81 -3.43
N PRO A 217 7.50 -25.22 -4.32
CA PRO A 217 7.78 -25.24 -5.76
C PRO A 217 8.95 -24.35 -6.22
N VAL A 218 9.22 -23.28 -5.47
CA VAL A 218 10.29 -22.36 -5.84
C VAL A 218 11.34 -22.20 -4.73
N LYS A 219 12.39 -21.45 -5.04
CA LYS A 219 13.48 -21.20 -4.09
C LYS A 219 12.94 -20.65 -2.75
N ARG A 220 13.45 -21.19 -1.65
CA ARG A 220 13.04 -20.80 -0.31
C ARG A 220 13.05 -19.30 -0.01
N ARG A 221 13.96 -18.57 -0.62
CA ARG A 221 14.05 -17.14 -0.37
C ARG A 221 13.21 -16.29 -1.33
N ASP A 222 12.62 -16.93 -2.33
CA ASP A 222 11.80 -16.21 -3.30
C ASP A 222 10.34 -16.22 -2.81
N LEU A 223 10.08 -15.43 -1.77
CA LEU A 223 8.75 -15.34 -1.18
C LEU A 223 7.70 -14.72 -2.10
N GLU A 224 8.10 -13.72 -2.89
CA GLU A 224 7.17 -13.09 -3.80
C GLU A 224 6.80 -14.11 -4.86
N GLY A 225 7.79 -14.90 -5.28
CA GLY A 225 7.56 -15.92 -6.27
C GLY A 225 6.66 -17.04 -5.77
N LEU A 226 6.89 -17.45 -4.51
CA LEU A 226 6.09 -18.52 -3.91
C LEU A 226 4.64 -18.09 -3.79
N LYS A 227 4.42 -16.83 -3.42
CA LYS A 227 3.06 -16.30 -3.30
C LYS A 227 2.44 -16.22 -4.71
N TYR A 228 3.29 -15.97 -5.71
CA TYR A 228 2.83 -15.89 -7.09
C TYR A 228 2.16 -17.21 -7.46
N VAL A 229 2.89 -18.30 -7.24
CA VAL A 229 2.38 -19.63 -7.53
C VAL A 229 1.06 -19.84 -6.78
N THR A 230 1.12 -19.80 -5.46
CA THR A 230 -0.05 -19.97 -4.61
C THR A 230 -1.27 -19.23 -5.15
N SER A 231 -1.07 -17.98 -5.53
CA SER A 231 -2.14 -17.14 -6.05
C SER A 231 -2.51 -17.36 -7.53
N GLN A 232 -1.79 -18.24 -8.22
CA GLN A 232 -2.08 -18.49 -9.63
C GLN A 232 -2.78 -19.80 -9.88
N VAL A 233 -2.71 -20.70 -8.91
CA VAL A 233 -3.35 -22.00 -9.03
C VAL A 233 -4.31 -22.24 -7.88
N ASN A 234 -5.30 -23.10 -8.09
CA ASN A 234 -6.27 -23.40 -7.06
C ASN A 234 -5.74 -24.54 -6.19
N THR A 235 -4.75 -25.24 -6.71
CA THR A 235 -4.11 -26.36 -6.01
C THR A 235 -3.47 -25.85 -4.71
N THR A 236 -3.45 -26.70 -3.69
CA THR A 236 -2.87 -26.31 -2.40
C THR A 236 -1.34 -26.27 -2.42
N ILE A 237 -0.80 -25.11 -2.08
CA ILE A 237 0.64 -24.92 -2.04
C ILE A 237 1.14 -24.91 -0.59
N MET A 238 2.18 -25.69 -0.32
CA MET A 238 2.78 -25.81 1.01
C MET A 238 4.20 -25.30 1.03
N ALA A 239 4.55 -24.55 2.07
CA ALA A 239 5.89 -24.03 2.24
C ALA A 239 6.68 -24.95 3.17
N ASP A 240 7.92 -25.25 2.80
CA ASP A 240 8.76 -26.09 3.65
C ASP A 240 10.04 -25.33 3.99
N GLU A 241 11.00 -25.34 3.06
CA GLU A 241 12.27 -24.65 3.29
C GLU A 241 12.12 -23.14 3.47
N SER A 242 11.00 -22.57 3.04
CA SER A 242 10.76 -21.14 3.21
C SER A 242 10.32 -20.88 4.66
N CYS A 243 10.08 -21.94 5.43
CA CYS A 243 9.66 -21.77 6.82
C CYS A 243 10.41 -22.67 7.81
N PHE A 244 11.34 -22.07 8.53
CA PHE A 244 12.14 -22.81 9.53
C PHE A 244 11.55 -22.63 10.93
N ASP A 245 11.44 -21.38 11.36
CA ASP A 245 10.94 -21.07 12.70
C ASP A 245 9.64 -20.29 12.76
N ALA A 246 9.27 -19.86 13.96
CA ALA A 246 8.03 -19.13 14.18
C ALA A 246 8.04 -17.77 13.49
N GLN A 247 9.19 -17.10 13.51
CA GLN A 247 9.29 -15.81 12.85
C GLN A 247 9.06 -15.95 11.34
N ASP A 248 9.48 -17.07 10.76
CA ASP A 248 9.26 -17.28 9.33
C ASP A 248 7.78 -17.45 9.10
N ALA A 249 7.17 -18.29 9.94
CA ALA A 249 5.74 -18.58 9.87
C ALA A 249 4.92 -17.30 9.92
N LEU A 250 5.26 -16.43 10.87
CA LEU A 250 4.56 -15.17 11.01
C LEU A 250 4.64 -14.37 9.71
N GLU A 251 5.83 -14.32 9.13
CA GLU A 251 6.03 -13.59 7.88
C GLU A 251 5.19 -14.17 6.74
N LEU A 252 5.11 -15.49 6.66
CA LEU A 252 4.33 -16.13 5.61
C LEU A 252 2.83 -15.88 5.73
N VAL A 253 2.27 -16.08 6.93
CA VAL A 253 0.84 -15.83 7.11
C VAL A 253 0.57 -14.36 6.90
N LYS A 254 1.56 -13.54 7.24
CA LYS A 254 1.45 -12.10 7.08
C LYS A 254 1.23 -11.74 5.61
N LYS A 255 2.13 -12.22 4.76
CA LYS A 255 2.07 -11.96 3.33
C LYS A 255 1.06 -12.84 2.58
N GLY A 256 0.54 -13.87 3.24
CA GLY A 256 -0.38 -14.77 2.59
C GLY A 256 0.34 -15.54 1.49
N THR A 257 1.57 -15.93 1.80
CA THR A 257 2.44 -16.63 0.85
C THR A 257 2.03 -18.04 0.41
N VAL A 258 1.52 -18.83 1.35
CA VAL A 258 1.11 -20.21 1.03
C VAL A 258 -0.20 -20.60 1.71
N ASP A 259 -0.63 -21.83 1.46
CA ASP A 259 -1.86 -22.37 2.02
C ASP A 259 -1.63 -23.29 3.24
N VAL A 260 -0.50 -23.99 3.23
CA VAL A 260 -0.17 -24.93 4.29
C VAL A 260 1.31 -24.83 4.62
N ILE A 261 1.69 -25.14 5.86
CA ILE A 261 3.10 -25.06 6.24
C ILE A 261 3.65 -26.36 6.82
N ASN A 262 4.80 -26.79 6.30
CA ASN A 262 5.44 -28.02 6.78
C ASN A 262 6.35 -27.69 7.97
N ILE A 263 6.10 -28.37 9.08
CA ILE A 263 6.88 -28.19 10.29
C ILE A 263 7.86 -29.35 10.46
N LYS A 264 9.11 -29.03 10.83
CA LYS A 264 10.11 -30.06 11.11
C LYS A 264 10.84 -29.64 12.38
N LEU A 265 10.91 -30.53 13.35
CA LEU A 265 11.61 -30.20 14.60
C LEU A 265 13.06 -29.79 14.32
N MET A 266 13.67 -30.41 13.32
CA MET A 266 15.06 -30.11 12.97
C MET A 266 15.25 -28.78 12.23
N LYS A 267 14.16 -28.13 11.86
CA LYS A 267 14.26 -26.84 11.20
C LYS A 267 13.98 -25.72 12.21
N CYS A 268 13.12 -26.00 13.19
CA CYS A 268 12.72 -25.00 14.17
C CYS A 268 13.42 -25.07 15.53
N GLY A 269 14.15 -26.15 15.80
CA GLY A 269 14.83 -26.29 17.07
C GLY A 269 14.03 -26.96 18.16
N GLY A 270 13.11 -27.85 17.78
CA GLY A 270 12.35 -28.55 18.79
C GLY A 270 10.86 -28.31 18.91
N ILE A 271 10.24 -29.09 19.78
CA ILE A 271 8.82 -29.03 20.06
C ILE A 271 8.35 -27.66 20.56
N HIS A 272 9.13 -27.03 21.43
CA HIS A 272 8.77 -25.71 21.96
C HIS A 272 8.51 -24.69 20.83
N GLU A 273 9.38 -24.70 19.82
CA GLU A 273 9.24 -23.80 18.70
C GLU A 273 8.17 -24.29 17.71
N ALA A 274 8.04 -25.61 17.57
CA ALA A 274 7.06 -26.17 16.66
C ALA A 274 5.66 -25.79 17.12
N LEU A 275 5.47 -25.75 18.43
CA LEU A 275 4.18 -25.37 18.99
C LEU A 275 3.83 -23.95 18.58
N LYS A 276 4.83 -23.06 18.64
CA LYS A 276 4.61 -21.67 18.25
C LYS A 276 4.16 -21.60 16.80
N ILE A 277 4.90 -22.25 15.91
CA ILE A 277 4.56 -22.25 14.50
C ILE A 277 3.12 -22.70 14.25
N ASN A 278 2.77 -23.86 14.80
CA ASN A 278 1.43 -24.39 14.63
C ASN A 278 0.37 -23.42 15.17
N GLN A 279 0.65 -22.78 16.30
CA GLN A 279 -0.31 -21.84 16.90
C GLN A 279 -0.51 -20.62 16.02
N ILE A 280 0.57 -20.15 15.42
CA ILE A 280 0.51 -18.99 14.54
C ILE A 280 -0.30 -19.35 13.30
N CYS A 281 -0.05 -20.54 12.76
CA CYS A 281 -0.74 -21.02 11.57
C CYS A 281 -2.24 -21.27 11.82
N GLU A 282 -2.56 -21.94 12.91
CA GLU A 282 -3.94 -22.22 13.24
C GLU A 282 -4.71 -20.89 13.37
N THR A 283 -4.13 -19.94 14.10
CA THR A 283 -4.76 -18.64 14.28
C THR A 283 -5.04 -17.96 12.93
N ALA A 284 -4.13 -18.15 11.97
CA ALA A 284 -4.28 -17.57 10.63
C ALA A 284 -5.10 -18.45 9.68
N GLY A 285 -5.58 -19.60 10.17
CA GLY A 285 -6.37 -20.49 9.33
C GLY A 285 -5.57 -21.33 8.35
N ILE A 286 -4.31 -21.58 8.69
CA ILE A 286 -3.41 -22.36 7.85
C ILE A 286 -3.07 -23.67 8.56
N GLU A 287 -3.39 -24.81 7.93
CA GLU A 287 -3.09 -26.09 8.54
C GLU A 287 -1.60 -26.38 8.44
N CYS A 288 -1.13 -27.34 9.24
CA CYS A 288 0.28 -27.71 9.27
C CYS A 288 0.51 -29.20 9.06
N MET A 289 1.61 -29.53 8.42
CA MET A 289 1.99 -30.93 8.24
C MET A 289 3.30 -31.08 8.99
N ILE A 290 3.48 -32.22 9.66
CA ILE A 290 4.71 -32.47 10.40
C ILE A 290 5.59 -33.34 9.48
N GLY A 291 6.81 -32.87 9.22
CA GLY A 291 7.73 -33.61 8.36
C GLY A 291 8.96 -34.15 9.09
N CYS A 292 9.95 -34.56 8.32
CA CYS A 292 11.16 -35.09 8.92
C CYS A 292 12.33 -35.03 7.97
N MET A 293 13.54 -35.14 8.52
CA MET A 293 14.77 -35.12 7.73
C MET A 293 15.10 -36.57 7.44
N ALA A 294 15.83 -36.82 6.36
CA ALA A 294 16.22 -38.17 6.03
C ALA A 294 17.24 -38.70 7.04
N GLU A 295 17.99 -37.78 7.66
CA GLU A 295 19.01 -38.14 8.65
C GLU A 295 18.54 -38.37 10.09
N GLU A 296 17.26 -38.22 10.37
CA GLU A 296 16.83 -38.46 11.75
C GLU A 296 16.26 -39.86 11.90
N THR A 297 16.11 -40.31 13.14
CA THR A 297 15.62 -41.66 13.35
C THR A 297 14.48 -41.80 14.36
N THR A 298 14.44 -42.95 15.02
CA THR A 298 13.42 -43.28 16.00
C THR A 298 13.05 -42.16 16.98
N ILE A 299 14.05 -41.59 17.65
CA ILE A 299 13.80 -40.52 18.61
C ILE A 299 13.13 -39.28 18.02
N GLY A 300 13.68 -38.75 16.94
CA GLY A 300 13.11 -37.58 16.31
C GLY A 300 11.72 -37.84 15.74
N ILE A 301 11.55 -38.98 15.10
CA ILE A 301 10.26 -39.34 14.52
C ILE A 301 9.23 -39.50 15.63
N THR A 302 9.61 -40.18 16.71
CA THR A 302 8.70 -40.38 17.82
C THR A 302 8.25 -39.05 18.42
N ALA A 303 9.20 -38.14 18.65
CA ALA A 303 8.88 -36.84 19.21
C ALA A 303 7.87 -36.12 18.33
N ALA A 304 8.14 -36.14 17.03
CA ALA A 304 7.27 -35.48 16.06
C ALA A 304 5.87 -36.11 16.04
N ALA A 305 5.81 -37.43 16.21
CA ALA A 305 4.54 -38.14 16.21
C ALA A 305 3.68 -37.72 17.40
N HIS A 306 4.29 -37.65 18.59
CA HIS A 306 3.54 -37.24 19.78
C HIS A 306 2.98 -35.83 19.57
N LEU A 307 3.80 -34.94 19.01
CA LEU A 307 3.36 -33.58 18.75
C LEU A 307 2.20 -33.56 17.74
N ALA A 308 2.37 -34.27 16.63
CA ALA A 308 1.35 -34.30 15.59
C ALA A 308 0.02 -34.85 16.11
N ALA A 309 0.07 -35.95 16.82
CA ALA A 309 -1.13 -36.55 17.39
C ALA A 309 -1.83 -35.62 18.38
N ALA A 310 -1.01 -34.86 19.12
CA ALA A 310 -1.52 -33.95 20.14
C ALA A 310 -2.18 -32.66 19.65
N GLN A 311 -1.71 -32.15 18.52
CA GLN A 311 -2.23 -30.90 17.96
C GLN A 311 -3.22 -31.05 16.81
N LYS A 312 -4.42 -30.52 17.02
CA LYS A 312 -5.46 -30.59 16.00
C LYS A 312 -5.09 -30.00 14.64
N ASN A 313 -4.44 -28.84 14.64
CA ASN A 313 -4.07 -28.18 13.39
C ASN A 313 -2.94 -28.85 12.61
N ILE A 314 -2.28 -29.84 13.20
CA ILE A 314 -1.25 -30.56 12.46
C ILE A 314 -2.09 -31.69 11.86
N THR A 315 -2.65 -31.40 10.69
CA THR A 315 -3.57 -32.29 9.98
C THR A 315 -3.00 -33.28 9.00
N ARG A 316 -1.69 -33.23 8.77
CA ARG A 316 -1.02 -34.13 7.84
C ARG A 316 0.31 -34.54 8.46
N ALA A 317 0.77 -35.75 8.13
CA ALA A 317 2.04 -36.24 8.66
C ALA A 317 2.91 -36.94 7.61
N ASP A 318 4.20 -36.59 7.62
CA ASP A 318 5.19 -37.18 6.73
C ASP A 318 6.34 -37.62 7.63
N LEU A 319 6.07 -38.68 8.41
CA LEU A 319 7.04 -39.24 9.35
C LEU A 319 7.41 -40.65 8.94
N ASP A 320 8.21 -40.74 7.88
CA ASP A 320 8.63 -42.01 7.30
C ASP A 320 10.13 -42.29 7.37
N ALA A 321 10.85 -41.54 8.20
CA ALA A 321 12.29 -41.73 8.32
C ALA A 321 12.68 -43.12 8.82
N THR A 322 11.93 -43.66 9.79
CA THR A 322 12.28 -44.98 10.32
C THR A 322 12.06 -46.15 9.36
N PHE A 323 11.23 -45.95 8.34
CA PHE A 323 10.94 -47.01 7.37
C PHE A 323 12.15 -47.40 6.52
N GLY A 324 13.09 -46.48 6.37
CA GLY A 324 14.27 -46.76 5.58
C GLY A 324 15.51 -47.16 6.36
N LEU A 325 15.42 -47.20 7.69
CA LEU A 325 16.57 -47.57 8.53
C LEU A 325 16.84 -49.08 8.56
N GLU A 326 18.12 -49.46 8.46
CA GLU A 326 18.50 -50.87 8.51
C GLU A 326 18.37 -51.44 9.91
N THR A 327 18.56 -50.60 10.92
CA THR A 327 18.44 -51.04 12.30
C THR A 327 18.00 -49.87 13.17
N ALA A 328 17.43 -50.19 14.34
CA ALA A 328 16.95 -49.16 15.27
C ALA A 328 18.05 -48.76 16.26
N PRO A 329 18.30 -47.45 16.42
CA PRO A 329 19.33 -46.97 17.34
C PRO A 329 18.91 -47.06 18.80
N VAL A 330 17.62 -47.29 19.02
CA VAL A 330 17.11 -47.35 20.39
C VAL A 330 15.98 -48.37 20.48
N THR A 331 15.45 -48.56 21.69
CA THR A 331 14.35 -49.49 21.91
C THR A 331 13.05 -48.71 22.14
N GLY A 332 11.95 -49.20 21.58
CA GLY A 332 10.66 -48.53 21.74
C GLY A 332 10.44 -47.41 20.75
N GLY A 333 9.43 -46.58 21.01
CA GLY A 333 9.12 -45.48 20.13
C GLY A 333 8.53 -45.96 18.81
N VAL A 334 8.49 -45.09 17.81
CA VAL A 334 7.95 -45.49 16.51
C VAL A 334 8.81 -46.58 15.88
N SER A 335 8.18 -47.70 15.55
CA SER A 335 8.85 -48.85 14.95
C SER A 335 9.41 -48.56 13.57
N LEU A 336 10.31 -49.41 13.10
CA LEU A 336 10.88 -49.23 11.77
C LEU A 336 9.99 -49.87 10.70
N GLU A 337 8.95 -50.58 11.14
CA GLU A 337 8.02 -51.22 10.20
C GLU A 337 7.34 -50.17 9.34
N ALA A 338 7.36 -50.39 8.02
CA ALA A 338 6.73 -49.48 7.09
C ALA A 338 5.22 -49.69 7.14
N LYS A 339 4.55 -48.84 7.91
CA LYS A 339 3.10 -48.88 8.07
C LYS A 339 2.61 -47.43 8.20
N PRO A 340 1.38 -47.15 7.77
CA PRO A 340 0.83 -45.80 7.85
C PRO A 340 0.38 -45.37 9.24
N LEU A 341 -0.07 -46.32 10.05
CA LEU A 341 -0.55 -45.99 11.37
C LEU A 341 0.51 -46.04 12.47
N LEU A 342 0.77 -44.89 13.07
CA LEU A 342 1.74 -44.81 14.15
C LEU A 342 0.97 -44.64 15.44
N GLU A 343 0.82 -45.72 16.19
CA GLU A 343 0.09 -45.66 17.43
C GLU A 343 1.01 -45.41 18.60
N LEU A 344 0.72 -44.36 19.37
CA LEU A 344 1.52 -44.03 20.53
C LEU A 344 0.93 -44.74 21.75
N GLY A 345 1.77 -45.47 22.47
CA GLY A 345 1.29 -46.21 23.62
C GLY A 345 1.08 -45.32 24.82
N GLU A 346 0.95 -45.95 25.99
CA GLU A 346 0.73 -45.22 27.22
C GLU A 346 2.03 -45.07 28.01
N ALA A 347 3.15 -45.46 27.40
CA ALA A 347 4.43 -45.35 28.07
C ALA A 347 4.69 -43.85 28.28
N ALA A 348 5.26 -43.50 29.43
CA ALA A 348 5.54 -42.10 29.75
C ALA A 348 6.62 -41.50 28.83
N GLY A 349 6.52 -40.20 28.56
CA GLY A 349 7.49 -39.54 27.72
C GLY A 349 7.43 -40.08 26.31
N LEU A 350 8.60 -40.37 25.72
CA LEU A 350 8.67 -40.90 24.36
C LEU A 350 8.52 -42.42 24.34
N GLY A 351 8.59 -43.02 25.52
CA GLY A 351 8.48 -44.46 25.63
C GLY A 351 9.71 -45.13 25.05
N ILE A 352 10.82 -44.41 25.04
CA ILE A 352 12.08 -44.92 24.49
C ILE A 352 13.11 -45.29 25.57
N SER A 353 13.94 -46.28 25.25
CA SER A 353 14.98 -46.73 26.18
C SER A 353 16.09 -47.46 25.42
N HIS A 354 17.01 -48.07 26.15
CA HIS A 354 18.11 -48.81 25.54
C HIS A 354 18.86 -48.01 24.51
N MET B 1 -7.43 -40.54 32.20
CA MET B 1 -8.28 -39.69 33.08
C MET B 1 -9.51 -39.27 32.29
N LYS B 2 -10.67 -39.28 32.93
CA LYS B 2 -11.91 -38.90 32.26
C LYS B 2 -12.82 -38.06 33.15
N ILE B 3 -13.47 -37.09 32.52
CA ILE B 3 -14.37 -36.19 33.22
C ILE B 3 -15.64 -36.95 33.58
N LYS B 4 -16.01 -36.92 34.87
CA LYS B 4 -17.20 -37.60 35.36
C LYS B 4 -18.39 -36.65 35.43
N GLN B 5 -18.17 -35.48 36.03
CA GLN B 5 -19.22 -34.50 36.18
C GLN B 5 -18.68 -33.07 36.23
N VAL B 6 -19.52 -32.12 35.85
CA VAL B 6 -19.14 -30.72 35.88
C VAL B 6 -20.14 -29.96 36.73
N HIS B 7 -19.65 -29.36 37.82
CA HIS B 7 -20.51 -28.61 38.72
C HIS B 7 -20.22 -27.11 38.56
N VAL B 8 -21.26 -26.30 38.57
CA VAL B 8 -21.07 -24.87 38.45
C VAL B 8 -22.02 -24.15 39.41
N ARG B 9 -21.54 -23.08 40.01
CA ARG B 9 -22.33 -22.29 40.96
C ARG B 9 -21.98 -20.81 40.88
N ALA B 10 -22.92 -19.97 41.32
CA ALA B 10 -22.73 -18.53 41.31
C ALA B 10 -22.03 -18.05 42.58
N SER B 11 -21.17 -17.06 42.42
CA SER B 11 -20.45 -16.47 43.54
C SER B 11 -20.60 -14.95 43.45
N LYS B 12 -21.24 -14.35 44.44
CA LYS B 12 -21.40 -12.90 44.45
C LYS B 12 -20.64 -12.35 45.65
N ILE B 13 -19.54 -11.67 45.38
CA ILE B 13 -18.70 -11.12 46.45
C ILE B 13 -18.54 -9.61 46.39
N LYS B 14 -18.93 -8.93 47.47
CA LYS B 14 -18.84 -7.48 47.51
C LYS B 14 -17.39 -7.01 47.47
N LEU B 15 -17.17 -5.86 46.84
CA LEU B 15 -15.84 -5.28 46.79
C LEU B 15 -15.78 -4.37 48.02
N LYS B 16 -14.59 -4.19 48.57
CA LYS B 16 -14.43 -3.34 49.74
C LYS B 16 -14.66 -1.86 49.39
N GLU B 17 -14.52 -1.53 48.10
CA GLU B 17 -14.71 -0.16 47.61
C GLU B 17 -15.21 -0.22 46.16
N THR B 18 -16.09 0.70 45.77
CA THR B 18 -16.55 0.71 44.39
C THR B 18 -15.34 1.06 43.53
N PHE B 19 -15.17 0.33 42.43
CA PHE B 19 -14.04 0.56 41.55
C PHE B 19 -14.54 1.29 40.32
N THR B 20 -13.96 2.45 40.05
CA THR B 20 -14.37 3.24 38.91
C THR B 20 -13.30 3.37 37.83
N ILE B 21 -13.72 3.12 36.59
CA ILE B 21 -12.86 3.26 35.43
C ILE B 21 -13.65 4.11 34.44
N ALA B 22 -13.05 4.44 33.31
CA ALA B 22 -13.72 5.26 32.31
C ALA B 22 -15.03 4.67 31.79
N LEU B 23 -15.10 3.34 31.74
CA LEU B 23 -16.27 2.63 31.24
C LEU B 23 -17.43 2.47 32.23
N GLY B 24 -17.16 2.72 33.51
CA GLY B 24 -18.20 2.59 34.50
C GLY B 24 -17.66 2.10 35.83
N THR B 25 -18.57 1.78 36.75
CA THR B 25 -18.17 1.30 38.07
C THR B 25 -18.52 -0.17 38.27
N ILE B 26 -17.90 -0.77 39.29
CA ILE B 26 -18.14 -2.16 39.63
C ILE B 26 -18.26 -2.19 41.17
N GLU B 27 -19.31 -2.83 41.67
CA GLU B 27 -19.55 -2.88 43.11
C GLU B 27 -19.43 -4.28 43.71
N SER B 28 -19.55 -5.29 42.87
CA SER B 28 -19.49 -6.66 43.35
C SER B 28 -18.82 -7.58 42.33
N ALA B 29 -18.06 -8.55 42.83
CA ALA B 29 -17.37 -9.50 41.97
C ALA B 29 -18.25 -10.74 41.87
N ASP B 30 -19.11 -10.76 40.86
CA ASP B 30 -20.00 -11.89 40.65
C ASP B 30 -19.43 -12.79 39.55
N SER B 31 -19.04 -14.00 39.94
CA SER B 31 -18.45 -14.94 38.99
C SER B 31 -19.05 -16.35 39.11
N ALA B 32 -18.77 -17.15 38.09
CA ALA B 32 -19.23 -18.53 38.04
C ALA B 32 -18.06 -19.42 38.41
N ILE B 33 -18.23 -20.27 39.41
CA ILE B 33 -17.15 -21.16 39.83
C ILE B 33 -17.50 -22.58 39.42
N VAL B 34 -16.56 -23.20 38.71
CA VAL B 34 -16.75 -24.55 38.21
C VAL B 34 -15.81 -25.54 38.88
N GLU B 35 -16.32 -26.75 39.09
CA GLU B 35 -15.57 -27.86 39.66
C GLU B 35 -15.75 -29.02 38.71
N ILE B 36 -14.66 -29.45 38.07
CA ILE B 36 -14.72 -30.57 37.15
C ILE B 36 -14.18 -31.79 37.90
N GLU B 37 -15.04 -32.79 38.06
CA GLU B 37 -14.67 -34.00 38.76
C GLU B 37 -14.37 -35.11 37.77
N THR B 38 -13.30 -35.86 38.03
CA THR B 38 -12.94 -36.96 37.15
C THR B 38 -13.43 -38.27 37.75
N GLU B 39 -13.51 -39.31 36.94
CA GLU B 39 -13.99 -40.60 37.44
C GLU B 39 -13.11 -41.10 38.58
N GLU B 40 -11.81 -40.80 38.53
CA GLU B 40 -10.90 -41.26 39.58
C GLU B 40 -10.99 -40.48 40.88
N GLY B 41 -11.66 -39.32 40.86
CA GLY B 41 -11.79 -38.58 42.10
C GLY B 41 -11.14 -37.22 42.17
N LEU B 42 -10.25 -36.89 41.23
CA LEU B 42 -9.59 -35.59 41.23
C LEU B 42 -10.60 -34.52 40.80
N VAL B 43 -10.53 -33.35 41.43
CA VAL B 43 -11.45 -32.26 41.09
C VAL B 43 -10.72 -30.98 40.71
N GLY B 44 -11.07 -30.43 39.55
CA GLY B 44 -10.44 -29.21 39.09
C GLY B 44 -11.32 -27.99 39.31
N TYR B 45 -10.68 -26.87 39.67
CA TYR B 45 -11.40 -25.62 39.92
C TYR B 45 -11.21 -24.64 38.78
N GLY B 46 -12.30 -23.99 38.42
CA GLY B 46 -12.28 -23.00 37.37
C GLY B 46 -13.22 -21.86 37.70
N GLU B 47 -13.05 -20.75 37.00
CA GLU B 47 -13.89 -19.59 37.23
C GLU B 47 -14.10 -18.76 35.97
N GLY B 48 -15.31 -18.24 35.84
CA GLY B 48 -15.67 -17.38 34.74
C GLY B 48 -16.12 -16.06 35.33
N GLY B 49 -15.30 -15.02 35.19
CA GLY B 49 -15.65 -13.72 35.73
C GLY B 49 -16.01 -12.74 34.62
N PRO B 50 -17.29 -12.64 34.26
CA PRO B 50 -17.72 -11.74 33.19
C PRO B 50 -17.75 -10.24 33.53
N GLY B 51 -17.18 -9.44 32.62
CA GLY B 51 -17.17 -8.00 32.79
C GLY B 51 -18.06 -7.43 31.70
N ILE B 52 -19.32 -7.14 32.06
CA ILE B 52 -20.30 -6.64 31.10
C ILE B 52 -19.86 -5.45 30.26
N PHE B 53 -19.20 -4.45 30.84
CA PHE B 53 -18.78 -3.33 29.99
C PHE B 53 -17.48 -3.56 29.23
N ILE B 54 -16.96 -4.78 29.31
CA ILE B 54 -15.76 -5.12 28.56
C ILE B 54 -16.12 -6.09 27.44
N THR B 55 -16.74 -7.20 27.81
CA THR B 55 -17.11 -8.24 26.84
C THR B 55 -18.62 -8.38 26.58
N GLY B 56 -19.42 -7.80 27.47
CA GLY B 56 -20.87 -7.89 27.33
C GLY B 56 -21.42 -9.12 28.03
N GLU B 57 -20.53 -9.96 28.54
CA GLU B 57 -20.99 -11.17 29.21
C GLU B 57 -21.61 -10.90 30.59
N THR B 58 -22.58 -11.74 30.93
CA THR B 58 -23.29 -11.63 32.20
C THR B 58 -23.11 -12.93 32.98
N LEU B 59 -23.41 -12.89 34.27
CA LEU B 59 -23.29 -14.07 35.08
C LEU B 59 -24.32 -15.10 34.65
N ALA B 60 -25.54 -14.65 34.37
CA ALA B 60 -26.59 -15.58 33.96
C ALA B 60 -26.22 -16.29 32.66
N GLY B 61 -25.74 -15.52 31.69
CA GLY B 61 -25.36 -16.10 30.41
C GLY B 61 -24.15 -17.03 30.53
N THR B 62 -23.20 -16.64 31.37
CA THR B 62 -22.01 -17.44 31.57
C THR B 62 -22.40 -18.77 32.24
N LEU B 63 -23.33 -18.72 33.19
CA LEU B 63 -23.77 -19.95 33.85
C LEU B 63 -24.45 -20.91 32.86
N GLU B 64 -25.34 -20.37 32.02
CA GLU B 64 -26.02 -21.22 31.04
C GLU B 64 -25.04 -21.81 30.03
N THR B 65 -24.05 -21.02 29.63
CA THR B 65 -23.08 -21.51 28.66
C THR B 65 -22.19 -22.60 29.27
N ILE B 66 -21.74 -22.39 30.51
CA ILE B 66 -20.90 -23.39 31.18
C ILE B 66 -21.67 -24.72 31.27
N GLU B 67 -22.96 -24.65 31.59
CA GLU B 67 -23.79 -25.84 31.72
C GLU B 67 -23.82 -26.60 30.38
N LEU B 68 -23.95 -25.86 29.29
CA LEU B 68 -23.96 -26.45 27.96
C LEU B 68 -22.61 -27.12 27.68
N PHE B 69 -21.53 -26.43 28.04
CA PHE B 69 -20.17 -26.95 27.86
C PHE B 69 -19.99 -28.21 28.73
N GLY B 70 -20.41 -28.11 29.99
CA GLY B 70 -20.29 -29.20 30.92
C GLY B 70 -20.87 -30.53 30.45
N GLN B 71 -22.12 -30.52 29.99
CA GLN B 71 -22.73 -31.75 29.53
C GLN B 71 -22.21 -32.22 28.18
N ALA B 72 -21.34 -31.42 27.54
CA ALA B 72 -20.79 -31.83 26.26
C ALA B 72 -19.39 -32.44 26.39
N ILE B 73 -18.74 -32.25 27.54
CA ILE B 73 -17.39 -32.77 27.72
C ILE B 73 -17.31 -33.97 28.66
N ILE B 74 -18.47 -34.51 29.06
CA ILE B 74 -18.50 -35.67 29.94
C ILE B 74 -17.77 -36.82 29.22
N GLY B 75 -16.82 -37.45 29.91
CA GLY B 75 -16.09 -38.56 29.31
C GLY B 75 -14.79 -38.21 28.62
N LEU B 76 -14.56 -36.92 28.39
CA LEU B 76 -13.34 -36.47 27.74
C LEU B 76 -12.18 -36.44 28.73
N ASN B 77 -10.96 -36.52 28.21
CA ASN B 77 -9.77 -36.46 29.05
C ASN B 77 -9.42 -34.97 29.22
N PRO B 78 -9.22 -34.52 30.48
CA PRO B 78 -8.88 -33.12 30.73
C PRO B 78 -7.62 -32.68 29.98
N PHE B 79 -6.73 -33.64 29.70
CA PHE B 79 -5.50 -33.36 28.98
C PHE B 79 -5.77 -33.05 27.51
N ASN B 80 -6.95 -33.46 27.03
CA ASN B 80 -7.33 -33.21 25.64
C ASN B 80 -7.92 -31.79 25.55
N ILE B 81 -7.10 -30.81 25.93
CA ILE B 81 -7.50 -29.41 25.93
C ILE B 81 -7.81 -28.97 24.50
N GLU B 82 -7.19 -29.63 23.53
CA GLU B 82 -7.44 -29.29 22.13
C GLU B 82 -8.90 -29.57 21.78
N LYS B 83 -9.37 -30.77 22.11
CA LYS B 83 -10.75 -31.12 21.80
C LYS B 83 -11.76 -30.36 22.66
N ILE B 84 -11.41 -30.14 23.92
CA ILE B 84 -12.29 -29.42 24.83
C ILE B 84 -12.57 -28.03 24.27
N HIS B 85 -11.55 -27.34 23.76
CA HIS B 85 -11.80 -26.04 23.19
C HIS B 85 -12.57 -26.18 21.85
N GLU B 86 -12.31 -27.26 21.10
CA GLU B 86 -13.02 -27.45 19.83
C GLU B 86 -14.52 -27.60 20.13
N VAL B 87 -14.84 -28.41 21.13
CA VAL B 87 -16.22 -28.65 21.53
C VAL B 87 -16.89 -27.35 21.95
N MET B 88 -16.25 -26.58 22.82
CA MET B 88 -16.83 -25.32 23.27
C MET B 88 -16.99 -24.30 22.14
N ASP B 89 -16.02 -24.25 21.23
CA ASP B 89 -16.09 -23.30 20.11
C ASP B 89 -17.23 -23.65 19.15
N LYS B 90 -17.52 -24.93 19.01
CA LYS B 90 -18.61 -25.34 18.14
C LYS B 90 -19.95 -24.98 18.80
N ILE B 91 -20.00 -25.08 20.12
CA ILE B 91 -21.23 -24.77 20.87
C ILE B 91 -21.54 -23.26 20.87
N SER B 92 -20.53 -22.45 21.18
CA SER B 92 -20.70 -21.01 21.27
C SER B 92 -19.68 -20.21 20.45
N ALA B 93 -20.17 -19.24 19.68
CA ALA B 93 -19.30 -18.40 18.88
C ALA B 93 -18.57 -17.36 19.73
N PHE B 94 -19.06 -17.10 20.95
CA PHE B 94 -18.42 -16.12 21.82
C PHE B 94 -18.83 -16.19 23.28
N ALA B 95 -17.93 -16.66 24.13
CA ALA B 95 -18.20 -16.77 25.57
C ALA B 95 -16.85 -17.01 26.27
N PRO B 96 -15.96 -16.02 26.22
CA PRO B 96 -14.65 -16.19 26.86
C PRO B 96 -14.66 -16.50 28.37
N ALA B 97 -15.61 -15.96 29.13
CA ALA B 97 -15.64 -16.24 30.57
C ALA B 97 -16.04 -17.69 30.80
N ALA B 98 -17.03 -18.16 30.05
CA ALA B 98 -17.50 -19.54 30.20
C ALA B 98 -16.41 -20.51 29.79
N LYS B 99 -15.76 -20.23 28.66
CA LYS B 99 -14.69 -21.09 28.16
C LYS B 99 -13.51 -21.07 29.13
N ALA B 100 -13.17 -19.90 29.66
CA ALA B 100 -12.07 -19.82 30.62
C ALA B 100 -12.38 -20.71 31.83
N ALA B 101 -13.61 -20.65 32.33
CA ALA B 101 -14.02 -21.43 33.48
C ALA B 101 -13.74 -22.93 33.28
N ILE B 102 -14.13 -23.46 32.13
CA ILE B 102 -13.89 -24.87 31.85
C ILE B 102 -12.39 -25.14 31.66
N ASP B 103 -11.74 -24.26 30.88
CA ASP B 103 -10.31 -24.35 30.54
C ASP B 103 -9.44 -24.38 31.81
N ILE B 104 -9.64 -23.39 32.68
CA ILE B 104 -8.85 -23.34 33.92
C ILE B 104 -9.01 -24.61 34.76
N ALA B 105 -10.24 -25.11 34.91
CA ALA B 105 -10.46 -26.33 35.69
C ALA B 105 -9.69 -27.51 35.09
N CYS B 106 -9.65 -27.58 33.76
CA CYS B 106 -8.92 -28.65 33.10
C CYS B 106 -7.43 -28.58 33.37
N TYR B 107 -6.83 -27.39 33.30
CA TYR B 107 -5.41 -27.28 33.57
C TYR B 107 -5.13 -27.61 35.06
N ASP B 108 -6.06 -27.28 35.94
CA ASP B 108 -5.91 -27.57 37.36
C ASP B 108 -5.84 -29.11 37.49
N LEU B 109 -6.72 -29.80 36.77
CA LEU B 109 -6.73 -31.26 36.80
C LEU B 109 -5.44 -31.84 36.22
N MET B 110 -4.92 -31.21 35.16
CA MET B 110 -3.69 -31.67 34.54
C MET B 110 -2.56 -31.59 35.57
N GLY B 111 -2.48 -30.45 36.24
CA GLY B 111 -1.46 -30.28 37.25
C GLY B 111 -1.58 -31.34 38.34
N GLN B 112 -2.79 -31.54 38.84
CA GLN B 112 -2.99 -32.53 39.89
C GLN B 112 -2.62 -33.94 39.44
N LYS B 113 -3.06 -34.33 38.25
CA LYS B 113 -2.75 -35.67 37.74
C LYS B 113 -1.25 -35.87 37.57
N ALA B 114 -0.56 -34.85 37.06
CA ALA B 114 0.88 -34.92 36.85
C ALA B 114 1.62 -34.71 38.16
N GLN B 115 0.89 -34.27 39.18
CA GLN B 115 1.45 -33.98 40.49
C GLN B 115 2.50 -32.89 40.37
N LEU B 116 2.12 -31.81 39.70
CA LEU B 116 3.01 -30.67 39.47
C LEU B 116 2.28 -29.34 39.56
N PRO B 117 2.97 -28.30 40.07
CA PRO B 117 2.35 -26.98 40.17
C PRO B 117 2.10 -26.56 38.72
N LEU B 118 0.98 -25.88 38.48
CA LEU B 118 0.64 -25.49 37.11
C LEU B 118 1.73 -24.74 36.35
N TYR B 119 2.46 -23.85 37.03
CA TYR B 119 3.50 -23.09 36.35
C TYR B 119 4.59 -23.98 35.74
N GLN B 120 4.72 -25.22 36.25
CA GLN B 120 5.72 -26.15 35.71
C GLN B 120 5.25 -26.73 34.37
N LEU B 121 3.95 -26.86 34.20
CA LEU B 121 3.41 -27.39 32.95
C LEU B 121 3.29 -26.34 31.85
N LEU B 122 3.31 -25.07 32.24
CA LEU B 122 3.14 -23.98 31.30
C LEU B 122 4.39 -23.22 30.84
N GLY B 123 5.58 -23.74 31.13
CA GLY B 123 6.80 -23.05 30.71
C GLY B 123 7.89 -23.08 31.78
N GLY B 124 7.46 -23.09 33.04
CA GLY B 124 8.39 -23.17 34.16
C GLY B 124 9.47 -22.10 34.31
N TYR B 125 9.28 -20.94 33.68
CA TYR B 125 10.29 -19.88 33.77
C TYR B 125 10.53 -19.36 35.19
N ASP B 126 9.47 -19.27 35.99
CA ASP B 126 9.61 -18.78 37.36
C ASP B 126 8.48 -19.39 38.20
N ASN B 127 8.52 -19.19 39.52
CA ASN B 127 7.48 -19.74 40.39
C ASN B 127 6.79 -18.64 41.19
N GLN B 128 6.91 -17.41 40.72
CA GLN B 128 6.31 -16.27 41.37
C GLN B 128 6.15 -15.12 40.39
N VAL B 129 5.34 -14.13 40.75
CA VAL B 129 5.15 -12.98 39.90
C VAL B 129 4.92 -11.74 40.75
N ILE B 130 5.41 -10.60 40.27
CA ILE B 130 5.23 -9.35 40.97
C ILE B 130 4.14 -8.56 40.25
N THR B 131 3.09 -8.20 40.98
CA THR B 131 2.01 -7.47 40.37
C THR B 131 2.00 -6.01 40.80
N ASP B 132 1.32 -5.19 40.00
CA ASP B 132 1.16 -3.78 40.31
C ASP B 132 -0.15 -3.73 41.08
N ILE B 133 -0.63 -2.52 41.33
CA ILE B 133 -1.92 -2.36 41.98
C ILE B 133 -2.54 -1.18 41.27
N THR B 134 -3.82 -1.29 40.95
CA THR B 134 -4.54 -0.25 40.23
C THR B 134 -5.25 0.74 41.15
N LEU B 135 -5.22 2.01 40.78
CA LEU B 135 -5.90 3.06 41.52
C LEU B 135 -7.09 3.48 40.66
N GLY B 136 -8.29 3.35 41.21
CA GLY B 136 -9.49 3.72 40.48
C GLY B 136 -9.59 5.22 40.31
N ILE B 137 -10.35 5.65 39.30
CA ILE B 137 -10.55 7.07 39.00
C ILE B 137 -11.10 7.87 40.19
N ASP B 138 -10.39 8.93 40.56
CA ASP B 138 -10.82 9.80 41.67
C ASP B 138 -10.13 11.16 41.52
N GLU B 139 -10.31 12.04 42.50
CA GLU B 139 -9.68 13.35 42.45
C GLU B 139 -8.17 13.23 42.59
N PRO B 140 -7.41 14.07 41.89
CA PRO B 140 -5.94 14.06 41.92
C PRO B 140 -5.33 13.91 43.31
N ASN B 141 -5.74 14.77 44.24
CA ASN B 141 -5.20 14.72 45.60
C ASN B 141 -5.51 13.41 46.31
N VAL B 142 -6.69 12.87 46.06
CA VAL B 142 -7.10 11.61 46.67
C VAL B 142 -6.30 10.46 46.07
N MET B 143 -6.22 10.40 44.75
CA MET B 143 -5.47 9.34 44.09
C MET B 143 -4.01 9.36 44.54
N ALA B 144 -3.47 10.56 44.70
CA ALA B 144 -2.09 10.72 45.14
C ALA B 144 -1.92 10.16 46.54
N GLN B 145 -2.90 10.43 47.39
CA GLN B 145 -2.91 9.94 48.77
C GLN B 145 -2.97 8.42 48.77
N LYS B 146 -3.86 7.87 47.94
CA LYS B 146 -4.01 6.42 47.84
C LYS B 146 -2.74 5.81 47.30
N ALA B 147 -2.03 6.55 46.45
CA ALA B 147 -0.78 6.06 45.87
C ALA B 147 0.25 5.86 46.97
N VAL B 148 0.42 6.88 47.82
CA VAL B 148 1.39 6.78 48.90
C VAL B 148 1.05 5.59 49.80
N GLU B 149 -0.24 5.34 50.00
CA GLU B 149 -0.66 4.22 50.82
C GLU B 149 -0.16 2.91 50.23
N LYS B 150 -0.45 2.67 48.94
CA LYS B 150 -0.03 1.44 48.28
C LYS B 150 1.49 1.27 48.26
N VAL B 151 2.22 2.37 48.03
CA VAL B 151 3.66 2.28 48.01
C VAL B 151 4.15 1.82 49.37
N LYS B 152 3.41 2.19 50.41
CA LYS B 152 3.77 1.82 51.78
C LYS B 152 3.57 0.32 51.95
N LEU B 153 2.69 -0.25 51.12
CA LEU B 153 2.43 -1.69 51.17
C LEU B 153 3.52 -2.44 50.42
N GLY B 154 4.47 -1.70 49.86
CA GLY B 154 5.56 -2.33 49.13
C GLY B 154 5.44 -2.34 47.60
N PHE B 155 4.36 -1.77 47.07
CA PHE B 155 4.18 -1.73 45.63
C PHE B 155 5.14 -0.75 44.95
N ASP B 156 5.84 -1.22 43.92
CA ASP B 156 6.78 -0.38 43.19
C ASP B 156 6.23 0.00 41.82
N THR B 157 5.03 -0.49 41.50
CA THR B 157 4.39 -0.17 40.23
C THR B 157 2.91 0.10 40.44
N LEU B 158 2.46 1.29 40.02
CA LEU B 158 1.06 1.66 40.18
C LEU B 158 0.39 1.84 38.84
N LYS B 159 -0.78 1.24 38.68
CA LYS B 159 -1.56 1.35 37.45
C LYS B 159 -2.60 2.43 37.73
N ILE B 160 -2.47 3.56 37.03
CA ILE B 160 -3.37 4.70 37.21
C ILE B 160 -4.51 4.76 36.20
N LYS B 161 -5.73 4.70 36.71
CA LYS B 161 -6.91 4.78 35.85
C LYS B 161 -7.20 6.24 35.54
N VAL B 162 -7.45 6.55 34.27
CA VAL B 162 -7.78 7.92 33.88
C VAL B 162 -8.85 7.84 32.80
N GLY B 163 -9.34 9.01 32.37
CA GLY B 163 -10.34 9.01 31.31
C GLY B 163 -11.58 9.86 31.46
N THR B 164 -11.52 10.94 32.22
CA THR B 164 -12.69 11.80 32.37
C THR B 164 -12.47 13.11 31.62
N GLY B 165 -11.25 13.28 31.10
CA GLY B 165 -10.90 14.49 30.38
C GLY B 165 -9.41 14.76 30.55
N ILE B 166 -8.72 15.00 29.45
CA ILE B 166 -7.28 15.25 29.48
C ILE B 166 -6.88 16.25 30.57
N GLU B 167 -7.75 17.22 30.81
CA GLU B 167 -7.51 18.24 31.83
C GLU B 167 -7.27 17.56 33.17
N ALA B 168 -8.31 16.90 33.67
CA ALA B 168 -8.25 16.22 34.96
C ALA B 168 -7.26 15.06 34.94
N ASP B 169 -7.34 14.23 33.90
CA ASP B 169 -6.45 13.08 33.78
C ASP B 169 -4.98 13.47 33.94
N ILE B 170 -4.58 14.59 33.33
CA ILE B 170 -3.21 15.05 33.42
C ILE B 170 -2.92 15.48 34.86
N ALA B 171 -3.91 16.11 35.50
CA ALA B 171 -3.79 16.57 36.88
C ALA B 171 -3.61 15.40 37.83
N ARG B 172 -4.36 14.32 37.58
CA ARG B 172 -4.27 13.12 38.40
C ARG B 172 -2.84 12.56 38.41
N VAL B 173 -2.30 12.32 37.21
CA VAL B 173 -0.94 11.80 37.08
C VAL B 173 0.13 12.72 37.68
N LYS B 174 0.04 14.02 37.41
CA LYS B 174 1.01 14.97 37.95
C LYS B 174 1.03 14.87 39.47
N ALA B 175 -0.16 14.90 40.07
CA ALA B 175 -0.30 14.82 41.51
C ALA B 175 0.33 13.53 42.06
N ILE B 176 -0.01 12.41 41.44
CA ILE B 176 0.52 11.12 41.88
C ILE B 176 2.04 11.08 41.84
N ARG B 177 2.63 11.52 40.74
CA ARG B 177 4.09 11.51 40.65
C ARG B 177 4.71 12.39 41.74
N GLU B 178 4.13 13.57 41.94
CA GLU B 178 4.63 14.49 42.96
C GLU B 178 4.61 13.87 44.35
N ALA B 179 3.61 13.03 44.60
CA ALA B 179 3.45 12.40 45.91
C ALA B 179 4.39 11.23 46.19
N VAL B 180 4.68 10.40 45.19
CA VAL B 180 5.53 9.24 45.41
C VAL B 180 6.95 9.27 44.83
N GLY B 181 7.30 10.33 44.10
CA GLY B 181 8.64 10.40 43.54
C GLY B 181 8.85 9.56 42.29
N PHE B 182 10.06 9.66 41.73
CA PHE B 182 10.42 8.95 40.50
C PHE B 182 10.93 7.52 40.67
N ASP B 183 10.91 7.01 41.90
CA ASP B 183 11.38 5.66 42.16
C ASP B 183 10.29 4.64 41.85
N ILE B 184 9.06 5.11 41.75
CA ILE B 184 7.91 4.25 41.47
C ILE B 184 7.52 4.25 39.99
N LYS B 185 7.27 3.07 39.43
CA LYS B 185 6.88 3.00 38.02
C LYS B 185 5.39 3.25 37.90
N LEU B 186 5.01 4.16 36.99
CA LEU B 186 3.62 4.51 36.80
C LEU B 186 3.14 4.17 35.39
N ARG B 187 2.12 3.31 35.29
CA ARG B 187 1.55 2.97 34.01
C ARG B 187 0.12 3.52 34.01
N LEU B 188 -0.30 4.09 32.89
CA LEU B 188 -1.64 4.66 32.79
C LEU B 188 -2.60 3.77 32.01
N ASP B 189 -3.88 3.86 32.35
CA ASP B 189 -4.91 3.09 31.64
C ASP B 189 -6.12 4.01 31.40
N ALA B 190 -6.36 4.36 30.15
CA ALA B 190 -7.46 5.26 29.79
C ALA B 190 -8.78 4.56 29.45
N ASN B 191 -8.73 3.25 29.34
CA ASN B 191 -9.92 2.48 29.00
C ASN B 191 -10.72 3.12 27.86
N GLN B 192 -10.02 3.42 26.75
CA GLN B 192 -10.62 3.97 25.53
C GLN B 192 -11.17 5.40 25.58
N ALA B 193 -10.93 6.10 26.68
CA ALA B 193 -11.44 7.46 26.91
C ALA B 193 -11.02 8.61 26.00
N TRP B 194 -9.84 8.53 25.39
CA TRP B 194 -9.41 9.65 24.56
C TRP B 194 -9.49 9.48 23.05
N THR B 195 -9.56 10.60 22.35
CA THR B 195 -9.54 10.60 20.90
C THR B 195 -8.04 10.41 20.62
N PRO B 196 -7.67 10.02 19.40
CA PRO B 196 -6.24 9.85 19.12
C PRO B 196 -5.38 11.10 19.35
N LYS B 197 -5.89 12.26 18.96
CA LYS B 197 -5.13 13.50 19.12
C LYS B 197 -5.07 13.97 20.58
N ASP B 198 -6.15 13.77 21.32
CA ASP B 198 -6.15 14.14 22.73
C ASP B 198 -5.17 13.22 23.45
N ALA B 199 -5.04 12.00 22.94
CA ALA B 199 -4.14 11.01 23.52
C ALA B 199 -2.68 11.47 23.37
N VAL B 200 -2.31 11.84 22.15
CA VAL B 200 -0.96 12.32 21.90
C VAL B 200 -0.71 13.57 22.76
N LYS B 201 -1.70 14.46 22.80
CA LYS B 201 -1.58 15.69 23.57
C LYS B 201 -1.37 15.41 25.05
N ALA B 202 -2.14 14.48 25.60
CA ALA B 202 -2.03 14.13 27.01
C ALA B 202 -0.69 13.48 27.30
N ILE B 203 -0.30 12.53 26.46
CA ILE B 203 0.96 11.83 26.64
C ILE B 203 2.15 12.78 26.53
N GLN B 204 2.14 13.66 25.53
CA GLN B 204 3.23 14.61 25.37
C GLN B 204 3.30 15.56 26.57
N ALA B 205 2.14 15.88 27.14
CA ALA B 205 2.07 16.78 28.28
C ALA B 205 2.67 16.16 29.54
N LEU B 206 2.81 14.84 29.55
CA LEU B 206 3.35 14.13 30.70
C LEU B 206 4.75 13.57 30.43
N ALA B 207 5.38 14.04 29.37
CA ALA B 207 6.71 13.58 28.98
C ALA B 207 7.72 13.63 30.13
N ASP B 208 7.68 14.69 30.93
CA ASP B 208 8.62 14.83 32.03
C ASP B 208 8.21 14.08 33.29
N TYR B 209 7.12 13.34 33.23
CA TYR B 209 6.66 12.61 34.42
C TYR B 209 7.02 11.12 34.43
N GLN B 210 7.85 10.72 33.47
CA GLN B 210 8.33 9.35 33.39
C GLN B 210 7.21 8.29 33.38
N ILE B 211 6.38 8.32 32.35
CA ILE B 211 5.28 7.38 32.23
C ILE B 211 5.82 6.08 31.62
N GLU B 212 5.63 4.96 32.31
CA GLU B 212 6.12 3.69 31.80
C GLU B 212 5.41 3.28 30.52
N LEU B 213 4.08 3.33 30.55
CA LEU B 213 3.30 2.95 29.36
C LEU B 213 1.88 3.46 29.50
N VAL B 214 1.16 3.53 28.38
CA VAL B 214 -0.22 3.97 28.39
C VAL B 214 -1.07 2.85 27.78
N GLU B 215 -2.04 2.38 28.54
CA GLU B 215 -2.89 1.29 28.12
C GLU B 215 -4.19 1.77 27.46
N GLN B 216 -4.51 1.16 26.30
CA GLN B 216 -5.72 1.45 25.54
C GLN B 216 -6.20 2.91 25.61
N PRO B 217 -5.48 3.82 24.94
CA PRO B 217 -5.88 5.23 24.95
C PRO B 217 -7.14 5.58 24.17
N VAL B 218 -7.43 4.82 23.11
CA VAL B 218 -8.59 5.06 22.27
C VAL B 218 -9.58 3.89 22.20
N LYS B 219 -10.71 4.12 21.55
CA LYS B 219 -11.76 3.10 21.40
C LYS B 219 -11.22 1.78 20.87
N ARG B 220 -11.76 0.70 21.41
CA ARG B 220 -11.36 -0.66 21.03
C ARG B 220 -11.30 -0.95 19.54
N ARG B 221 -12.29 -0.49 18.79
CA ARG B 221 -12.35 -0.77 17.35
C ARG B 221 -11.55 0.21 16.49
N ASP B 222 -11.10 1.31 17.09
CA ASP B 222 -10.34 2.31 16.35
C ASP B 222 -8.85 1.93 16.26
N LEU B 223 -8.56 0.89 15.49
CA LEU B 223 -7.19 0.42 15.34
C LEU B 223 -6.27 1.44 14.67
N GLU B 224 -6.78 2.14 13.66
CA GLU B 224 -5.98 3.14 12.98
C GLU B 224 -5.62 4.25 13.97
N GLY B 225 -6.59 4.62 14.79
CA GLY B 225 -6.37 5.66 15.79
C GLY B 225 -5.41 5.21 16.88
N LEU B 226 -5.40 3.91 17.16
CA LEU B 226 -4.53 3.35 18.18
C LEU B 226 -3.09 3.36 17.65
N LYS B 227 -2.92 2.90 16.41
CA LYS B 227 -1.60 2.89 15.81
C LYS B 227 -1.05 4.33 15.70
N TYR B 228 -1.95 5.28 15.44
CA TYR B 228 -1.57 6.69 15.33
C TYR B 228 -0.87 7.13 16.63
N VAL B 229 -1.51 6.84 17.76
CA VAL B 229 -0.92 7.18 19.05
C VAL B 229 0.45 6.53 19.20
N THR B 230 0.51 5.24 18.89
CA THR B 230 1.73 4.46 19.01
C THR B 230 2.90 4.98 18.17
N SER B 231 2.60 5.52 16.99
CA SER B 231 3.64 6.03 16.11
C SER B 231 3.87 7.53 16.27
N GLN B 232 3.17 8.15 17.22
CA GLN B 232 3.32 9.57 17.44
C GLN B 232 4.03 9.91 18.75
N VAL B 233 4.20 8.92 19.62
CA VAL B 233 4.86 9.16 20.90
C VAL B 233 5.91 8.10 21.18
N ASN B 234 6.93 8.47 21.95
CA ASN B 234 7.99 7.53 22.29
C ASN B 234 7.54 6.62 23.44
N THR B 235 6.48 7.03 24.12
CA THR B 235 5.94 6.28 25.23
C THR B 235 5.36 4.94 24.75
N THR B 236 5.62 3.87 25.49
CA THR B 236 5.12 2.54 25.15
C THR B 236 3.60 2.50 25.21
N ILE B 237 2.96 2.00 24.14
CA ILE B 237 1.51 1.91 24.08
C ILE B 237 1.04 0.45 24.18
N MET B 238 0.05 0.21 25.04
CA MET B 238 -0.47 -1.15 25.23
C MET B 238 -1.93 -1.31 24.81
N ALA B 239 -2.23 -2.42 24.17
CA ALA B 239 -3.60 -2.70 23.76
C ALA B 239 -4.24 -3.61 24.81
N ASP B 240 -5.48 -3.31 25.18
CA ASP B 240 -6.20 -4.15 26.12
C ASP B 240 -7.49 -4.57 25.44
N GLU B 241 -8.50 -3.71 25.44
CA GLU B 241 -9.77 -4.04 24.80
C GLU B 241 -9.63 -4.30 23.30
N SER B 242 -8.60 -3.75 22.67
CA SER B 242 -8.39 -3.98 21.25
C SER B 242 -7.95 -5.41 20.99
N CYS B 243 -7.58 -6.13 22.04
CA CYS B 243 -7.14 -7.52 21.88
C CYS B 243 -7.80 -8.53 22.82
N PHE B 244 -8.72 -9.31 22.28
CA PHE B 244 -9.42 -10.34 23.05
C PHE B 244 -8.75 -11.72 22.88
N ASP B 245 -8.61 -12.17 21.63
CA ASP B 245 -8.05 -13.48 21.37
C ASP B 245 -6.81 -13.51 20.47
N ALA B 246 -6.39 -14.71 20.11
CA ALA B 246 -5.21 -14.89 19.27
C ALA B 246 -5.35 -14.22 17.91
N GLN B 247 -6.56 -14.27 17.35
CA GLN B 247 -6.78 -13.66 16.04
C GLN B 247 -6.63 -12.15 16.15
N ASP B 248 -7.10 -11.55 17.24
CA ASP B 248 -6.95 -10.11 17.43
C ASP B 248 -5.47 -9.80 17.51
N ALA B 249 -4.74 -10.60 18.29
CA ALA B 249 -3.30 -10.39 18.48
C ALA B 249 -2.56 -10.46 17.15
N LEU B 250 -2.92 -11.43 16.31
CA LEU B 250 -2.26 -11.55 15.02
C LEU B 250 -2.54 -10.31 14.19
N GLU B 251 -3.75 -9.78 14.28
CA GLU B 251 -4.11 -8.59 13.53
C GLU B 251 -3.29 -7.39 14.00
N LEU B 252 -3.12 -7.25 15.32
CA LEU B 252 -2.35 -6.13 15.85
C LEU B 252 -0.87 -6.22 15.45
N VAL B 253 -0.32 -7.42 15.48
CA VAL B 253 1.08 -7.58 15.10
C VAL B 253 1.24 -7.28 13.61
N LYS B 254 0.29 -7.74 12.80
CA LYS B 254 0.35 -7.49 11.36
C LYS B 254 0.36 -6.01 11.05
N LYS B 255 -0.49 -5.26 11.74
CA LYS B 255 -0.57 -3.82 11.52
C LYS B 255 0.43 -3.01 12.33
N GLY B 256 1.11 -3.64 13.27
CA GLY B 256 2.08 -2.93 14.09
C GLY B 256 1.35 -1.85 14.89
N THR B 257 0.18 -2.22 15.38
CA THR B 257 -0.68 -1.29 16.13
C THR B 257 -0.19 -0.81 17.48
N VAL B 258 0.46 -1.68 18.25
CA VAL B 258 0.92 -1.33 19.59
C VAL B 258 2.28 -1.92 19.96
N ASP B 259 2.79 -1.57 21.14
CA ASP B 259 4.09 -2.05 21.62
C ASP B 259 3.98 -3.22 22.60
N VAL B 260 2.86 -3.28 23.30
CA VAL B 260 2.63 -4.34 24.29
C VAL B 260 1.18 -4.75 24.26
N ILE B 261 0.90 -5.98 24.66
CA ILE B 261 -0.48 -6.45 24.69
C ILE B 261 -0.90 -7.01 26.06
N ASN B 262 -2.08 -6.59 26.52
CA ASN B 262 -2.64 -7.05 27.80
C ASN B 262 -3.45 -8.33 27.59
N ILE B 263 -3.04 -9.40 28.25
CA ILE B 263 -3.74 -10.68 28.17
C ILE B 263 -4.61 -10.88 29.40
N LYS B 264 -5.86 -11.30 29.18
CA LYS B 264 -6.79 -11.60 30.27
C LYS B 264 -7.44 -12.94 29.92
N LEU B 265 -7.42 -13.88 30.84
CA LEU B 265 -8.02 -15.19 30.60
C LEU B 265 -9.52 -15.02 30.34
N MET B 266 -10.13 -14.02 30.97
CA MET B 266 -11.56 -13.79 30.79
C MET B 266 -11.90 -13.13 29.45
N LYS B 267 -10.89 -12.69 28.71
CA LYS B 267 -11.12 -12.08 27.41
C LYS B 267 -10.89 -13.11 26.30
N CYS B 268 -9.91 -13.98 26.51
CA CYS B 268 -9.53 -14.95 25.49
C CYS B 268 -10.09 -16.37 25.63
N GLY B 269 -10.77 -16.67 26.73
CA GLY B 269 -11.30 -18.01 26.90
C GLY B 269 -10.38 -19.01 27.58
N GLY B 270 -9.47 -18.54 28.43
CA GLY B 270 -8.60 -19.47 29.13
C GLY B 270 -7.13 -19.54 28.78
N ILE B 271 -6.41 -20.35 29.56
CA ILE B 271 -4.97 -20.53 29.40
C ILE B 271 -4.56 -20.98 28.00
N HIS B 272 -5.29 -21.95 27.45
CA HIS B 272 -4.99 -22.47 26.11
C HIS B 272 -4.87 -21.35 25.08
N GLU B 273 -5.81 -20.42 25.09
CA GLU B 273 -5.80 -19.32 24.12
C GLU B 273 -4.79 -18.25 24.51
N ALA B 274 -4.60 -18.04 25.81
CA ALA B 274 -3.64 -17.06 26.30
C ALA B 274 -2.23 -17.42 25.85
N LEU B 275 -1.91 -18.71 25.87
CA LEU B 275 -0.61 -19.18 25.43
C LEU B 275 -0.38 -18.82 23.97
N LYS B 276 -1.42 -18.96 23.15
CA LYS B 276 -1.30 -18.63 21.73
C LYS B 276 -1.00 -17.13 21.59
N ILE B 277 -1.76 -16.31 22.30
CA ILE B 277 -1.54 -14.86 22.24
C ILE B 277 -0.10 -14.49 22.61
N ASN B 278 0.40 -15.05 23.69
CA ASN B 278 1.76 -14.73 24.12
C ASN B 278 2.83 -15.21 23.12
N GLN B 279 2.64 -16.38 22.53
CA GLN B 279 3.59 -16.92 21.57
C GLN B 279 3.63 -16.08 20.31
N ILE B 280 2.46 -15.60 19.90
CA ILE B 280 2.35 -14.77 18.71
C ILE B 280 3.08 -13.45 18.97
N CYS B 281 2.82 -12.86 20.13
CA CYS B 281 3.45 -11.59 20.51
C CYS B 281 4.95 -11.73 20.66
N GLU B 282 5.37 -12.77 21.35
CA GLU B 282 6.79 -13.04 21.57
C GLU B 282 7.48 -13.13 20.21
N THR B 283 6.87 -13.87 19.29
CA THR B 283 7.44 -14.03 17.96
C THR B 283 7.58 -12.68 17.25
N ALA B 284 6.64 -11.78 17.48
CA ALA B 284 6.66 -10.46 16.86
C ALA B 284 7.45 -9.41 17.65
N GLY B 285 8.09 -9.84 18.74
CA GLY B 285 8.85 -8.90 19.56
C GLY B 285 7.97 -8.00 20.41
N ILE B 286 6.77 -8.49 20.73
CA ILE B 286 5.82 -7.74 21.54
C ILE B 286 5.72 -8.43 22.89
N GLU B 287 6.01 -7.71 23.97
CA GLU B 287 5.89 -8.28 25.31
C GLU B 287 4.43 -8.25 25.75
N CYS B 288 4.08 -9.10 26.70
CA CYS B 288 2.70 -9.16 27.17
C CYS B 288 2.57 -8.91 28.67
N MET B 289 1.44 -8.34 29.05
CA MET B 289 1.16 -8.11 30.47
C MET B 289 -0.08 -8.95 30.79
N ILE B 290 -0.05 -9.68 31.90
CA ILE B 290 -1.21 -10.49 32.28
C ILE B 290 -2.09 -9.58 33.13
N GLY B 291 -3.38 -9.53 32.80
CA GLY B 291 -4.30 -8.70 33.55
C GLY B 291 -5.47 -9.48 34.13
N CYS B 292 -6.49 -8.77 34.59
CA CYS B 292 -7.66 -9.42 35.17
C CYS B 292 -8.90 -8.55 35.16
N MET B 293 -10.03 -9.18 35.43
CA MET B 293 -11.30 -8.49 35.52
C MET B 293 -11.52 -8.26 37.01
N ALA B 294 -12.26 -7.21 37.34
CA ALA B 294 -12.54 -6.92 38.75
C ALA B 294 -13.39 -8.05 39.33
N GLU B 295 -14.21 -8.67 38.49
CA GLU B 295 -15.12 -9.74 38.92
C GLU B 295 -14.48 -11.09 39.26
N GLU B 296 -13.21 -11.26 38.98
CA GLU B 296 -12.54 -12.53 39.28
C GLU B 296 -12.10 -12.65 40.72
N THR B 297 -11.90 -13.90 41.14
CA THR B 297 -11.47 -14.19 42.50
C THR B 297 -10.15 -14.96 42.49
N THR B 298 -9.88 -15.65 43.60
CA THR B 298 -8.66 -16.42 43.75
C THR B 298 -8.40 -17.40 42.62
N ILE B 299 -9.47 -18.07 42.16
CA ILE B 299 -9.31 -19.06 41.10
C ILE B 299 -8.74 -18.43 39.84
N GLY B 300 -9.45 -17.45 39.29
CA GLY B 300 -8.99 -16.78 38.08
C GLY B 300 -7.62 -16.15 38.23
N ILE B 301 -7.41 -15.45 39.34
CA ILE B 301 -6.13 -14.80 39.59
C ILE B 301 -4.98 -15.80 39.73
N THR B 302 -5.24 -16.92 40.41
CA THR B 302 -4.20 -17.91 40.61
C THR B 302 -3.79 -18.54 39.27
N ALA B 303 -4.77 -18.85 38.43
CA ALA B 303 -4.47 -19.44 37.13
C ALA B 303 -3.62 -18.46 36.31
N ALA B 304 -4.05 -17.21 36.27
CA ALA B 304 -3.33 -16.16 35.53
C ALA B 304 -1.90 -16.03 36.03
N ALA B 305 -1.73 -16.07 37.36
CA ALA B 305 -0.40 -15.95 37.95
C ALA B 305 0.51 -17.10 37.56
N HIS B 306 -0.02 -18.33 37.55
CA HIS B 306 0.77 -19.50 37.16
C HIS B 306 1.24 -19.34 35.72
N LEU B 307 0.36 -18.83 34.86
CA LEU B 307 0.69 -18.63 33.46
C LEU B 307 1.76 -17.53 33.33
N ALA B 308 1.55 -16.43 34.04
CA ALA B 308 2.51 -15.33 33.97
C ALA B 308 3.89 -15.76 34.47
N ALA B 309 3.95 -16.45 35.61
CA ALA B 309 5.24 -16.90 36.14
C ALA B 309 5.93 -17.84 35.17
N ALA B 310 5.13 -18.71 34.53
CA ALA B 310 5.64 -19.70 33.59
C ALA B 310 6.25 -19.19 32.28
N GLN B 311 5.70 -18.12 31.73
CA GLN B 311 6.12 -17.57 30.45
C GLN B 311 7.02 -16.36 30.53
N LYS B 312 8.20 -16.48 29.94
CA LYS B 312 9.17 -15.41 29.92
C LYS B 312 8.64 -14.12 29.31
N ASN B 313 7.95 -14.23 28.17
CA ASN B 313 7.43 -13.05 27.48
C ASN B 313 6.31 -12.30 28.20
N ILE B 314 5.74 -12.88 29.24
CA ILE B 314 4.72 -12.18 30.01
C ILE B 314 5.57 -11.49 31.09
N THR B 315 6.02 -10.29 30.76
CA THR B 315 6.91 -9.51 31.60
C THR B 315 6.29 -8.58 32.63
N ARG B 316 4.99 -8.36 32.53
CA ARG B 316 4.31 -7.48 33.48
C ARG B 316 3.07 -8.17 33.99
N ALA B 317 2.57 -7.71 35.12
CA ALA B 317 1.37 -8.30 35.68
C ALA B 317 0.51 -7.29 36.43
N ASP B 318 -0.80 -7.40 36.22
CA ASP B 318 -1.77 -6.56 36.86
C ASP B 318 -2.82 -7.54 37.37
N LEU B 319 -2.45 -8.25 38.44
CA LEU B 319 -3.32 -9.26 39.05
C LEU B 319 -3.64 -8.81 40.47
N ASP B 320 -4.53 -7.83 40.56
CA ASP B 320 -4.89 -7.24 41.85
C ASP B 320 -6.35 -7.37 42.23
N ALA B 321 -7.10 -8.20 41.51
CA ALA B 321 -8.52 -8.37 41.81
C ALA B 321 -8.83 -8.89 43.21
N THR B 322 -8.01 -9.79 43.76
CA THR B 322 -8.30 -10.32 45.09
C THR B 322 -8.10 -9.28 46.19
N PHE B 323 -7.37 -8.20 45.88
CA PHE B 323 -7.11 -7.17 46.89
C PHE B 323 -8.36 -6.39 47.28
N GLY B 324 -9.35 -6.36 46.38
CA GLY B 324 -10.57 -5.64 46.66
C GLY B 324 -11.72 -6.51 47.14
N LEU B 325 -11.47 -7.82 47.26
CA LEU B 325 -12.48 -8.76 47.70
C LEU B 325 -12.73 -8.82 49.21
N GLU B 326 -14.00 -8.84 49.59
CA GLU B 326 -14.38 -8.92 51.02
C GLU B 326 -14.04 -10.31 51.54
N THR B 327 -14.29 -11.33 50.73
CA THR B 327 -14.04 -12.71 51.12
C THR B 327 -13.44 -13.50 49.96
N ALA B 328 -12.90 -14.68 50.28
CA ALA B 328 -12.32 -15.57 49.27
C ALA B 328 -13.26 -16.77 49.17
N PRO B 329 -13.61 -17.19 47.95
CA PRO B 329 -14.51 -18.33 47.73
C PRO B 329 -13.93 -19.72 47.96
N VAL B 330 -12.60 -19.82 47.95
CA VAL B 330 -11.94 -21.11 48.15
C VAL B 330 -10.69 -20.87 48.99
N THR B 331 -10.07 -21.94 49.49
CA THR B 331 -8.85 -21.81 50.27
C THR B 331 -7.68 -21.98 49.30
N GLY B 332 -6.48 -21.61 49.72
CA GLY B 332 -5.31 -21.72 48.87
C GLY B 332 -5.24 -20.67 47.78
N GLY B 333 -4.25 -20.80 46.89
CA GLY B 333 -4.11 -19.83 45.81
C GLY B 333 -3.64 -18.48 46.30
N VAL B 334 -3.68 -17.47 45.42
CA VAL B 334 -3.27 -16.13 45.80
C VAL B 334 -4.21 -15.62 46.89
N SER B 335 -3.65 -15.09 47.98
CA SER B 335 -4.47 -14.61 49.08
C SER B 335 -5.11 -13.25 48.79
N LEU B 336 -5.95 -12.81 49.73
CA LEU B 336 -6.65 -11.54 49.61
C LEU B 336 -5.74 -10.39 50.01
N GLU B 337 -4.63 -10.72 50.65
CA GLU B 337 -3.69 -9.70 51.12
C GLU B 337 -3.12 -8.84 50.00
N ALA B 338 -3.22 -7.53 50.17
CA ALA B 338 -2.69 -6.60 49.18
C ALA B 338 -1.18 -6.54 49.31
N LYS B 339 -0.50 -7.30 48.45
CA LYS B 339 0.96 -7.37 48.43
C LYS B 339 1.43 -7.55 46.99
N PRO B 340 2.58 -6.96 46.63
CA PRO B 340 3.12 -7.07 45.27
C PRO B 340 3.62 -8.45 44.85
N LEU B 341 4.20 -9.18 45.80
CA LEU B 341 4.73 -10.50 45.49
C LEU B 341 3.69 -11.62 45.61
N LEU B 342 3.49 -12.35 44.50
CA LEU B 342 2.56 -13.46 44.49
C LEU B 342 3.41 -14.71 44.30
N GLU B 343 3.69 -15.42 45.39
CA GLU B 343 4.51 -16.63 45.32
C GLU B 343 3.63 -17.85 45.14
N LEU B 344 3.92 -18.64 44.13
CA LEU B 344 3.15 -19.86 43.88
C LEU B 344 3.88 -20.98 44.58
N GLY B 345 3.15 -21.75 45.39
CA GLY B 345 3.80 -22.83 46.11
C GLY B 345 4.19 -24.00 45.24
N GLU B 346 4.27 -25.17 45.86
CA GLU B 346 4.62 -26.39 45.15
C GLU B 346 3.44 -27.32 45.11
N ALA B 347 2.28 -26.83 45.53
CA ALA B 347 1.08 -27.64 45.51
C ALA B 347 0.76 -27.92 44.04
N ALA B 348 0.26 -29.12 43.76
CA ALA B 348 -0.07 -29.50 42.39
C ALA B 348 -1.19 -28.65 41.79
N GLY B 349 -1.16 -28.47 40.48
CA GLY B 349 -2.18 -27.68 39.81
C GLY B 349 -2.23 -26.24 40.29
N LEU B 350 -3.42 -25.75 40.60
CA LEU B 350 -3.58 -24.38 41.05
C LEU B 350 -3.13 -24.21 42.50
N GLY B 351 -3.18 -25.31 43.26
CA GLY B 351 -2.80 -25.24 44.67
C GLY B 351 -3.97 -24.63 45.42
N ILE B 352 -5.17 -24.91 44.94
CA ILE B 352 -6.40 -24.41 45.54
C ILE B 352 -7.21 -25.53 46.18
N SER B 353 -7.83 -25.22 47.31
CA SER B 353 -8.66 -26.18 48.03
C SER B 353 -7.91 -27.48 48.34
N MET C 1 -6.48 43.87 -27.05
CA MET C 1 -7.95 43.60 -27.03
C MET C 1 -8.58 43.87 -25.68
N LYS C 2 -9.82 44.37 -25.72
CA LYS C 2 -10.56 44.65 -24.50
C LYS C 2 -12.02 44.29 -24.75
N ILE C 3 -12.55 43.37 -23.95
CA ILE C 3 -13.94 42.98 -24.09
C ILE C 3 -14.83 44.19 -23.79
N LYS C 4 -15.69 44.52 -24.74
CA LYS C 4 -16.59 45.66 -24.60
C LYS C 4 -17.91 45.29 -23.94
N GLN C 5 -18.51 44.20 -24.40
CA GLN C 5 -19.79 43.77 -23.85
C GLN C 5 -20.00 42.28 -24.04
N VAL C 6 -20.93 41.73 -23.26
CA VAL C 6 -21.24 40.31 -23.33
C VAL C 6 -22.76 40.16 -23.37
N HIS C 7 -23.25 39.50 -24.40
CA HIS C 7 -24.69 39.25 -24.53
C HIS C 7 -24.95 37.75 -24.52
N VAL C 8 -26.13 37.36 -24.06
CA VAL C 8 -26.48 35.95 -24.02
C VAL C 8 -27.96 35.79 -24.29
N ARG C 9 -28.32 34.74 -25.02
CA ARG C 9 -29.72 34.47 -25.31
C ARG C 9 -30.03 33.01 -25.07
N ALA C 10 -31.27 32.74 -24.67
CA ALA C 10 -31.71 31.37 -24.46
C ALA C 10 -32.00 30.83 -25.85
N SER C 11 -31.71 29.55 -26.06
CA SER C 11 -31.95 28.92 -27.35
C SER C 11 -32.61 27.58 -27.10
N LYS C 12 -33.74 27.33 -27.76
CA LYS C 12 -34.45 26.06 -27.61
C LYS C 12 -34.77 25.51 -28.98
N ILE C 13 -34.13 24.42 -29.32
CA ILE C 13 -34.31 23.80 -30.62
C ILE C 13 -34.77 22.36 -30.45
N LYS C 14 -35.90 22.02 -31.06
CA LYS C 14 -36.45 20.68 -30.98
C LYS C 14 -35.61 19.64 -31.72
N LEU C 15 -35.58 18.43 -31.19
CA LEU C 15 -34.83 17.36 -31.83
C LEU C 15 -35.78 16.67 -32.81
N LYS C 16 -35.25 16.22 -33.94
CA LYS C 16 -36.07 15.54 -34.94
C LYS C 16 -36.76 14.33 -34.34
N GLU C 17 -36.27 13.90 -33.19
CA GLU C 17 -36.85 12.77 -32.47
C GLU C 17 -36.26 12.64 -31.08
N THR C 18 -37.02 12.03 -30.18
CA THR C 18 -36.57 11.85 -28.81
C THR C 18 -35.33 10.98 -28.76
N PHE C 19 -34.43 11.31 -27.83
CA PHE C 19 -33.18 10.59 -27.66
C PHE C 19 -33.18 10.01 -26.24
N THR C 20 -33.00 8.69 -26.16
CA THR C 20 -33.03 8.00 -24.87
C THR C 20 -31.74 7.29 -24.49
N ILE C 21 -31.23 7.60 -23.31
CA ILE C 21 -30.03 6.96 -22.77
C ILE C 21 -30.46 6.43 -21.40
N ALA C 22 -29.57 5.69 -20.73
CA ALA C 22 -29.91 5.13 -19.42
C ALA C 22 -30.34 6.16 -18.39
N LEU C 23 -29.80 7.37 -18.48
CA LEU C 23 -30.10 8.45 -17.53
C LEU C 23 -31.43 9.18 -17.72
N GLY C 24 -32.04 9.04 -18.89
CA GLY C 24 -33.30 9.72 -19.16
C GLY C 24 -33.49 9.97 -20.65
N THR C 25 -34.45 10.83 -20.99
CA THR C 25 -34.72 11.12 -22.39
C THR C 25 -34.75 12.63 -22.66
N ILE C 26 -34.33 13.03 -23.85
CA ILE C 26 -34.33 14.45 -24.21
C ILE C 26 -35.10 14.63 -25.53
N GLU C 27 -35.81 15.74 -25.65
CA GLU C 27 -36.59 16.04 -26.86
C GLU C 27 -36.22 17.39 -27.45
N SER C 28 -35.47 18.19 -26.69
CA SER C 28 -35.08 19.51 -27.14
C SER C 28 -33.69 19.91 -26.66
N ALA C 29 -32.93 20.57 -27.54
CA ALA C 29 -31.61 21.04 -27.20
C ALA C 29 -31.76 22.48 -26.75
N ASP C 30 -31.76 22.69 -25.43
CA ASP C 30 -31.89 24.02 -24.87
C ASP C 30 -30.53 24.46 -24.36
N SER C 31 -30.02 25.56 -24.90
CA SER C 31 -28.69 26.03 -24.51
C SER C 31 -28.62 27.55 -24.45
N ALA C 32 -27.56 28.04 -23.80
CA ALA C 32 -27.34 29.47 -23.68
C ALA C 32 -26.30 29.85 -24.73
N ILE C 33 -26.60 30.86 -25.53
CA ILE C 33 -25.67 31.28 -26.58
C ILE C 33 -25.10 32.65 -26.24
N VAL C 34 -23.77 32.74 -26.24
CA VAL C 34 -23.09 33.97 -25.89
C VAL C 34 -22.42 34.70 -27.04
N GLU C 35 -22.41 36.03 -26.93
CA GLU C 35 -21.78 36.90 -27.91
C GLU C 35 -20.86 37.84 -27.16
N ILE C 36 -19.57 37.73 -27.38
CA ILE C 36 -18.63 38.65 -26.73
C ILE C 36 -18.05 39.54 -27.80
N GLU C 37 -18.17 40.85 -27.61
CA GLU C 37 -17.66 41.82 -28.57
C GLU C 37 -16.61 42.71 -27.94
N THR C 38 -15.54 42.98 -28.69
CA THR C 38 -14.46 43.81 -28.20
C THR C 38 -14.71 45.29 -28.50
N GLU C 39 -13.97 46.16 -27.81
CA GLU C 39 -14.09 47.59 -28.04
C GLU C 39 -13.87 47.84 -29.53
N GLU C 40 -12.89 47.11 -30.08
CA GLU C 40 -12.52 47.21 -31.48
C GLU C 40 -13.56 46.66 -32.46
N GLY C 41 -14.59 45.98 -31.94
CA GLY C 41 -15.63 45.47 -32.82
C GLY C 41 -15.66 43.99 -33.18
N LEU C 42 -14.69 43.20 -32.71
CA LEU C 42 -14.70 41.78 -33.04
C LEU C 42 -15.76 41.08 -32.19
N VAL C 43 -16.42 40.07 -32.76
CA VAL C 43 -17.44 39.34 -32.02
C VAL C 43 -17.19 37.84 -31.99
N GLY C 44 -17.15 37.28 -30.78
CA GLY C 44 -16.92 35.85 -30.63
C GLY C 44 -18.16 35.16 -30.10
N TYR C 45 -18.38 33.92 -30.53
CA TYR C 45 -19.54 33.16 -30.11
C TYR C 45 -19.22 31.98 -29.20
N GLY C 46 -20.02 31.83 -28.15
CA GLY C 46 -19.84 30.74 -27.21
C GLY C 46 -21.18 30.07 -26.94
N GLU C 47 -21.14 28.89 -26.35
CA GLU C 47 -22.37 28.18 -26.03
C GLU C 47 -22.24 27.35 -24.76
N GLY C 48 -23.33 27.30 -24.00
CA GLY C 48 -23.38 26.51 -22.77
C GLY C 48 -24.57 25.57 -22.88
N GLY C 49 -24.31 24.32 -23.21
CA GLY C 49 -25.40 23.35 -23.34
C GLY C 49 -25.40 22.40 -22.14
N PRO C 50 -26.13 22.74 -21.08
CA PRO C 50 -26.23 21.95 -19.85
C PRO C 50 -27.16 20.74 -19.90
N GLY C 51 -26.68 19.63 -19.34
CA GLY C 51 -27.46 18.40 -19.28
C GLY C 51 -27.80 18.16 -17.81
N ILE C 52 -29.04 18.48 -17.45
CA ILE C 52 -29.46 18.33 -16.06
C ILE C 52 -29.15 16.96 -15.44
N PHE C 53 -29.30 15.87 -16.19
CA PHE C 53 -28.99 14.56 -15.61
C PHE C 53 -27.53 14.13 -15.79
N ILE C 54 -26.68 15.08 -16.18
CA ILE C 54 -25.25 14.81 -16.32
C ILE C 54 -24.50 15.64 -15.28
N THR C 55 -24.71 16.96 -15.32
CA THR C 55 -24.04 17.88 -14.39
C THR C 55 -24.99 18.55 -13.41
N GLY C 56 -26.29 18.47 -13.69
CA GLY C 56 -27.26 19.10 -12.81
C GLY C 56 -27.55 20.54 -13.19
N GLU C 57 -26.83 21.06 -14.19
CA GLU C 57 -27.05 22.44 -14.62
C GLU C 57 -28.35 22.60 -15.41
N THR C 58 -28.95 23.77 -15.29
CA THR C 58 -30.18 24.09 -15.99
C THR C 58 -29.94 25.33 -16.84
N LEU C 59 -30.84 25.56 -17.80
CA LEU C 59 -30.73 26.73 -18.66
C LEU C 59 -30.84 28.01 -17.81
N ALA C 60 -31.81 28.05 -16.89
CA ALA C 60 -31.99 29.24 -16.07
C ALA C 60 -30.73 29.56 -15.27
N GLY C 61 -30.15 28.55 -14.63
CA GLY C 61 -28.94 28.77 -13.86
C GLY C 61 -27.76 29.18 -14.72
N THR C 62 -27.62 28.53 -15.88
CA THR C 62 -26.51 28.83 -16.79
C THR C 62 -26.60 30.28 -17.29
N LEU C 63 -27.81 30.73 -17.58
CA LEU C 63 -28.04 32.09 -18.05
C LEU C 63 -27.67 33.11 -16.97
N GLU C 64 -28.16 32.90 -15.75
CA GLU C 64 -27.85 33.82 -14.67
C GLU C 64 -26.34 33.85 -14.38
N THR C 65 -25.70 32.68 -14.44
CA THR C 65 -24.27 32.61 -14.18
C THR C 65 -23.50 33.32 -15.28
N ILE C 66 -23.87 33.07 -16.54
CA ILE C 66 -23.20 33.70 -17.67
C ILE C 66 -23.22 35.24 -17.55
N GLU C 67 -24.37 35.78 -17.16
CA GLU C 67 -24.48 37.23 -17.02
C GLU C 67 -23.54 37.76 -15.94
N LEU C 68 -23.44 37.04 -14.83
CA LEU C 68 -22.53 37.47 -13.77
C LEU C 68 -21.10 37.46 -14.31
N PHE C 69 -20.74 36.41 -15.04
CA PHE C 69 -19.41 36.32 -15.63
C PHE C 69 -19.21 37.51 -16.57
N GLY C 70 -20.20 37.73 -17.44
CA GLY C 70 -20.15 38.81 -18.41
C GLY C 70 -19.77 40.15 -17.81
N GLN C 71 -20.45 40.53 -16.73
CA GLN C 71 -20.16 41.81 -16.07
C GLN C 71 -18.72 41.88 -15.56
N ALA C 72 -18.23 40.76 -15.03
CA ALA C 72 -16.89 40.69 -14.46
C ALA C 72 -15.71 40.66 -15.41
N ILE C 73 -15.95 40.32 -16.68
CA ILE C 73 -14.85 40.25 -17.64
C ILE C 73 -14.78 41.43 -18.60
N ILE C 74 -15.67 42.40 -18.40
CA ILE C 74 -15.67 43.58 -19.25
C ILE C 74 -14.34 44.30 -19.07
N GLY C 75 -13.67 44.57 -20.18
CA GLY C 75 -12.40 45.28 -20.12
C GLY C 75 -11.18 44.38 -20.05
N LEU C 76 -11.40 43.07 -19.96
CA LEU C 76 -10.30 42.13 -19.89
C LEU C 76 -9.92 41.73 -21.31
N ASN C 77 -8.69 41.26 -21.49
CA ASN C 77 -8.23 40.83 -22.80
C ASN C 77 -8.60 39.36 -22.99
N PRO C 78 -9.28 39.02 -24.11
CA PRO C 78 -9.68 37.65 -24.39
C PRO C 78 -8.50 36.67 -24.40
N PHE C 79 -7.31 37.17 -24.68
CA PHE C 79 -6.12 36.34 -24.72
C PHE C 79 -5.68 35.93 -23.33
N ASN C 80 -6.07 36.71 -22.33
CA ASN C 80 -5.73 36.39 -20.95
C ASN C 80 -6.76 35.35 -20.50
N ILE C 81 -6.75 34.19 -21.15
CA ILE C 81 -7.69 33.13 -20.81
C ILE C 81 -7.42 32.67 -19.38
N GLU C 82 -6.18 32.83 -18.94
CA GLU C 82 -5.78 32.45 -17.58
C GLU C 82 -6.59 33.25 -16.55
N LYS C 83 -6.66 34.57 -16.72
CA LYS C 83 -7.41 35.39 -15.78
C LYS C 83 -8.93 35.21 -15.93
N ILE C 84 -9.39 35.05 -17.16
CA ILE C 84 -10.82 34.88 -17.39
C ILE C 84 -11.31 33.65 -16.61
N HIS C 85 -10.54 32.55 -16.64
CA HIS C 85 -10.96 31.38 -15.89
C HIS C 85 -10.78 31.60 -14.40
N GLU C 86 -9.82 32.45 -14.03
CA GLU C 86 -9.58 32.77 -12.63
C GLU C 86 -10.80 33.51 -12.11
N VAL C 87 -11.22 34.52 -12.85
CA VAL C 87 -12.37 35.33 -12.49
C VAL C 87 -13.65 34.51 -12.40
N MET C 88 -13.87 33.62 -13.37
CA MET C 88 -15.07 32.80 -13.36
C MET C 88 -15.07 31.83 -12.19
N ASP C 89 -13.94 31.18 -11.94
CA ASP C 89 -13.85 30.22 -10.84
C ASP C 89 -14.08 30.94 -9.51
N LYS C 90 -13.71 32.21 -9.44
CA LYS C 90 -13.89 33.00 -8.24
C LYS C 90 -15.38 33.30 -8.03
N ILE C 91 -16.11 33.50 -9.12
CA ILE C 91 -17.53 33.80 -9.02
C ILE C 91 -18.38 32.55 -8.71
N SER C 92 -18.09 31.45 -9.39
CA SER C 92 -18.84 30.23 -9.19
C SER C 92 -17.99 29.00 -8.89
N ALA C 93 -18.39 28.26 -7.87
CA ALA C 93 -17.66 27.05 -7.49
C ALA C 93 -17.95 25.91 -8.46
N PHE C 94 -19.02 26.03 -9.25
CA PHE C 94 -19.34 24.97 -10.20
C PHE C 94 -20.38 25.40 -11.25
N ALA C 95 -19.97 25.42 -12.51
CA ALA C 95 -20.85 25.79 -13.62
C ALA C 95 -20.09 25.66 -14.95
N PRO C 96 -19.71 24.43 -15.31
CA PRO C 96 -18.98 24.13 -16.55
C PRO C 96 -19.66 24.61 -17.84
N ALA C 97 -20.99 24.60 -17.88
CA ALA C 97 -21.71 25.05 -19.06
C ALA C 97 -21.54 26.56 -19.19
N ALA C 98 -21.73 27.28 -18.09
CA ALA C 98 -21.59 28.73 -18.09
C ALA C 98 -20.14 29.13 -18.40
N LYS C 99 -19.19 28.47 -17.76
CA LYS C 99 -17.78 28.76 -17.99
C LYS C 99 -17.36 28.44 -19.43
N ALA C 100 -17.85 27.33 -19.97
CA ALA C 100 -17.53 26.93 -21.33
C ALA C 100 -18.06 27.94 -22.34
N ALA C 101 -19.21 28.53 -22.04
CA ALA C 101 -19.84 29.52 -22.91
C ALA C 101 -18.91 30.73 -23.08
N ILE C 102 -18.40 31.24 -21.97
CA ILE C 102 -17.49 32.39 -21.99
C ILE C 102 -16.19 31.98 -22.67
N ASP C 103 -15.65 30.84 -22.23
CA ASP C 103 -14.41 30.28 -22.74
C ASP C 103 -14.40 30.20 -24.27
N ILE C 104 -15.36 29.48 -24.83
CA ILE C 104 -15.45 29.30 -26.28
C ILE C 104 -15.46 30.61 -27.06
N ALA C 105 -16.22 31.58 -26.59
CA ALA C 105 -16.29 32.87 -27.25
C ALA C 105 -14.93 33.56 -27.22
N CYS C 106 -14.19 33.38 -26.12
CA CYS C 106 -12.87 33.99 -26.00
C CYS C 106 -11.91 33.37 -27.00
N TYR C 107 -12.01 32.05 -27.21
CA TYR C 107 -11.13 31.39 -28.17
C TYR C 107 -11.52 31.78 -29.59
N ASP C 108 -12.80 32.06 -29.80
CA ASP C 108 -13.26 32.47 -31.13
C ASP C 108 -12.64 33.84 -31.41
N LEU C 109 -12.69 34.72 -30.42
CA LEU C 109 -12.11 36.06 -30.55
C LEU C 109 -10.62 35.98 -30.81
N MET C 110 -9.92 35.16 -30.04
CA MET C 110 -8.49 35.00 -30.22
C MET C 110 -8.20 34.62 -31.68
N GLY C 111 -8.95 33.64 -32.18
CA GLY C 111 -8.75 33.20 -33.55
C GLY C 111 -8.99 34.30 -34.55
N GLN C 112 -10.00 35.12 -34.29
CA GLN C 112 -10.33 36.22 -35.19
C GLN C 112 -9.28 37.31 -35.14
N LYS C 113 -8.78 37.61 -33.95
CA LYS C 113 -7.76 38.64 -33.80
C LYS C 113 -6.47 38.20 -34.48
N ALA C 114 -6.17 36.91 -34.39
CA ALA C 114 -4.96 36.37 -35.00
C ALA C 114 -5.16 36.03 -36.46
N GLN C 115 -6.42 36.06 -36.91
CA GLN C 115 -6.76 35.75 -38.29
C GLN C 115 -6.34 34.33 -38.64
N LEU C 116 -6.72 33.39 -37.79
CA LEU C 116 -6.38 31.99 -38.00
C LEU C 116 -7.54 31.10 -37.56
N PRO C 117 -7.68 29.93 -38.20
CA PRO C 117 -8.75 29.02 -37.82
C PRO C 117 -8.42 28.59 -36.38
N LEU C 118 -9.41 28.49 -35.51
CA LEU C 118 -9.16 28.12 -34.12
C LEU C 118 -8.24 26.91 -33.93
N TYR C 119 -8.35 25.92 -34.81
CA TYR C 119 -7.51 24.72 -34.68
C TYR C 119 -6.01 24.96 -34.83
N GLN C 120 -5.61 26.11 -35.36
CA GLN C 120 -4.19 26.41 -35.52
C GLN C 120 -3.63 26.97 -34.22
N LEU C 121 -4.52 27.44 -33.35
CA LEU C 121 -4.08 27.98 -32.06
C LEU C 121 -4.14 26.88 -31.01
N LEU C 122 -4.70 25.73 -31.37
CA LEU C 122 -4.84 24.64 -30.43
C LEU C 122 -3.98 23.40 -30.70
N GLY C 123 -2.96 23.55 -31.55
CA GLY C 123 -2.10 22.42 -31.84
C GLY C 123 -1.91 22.12 -33.32
N GLY C 124 -2.84 22.59 -34.15
CA GLY C 124 -2.77 22.38 -35.59
C GLY C 124 -2.37 21.03 -36.15
N TYR C 125 -2.72 19.93 -35.48
CA TYR C 125 -2.36 18.61 -35.99
C TYR C 125 -3.14 18.22 -37.23
N ASP C 126 -4.40 18.66 -37.30
CA ASP C 126 -5.25 18.34 -38.45
C ASP C 126 -6.27 19.47 -38.63
N ASN C 127 -6.95 19.47 -39.77
CA ASN C 127 -7.95 20.50 -40.06
C ASN C 127 -9.33 19.91 -40.29
N GLN C 128 -9.53 18.70 -39.77
CA GLN C 128 -10.81 18.02 -39.92
C GLN C 128 -10.88 16.90 -38.88
N VAL C 129 -12.06 16.30 -38.74
CA VAL C 129 -12.24 15.21 -37.79
C VAL C 129 -13.38 14.31 -38.23
N ILE C 130 -13.24 13.02 -37.96
CA ILE C 130 -14.26 12.04 -38.29
C ILE C 130 -14.99 11.65 -37.02
N THR C 131 -16.32 11.72 -37.05
CA THR C 131 -17.11 11.37 -35.87
C THR C 131 -18.02 10.17 -36.06
N ASP C 132 -18.30 9.48 -34.97
CA ASP C 132 -19.21 8.36 -35.01
C ASP C 132 -20.59 9.02 -34.93
N ILE C 133 -21.62 8.20 -34.74
CA ILE C 133 -22.98 8.69 -34.57
C ILE C 133 -23.58 7.77 -33.53
N THR C 134 -24.28 8.35 -32.56
CA THR C 134 -24.89 7.57 -31.49
C THR C 134 -26.31 7.09 -31.79
N LEU C 135 -26.61 5.86 -31.39
CA LEU C 135 -27.94 5.29 -31.55
C LEU C 135 -28.57 5.26 -30.15
N GLY C 136 -29.66 5.99 -29.98
CA GLY C 136 -30.33 6.02 -28.69
C GLY C 136 -30.90 4.65 -28.37
N ILE C 137 -31.25 4.45 -27.11
CA ILE C 137 -31.82 3.18 -26.67
C ILE C 137 -33.18 2.91 -27.29
N ASP C 138 -33.36 1.67 -27.78
CA ASP C 138 -34.62 1.25 -28.38
C ASP C 138 -34.59 -0.26 -28.52
N GLU C 139 -35.67 -0.85 -29.05
CA GLU C 139 -35.71 -2.28 -29.22
C GLU C 139 -34.58 -2.72 -30.13
N PRO C 140 -34.00 -3.90 -29.88
CA PRO C 140 -32.90 -4.43 -30.67
C PRO C 140 -33.16 -4.31 -32.17
N ASN C 141 -34.35 -4.73 -32.58
CA ASN C 141 -34.75 -4.67 -33.98
C ASN C 141 -34.70 -3.23 -34.49
N VAL C 142 -35.28 -2.31 -33.73
CA VAL C 142 -35.30 -0.90 -34.10
C VAL C 142 -33.89 -0.31 -34.21
N MET C 143 -33.03 -0.65 -33.26
CA MET C 143 -31.66 -0.13 -33.27
C MET C 143 -30.91 -0.70 -34.47
N ALA C 144 -31.13 -1.99 -34.75
CA ALA C 144 -30.47 -2.64 -35.88
C ALA C 144 -30.79 -1.89 -37.17
N GLN C 145 -32.07 -1.60 -37.38
CA GLN C 145 -32.53 -0.87 -38.57
C GLN C 145 -31.84 0.49 -38.68
N LYS C 146 -31.89 1.26 -37.60
CA LYS C 146 -31.27 2.57 -37.55
C LYS C 146 -29.79 2.46 -37.92
N ALA C 147 -29.16 1.39 -37.44
CA ALA C 147 -27.74 1.14 -37.68
C ALA C 147 -27.43 1.11 -39.18
N VAL C 148 -28.26 0.38 -39.93
CA VAL C 148 -28.05 0.28 -41.37
C VAL C 148 -28.27 1.65 -42.01
N GLU C 149 -29.27 2.37 -41.51
CA GLU C 149 -29.58 3.70 -42.04
C GLU C 149 -28.38 4.63 -41.87
N LYS C 150 -27.79 4.63 -40.68
CA LYS C 150 -26.63 5.47 -40.40
C LYS C 150 -25.41 5.05 -41.21
N VAL C 151 -25.26 3.74 -41.41
CA VAL C 151 -24.14 3.22 -42.19
C VAL C 151 -24.22 3.69 -43.64
N LYS C 152 -25.44 3.71 -44.18
CA LYS C 152 -25.64 4.16 -45.55
C LYS C 152 -25.16 5.60 -45.71
N LEU C 153 -25.29 6.38 -44.64
CA LEU C 153 -24.88 7.78 -44.65
C LEU C 153 -23.37 7.94 -44.67
N GLY C 154 -22.65 6.82 -44.58
CA GLY C 154 -21.19 6.88 -44.61
C GLY C 154 -20.50 6.67 -43.27
N PHE C 155 -21.25 6.29 -42.24
CA PHE C 155 -20.69 6.07 -40.92
C PHE C 155 -20.06 4.69 -40.74
N ASP C 156 -18.79 4.68 -40.33
CA ASP C 156 -18.04 3.43 -40.11
C ASP C 156 -18.01 3.06 -38.64
N THR C 157 -18.32 4.02 -37.78
CA THR C 157 -18.32 3.80 -36.35
C THR C 157 -19.66 4.20 -35.72
N LEU C 158 -20.25 3.29 -34.96
CA LEU C 158 -21.53 3.56 -34.31
C LEU C 158 -21.41 3.46 -32.80
N LYS C 159 -21.95 4.44 -32.09
CA LYS C 159 -21.93 4.44 -30.64
C LYS C 159 -23.29 3.89 -30.21
N ILE C 160 -23.28 2.75 -29.52
CA ILE C 160 -24.52 2.13 -29.10
C ILE C 160 -24.89 2.38 -27.66
N LYS C 161 -26.04 3.03 -27.45
CA LYS C 161 -26.53 3.32 -26.12
C LYS C 161 -27.23 2.09 -25.55
N VAL C 162 -26.94 1.76 -24.30
CA VAL C 162 -27.55 0.62 -23.62
C VAL C 162 -27.71 0.94 -22.14
N GLY C 163 -28.37 0.05 -21.41
CA GLY C 163 -28.52 0.27 -19.98
C GLY C 163 -29.86 -0.02 -19.36
N THR C 164 -30.69 -0.85 -19.98
CA THR C 164 -31.99 -1.16 -19.41
C THR C 164 -31.94 -2.51 -18.68
N GLY C 165 -30.89 -3.28 -18.96
CA GLY C 165 -30.69 -4.58 -18.34
C GLY C 165 -29.74 -5.36 -19.23
N ILE C 166 -28.67 -5.92 -18.66
CA ILE C 166 -27.69 -6.63 -19.47
C ILE C 166 -28.32 -7.63 -20.45
N GLU C 167 -29.36 -8.34 -20.03
CA GLU C 167 -30.02 -9.30 -20.89
C GLU C 167 -30.48 -8.61 -22.17
N ALA C 168 -31.22 -7.51 -22.01
CA ALA C 168 -31.73 -6.75 -23.14
C ALA C 168 -30.62 -5.98 -23.85
N ASP C 169 -29.62 -5.53 -23.09
CA ASP C 169 -28.52 -4.78 -23.69
C ASP C 169 -27.72 -5.68 -24.61
N ILE C 170 -27.51 -6.92 -24.18
CA ILE C 170 -26.76 -7.87 -24.99
C ILE C 170 -27.53 -8.14 -26.29
N ALA C 171 -28.85 -8.22 -26.19
CA ALA C 171 -29.68 -8.49 -27.37
C ALA C 171 -29.58 -7.35 -28.39
N ARG C 172 -29.46 -6.13 -27.88
CA ARG C 172 -29.35 -4.96 -28.75
C ARG C 172 -28.06 -5.01 -29.56
N VAL C 173 -26.94 -5.22 -28.86
CA VAL C 173 -25.64 -5.28 -29.51
C VAL C 173 -25.56 -6.43 -30.52
N LYS C 174 -26.16 -7.57 -30.18
CA LYS C 174 -26.14 -8.71 -31.07
C LYS C 174 -26.89 -8.45 -32.38
N ALA C 175 -28.08 -7.87 -32.26
CA ALA C 175 -28.89 -7.56 -33.44
C ALA C 175 -28.19 -6.54 -34.34
N ILE C 176 -27.60 -5.52 -33.72
CA ILE C 176 -26.92 -4.48 -34.47
C ILE C 176 -25.72 -5.05 -35.24
N ARG C 177 -24.91 -5.87 -34.56
CA ARG C 177 -23.75 -6.46 -35.21
C ARG C 177 -24.17 -7.37 -36.36
N GLU C 178 -25.24 -8.14 -36.17
CA GLU C 178 -25.71 -9.03 -37.22
C GLU C 178 -26.17 -8.21 -38.42
N ALA C 179 -26.81 -7.08 -38.14
CA ALA C 179 -27.32 -6.19 -39.17
C ALA C 179 -26.26 -5.50 -40.03
N VAL C 180 -25.20 -4.98 -39.40
CA VAL C 180 -24.17 -4.26 -40.15
C VAL C 180 -22.88 -5.02 -40.49
N GLY C 181 -22.68 -6.20 -39.92
CA GLY C 181 -21.46 -6.94 -40.22
C GLY C 181 -20.28 -6.47 -39.38
N PHE C 182 -19.13 -7.09 -39.59
CA PHE C 182 -17.93 -6.76 -38.81
C PHE C 182 -17.02 -5.65 -39.35
N ASP C 183 -17.46 -4.97 -40.41
CA ASP C 183 -16.66 -3.89 -40.96
C ASP C 183 -16.94 -2.61 -40.18
N ILE C 184 -18.10 -2.59 -39.52
CA ILE C 184 -18.53 -1.44 -38.74
C ILE C 184 -17.97 -1.49 -37.32
N LYS C 185 -17.36 -0.39 -36.90
CA LYS C 185 -16.78 -0.28 -35.57
C LYS C 185 -17.88 0.01 -34.56
N LEU C 186 -17.99 -0.81 -33.52
CA LEU C 186 -19.03 -0.60 -32.53
C LEU C 186 -18.51 -0.32 -31.13
N ARG C 187 -18.86 0.84 -30.58
CA ARG C 187 -18.47 1.19 -29.23
C ARG C 187 -19.79 1.30 -28.46
N LEU C 188 -19.77 0.87 -27.20
CA LEU C 188 -20.97 0.91 -26.37
C LEU C 188 -20.89 2.00 -25.30
N ASP C 189 -22.05 2.39 -24.77
CA ASP C 189 -22.11 3.39 -23.72
C ASP C 189 -23.30 3.03 -22.83
N ALA C 190 -23.01 2.53 -21.62
CA ALA C 190 -24.07 2.14 -20.69
C ALA C 190 -24.53 3.29 -19.78
N ASN C 191 -23.85 4.43 -19.88
CA ASN C 191 -24.20 5.57 -19.05
C ASN C 191 -24.45 5.19 -17.59
N GLN C 192 -23.49 4.48 -16.98
CA GLN C 192 -23.56 4.11 -15.56
C GLN C 192 -24.60 3.08 -15.16
N ALA C 193 -25.22 2.40 -16.13
CA ALA C 193 -26.29 1.45 -15.85
C ALA C 193 -25.96 0.10 -15.20
N TRP C 194 -24.73 -0.36 -15.33
CA TRP C 194 -24.39 -1.68 -14.78
C TRP C 194 -23.57 -1.69 -13.51
N THR C 195 -23.68 -2.79 -12.77
CA THR C 195 -22.89 -2.99 -11.56
C THR C 195 -21.57 -3.49 -12.13
N PRO C 196 -20.47 -3.40 -11.38
CA PRO C 196 -19.17 -3.87 -11.88
C PRO C 196 -19.18 -5.31 -12.38
N LYS C 197 -19.71 -6.23 -11.58
CA LYS C 197 -19.71 -7.61 -12.02
C LYS C 197 -20.63 -7.89 -13.21
N ASP C 198 -21.76 -7.19 -13.28
CA ASP C 198 -22.69 -7.36 -14.39
C ASP C 198 -22.04 -6.81 -15.66
N ALA C 199 -21.28 -5.74 -15.50
CA ALA C 199 -20.59 -5.11 -16.63
C ALA C 199 -19.58 -6.11 -17.20
N VAL C 200 -18.86 -6.79 -16.32
CA VAL C 200 -17.89 -7.78 -16.75
C VAL C 200 -18.62 -8.92 -17.48
N LYS C 201 -19.72 -9.38 -16.89
CA LYS C 201 -20.49 -10.47 -17.49
C LYS C 201 -20.95 -10.10 -18.91
N ALA C 202 -21.53 -8.92 -19.06
CA ALA C 202 -22.01 -8.47 -20.36
C ALA C 202 -20.89 -8.36 -21.39
N ILE C 203 -19.79 -7.73 -20.99
CA ILE C 203 -18.66 -7.55 -21.89
C ILE C 203 -18.09 -8.89 -22.36
N GLN C 204 -18.04 -9.87 -21.46
CA GLN C 204 -17.53 -11.19 -21.81
C GLN C 204 -18.51 -11.87 -22.76
N ALA C 205 -19.81 -11.69 -22.50
CA ALA C 205 -20.83 -12.28 -23.34
C ALA C 205 -20.78 -11.69 -24.75
N LEU C 206 -20.18 -10.50 -24.88
CA LEU C 206 -20.08 -9.84 -26.18
C LEU C 206 -18.72 -9.98 -26.84
N ALA C 207 -17.90 -10.90 -26.33
CA ALA C 207 -16.56 -11.12 -26.86
C ALA C 207 -16.55 -11.37 -28.37
N ASP C 208 -17.37 -12.31 -28.83
CA ASP C 208 -17.44 -12.65 -30.25
C ASP C 208 -17.90 -11.52 -31.15
N TYR C 209 -18.52 -10.50 -30.57
CA TYR C 209 -19.06 -9.40 -31.35
C TYR C 209 -18.11 -8.24 -31.64
N GLN C 210 -16.82 -8.43 -31.36
CA GLN C 210 -15.81 -7.42 -31.65
C GLN C 210 -16.21 -5.99 -31.22
N ILE C 211 -16.38 -5.80 -29.92
CA ILE C 211 -16.74 -4.49 -29.37
C ILE C 211 -15.48 -3.64 -29.24
N GLU C 212 -15.45 -2.48 -29.87
CA GLU C 212 -14.28 -1.61 -29.79
C GLU C 212 -14.00 -1.16 -28.36
N LEU C 213 -15.04 -0.72 -27.65
CA LEU C 213 -14.87 -0.26 -26.28
C LEU C 213 -16.22 -0.06 -25.59
N VAL C 214 -16.16 0.03 -24.26
CA VAL C 214 -17.37 0.24 -23.47
C VAL C 214 -17.16 1.50 -22.65
N GLU C 215 -18.11 2.41 -22.76
CA GLU C 215 -18.06 3.70 -22.08
C GLU C 215 -18.86 3.72 -20.76
N GLN C 216 -18.22 4.25 -19.73
CA GLN C 216 -18.81 4.39 -18.39
C GLN C 216 -19.83 3.30 -18.04
N PRO C 217 -19.36 2.07 -17.81
CA PRO C 217 -20.25 0.96 -17.48
C PRO C 217 -20.90 1.06 -16.09
N VAL C 218 -20.19 1.67 -15.14
CA VAL C 218 -20.68 1.78 -13.76
C VAL C 218 -20.89 3.23 -13.32
N LYS C 219 -21.50 3.41 -12.15
CA LYS C 219 -21.76 4.76 -11.62
C LYS C 219 -20.50 5.63 -11.57
N ARG C 220 -20.69 6.93 -11.82
CA ARG C 220 -19.60 7.88 -11.87
C ARG C 220 -18.73 7.97 -10.61
N ARG C 221 -19.34 7.81 -9.43
CA ARG C 221 -18.60 7.89 -8.17
C ARG C 221 -17.94 6.57 -7.76
N ASP C 222 -18.29 5.47 -8.39
CA ASP C 222 -17.73 4.18 -8.06
C ASP C 222 -16.44 3.92 -8.85
N LEU C 223 -15.37 4.61 -8.48
CA LEU C 223 -14.08 4.48 -9.16
C LEU C 223 -13.43 3.11 -8.94
N GLU C 224 -13.67 2.51 -7.79
CA GLU C 224 -13.10 1.20 -7.53
C GLU C 224 -13.77 0.19 -8.45
N GLY C 225 -15.07 0.36 -8.64
CA GLY C 225 -15.82 -0.55 -9.49
C GLY C 225 -15.48 -0.38 -10.95
N LEU C 226 -15.24 0.86 -11.36
CA LEU C 226 -14.89 1.13 -12.73
C LEU C 226 -13.52 0.52 -13.02
N LYS C 227 -12.60 0.67 -12.05
CA LYS C 227 -11.27 0.10 -12.20
C LYS C 227 -11.34 -1.43 -12.24
N TYR C 228 -12.30 -1.99 -11.51
CA TYR C 228 -12.47 -3.44 -11.50
C TYR C 228 -12.81 -3.91 -12.92
N VAL C 229 -13.76 -3.21 -13.55
CA VAL C 229 -14.18 -3.57 -14.90
C VAL C 229 -12.97 -3.54 -15.84
N THR C 230 -12.26 -2.42 -15.83
CA THR C 230 -11.09 -2.22 -16.67
C THR C 230 -10.03 -3.33 -16.51
N SER C 231 -9.78 -3.73 -15.27
CA SER C 231 -8.78 -4.75 -14.99
C SER C 231 -9.30 -6.18 -15.11
N GLN C 232 -10.58 -6.34 -15.42
CA GLN C 232 -11.15 -7.68 -15.56
C GLN C 232 -11.44 -8.12 -16.99
N VAL C 233 -11.34 -7.19 -17.94
CA VAL C 233 -11.61 -7.53 -19.33
C VAL C 233 -10.56 -6.93 -20.24
N ASN C 234 -10.31 -7.58 -21.38
CA ASN C 234 -9.32 -7.08 -22.32
C ASN C 234 -9.91 -5.92 -23.13
N THR C 235 -11.24 -5.84 -23.16
CA THR C 235 -11.92 -4.78 -23.88
C THR C 235 -11.52 -3.41 -23.33
N THR C 236 -11.41 -2.43 -24.21
CA THR C 236 -11.05 -1.08 -23.80
C THR C 236 -12.21 -0.44 -23.03
N ILE C 237 -11.89 0.17 -21.88
CA ILE C 237 -12.90 0.82 -21.06
C ILE C 237 -12.68 2.34 -21.01
N MET C 238 -13.75 3.09 -21.23
CA MET C 238 -13.68 4.54 -21.23
C MET C 238 -14.49 5.17 -20.12
N ALA C 239 -13.95 6.25 -19.56
CA ALA C 239 -14.62 6.99 -18.51
C ALA C 239 -15.29 8.22 -19.13
N ASP C 240 -16.50 8.54 -18.69
CA ASP C 240 -17.21 9.72 -19.18
C ASP C 240 -17.66 10.53 -17.98
N GLU C 241 -18.78 10.14 -17.38
CA GLU C 241 -19.28 10.87 -16.22
C GLU C 241 -18.30 10.89 -15.04
N SER C 242 -17.42 9.90 -14.97
CA SER C 242 -16.43 9.83 -13.89
C SER C 242 -15.32 10.89 -14.04
N CYS C 243 -15.29 11.56 -15.17
CA CYS C 243 -14.28 12.60 -15.40
C CYS C 243 -14.85 13.88 -15.99
N PHE C 244 -14.92 14.92 -15.17
CA PHE C 244 -15.43 16.21 -15.62
C PHE C 244 -14.27 17.15 -15.97
N ASP C 245 -13.33 17.31 -15.03
CA ASP C 245 -12.20 18.22 -15.23
C ASP C 245 -10.80 17.62 -15.12
N ALA C 246 -9.80 18.49 -15.10
CA ALA C 246 -8.39 18.09 -15.03
C ALA C 246 -8.06 17.34 -13.74
N GLN C 247 -8.64 17.80 -12.62
CA GLN C 247 -8.39 17.15 -11.34
C GLN C 247 -8.95 15.74 -11.31
N ASP C 248 -10.08 15.52 -12.00
CA ASP C 248 -10.66 14.17 -12.07
C ASP C 248 -9.72 13.32 -12.92
N ALA C 249 -9.30 13.88 -14.04
CA ALA C 249 -8.41 13.17 -14.96
C ALA C 249 -7.17 12.71 -14.22
N LEU C 250 -6.60 13.62 -13.42
CA LEU C 250 -5.41 13.30 -12.65
C LEU C 250 -5.68 12.15 -11.68
N GLU C 251 -6.81 12.19 -11.00
CA GLU C 251 -7.14 11.13 -10.07
C GLU C 251 -7.27 9.79 -10.80
N LEU C 252 -7.93 9.79 -11.95
CA LEU C 252 -8.11 8.57 -12.73
C LEU C 252 -6.76 8.00 -13.18
N VAL C 253 -5.83 8.86 -13.55
CA VAL C 253 -4.51 8.39 -13.99
C VAL C 253 -3.71 7.83 -12.82
N LYS C 254 -3.80 8.47 -11.66
CA LYS C 254 -3.07 8.00 -10.49
C LYS C 254 -3.54 6.60 -10.09
N LYS C 255 -4.84 6.35 -10.24
CA LYS C 255 -5.40 5.06 -9.86
C LYS C 255 -5.48 4.03 -10.99
N GLY C 256 -5.18 4.44 -12.22
CA GLY C 256 -5.25 3.52 -13.34
C GLY C 256 -6.67 2.97 -13.50
N THR C 257 -7.64 3.86 -13.34
CA THR C 257 -9.05 3.52 -13.43
C THR C 257 -9.60 3.05 -14.78
N VAL C 258 -9.20 3.72 -15.86
CA VAL C 258 -9.70 3.37 -17.20
C VAL C 258 -8.59 3.37 -18.26
N ASP C 259 -8.96 3.05 -19.50
CA ASP C 259 -8.02 3.02 -20.63
C ASP C 259 -8.11 4.28 -21.49
N VAL C 260 -9.29 4.88 -21.55
CA VAL C 260 -9.53 6.06 -22.36
C VAL C 260 -10.48 7.00 -21.63
N ILE C 261 -10.39 8.30 -21.93
CA ILE C 261 -11.24 9.28 -21.28
C ILE C 261 -12.01 10.16 -22.26
N ASN C 262 -13.31 10.31 -22.00
CA ASN C 262 -14.19 11.13 -22.83
C ASN C 262 -14.16 12.56 -22.32
N ILE C 263 -13.73 13.49 -23.19
CA ILE C 263 -13.67 14.91 -22.85
C ILE C 263 -14.89 15.64 -23.42
N LYS C 264 -15.50 16.48 -22.60
CA LYS C 264 -16.65 17.27 -23.03
C LYS C 264 -16.45 18.70 -22.54
N LEU C 265 -16.47 19.66 -23.47
CA LEU C 265 -16.28 21.05 -23.09
C LEU C 265 -17.32 21.44 -22.04
N MET C 266 -18.52 20.90 -22.16
CA MET C 266 -19.60 21.21 -21.22
C MET C 266 -19.40 20.55 -19.86
N LYS C 267 -18.42 19.64 -19.76
CA LYS C 267 -18.12 18.97 -18.49
C LYS C 267 -16.99 19.66 -17.75
N CYS C 268 -15.98 20.08 -18.51
CA CYS C 268 -14.79 20.73 -17.94
C CYS C 268 -14.83 22.24 -17.89
N GLY C 269 -15.79 22.86 -18.56
CA GLY C 269 -15.85 24.30 -18.54
C GLY C 269 -15.06 25.01 -19.63
N GLY C 270 -14.92 24.37 -20.79
CA GLY C 270 -14.20 25.02 -21.87
C GLY C 270 -12.93 24.41 -22.42
N ILE C 271 -12.45 25.02 -23.49
CA ILE C 271 -11.23 24.60 -24.18
C ILE C 271 -9.99 24.66 -23.29
N HIS C 272 -9.91 25.68 -22.44
CA HIS C 272 -8.76 25.84 -21.56
C HIS C 272 -8.57 24.61 -20.66
N GLU C 273 -9.66 24.13 -20.04
CA GLU C 273 -9.58 22.96 -19.18
C GLU C 273 -9.43 21.67 -19.97
N ALA C 274 -10.11 21.59 -21.12
CA ALA C 274 -10.03 20.41 -21.95
C ALA C 274 -8.59 20.14 -22.35
N LEU C 275 -7.86 21.21 -22.63
CA LEU C 275 -6.46 21.07 -23.01
C LEU C 275 -5.68 20.45 -21.89
N LYS C 276 -5.99 20.83 -20.65
CA LYS C 276 -5.29 20.26 -19.49
C LYS C 276 -5.56 18.76 -19.42
N ILE C 277 -6.85 18.39 -19.51
CA ILE C 277 -7.23 16.98 -19.46
C ILE C 277 -6.47 16.17 -20.49
N ASN C 278 -6.48 16.62 -21.75
CA ASN C 278 -5.77 15.89 -22.80
C ASN C 278 -4.26 15.78 -22.56
N GLN C 279 -3.65 16.84 -22.04
CA GLN C 279 -2.21 16.80 -21.80
C GLN C 279 -1.87 15.84 -20.65
N ILE C 280 -2.76 15.76 -19.67
CA ILE C 280 -2.59 14.86 -18.53
C ILE C 280 -2.72 13.41 -19.00
N CYS C 281 -3.73 13.15 -19.83
CA CYS C 281 -3.96 11.80 -20.34
C CYS C 281 -2.81 11.35 -21.25
N GLU C 282 -2.45 12.21 -22.21
CA GLU C 282 -1.38 11.91 -23.15
C GLU C 282 -0.09 11.56 -22.41
N THR C 283 0.20 12.29 -21.34
CA THR C 283 1.39 12.05 -20.54
C THR C 283 1.31 10.67 -19.90
N ALA C 284 0.09 10.25 -19.53
CA ALA C 284 -0.11 8.96 -18.90
C ALA C 284 -0.35 7.84 -19.90
N GLY C 285 -0.42 8.16 -21.19
CA GLY C 285 -0.63 7.13 -22.20
C GLY C 285 -2.10 6.75 -22.36
N ILE C 286 -2.98 7.67 -22.02
CA ILE C 286 -4.42 7.46 -22.13
C ILE C 286 -4.93 8.34 -23.27
N GLU C 287 -5.51 7.72 -24.30
CA GLU C 287 -6.03 8.51 -25.41
C GLU C 287 -7.36 9.11 -24.99
N CYS C 288 -7.81 10.15 -25.68
CA CYS C 288 -9.05 10.81 -25.36
C CYS C 288 -10.03 10.83 -26.51
N MET C 289 -11.32 10.92 -26.17
CA MET C 289 -12.36 11.01 -27.17
C MET C 289 -13.16 12.26 -26.87
N ILE C 290 -13.32 13.12 -27.88
CA ILE C 290 -14.08 14.34 -27.67
C ILE C 290 -15.55 13.95 -27.84
N GLY C 291 -16.39 14.42 -26.92
CA GLY C 291 -17.80 14.09 -26.98
C GLY C 291 -18.68 15.32 -26.93
N CYS C 292 -19.97 15.12 -26.68
CA CYS C 292 -20.89 16.24 -26.63
C CYS C 292 -22.15 15.93 -25.86
N MET C 293 -22.86 16.99 -25.50
CA MET C 293 -24.14 16.87 -24.81
C MET C 293 -25.18 16.91 -25.93
N ALA C 294 -26.36 16.34 -25.69
CA ALA C 294 -27.39 16.36 -26.72
C ALA C 294 -28.01 17.76 -26.75
N GLU C 295 -27.78 18.53 -25.69
CA GLU C 295 -28.31 19.88 -25.58
C GLU C 295 -27.49 20.98 -26.24
N GLU C 296 -26.29 20.66 -26.73
CA GLU C 296 -25.50 21.70 -27.38
C GLU C 296 -25.69 21.65 -28.88
N THR C 297 -25.34 22.75 -29.54
CA THR C 297 -25.54 22.84 -30.97
C THR C 297 -24.28 23.22 -31.74
N THR C 298 -24.48 23.88 -32.87
CA THR C 298 -23.41 24.30 -33.77
C THR C 298 -22.16 24.91 -33.11
N ILE C 299 -22.36 25.82 -32.17
CA ILE C 299 -21.23 26.45 -31.50
C ILE C 299 -20.40 25.44 -30.70
N GLY C 300 -21.05 24.74 -29.77
CA GLY C 300 -20.34 23.76 -28.97
C GLY C 300 -19.65 22.71 -29.83
N ILE C 301 -20.39 22.15 -30.78
CA ILE C 301 -19.83 21.14 -31.65
C ILE C 301 -18.65 21.66 -32.48
N THR C 302 -18.76 22.89 -32.98
CA THR C 302 -17.68 23.46 -33.78
C THR C 302 -16.43 23.70 -32.93
N ALA C 303 -16.60 24.29 -31.75
CA ALA C 303 -15.45 24.53 -30.88
C ALA C 303 -14.77 23.19 -30.59
N ALA C 304 -15.57 22.17 -30.26
CA ALA C 304 -15.04 20.85 -29.95
C ALA C 304 -14.36 20.20 -31.15
N ALA C 305 -14.88 20.44 -32.35
CA ALA C 305 -14.28 19.87 -33.54
C ALA C 305 -12.88 20.46 -33.77
N HIS C 306 -12.72 21.75 -33.54
CA HIS C 306 -11.42 22.40 -33.72
C HIS C 306 -10.37 21.84 -32.77
N LEU C 307 -10.78 21.61 -31.52
CA LEU C 307 -9.88 21.08 -30.51
C LEU C 307 -9.44 19.66 -30.87
N ALA C 308 -10.39 18.81 -31.26
CA ALA C 308 -10.09 17.43 -31.61
C ALA C 308 -9.15 17.35 -32.82
N ALA C 309 -9.39 18.19 -33.81
CA ALA C 309 -8.55 18.22 -35.00
C ALA C 309 -7.15 18.67 -34.64
N ALA C 310 -7.07 19.66 -33.77
CA ALA C 310 -5.78 20.23 -33.36
C ALA C 310 -4.93 19.35 -32.44
N GLN C 311 -5.58 18.48 -31.66
CA GLN C 311 -4.87 17.62 -30.72
C GLN C 311 -4.71 16.17 -31.14
N LYS C 312 -3.46 15.74 -31.22
CA LYS C 312 -3.14 14.37 -31.60
C LYS C 312 -3.72 13.31 -30.67
N ASN C 313 -3.61 13.53 -29.36
CA ASN C 313 -4.11 12.54 -28.40
C ASN C 313 -5.63 12.39 -28.39
N ILE C 314 -6.35 13.32 -29.01
CA ILE C 314 -7.80 13.18 -29.09
C ILE C 314 -8.01 12.38 -30.38
N THR C 315 -7.92 11.06 -30.20
CA THR C 315 -8.01 10.09 -31.28
C THR C 315 -9.41 9.59 -31.68
N ARG C 316 -10.42 9.97 -30.92
CA ARG C 316 -11.79 9.56 -31.24
C ARG C 316 -12.69 10.77 -31.14
N ALA C 317 -13.82 10.73 -31.85
CA ALA C 317 -14.76 11.83 -31.80
C ALA C 317 -16.21 11.38 -31.81
N ASP C 318 -16.97 11.97 -30.90
CA ASP C 318 -18.39 11.68 -30.78
C ASP C 318 -19.07 13.05 -30.75
N LEU C 319 -19.14 13.65 -31.94
CA LEU C 319 -19.72 14.96 -32.12
C LEU C 319 -20.87 14.85 -33.13
N ASP C 320 -21.99 14.32 -32.65
CA ASP C 320 -23.16 14.08 -33.48
C ASP C 320 -24.38 14.87 -33.00
N ALA C 321 -24.13 15.90 -32.20
CA ALA C 321 -25.22 16.69 -31.64
C ALA C 321 -26.04 17.46 -32.66
N THR C 322 -25.40 18.01 -33.69
CA THR C 322 -26.13 18.78 -34.69
C THR C 322 -27.01 17.93 -35.60
N PHE C 323 -26.72 16.63 -35.70
CA PHE C 323 -27.50 15.76 -36.59
C PHE C 323 -28.96 15.63 -36.19
N GLY C 324 -29.24 15.75 -34.89
CA GLY C 324 -30.61 15.64 -34.43
C GLY C 324 -31.34 16.96 -34.35
N LEU C 325 -30.63 18.05 -34.66
CA LEU C 325 -31.24 19.38 -34.60
C LEU C 325 -32.15 19.64 -35.80
N GLU C 326 -33.23 20.37 -35.56
CA GLU C 326 -34.15 20.70 -36.63
C GLU C 326 -33.69 21.97 -37.32
N THR C 327 -33.02 22.84 -36.57
CA THR C 327 -32.50 24.08 -37.11
C THR C 327 -31.24 24.50 -36.35
N ALA C 328 -30.46 25.39 -36.96
CA ALA C 328 -29.23 25.88 -36.34
C ALA C 328 -29.56 27.22 -35.71
N PRO C 329 -29.05 27.48 -34.50
CA PRO C 329 -29.31 28.76 -33.83
C PRO C 329 -28.35 29.84 -34.33
N VAL C 330 -27.43 29.42 -35.19
CA VAL C 330 -26.41 30.31 -35.72
C VAL C 330 -26.02 29.95 -37.16
N THR C 331 -25.30 30.85 -37.81
CA THR C 331 -24.86 30.63 -39.19
C THR C 331 -23.40 30.19 -39.23
N GLY C 332 -23.10 29.24 -40.12
CA GLY C 332 -21.74 28.76 -40.27
C GLY C 332 -21.41 27.64 -39.30
N GLY C 333 -20.14 27.24 -39.26
CA GLY C 333 -19.71 26.18 -38.37
C GLY C 333 -20.12 24.80 -38.83
N VAL C 334 -19.94 23.81 -37.97
CA VAL C 334 -20.30 22.43 -38.31
C VAL C 334 -21.76 22.40 -38.74
N SER C 335 -22.02 21.68 -39.83
CA SER C 335 -23.35 21.55 -40.42
C SER C 335 -24.31 20.60 -39.72
N LEU C 336 -25.60 20.80 -39.95
CA LEU C 336 -26.65 19.96 -39.36
C LEU C 336 -26.72 18.63 -40.09
N GLU C 337 -26.05 18.54 -41.23
CA GLU C 337 -26.05 17.32 -42.03
C GLU C 337 -25.43 16.15 -41.27
N ALA C 338 -26.11 15.00 -41.32
CA ALA C 338 -25.62 13.80 -40.67
C ALA C 338 -24.58 13.13 -41.55
N LYS C 339 -23.32 13.49 -41.33
CA LYS C 339 -22.21 12.93 -42.09
C LYS C 339 -21.06 12.65 -41.11
N PRO C 340 -20.22 11.65 -41.41
CA PRO C 340 -19.10 11.33 -40.53
C PRO C 340 -17.94 12.32 -40.60
N LEU C 341 -17.68 12.85 -41.79
CA LEU C 341 -16.58 13.79 -41.96
C LEU C 341 -16.93 15.24 -41.65
N LEU C 342 -16.19 15.81 -40.70
CA LEU C 342 -16.39 17.20 -40.32
C LEU C 342 -15.14 17.96 -40.75
N GLU C 343 -15.27 18.77 -41.79
CA GLU C 343 -14.13 19.54 -42.28
C GLU C 343 -14.18 20.98 -41.82
N LEU C 344 -13.09 21.44 -41.22
CA LEU C 344 -12.99 22.80 -40.74
C LEU C 344 -12.40 23.63 -41.88
N GLY C 345 -12.96 24.80 -42.12
CA GLY C 345 -12.48 25.64 -43.20
C GLY C 345 -11.26 26.47 -42.84
N GLU C 346 -11.11 27.60 -43.53
CA GLU C 346 -10.00 28.51 -43.30
C GLU C 346 -10.47 29.76 -42.58
N ALA C 347 -11.77 29.85 -42.30
CA ALA C 347 -12.32 30.99 -41.62
C ALA C 347 -11.64 31.16 -40.26
N ALA C 348 -11.44 32.40 -39.84
CA ALA C 348 -10.81 32.68 -38.55
C ALA C 348 -11.75 32.31 -37.41
N GLY C 349 -11.17 31.95 -36.26
CA GLY C 349 -11.99 31.57 -35.13
C GLY C 349 -12.84 30.36 -35.44
N LEU C 350 -14.13 30.44 -35.07
CA LEU C 350 -15.06 29.33 -35.32
C LEU C 350 -15.74 29.42 -36.69
N GLY C 351 -15.61 30.57 -37.33
CA GLY C 351 -16.23 30.76 -38.63
C GLY C 351 -17.74 30.78 -38.47
N ILE C 352 -18.17 31.31 -37.34
CA ILE C 352 -19.58 31.39 -37.01
C ILE C 352 -20.09 32.84 -36.92
N SER C 353 -21.31 33.05 -37.39
CA SER C 353 -21.90 34.38 -37.35
C SER C 353 -23.39 34.29 -37.03
N HIS C 354 -24.00 35.44 -36.77
CA HIS C 354 -25.41 35.50 -36.47
C HIS C 354 -26.00 36.74 -37.13
N MET D 1 1.00 28.66 -43.99
CA MET D 1 2.42 28.92 -43.60
C MET D 1 3.22 27.63 -43.61
N LYS D 2 4.38 27.65 -44.26
CA LYS D 2 5.25 26.49 -44.35
C LYS D 2 6.71 26.78 -44.06
N ILE D 3 7.44 25.76 -43.61
CA ILE D 3 8.85 25.88 -43.30
C ILE D 3 9.65 25.66 -44.59
N LYS D 4 10.50 26.62 -44.93
CA LYS D 4 11.31 26.54 -46.14
C LYS D 4 12.66 25.87 -45.87
N GLN D 5 13.38 26.40 -44.89
CA GLN D 5 14.69 25.86 -44.53
C GLN D 5 14.99 26.08 -43.07
N VAL D 6 15.77 25.17 -42.50
CA VAL D 6 16.16 25.25 -41.09
C VAL D 6 17.65 25.53 -41.00
N HIS D 7 18.00 26.69 -40.47
CA HIS D 7 19.39 27.10 -40.32
C HIS D 7 19.82 26.97 -38.86
N VAL D 8 21.01 26.43 -38.65
CA VAL D 8 21.53 26.27 -37.29
C VAL D 8 23.04 26.51 -37.25
N ARG D 9 23.48 27.29 -36.25
CA ARG D 9 24.89 27.60 -36.09
C ARG D 9 25.28 27.47 -34.62
N ALA D 10 26.59 27.47 -34.36
CA ALA D 10 27.08 27.36 -32.99
C ALA D 10 27.43 28.74 -32.45
N SER D 11 27.09 28.99 -31.20
CA SER D 11 27.38 30.27 -30.55
C SER D 11 28.14 30.06 -29.26
N LYS D 12 29.27 30.76 -29.13
CA LYS D 12 30.08 30.65 -27.92
C LYS D 12 30.31 32.03 -27.33
N ILE D 13 29.82 32.23 -26.11
CA ILE D 13 29.95 33.52 -25.43
C ILE D 13 30.54 33.36 -24.04
N LYS D 14 31.73 33.90 -23.84
CA LYS D 14 32.40 33.81 -22.55
C LYS D 14 31.57 34.54 -21.50
N LEU D 15 31.73 34.15 -20.24
CA LEU D 15 31.01 34.77 -19.14
C LEU D 15 31.93 35.75 -18.42
N LYS D 16 31.36 36.79 -17.82
CA LYS D 16 32.14 37.78 -17.08
C LYS D 16 33.23 37.06 -16.29
N GLU D 17 32.82 35.97 -15.64
CA GLU D 17 33.72 35.14 -14.85
C GLU D 17 33.05 33.80 -14.51
N THR D 18 33.87 32.76 -14.42
CA THR D 18 33.40 31.40 -14.13
C THR D 18 32.29 31.30 -13.09
N PHE D 19 31.34 30.40 -13.37
CA PHE D 19 30.19 30.15 -12.50
C PHE D 19 30.37 28.76 -11.91
N THR D 20 30.25 28.65 -10.59
CA THR D 20 30.44 27.35 -9.93
C THR D 20 29.26 26.81 -9.12
N ILE D 21 28.91 25.55 -9.39
CA ILE D 21 27.84 24.87 -8.66
C ILE D 21 28.35 23.50 -8.24
N ALA D 22 27.58 22.81 -7.41
CA ALA D 22 27.98 21.49 -6.90
C ALA D 22 28.40 20.50 -7.98
N LEU D 23 27.78 20.59 -9.16
CA LEU D 23 28.08 19.68 -10.26
C LEU D 23 29.32 20.04 -11.09
N GLY D 24 29.83 21.25 -10.89
CA GLY D 24 31.01 21.67 -11.62
C GLY D 24 31.03 23.16 -11.90
N THR D 25 31.71 23.54 -12.97
CA THR D 25 31.81 24.95 -13.33
C THR D 25 31.69 25.13 -14.84
N ILE D 26 31.44 26.37 -15.26
CA ILE D 26 31.31 26.71 -16.67
C ILE D 26 31.91 28.10 -16.91
N GLU D 27 32.65 28.23 -18.00
CA GLU D 27 33.31 29.50 -18.34
C GLU D 27 32.66 30.18 -19.53
N SER D 28 32.11 29.39 -20.44
CA SER D 28 31.48 29.94 -21.63
C SER D 28 30.13 29.31 -21.94
N ALA D 29 29.17 30.16 -22.28
CA ALA D 29 27.83 29.71 -22.62
C ALA D 29 27.83 29.40 -24.11
N ASP D 30 27.95 28.11 -24.43
CA ASP D 30 27.97 27.68 -25.82
C ASP D 30 26.67 26.97 -26.15
N SER D 31 25.91 27.56 -27.06
CA SER D 31 24.62 27.01 -27.46
C SER D 31 24.47 27.02 -28.97
N ALA D 32 23.47 26.27 -29.44
CA ALA D 32 23.17 26.19 -30.87
C ALA D 32 22.01 27.13 -31.15
N ILE D 33 22.22 28.06 -32.08
CA ILE D 33 21.17 29.02 -32.45
C ILE D 33 20.51 28.58 -33.75
N VAL D 34 19.17 28.52 -33.72
CA VAL D 34 18.40 28.09 -34.88
C VAL D 34 17.58 29.21 -35.50
N GLU D 35 17.38 29.11 -36.80
CA GLU D 35 16.59 30.07 -37.56
C GLU D 35 15.75 29.31 -38.56
N ILE D 36 14.45 29.22 -38.29
CA ILE D 36 13.54 28.53 -39.19
C ILE D 36 12.93 29.58 -40.09
N GLU D 37 13.12 29.43 -41.40
CA GLU D 37 12.58 30.40 -42.34
C GLU D 37 11.42 29.81 -43.11
N THR D 38 10.31 30.56 -43.13
CA THR D 38 9.11 30.14 -43.83
C THR D 38 9.25 30.52 -45.29
N GLU D 39 8.69 29.70 -46.18
CA GLU D 39 8.78 30.00 -47.60
C GLU D 39 8.19 31.36 -47.95
N GLU D 40 7.55 32.01 -46.99
CA GLU D 40 6.97 33.32 -47.24
C GLU D 40 7.87 34.45 -46.73
N GLY D 41 8.96 34.08 -46.06
CA GLY D 41 9.89 35.09 -45.59
C GLY D 41 10.08 35.26 -44.09
N LEU D 42 9.15 34.75 -43.29
CA LEU D 42 9.26 34.88 -41.84
C LEU D 42 10.40 34.02 -41.28
N VAL D 43 11.08 34.55 -40.27
CA VAL D 43 12.19 33.85 -39.64
C VAL D 43 12.01 33.72 -38.12
N GLY D 44 11.99 32.48 -37.63
CA GLY D 44 11.83 32.25 -36.21
C GLY D 44 13.15 31.89 -35.54
N TYR D 45 13.37 32.42 -34.34
CA TYR D 45 14.61 32.17 -33.62
C TYR D 45 14.50 31.15 -32.48
N GLY D 46 15.36 30.14 -32.53
CA GLY D 46 15.37 29.12 -31.50
C GLY D 46 16.77 28.95 -30.92
N GLU D 47 16.88 28.15 -29.86
CA GLU D 47 18.17 27.90 -29.23
C GLU D 47 18.17 26.64 -28.38
N GLY D 48 19.34 26.03 -28.25
CA GLY D 48 19.49 24.82 -27.46
C GLY D 48 20.82 24.87 -26.74
N GLY D 49 20.78 25.15 -25.44
CA GLY D 49 22.00 25.21 -24.66
C GLY D 49 22.19 23.96 -23.83
N PRO D 50 22.95 22.99 -24.34
CA PRO D 50 23.19 21.73 -23.62
C PRO D 50 24.11 21.83 -22.40
N GLY D 51 23.63 21.32 -21.27
CA GLY D 51 24.40 21.32 -20.04
C GLY D 51 24.88 19.88 -19.88
N ILE D 52 26.10 19.63 -20.35
CA ILE D 52 26.68 18.29 -20.30
C ILE D 52 26.59 17.57 -18.96
N PHE D 53 26.78 18.28 -17.86
CA PHE D 53 26.69 17.61 -16.57
C PHE D 53 25.30 17.69 -15.95
N ILE D 54 24.30 17.92 -16.80
CA ILE D 54 22.92 17.98 -16.35
C ILE D 54 22.06 17.04 -17.18
N THR D 55 22.23 17.07 -18.50
CA THR D 55 21.46 16.19 -19.38
C THR D 55 22.39 15.29 -20.18
N GLY D 56 23.69 15.58 -20.12
CA GLY D 56 24.66 14.78 -20.85
C GLY D 56 24.77 15.22 -22.31
N GLU D 57 23.96 16.21 -22.68
CA GLU D 57 23.96 16.73 -24.05
C GLU D 57 25.18 17.58 -24.33
N THR D 58 25.65 17.51 -25.57
CA THR D 58 26.81 18.28 -26.00
C THR D 58 26.47 19.09 -27.24
N LEU D 59 27.19 20.19 -27.42
CA LEU D 59 26.98 21.05 -28.57
C LEU D 59 27.06 20.23 -29.86
N ALA D 60 28.11 19.44 -30.01
CA ALA D 60 28.28 18.62 -31.20
C ALA D 60 27.11 17.69 -31.43
N GLY D 61 26.59 17.12 -30.35
CA GLY D 61 25.46 16.23 -30.46
C GLY D 61 24.19 17.00 -30.73
N THR D 62 24.03 18.11 -30.03
CA THR D 62 22.86 18.97 -30.20
C THR D 62 22.78 19.50 -31.62
N LEU D 63 23.94 19.80 -32.21
CA LEU D 63 23.99 20.31 -33.59
C LEU D 63 23.59 19.24 -34.61
N GLU D 64 24.17 18.06 -34.51
CA GLU D 64 23.83 16.99 -35.45
C GLU D 64 22.36 16.62 -35.35
N THR D 65 21.78 16.78 -34.16
CA THR D 65 20.38 16.45 -33.93
C THR D 65 19.49 17.52 -34.57
N ILE D 66 19.76 18.78 -34.25
CA ILE D 66 19.00 19.89 -34.79
C ILE D 66 18.94 19.79 -36.30
N GLU D 67 20.03 19.36 -36.91
CA GLU D 67 20.11 19.23 -38.36
C GLU D 67 19.23 18.10 -38.87
N LEU D 68 19.14 17.01 -38.12
CA LEU D 68 18.30 15.89 -38.53
C LEU D 68 16.85 16.35 -38.42
N PHE D 69 16.55 17.11 -37.37
CA PHE D 69 15.21 17.63 -37.15
C PHE D 69 14.82 18.59 -38.27
N GLY D 70 15.71 19.55 -38.54
CA GLY D 70 15.45 20.54 -39.57
C GLY D 70 15.04 20.00 -40.92
N GLN D 71 15.66 18.90 -41.35
CA GLN D 71 15.35 18.32 -42.64
C GLN D 71 14.07 17.49 -42.66
N ALA D 72 13.54 17.18 -41.48
CA ALA D 72 12.32 16.39 -41.41
C ALA D 72 11.07 17.25 -41.26
N ILE D 73 11.26 18.53 -40.91
CA ILE D 73 10.11 19.42 -40.73
C ILE D 73 9.85 20.36 -41.91
N ILE D 74 10.74 20.33 -42.91
CA ILE D 74 10.57 21.19 -44.08
C ILE D 74 9.23 20.91 -44.74
N GLY D 75 8.48 21.98 -45.04
CA GLY D 75 7.18 21.81 -45.66
C GLY D 75 6.07 21.62 -44.66
N LEU D 76 6.38 21.77 -43.38
CA LEU D 76 5.38 21.64 -42.32
C LEU D 76 4.97 23.01 -41.80
N ASN D 77 3.76 23.11 -41.28
CA ASN D 77 3.26 24.38 -40.73
C ASN D 77 3.79 24.54 -39.31
N PRO D 78 4.40 25.70 -39.01
CA PRO D 78 4.94 25.97 -37.67
C PRO D 78 3.87 25.91 -36.58
N PHE D 79 2.60 26.05 -36.98
CA PHE D 79 1.48 26.00 -36.04
C PHE D 79 1.16 24.55 -35.67
N ASN D 80 1.63 23.61 -36.47
CA ASN D 80 1.41 22.20 -36.19
C ASN D 80 2.48 21.76 -35.21
N ILE D 81 2.47 22.36 -34.02
CA ILE D 81 3.45 22.04 -33.00
C ILE D 81 3.30 20.58 -32.59
N GLU D 82 2.08 20.05 -32.70
CA GLU D 82 1.81 18.65 -32.36
C GLU D 82 2.63 17.70 -33.24
N LYS D 83 2.45 17.81 -34.56
CA LYS D 83 3.19 16.92 -35.45
C LYS D 83 4.70 17.15 -35.42
N ILE D 84 5.13 18.39 -35.23
CA ILE D 84 6.55 18.69 -35.19
C ILE D 84 7.26 17.95 -34.05
N HIS D 85 6.64 17.95 -32.87
CA HIS D 85 7.22 17.25 -31.73
C HIS D 85 7.11 15.75 -31.94
N GLU D 86 6.08 15.34 -32.66
CA GLU D 86 5.89 13.93 -32.97
C GLU D 86 7.06 13.49 -33.86
N VAL D 87 7.39 14.31 -34.85
CA VAL D 87 8.48 14.01 -35.77
C VAL D 87 9.82 13.98 -35.06
N MET D 88 10.07 14.94 -34.17
CA MET D 88 11.34 14.96 -33.46
C MET D 88 11.48 13.76 -32.53
N ASP D 89 10.39 13.42 -31.84
CA ASP D 89 10.42 12.28 -30.92
C ASP D 89 10.67 10.98 -31.67
N LYS D 90 10.17 10.90 -32.90
CA LYS D 90 10.33 9.71 -33.73
C LYS D 90 11.81 9.54 -34.11
N ILE D 91 12.49 10.66 -34.31
CA ILE D 91 13.91 10.65 -34.69
C ILE D 91 14.85 10.31 -33.53
N SER D 92 14.72 11.03 -32.41
CA SER D 92 15.59 10.77 -31.25
C SER D 92 14.81 10.55 -29.95
N ALA D 93 15.19 9.51 -29.21
CA ALA D 93 14.53 9.18 -27.97
C ALA D 93 14.91 10.12 -26.83
N PHE D 94 15.90 10.98 -27.07
CA PHE D 94 16.33 11.91 -26.04
C PHE D 94 17.26 13.00 -26.56
N ALA D 95 16.79 14.23 -26.51
CA ALA D 95 17.55 15.40 -26.95
C ALA D 95 16.68 16.63 -26.72
N PRO D 96 16.48 17.01 -25.45
CA PRO D 96 15.66 18.17 -25.09
C PRO D 96 16.29 19.51 -25.51
N ALA D 97 17.59 19.52 -25.74
CA ALA D 97 18.27 20.74 -26.16
C ALA D 97 17.92 21.04 -27.61
N ALA D 98 18.04 20.02 -28.46
CA ALA D 98 17.74 20.16 -29.88
C ALA D 98 16.27 20.48 -30.09
N LYS D 99 15.39 19.66 -29.51
CA LYS D 99 13.95 19.84 -29.64
C LYS D 99 13.48 21.21 -29.15
N ALA D 100 14.10 21.71 -28.09
CA ALA D 100 13.75 23.02 -27.56
C ALA D 100 14.11 24.09 -28.58
N ALA D 101 15.20 23.85 -29.32
CA ALA D 101 15.69 24.78 -30.33
C ALA D 101 14.65 24.95 -31.44
N ILE D 102 14.18 23.82 -31.96
CA ILE D 102 13.18 23.81 -33.03
C ILE D 102 11.86 24.37 -32.49
N ASP D 103 11.46 23.85 -31.34
CA ASP D 103 10.22 24.25 -30.67
C ASP D 103 10.12 25.77 -30.50
N ILE D 104 11.10 26.36 -29.83
CA ILE D 104 11.09 27.80 -29.61
C ILE D 104 10.96 28.59 -30.90
N ALA D 105 11.70 28.19 -31.93
CA ALA D 105 11.65 28.89 -33.21
C ALA D 105 10.22 28.85 -33.75
N CYS D 106 9.61 27.68 -33.72
CA CYS D 106 8.24 27.50 -34.21
C CYS D 106 7.26 28.41 -33.48
N TYR D 107 7.42 28.54 -32.16
CA TYR D 107 6.52 29.40 -31.40
C TYR D 107 6.79 30.86 -31.74
N ASP D 108 8.04 31.17 -32.08
CA ASP D 108 8.40 32.53 -32.45
C ASP D 108 7.65 32.88 -33.75
N LEU D 109 7.67 31.95 -34.70
CA LEU D 109 6.99 32.12 -35.98
C LEU D 109 5.49 32.29 -35.74
N MET D 110 4.93 31.47 -34.87
CA MET D 110 3.51 31.55 -34.57
C MET D 110 3.15 32.97 -34.12
N GLY D 111 3.88 33.49 -33.14
CA GLY D 111 3.61 34.83 -32.67
C GLY D 111 3.68 35.84 -33.81
N GLN D 112 4.64 35.64 -34.69
CA GLN D 112 4.82 36.53 -35.83
C GLN D 112 3.65 36.48 -36.80
N LYS D 113 3.35 35.29 -37.32
CA LYS D 113 2.25 35.12 -38.25
C LYS D 113 0.93 35.66 -37.70
N ALA D 114 0.71 35.50 -36.39
CA ALA D 114 -0.52 35.99 -35.77
C ALA D 114 -0.36 37.45 -35.36
N GLN D 115 0.87 37.94 -35.43
CA GLN D 115 1.17 39.32 -35.06
C GLN D 115 0.84 39.54 -33.59
N LEU D 116 1.32 38.65 -32.74
CA LEU D 116 1.07 38.75 -31.30
C LEU D 116 2.34 38.43 -30.50
N PRO D 117 2.56 39.12 -29.38
CA PRO D 117 3.77 38.78 -28.63
C PRO D 117 3.53 37.36 -28.11
N LEU D 118 4.59 36.56 -28.01
CA LEU D 118 4.46 35.17 -27.56
C LEU D 118 3.63 34.95 -26.30
N TYR D 119 3.81 35.80 -25.29
CA TYR D 119 3.06 35.63 -24.04
C TYR D 119 1.54 35.68 -24.24
N GLN D 120 1.10 36.20 -25.38
CA GLN D 120 -0.32 36.28 -25.69
C GLN D 120 -0.86 34.94 -26.18
N LEU D 121 0.00 34.15 -26.81
CA LEU D 121 -0.41 32.85 -27.31
C LEU D 121 -0.19 31.77 -26.26
N LEU D 122 0.42 32.13 -25.14
CA LEU D 122 0.70 31.15 -24.11
C LEU D 122 -0.13 31.27 -22.83
N GLY D 123 -1.11 32.16 -22.83
CA GLY D 123 -1.94 32.31 -21.64
C GLY D 123 -2.30 33.75 -21.30
N GLY D 124 -1.43 34.68 -21.71
CA GLY D 124 -1.66 36.10 -21.49
C GLY D 124 -1.91 36.61 -20.08
N TYR D 125 -1.53 35.83 -19.07
CA TYR D 125 -1.77 36.24 -17.69
C TYR D 125 -1.03 37.51 -17.25
N ASP D 126 0.15 37.75 -17.81
CA ASP D 126 0.94 38.92 -17.47
C ASP D 126 1.85 39.23 -18.66
N ASN D 127 2.48 40.40 -18.65
CA ASN D 127 3.37 40.79 -19.75
C ASN D 127 4.79 41.06 -19.29
N GLN D 128 5.06 40.72 -18.03
CA GLN D 128 6.38 40.89 -17.44
C GLN D 128 6.69 39.73 -16.49
N VAL D 129 7.87 39.75 -15.90
CA VAL D 129 8.30 38.71 -14.97
C VAL D 129 9.44 39.19 -14.10
N ILE D 130 9.35 38.90 -12.80
CA ILE D 130 10.37 39.29 -11.85
C ILE D 130 11.25 38.09 -11.52
N THR D 131 12.53 38.19 -11.86
CA THR D 131 13.47 37.11 -11.62
C THR D 131 14.46 37.39 -10.48
N ASP D 132 15.10 36.32 -10.03
CA ASP D 132 16.09 36.39 -8.98
C ASP D 132 17.44 36.36 -9.68
N ILE D 133 18.52 36.28 -8.92
CA ILE D 133 19.85 36.20 -9.49
C ILE D 133 20.61 35.13 -8.71
N THR D 134 21.23 34.22 -9.45
CA THR D 134 21.95 33.10 -8.86
C THR D 134 23.42 33.34 -8.49
N LEU D 135 23.71 33.22 -7.20
CA LEU D 135 25.06 33.41 -6.68
C LEU D 135 25.82 32.08 -6.71
N GLY D 136 26.89 32.04 -7.51
CA GLY D 136 27.70 30.83 -7.63
C GLY D 136 28.39 30.48 -6.33
N ILE D 137 28.93 29.27 -6.26
CA ILE D 137 29.62 28.81 -5.06
C ILE D 137 30.94 29.54 -4.83
N ASP D 138 31.11 30.05 -3.61
CA ASP D 138 32.32 30.77 -3.24
C ASP D 138 32.40 30.78 -1.71
N GLU D 139 33.33 31.58 -1.18
CA GLU D 139 33.50 31.67 0.27
C GLU D 139 32.34 32.41 0.91
N PRO D 140 31.97 32.04 2.14
CA PRO D 140 30.87 32.69 2.85
C PRO D 140 30.97 34.22 2.88
N ASN D 141 32.17 34.74 3.11
CA ASN D 141 32.36 36.19 3.17
C ASN D 141 32.26 36.81 1.78
N VAL D 142 32.68 36.05 0.76
CA VAL D 142 32.63 36.52 -0.62
C VAL D 142 31.19 36.61 -1.11
N MET D 143 30.46 35.50 -0.99
CA MET D 143 29.07 35.47 -1.43
C MET D 143 28.27 36.57 -0.74
N ALA D 144 28.62 36.86 0.50
CA ALA D 144 27.93 37.90 1.26
C ALA D 144 28.15 39.25 0.57
N GLN D 145 29.32 39.39 -0.04
CA GLN D 145 29.67 40.62 -0.75
C GLN D 145 28.84 40.78 -2.01
N LYS D 146 28.85 39.77 -2.87
CA LYS D 146 28.09 39.82 -4.11
C LYS D 146 26.60 39.97 -3.81
N ALA D 147 26.17 39.47 -2.66
CA ALA D 147 24.76 39.55 -2.26
C ALA D 147 24.37 41.03 -2.14
N VAL D 148 25.08 41.77 -1.30
CA VAL D 148 24.80 43.19 -1.12
C VAL D 148 24.95 43.87 -2.48
N GLU D 149 25.87 43.34 -3.28
CA GLU D 149 26.15 43.83 -4.61
C GLU D 149 24.96 43.65 -5.54
N LYS D 150 24.25 42.53 -5.40
CA LYS D 150 23.09 42.24 -6.23
C LYS D 150 21.85 42.95 -5.70
N VAL D 151 21.72 42.98 -4.38
CA VAL D 151 20.58 43.62 -3.73
C VAL D 151 20.52 45.10 -4.12
N LYS D 152 21.68 45.69 -4.37
CA LYS D 152 21.75 47.09 -4.76
C LYS D 152 21.29 47.25 -6.21
N LEU D 153 21.45 46.18 -7.00
CA LEU D 153 21.03 46.22 -8.40
C LEU D 153 19.51 46.15 -8.50
N GLY D 154 18.85 46.06 -7.34
CA GLY D 154 17.40 46.02 -7.31
C GLY D 154 16.79 44.65 -7.01
N PHE D 155 17.61 43.62 -6.97
CA PHE D 155 17.13 42.26 -6.71
C PHE D 155 16.65 42.05 -5.28
N ASP D 156 15.45 41.48 -5.16
CA ASP D 156 14.85 41.21 -3.86
C ASP D 156 14.88 39.73 -3.51
N THR D 157 15.30 38.91 -4.48
CA THR D 157 15.39 37.47 -4.27
C THR D 157 16.74 36.95 -4.79
N LEU D 158 17.44 36.22 -3.93
CA LEU D 158 18.74 35.67 -4.29
C LEU D 158 18.76 34.14 -4.18
N LYS D 159 19.17 33.49 -5.26
CA LYS D 159 19.28 32.05 -5.32
C LYS D 159 20.72 31.69 -4.94
N ILE D 160 20.90 31.09 -3.77
CA ILE D 160 22.23 30.73 -3.27
C ILE D 160 22.67 29.31 -3.59
N LYS D 161 23.76 29.19 -4.33
CA LYS D 161 24.29 27.87 -4.67
C LYS D 161 25.13 27.34 -3.52
N VAL D 162 24.92 26.08 -3.16
CA VAL D 162 25.66 25.44 -2.09
C VAL D 162 25.89 23.99 -2.49
N GLY D 163 26.65 23.26 -1.68
CA GLY D 163 26.90 21.87 -2.00
C GLY D 163 28.35 21.42 -1.89
N THR D 164 29.05 21.90 -0.86
CA THR D 164 30.43 21.51 -0.64
C THR D 164 30.56 20.80 0.71
N GLY D 165 29.54 20.96 1.54
CA GLY D 165 29.53 20.35 2.85
C GLY D 165 28.62 21.19 3.73
N ILE D 166 27.67 20.55 4.40
CA ILE D 166 26.75 21.31 5.23
C ILE D 166 27.45 22.28 6.17
N GLU D 167 28.66 21.95 6.59
CA GLU D 167 29.40 22.84 7.48
C GLU D 167 29.59 24.18 6.78
N ALA D 168 30.24 24.14 5.63
CA ALA D 168 30.51 25.34 4.84
C ALA D 168 29.23 25.93 4.25
N ASP D 169 28.36 25.08 3.73
CA ASP D 169 27.11 25.54 3.14
C ASP D 169 26.31 26.37 4.12
N ILE D 170 26.16 25.87 5.35
CA ILE D 170 25.40 26.60 6.36
C ILE D 170 26.09 27.92 6.67
N ALA D 171 27.42 27.93 6.62
CA ALA D 171 28.19 29.14 6.88
C ALA D 171 27.91 30.20 5.83
N ARG D 172 27.76 29.75 4.59
CA ARG D 172 27.48 30.65 3.47
C ARG D 172 26.16 31.39 3.67
N VAL D 173 25.10 30.63 3.95
CA VAL D 173 23.77 31.18 4.15
C VAL D 173 23.72 32.19 5.29
N LYS D 174 24.31 31.83 6.42
CA LYS D 174 24.31 32.71 7.58
C LYS D 174 24.98 34.04 7.24
N ALA D 175 26.16 33.98 6.62
CA ALA D 175 26.91 35.17 6.24
C ALA D 175 26.04 36.07 5.36
N ILE D 176 25.47 35.47 4.32
CA ILE D 176 24.61 36.21 3.39
C ILE D 176 23.42 36.84 4.09
N ARG D 177 22.72 36.05 4.91
CA ARG D 177 21.56 36.57 5.64
C ARG D 177 21.94 37.73 6.56
N GLU D 178 23.16 37.68 7.10
CA GLU D 178 23.63 38.73 7.97
C GLU D 178 24.03 39.97 7.17
N ALA D 179 24.53 39.74 5.97
CA ALA D 179 24.96 40.83 5.10
C ALA D 179 23.83 41.50 4.31
N VAL D 180 22.59 41.02 4.47
CA VAL D 180 21.47 41.63 3.74
C VAL D 180 20.21 41.82 4.56
N GLY D 181 20.13 41.15 5.70
CA GLY D 181 18.94 41.29 6.53
C GLY D 181 17.77 40.50 6.00
N PHE D 182 16.76 40.33 6.84
CA PHE D 182 15.55 39.57 6.52
C PHE D 182 14.61 40.30 5.56
N ASP D 183 15.16 41.19 4.75
CA ASP D 183 14.37 41.96 3.79
C ASP D 183 14.43 41.31 2.42
N ILE D 184 15.49 40.53 2.19
CA ILE D 184 15.68 39.85 0.93
C ILE D 184 15.22 38.39 1.02
N LYS D 185 14.67 37.88 -0.08
CA LYS D 185 14.22 36.50 -0.14
C LYS D 185 15.44 35.67 -0.48
N LEU D 186 15.61 34.55 0.22
CA LEU D 186 16.74 33.67 -0.03
C LEU D 186 16.30 32.24 -0.28
N ARG D 187 16.60 31.74 -1.48
CA ARG D 187 16.27 30.36 -1.83
C ARG D 187 17.60 29.64 -2.06
N LEU D 188 17.69 28.39 -1.59
CA LEU D 188 18.91 27.62 -1.74
C LEU D 188 18.83 26.55 -2.83
N ASP D 189 19.97 26.24 -3.43
CA ASP D 189 20.05 25.21 -4.46
C ASP D 189 21.34 24.44 -4.22
N ALA D 190 21.21 23.18 -3.80
CA ALA D 190 22.38 22.35 -3.52
C ALA D 190 22.79 21.48 -4.71
N ASN D 191 21.96 21.47 -5.75
CA ASN D 191 22.27 20.66 -6.92
C ASN D 191 22.63 19.21 -6.62
N GLN D 192 21.80 18.52 -5.84
CA GLN D 192 22.00 17.11 -5.50
C GLN D 192 23.16 16.77 -4.58
N ALA D 193 23.73 17.77 -3.90
CA ALA D 193 24.89 17.52 -3.06
C ALA D 193 24.68 16.82 -1.71
N TRP D 194 23.52 17.00 -1.08
CA TRP D 194 23.31 16.40 0.23
C TRP D 194 22.60 15.06 0.30
N THR D 195 22.88 14.34 1.39
CA THR D 195 22.23 13.07 1.65
C THR D 195 20.90 13.51 2.23
N PRO D 196 19.89 12.64 2.22
CA PRO D 196 18.60 13.06 2.77
C PRO D 196 18.67 13.55 4.22
N LYS D 197 19.40 12.84 5.07
CA LYS D 197 19.47 13.28 6.46
C LYS D 197 20.34 14.51 6.65
N ASP D 198 21.37 14.66 5.83
CA ASP D 198 22.21 15.85 5.93
C ASP D 198 21.41 17.07 5.51
N ALA D 199 20.58 16.90 4.48
CA ALA D 199 19.76 17.99 3.98
C ALA D 199 18.83 18.50 5.09
N VAL D 200 18.15 17.56 5.74
CA VAL D 200 17.25 17.89 6.83
C VAL D 200 17.96 18.61 7.97
N LYS D 201 19.16 18.14 8.31
CA LYS D 201 19.94 18.76 9.38
C LYS D 201 20.27 20.20 9.02
N ALA D 202 20.80 20.38 7.81
CA ALA D 202 21.16 21.71 7.34
C ALA D 202 19.94 22.64 7.36
N ILE D 203 18.85 22.19 6.74
CA ILE D 203 17.61 22.97 6.68
C ILE D 203 17.14 23.38 8.06
N GLN D 204 17.18 22.45 9.02
CA GLN D 204 16.76 22.75 10.37
C GLN D 204 17.72 23.76 11.02
N ALA D 205 19.00 23.65 10.67
CA ALA D 205 20.01 24.55 11.22
C ALA D 205 19.75 25.99 10.76
N LEU D 206 19.37 26.14 9.50
CA LEU D 206 19.08 27.45 8.93
C LEU D 206 17.65 27.90 9.25
N ALA D 207 17.01 27.23 10.21
CA ALA D 207 15.65 27.55 10.58
C ALA D 207 15.37 29.04 10.72
N ASP D 208 15.85 29.65 11.80
CA ASP D 208 15.62 31.07 12.01
C ASP D 208 16.30 32.01 11.02
N TYR D 209 16.66 31.48 9.85
CA TYR D 209 17.29 32.30 8.83
C TYR D 209 16.31 32.57 7.68
N GLN D 210 15.05 32.24 7.93
CA GLN D 210 13.97 32.46 6.98
C GLN D 210 14.29 32.07 5.54
N ILE D 211 14.56 30.79 5.31
CA ILE D 211 14.86 30.31 3.97
C ILE D 211 13.54 30.10 3.25
N GLU D 212 13.39 30.68 2.07
CA GLU D 212 12.15 30.51 1.32
C GLU D 212 11.94 29.06 0.91
N LEU D 213 12.94 28.48 0.25
CA LEU D 213 12.84 27.10 -0.22
C LEU D 213 14.22 26.52 -0.50
N VAL D 214 14.29 25.20 -0.61
CA VAL D 214 15.55 24.53 -0.92
C VAL D 214 15.34 23.71 -2.20
N GLU D 215 16.22 23.92 -3.16
CA GLU D 215 16.12 23.25 -4.46
C GLU D 215 17.00 22.01 -4.58
N GLN D 216 16.42 20.93 -5.08
CA GLN D 216 17.10 19.64 -5.30
C GLN D 216 18.21 19.29 -4.30
N PRO D 217 17.85 19.05 -3.04
CA PRO D 217 18.87 18.71 -2.03
C PRO D 217 19.57 17.36 -2.17
N VAL D 218 18.95 16.42 -2.87
CA VAL D 218 19.54 15.10 -3.02
C VAL D 218 19.68 14.66 -4.48
N LYS D 219 20.38 13.56 -4.69
CA LYS D 219 20.59 12.99 -6.02
C LYS D 219 19.29 12.93 -6.81
N ARG D 220 19.38 13.21 -8.10
CA ARG D 220 18.22 13.23 -8.97
C ARG D 220 17.38 11.95 -9.06
N ARG D 221 18.02 10.79 -8.93
CA ARG D 221 17.30 9.51 -9.01
C ARG D 221 16.80 9.01 -7.66
N ASP D 222 17.15 9.72 -6.59
CA ASP D 222 16.74 9.34 -5.25
C ASP D 222 15.42 10.02 -4.87
N LEU D 223 14.35 9.59 -5.52
CA LEU D 223 13.04 10.17 -5.26
C LEU D 223 12.57 9.90 -3.84
N GLU D 224 12.99 8.75 -3.31
CA GLU D 224 12.65 8.36 -1.93
C GLU D 224 13.27 9.33 -0.95
N GLY D 225 14.56 9.59 -1.13
CA GLY D 225 15.27 10.51 -0.27
C GLY D 225 14.74 11.93 -0.41
N LEU D 226 14.34 12.28 -1.63
CA LEU D 226 13.80 13.61 -1.89
C LEU D 226 12.48 13.79 -1.15
N LYS D 227 11.59 12.80 -1.25
CA LYS D 227 10.31 12.85 -0.58
C LYS D 227 10.55 12.91 0.93
N TYR D 228 11.59 12.23 1.39
CA TYR D 228 11.95 12.21 2.80
C TYR D 228 12.18 13.66 3.25
N VAL D 229 13.03 14.37 2.53
CA VAL D 229 13.34 15.76 2.87
C VAL D 229 12.07 16.59 2.94
N THR D 230 11.26 16.51 1.89
CA THR D 230 10.01 17.24 1.80
C THR D 230 9.08 16.97 2.98
N SER D 231 9.03 15.72 3.42
CA SER D 231 8.13 15.35 4.51
C SER D 231 8.74 15.52 5.91
N GLN D 232 10.01 15.91 5.96
CA GLN D 232 10.72 16.10 7.22
C GLN D 232 10.84 17.56 7.67
N VAL D 233 10.55 18.50 6.78
CA VAL D 233 10.64 19.91 7.13
C VAL D 233 9.46 20.70 6.57
N ASN D 234 9.16 21.83 7.20
CA ASN D 234 8.06 22.66 6.75
C ASN D 234 8.54 23.55 5.60
N THR D 235 9.86 23.64 5.44
CA THR D 235 10.44 24.44 4.37
C THR D 235 10.02 23.88 3.01
N THR D 236 9.78 24.77 2.06
CA THR D 236 9.39 24.39 0.70
C THR D 236 10.55 23.71 -0.02
N ILE D 237 10.30 22.53 -0.57
CA ILE D 237 11.32 21.77 -1.28
C ILE D 237 10.96 21.74 -2.76
N MET D 238 11.96 22.04 -3.60
CA MET D 238 11.75 22.09 -5.04
C MET D 238 12.61 21.05 -5.77
N ALA D 239 12.03 20.45 -6.80
CA ALA D 239 12.74 19.48 -7.59
C ALA D 239 13.23 20.17 -8.85
N ASP D 240 14.43 19.81 -9.31
CA ASP D 240 15.00 20.37 -10.52
C ASP D 240 15.43 19.20 -11.41
N GLU D 241 16.62 18.68 -11.16
CA GLU D 241 17.14 17.56 -11.95
C GLU D 241 16.25 16.32 -11.84
N SER D 242 15.42 16.25 -10.81
CA SER D 242 14.53 15.11 -10.66
C SER D 242 13.37 15.19 -11.64
N CYS D 243 13.16 16.36 -12.23
CA CYS D 243 12.07 16.52 -13.19
C CYS D 243 12.48 17.14 -14.53
N PHE D 244 12.57 16.30 -15.55
CA PHE D 244 12.93 16.75 -16.89
C PHE D 244 11.69 17.04 -17.74
N ASP D 245 10.84 16.02 -17.91
CA ASP D 245 9.64 16.17 -18.72
C ASP D 245 8.31 16.02 -17.99
N ALA D 246 7.24 15.99 -18.79
CA ALA D 246 5.89 15.88 -18.26
C ALA D 246 5.71 14.55 -17.50
N GLN D 247 6.32 13.49 -18.02
CA GLN D 247 6.22 12.19 -17.37
C GLN D 247 6.88 12.24 -16.00
N ASP D 248 8.02 12.90 -15.89
CA ASP D 248 8.69 13.01 -14.59
C ASP D 248 7.75 13.74 -13.65
N ALA D 249 7.18 14.84 -14.14
CA ALA D 249 6.27 15.64 -13.35
C ALA D 249 5.10 14.80 -12.83
N LEU D 250 4.55 13.95 -13.69
CA LEU D 250 3.44 13.11 -13.30
C LEU D 250 3.86 12.13 -12.20
N GLU D 251 5.02 11.51 -12.35
CA GLU D 251 5.52 10.59 -11.34
C GLU D 251 5.72 11.32 -10.01
N LEU D 252 6.24 12.53 -10.06
CA LEU D 252 6.45 13.31 -8.84
C LEU D 252 5.15 13.71 -8.14
N VAL D 253 4.13 14.06 -8.91
CA VAL D 253 2.85 14.43 -8.28
C VAL D 253 2.20 13.18 -7.67
N LYS D 254 2.35 12.04 -8.34
CA LYS D 254 1.79 10.78 -7.83
C LYS D 254 2.41 10.40 -6.49
N LYS D 255 3.72 10.53 -6.39
CA LYS D 255 4.45 10.20 -5.17
C LYS D 255 4.46 11.31 -4.13
N GLY D 256 3.97 12.49 -4.51
CA GLY D 256 3.98 13.62 -3.59
C GLY D 256 5.41 13.92 -3.15
N THR D 257 6.34 13.78 -4.09
CA THR D 257 7.77 13.98 -3.85
C THR D 257 8.25 15.37 -3.41
N VAL D 258 7.68 16.43 -3.97
CA VAL D 258 8.11 17.79 -3.61
C VAL D 258 6.95 18.78 -3.54
N ASP D 259 7.27 20.04 -3.23
CA ASP D 259 6.27 21.09 -3.12
C ASP D 259 6.21 22.01 -4.34
N VAL D 260 7.32 22.11 -5.06
CA VAL D 260 7.43 22.97 -6.23
C VAL D 260 8.34 22.33 -7.28
N ILE D 261 8.09 22.61 -8.55
CA ILE D 261 8.89 22.05 -9.63
C ILE D 261 9.56 23.14 -10.48
N ASN D 262 10.85 22.95 -10.78
CA ASN D 262 11.61 23.88 -11.61
C ASN D 262 11.47 23.42 -13.05
N ILE D 263 10.95 24.29 -13.92
CA ILE D 263 10.81 23.94 -15.33
C ILE D 263 11.90 24.65 -16.15
N LYS D 264 12.56 23.89 -17.01
CA LYS D 264 13.60 24.42 -17.88
C LYS D 264 13.28 23.94 -19.29
N LEU D 265 13.20 24.88 -20.23
CA LEU D 265 12.90 24.52 -21.61
C LEU D 265 13.95 23.57 -22.16
N MET D 266 15.18 23.73 -21.69
CA MET D 266 16.28 22.86 -22.12
C MET D 266 16.20 21.46 -21.50
N LYS D 267 15.39 21.31 -20.46
CA LYS D 267 15.21 20.02 -19.81
C LYS D 267 14.06 19.22 -20.42
N CYS D 268 12.97 19.90 -20.73
CA CYS D 268 11.78 19.26 -21.29
C CYS D 268 11.66 19.23 -22.81
N GLY D 269 12.43 20.07 -23.49
CA GLY D 269 12.36 20.08 -24.94
C GLY D 269 11.52 21.21 -25.51
N GLY D 270 11.47 22.34 -24.81
CA GLY D 270 10.70 23.46 -25.31
C GLY D 270 9.38 23.76 -24.65
N ILE D 271 8.77 24.85 -25.10
CA ILE D 271 7.49 25.35 -24.60
C ILE D 271 6.34 24.34 -24.63
N HIS D 272 6.20 23.61 -25.73
CA HIS D 272 5.12 22.64 -25.86
C HIS D 272 5.10 21.71 -24.65
N GLU D 273 6.27 21.15 -24.31
CA GLU D 273 6.39 20.25 -23.17
C GLU D 273 6.26 20.97 -21.85
N ALA D 274 6.87 22.15 -21.78
CA ALA D 274 6.85 22.97 -20.57
C ALA D 274 5.42 23.29 -20.15
N LEU D 275 4.54 23.46 -21.13
CA LEU D 275 3.14 23.77 -20.84
C LEU D 275 2.48 22.58 -20.14
N LYS D 276 2.76 21.37 -20.63
CA LYS D 276 2.19 20.16 -20.03
C LYS D 276 2.59 20.10 -18.55
N ILE D 277 3.88 20.28 -18.28
CA ILE D 277 4.39 20.22 -16.92
C ILE D 277 3.66 21.17 -15.98
N ASN D 278 3.52 22.43 -16.39
CA ASN D 278 2.85 23.40 -15.55
C ASN D 278 1.38 23.02 -15.34
N GLN D 279 0.75 22.50 -16.38
CA GLN D 279 -0.66 22.09 -16.33
C GLN D 279 -0.83 20.95 -15.34
N ILE D 280 0.10 19.99 -15.41
CA ILE D 280 0.07 18.85 -14.51
C ILE D 280 0.29 19.32 -13.07
N CYS D 281 1.31 20.14 -12.88
CA CYS D 281 1.62 20.66 -11.54
C CYS D 281 0.47 21.46 -10.97
N GLU D 282 -0.03 22.40 -11.76
CA GLU D 282 -1.13 23.25 -11.36
C GLU D 282 -2.34 22.41 -10.92
N THR D 283 -2.65 21.39 -11.70
CA THR D 283 -3.77 20.53 -11.38
C THR D 283 -3.52 19.84 -10.04
N ALA D 284 -2.27 19.51 -9.77
CA ALA D 284 -1.89 18.85 -8.52
C ALA D 284 -1.65 19.82 -7.36
N GLY D 285 -1.83 21.11 -7.60
CA GLY D 285 -1.61 22.09 -6.54
C GLY D 285 -0.14 22.40 -6.29
N ILE D 286 0.67 22.13 -7.31
CA ILE D 286 2.12 22.36 -7.25
C ILE D 286 2.51 23.55 -8.14
N GLU D 287 3.06 24.59 -7.53
CA GLU D 287 3.49 25.76 -8.29
C GLU D 287 4.80 25.43 -9.01
N CYS D 288 5.11 26.20 -10.05
CA CYS D 288 6.33 25.96 -10.82
C CYS D 288 7.23 27.20 -10.88
N MET D 289 8.53 26.98 -11.01
CA MET D 289 9.50 28.07 -11.15
C MET D 289 10.15 27.85 -12.51
N ILE D 290 10.26 28.91 -13.30
CA ILE D 290 10.91 28.79 -14.61
C ILE D 290 12.41 28.99 -14.38
N GLY D 291 13.22 28.08 -14.91
CA GLY D 291 14.65 28.19 -14.73
C GLY D 291 15.42 28.23 -16.03
N CYS D 292 16.74 28.11 -15.94
CA CYS D 292 17.57 28.14 -17.13
C CYS D 292 18.92 27.46 -16.94
N MET D 293 19.60 27.25 -18.06
CA MET D 293 20.92 26.63 -18.08
C MET D 293 21.89 27.78 -18.31
N ALA D 294 23.01 27.80 -17.58
CA ALA D 294 23.99 28.86 -17.75
C ALA D 294 24.48 28.92 -19.21
N GLU D 295 24.22 27.85 -19.97
CA GLU D 295 24.64 27.79 -21.37
C GLU D 295 23.71 28.42 -22.40
N GLU D 296 22.49 28.77 -22.01
CA GLU D 296 21.59 29.37 -22.97
C GLU D 296 21.68 30.89 -22.89
N THR D 297 21.29 31.56 -23.97
CA THR D 297 21.37 33.02 -24.02
C THR D 297 20.02 33.71 -24.21
N THR D 298 20.08 34.90 -24.83
CA THR D 298 18.90 35.72 -25.08
C THR D 298 17.66 34.97 -25.61
N ILE D 299 17.83 34.13 -26.62
CA ILE D 299 16.67 33.41 -27.15
C ILE D 299 16.00 32.55 -26.06
N GLY D 300 16.76 31.63 -25.48
CA GLY D 300 16.23 30.77 -24.44
C GLY D 300 15.56 31.51 -23.29
N ILE D 301 16.25 32.50 -22.74
CA ILE D 301 15.70 33.28 -21.64
C ILE D 301 14.43 34.00 -22.06
N THR D 302 14.45 34.53 -23.28
CA THR D 302 13.29 35.25 -23.80
C THR D 302 12.08 34.33 -23.92
N ALA D 303 12.29 33.16 -24.51
CA ALA D 303 11.22 32.19 -24.67
C ALA D 303 10.66 31.81 -23.31
N ALA D 304 11.54 31.64 -22.33
CA ALA D 304 11.14 31.27 -20.97
C ALA D 304 10.40 32.41 -20.28
N ALA D 305 10.79 33.64 -20.58
CA ALA D 305 10.16 34.81 -19.98
C ALA D 305 8.71 34.92 -20.44
N HIS D 306 8.47 34.66 -21.72
CA HIS D 306 7.11 34.73 -22.27
C HIS D 306 6.18 33.68 -21.67
N LEU D 307 6.67 32.46 -21.54
CA LEU D 307 5.87 31.37 -20.96
C LEU D 307 5.54 31.66 -19.49
N ALA D 308 6.55 32.14 -18.75
CA ALA D 308 6.38 32.44 -17.32
C ALA D 308 5.37 33.55 -17.09
N ALA D 309 5.48 34.61 -17.88
CA ALA D 309 4.58 35.74 -17.77
C ALA D 309 3.15 35.30 -18.09
N ALA D 310 3.01 34.49 -19.13
CA ALA D 310 1.71 34.00 -19.59
C ALA D 310 0.98 33.03 -18.67
N GLN D 311 1.75 32.19 -17.97
CA GLN D 311 1.20 31.16 -17.08
C GLN D 311 1.10 31.53 -15.61
N LYS D 312 -0.13 31.57 -15.09
CA LYS D 312 -0.35 31.93 -13.70
C LYS D 312 0.36 31.03 -12.70
N ASN D 313 0.37 29.72 -12.96
CA ASN D 313 0.98 28.78 -12.04
C ASN D 313 2.50 28.85 -11.95
N ILE D 314 3.14 29.55 -12.88
CA ILE D 314 4.59 29.72 -12.82
C ILE D 314 4.73 31.00 -12.01
N THR D 315 4.90 30.82 -10.71
CA THR D 315 4.97 31.94 -9.77
C THR D 315 6.37 32.40 -9.40
N ARG D 316 7.38 31.69 -9.86
CA ARG D 316 8.76 32.06 -9.56
C ARG D 316 9.59 32.06 -10.84
N ALA D 317 10.66 32.86 -10.83
CA ALA D 317 11.53 32.94 -11.99
C ALA D 317 13.00 32.98 -11.62
N ASP D 318 13.79 32.20 -12.35
CA ASP D 318 15.22 32.12 -12.18
C ASP D 318 15.78 32.17 -13.60
N LEU D 319 15.65 33.34 -14.22
CA LEU D 319 16.12 33.56 -15.58
C LEU D 319 17.21 34.64 -15.57
N ASP D 320 18.43 34.23 -15.24
CA ASP D 320 19.55 35.14 -15.14
C ASP D 320 20.75 34.71 -16.00
N ALA D 321 20.50 33.88 -17.00
CA ALA D 321 21.56 33.39 -17.88
C ALA D 321 22.22 34.45 -18.78
N THR D 322 21.57 35.60 -18.94
CA THR D 322 22.14 36.65 -19.77
C THR D 322 22.92 37.65 -18.93
N PHE D 323 22.62 37.68 -17.64
CA PHE D 323 23.28 38.60 -16.71
C PHE D 323 24.78 38.35 -16.57
N GLY D 324 25.25 37.25 -17.12
CA GLY D 324 26.66 36.93 -17.02
C GLY D 324 27.36 36.83 -18.36
N LEU D 325 26.62 37.12 -19.43
CA LEU D 325 27.18 37.08 -20.77
C LEU D 325 27.87 38.40 -21.05
N GLU D 326 28.83 38.37 -21.97
CA GLU D 326 29.55 39.57 -22.36
C GLU D 326 28.84 40.20 -23.55
N THR D 327 28.44 39.35 -24.49
CA THR D 327 27.75 39.79 -25.70
C THR D 327 26.42 39.06 -25.87
N ALA D 328 25.65 39.49 -26.85
CA ALA D 328 24.37 38.88 -27.18
C ALA D 328 24.48 38.38 -28.61
N PRO D 329 24.08 37.12 -28.86
CA PRO D 329 24.15 36.53 -30.20
C PRO D 329 23.06 37.01 -31.14
N VAL D 330 22.14 37.82 -30.60
CA VAL D 330 21.03 38.32 -31.39
C VAL D 330 20.55 39.64 -30.80
N THR D 331 19.74 40.38 -31.56
CA THR D 331 19.21 41.65 -31.09
C THR D 331 17.76 41.54 -30.62
N GLY D 332 17.47 42.19 -29.50
CA GLY D 332 16.12 42.15 -28.95
C GLY D 332 15.98 41.13 -27.83
N GLY D 333 14.75 40.87 -27.43
CA GLY D 333 14.52 39.91 -26.37
C GLY D 333 14.92 40.47 -25.02
N VAL D 334 15.22 39.58 -24.08
CA VAL D 334 15.61 40.00 -22.74
C VAL D 334 17.02 40.61 -22.74
N SER D 335 17.15 41.75 -22.05
CA SER D 335 18.42 42.47 -21.95
C SER D 335 19.46 41.77 -21.09
N LEU D 336 20.74 42.06 -21.35
CA LEU D 336 21.83 41.48 -20.59
C LEU D 336 21.96 42.20 -19.24
N GLU D 337 21.27 43.33 -19.13
CA GLU D 337 21.30 44.11 -17.91
C GLU D 337 20.88 43.25 -16.73
N ALA D 338 21.65 43.32 -15.64
CA ALA D 338 21.33 42.56 -14.45
C ALA D 338 20.26 43.28 -13.64
N LYS D 339 19.00 43.09 -14.04
CA LYS D 339 17.87 43.71 -13.36
C LYS D 339 16.83 42.65 -12.98
N PRO D 340 16.16 42.83 -11.83
CA PRO D 340 15.16 41.87 -11.37
C PRO D 340 13.92 41.86 -12.25
N LEU D 341 13.49 43.04 -12.71
CA LEU D 341 12.30 43.15 -13.55
C LEU D 341 12.59 42.87 -15.03
N LEU D 342 11.76 42.02 -15.62
CA LEU D 342 11.89 41.68 -17.04
C LEU D 342 10.56 41.96 -17.72
N GLU D 343 10.46 43.11 -18.39
CA GLU D 343 9.24 43.47 -19.09
C GLU D 343 9.27 42.97 -20.52
N LEU D 344 8.13 42.48 -21.00
CA LEU D 344 8.04 41.97 -22.37
C LEU D 344 7.39 42.99 -23.30
N GLY D 345 8.05 43.26 -24.41
CA GLY D 345 7.53 44.22 -25.38
C GLY D 345 6.34 43.68 -26.13
N GLU D 346 5.68 44.55 -26.90
CA GLU D 346 4.51 44.17 -27.67
C GLU D 346 4.84 43.62 -29.04
N ALA D 347 6.13 43.49 -29.34
CA ALA D 347 6.54 42.96 -30.63
C ALA D 347 6.01 41.54 -30.80
N ALA D 348 5.87 41.09 -32.04
CA ALA D 348 5.36 39.75 -32.33
C ALA D 348 6.38 38.66 -32.00
N GLY D 349 5.87 37.48 -31.61
CA GLY D 349 6.75 36.38 -31.29
C GLY D 349 7.69 36.71 -30.14
N LEU D 350 8.99 36.47 -30.36
CA LEU D 350 10.01 36.73 -29.35
C LEU D 350 10.49 38.18 -29.34
N GLY D 351 10.23 38.90 -30.44
CA GLY D 351 10.67 40.28 -30.53
C GLY D 351 12.19 40.29 -30.65
N ILE D 352 12.71 39.33 -31.41
CA ILE D 352 14.14 39.17 -31.61
C ILE D 352 14.51 39.12 -33.08
N SER D 353 15.71 39.65 -33.40
CA SER D 353 16.22 39.68 -34.76
C SER D 353 17.75 39.73 -34.71
N HIS D 354 18.40 39.43 -35.84
CA HIS D 354 19.86 39.45 -35.92
C HIS D 354 20.48 40.59 -35.13
N MET E 1 44.19 -23.38 -15.63
CA MET E 1 44.46 -23.45 -14.16
C MET E 1 43.47 -24.37 -13.48
N LYS E 2 43.97 -25.39 -12.79
CA LYS E 2 43.12 -26.35 -12.11
C LYS E 2 43.54 -26.56 -10.67
N ILE E 3 42.57 -26.56 -9.76
CA ILE E 3 42.84 -26.78 -8.35
C ILE E 3 43.30 -28.22 -8.15
N LYS E 4 44.47 -28.38 -7.52
CA LYS E 4 45.04 -29.71 -7.30
C LYS E 4 44.58 -30.32 -5.97
N GLN E 5 44.59 -29.52 -4.92
CA GLN E 5 44.19 -30.03 -3.62
C GLN E 5 43.80 -28.91 -2.69
N VAL E 6 43.08 -29.27 -1.63
CA VAL E 6 42.62 -28.31 -0.65
C VAL E 6 42.91 -28.86 0.74
N HIS E 7 43.63 -28.08 1.53
CA HIS E 7 43.94 -28.47 2.91
C HIS E 7 43.36 -27.44 3.87
N VAL E 8 43.01 -27.89 5.06
CA VAL E 8 42.46 -26.98 6.06
C VAL E 8 42.99 -27.37 7.42
N ARG E 9 43.26 -26.37 8.25
CA ARG E 9 43.74 -26.62 9.59
C ARG E 9 42.99 -25.75 10.59
N ALA E 10 42.77 -26.28 11.78
CA ALA E 10 42.10 -25.54 12.83
C ALA E 10 43.14 -24.60 13.44
N SER E 11 42.74 -23.36 13.70
CA SER E 11 43.63 -22.38 14.29
C SER E 11 42.94 -21.80 15.51
N LYS E 12 43.64 -21.78 16.65
CA LYS E 12 43.09 -21.23 17.87
C LYS E 12 44.12 -20.29 18.46
N ILE E 13 43.81 -19.01 18.41
CA ILE E 13 44.71 -17.99 18.90
C ILE E 13 44.05 -17.16 20.00
N LYS E 14 44.71 -17.11 21.15
CA LYS E 14 44.21 -16.37 22.30
C LYS E 14 44.19 -14.86 22.09
N LEU E 15 43.18 -14.21 22.66
CA LEU E 15 43.09 -12.76 22.56
C LEU E 15 43.85 -12.20 23.76
N LYS E 16 44.44 -11.03 23.59
CA LYS E 16 45.19 -10.39 24.67
C LYS E 16 44.29 -10.00 25.83
N GLU E 17 43.04 -9.67 25.52
CA GLU E 17 42.05 -9.29 26.52
C GLU E 17 40.71 -9.93 26.12
N THR E 18 39.84 -10.17 27.10
CA THR E 18 38.52 -10.72 26.79
C THR E 18 37.75 -9.61 26.09
N PHE E 19 36.91 -9.97 25.12
CA PHE E 19 36.14 -8.99 24.37
C PHE E 19 34.65 -9.21 24.62
N THR E 20 33.97 -8.17 25.10
CA THR E 20 32.55 -8.27 25.42
C THR E 20 31.62 -7.34 24.64
N ILE E 21 30.62 -7.92 23.99
CA ILE E 21 29.61 -7.17 23.25
C ILE E 21 28.29 -7.64 23.87
N ALA E 22 27.18 -7.00 23.48
CA ALA E 22 25.89 -7.35 24.04
C ALA E 22 25.52 -8.84 23.89
N LEU E 23 26.02 -9.48 22.83
CA LEU E 23 25.72 -10.89 22.56
C LEU E 23 26.51 -11.94 23.34
N GLY E 24 27.58 -11.53 23.99
CA GLY E 24 28.39 -12.46 24.75
C GLY E 24 29.85 -12.01 24.81
N THR E 25 30.72 -12.92 25.21
CA THR E 25 32.14 -12.57 25.33
C THR E 25 33.02 -13.61 24.66
N ILE E 26 34.14 -13.18 24.13
CA ILE E 26 35.07 -14.12 23.49
C ILE E 26 36.47 -13.91 24.02
N GLU E 27 37.23 -15.00 24.13
CA GLU E 27 38.60 -14.92 24.64
C GLU E 27 39.61 -15.54 23.68
N SER E 28 39.11 -16.10 22.59
CA SER E 28 40.00 -16.73 21.62
C SER E 28 39.47 -16.68 20.19
N ALA E 29 40.37 -16.44 19.24
CA ALA E 29 40.01 -16.40 17.83
C ALA E 29 40.23 -17.79 17.27
N ASP E 30 39.16 -18.55 17.10
CA ASP E 30 39.23 -19.90 16.57
C ASP E 30 38.68 -19.88 15.16
N SER E 31 39.52 -20.20 14.17
CA SER E 31 39.09 -20.18 12.78
C SER E 31 39.68 -21.33 11.99
N ALA E 32 39.11 -21.59 10.82
CA ALA E 32 39.58 -22.63 9.94
C ALA E 32 40.46 -21.95 8.90
N ILE E 33 41.65 -22.51 8.66
CA ILE E 33 42.55 -21.93 7.68
C ILE E 33 42.70 -22.89 6.50
N VAL E 34 42.42 -22.36 5.31
CA VAL E 34 42.47 -23.16 4.08
C VAL E 34 43.64 -22.83 3.16
N GLU E 35 44.16 -23.87 2.53
CA GLU E 35 45.26 -23.75 1.57
C GLU E 35 44.81 -24.43 0.30
N ILE E 36 44.67 -23.66 -0.77
CA ILE E 36 44.27 -24.26 -2.03
C ILE E 36 45.47 -24.19 -2.96
N GLU E 37 45.88 -25.34 -3.49
CA GLU E 37 47.04 -25.39 -4.39
C GLU E 37 46.64 -25.88 -5.76
N THR E 38 47.16 -25.23 -6.79
CA THR E 38 46.87 -25.60 -8.16
C THR E 38 47.88 -26.63 -8.64
N GLU E 39 47.53 -27.33 -9.71
CA GLU E 39 48.42 -28.34 -10.24
C GLU E 39 49.75 -27.73 -10.68
N GLU E 40 49.74 -26.42 -10.92
CA GLU E 40 50.93 -25.70 -11.35
C GLU E 40 51.77 -25.24 -10.15
N GLY E 41 51.27 -25.49 -8.94
CA GLY E 41 52.03 -25.10 -7.75
C GLY E 41 51.67 -23.83 -7.02
N LEU E 42 50.75 -23.03 -7.54
CA LEU E 42 50.37 -21.80 -6.84
C LEU E 42 49.53 -22.18 -5.63
N VAL E 43 49.71 -21.47 -4.52
CA VAL E 43 48.96 -21.75 -3.31
C VAL E 43 48.18 -20.53 -2.84
N GLY E 44 46.88 -20.71 -2.63
CA GLY E 44 46.04 -19.62 -2.18
C GLY E 44 45.58 -19.85 -0.75
N TYR E 45 45.45 -18.77 0.01
CA TYR E 45 45.03 -18.85 1.41
C TYR E 45 43.67 -18.27 1.72
N GLY E 46 42.88 -19.02 2.50
CA GLY E 46 41.55 -18.57 2.89
C GLY E 46 41.30 -18.81 4.37
N GLU E 47 40.25 -18.20 4.89
CA GLU E 47 39.91 -18.38 6.30
C GLU E 47 38.41 -18.31 6.56
N GLY E 48 37.98 -19.06 7.57
CA GLY E 48 36.59 -19.08 7.97
C GLY E 48 36.53 -18.86 9.47
N GLY E 49 36.28 -17.62 9.88
CA GLY E 49 36.21 -17.30 11.30
C GLY E 49 34.75 -17.20 11.73
N PRO E 50 34.16 -18.30 12.20
CA PRO E 50 32.76 -18.36 12.64
C PRO E 50 32.44 -17.74 14.00
N GLY E 51 31.35 -17.00 14.06
CA GLY E 51 30.93 -16.38 15.31
C GLY E 51 29.64 -17.09 15.71
N ILE E 52 29.74 -18.03 16.64
CA ILE E 52 28.57 -18.79 17.03
C ILE E 52 27.36 -17.93 17.42
N PHE E 53 27.56 -16.83 18.16
CA PHE E 53 26.40 -16.01 18.51
C PHE E 53 26.00 -14.99 17.45
N ILE E 54 26.58 -15.12 16.25
CA ILE E 54 26.23 -14.23 15.15
C ILE E 54 25.54 -15.03 14.05
N THR E 55 26.19 -16.09 13.59
CA THR E 55 25.64 -16.92 12.52
C THR E 55 25.33 -18.33 12.99
N GLY E 56 25.83 -18.68 14.17
CA GLY E 56 25.58 -20.02 14.68
C GLY E 56 26.61 -21.05 14.22
N GLU E 57 27.54 -20.65 13.37
CA GLU E 57 28.55 -21.60 12.93
C GLU E 57 29.59 -21.88 14.01
N THR E 58 30.15 -23.08 13.96
CA THR E 58 31.16 -23.51 14.91
C THR E 58 32.39 -23.93 14.13
N LEU E 59 33.51 -24.03 14.82
CA LEU E 59 34.75 -24.46 14.18
C LEU E 59 34.59 -25.87 13.62
N ALA E 60 34.01 -26.78 14.41
CA ALA E 60 33.85 -28.17 13.97
C ALA E 60 33.00 -28.30 12.70
N GLY E 61 31.86 -27.61 12.66
CA GLY E 61 31.02 -27.66 11.47
C GLY E 61 31.69 -27.01 10.26
N THR E 62 32.39 -25.90 10.48
CA THR E 62 33.07 -25.18 9.41
C THR E 62 34.18 -26.03 8.78
N LEU E 63 34.92 -26.74 9.62
CA LEU E 63 35.99 -27.62 9.16
C LEU E 63 35.40 -28.77 8.34
N GLU E 64 34.32 -29.37 8.82
CA GLU E 64 33.70 -30.48 8.09
C GLU E 64 33.11 -30.03 6.75
N THR E 65 32.56 -28.82 6.73
CA THR E 65 31.98 -28.28 5.51
C THR E 65 33.09 -27.94 4.51
N ILE E 66 34.17 -27.36 5.01
CA ILE E 66 35.30 -27.00 4.15
C ILE E 66 35.87 -28.23 3.43
N GLU E 67 36.04 -29.34 4.15
CA GLU E 67 36.55 -30.57 3.54
C GLU E 67 35.63 -31.03 2.41
N LEU E 68 34.32 -30.95 2.65
CA LEU E 68 33.37 -31.35 1.62
C LEU E 68 33.50 -30.46 0.40
N PHE E 69 33.62 -29.15 0.62
CA PHE E 69 33.79 -28.22 -0.48
C PHE E 69 35.08 -28.58 -1.23
N GLY E 70 36.16 -28.75 -0.46
CA GLY E 70 37.45 -29.09 -1.03
C GLY E 70 37.44 -30.24 -2.01
N GLN E 71 36.80 -31.35 -1.62
CA GLN E 71 36.71 -32.51 -2.50
C GLN E 71 35.97 -32.18 -3.80
N ALA E 72 34.91 -31.38 -3.68
CA ALA E 72 34.09 -31.03 -4.83
C ALA E 72 34.66 -30.02 -5.83
N ILE E 73 35.64 -29.22 -5.41
CA ILE E 73 36.22 -28.22 -6.31
C ILE E 73 37.56 -28.62 -6.93
N ILE E 74 37.98 -29.85 -6.68
CA ILE E 74 39.24 -30.34 -7.24
C ILE E 74 39.08 -30.41 -8.75
N GLY E 75 40.02 -29.81 -9.47
CA GLY E 75 39.97 -29.83 -10.92
C GLY E 75 39.29 -28.62 -11.53
N LEU E 76 38.65 -27.80 -10.69
CA LEU E 76 37.97 -26.61 -11.17
C LEU E 76 38.96 -25.46 -11.27
N ASN E 77 38.64 -24.47 -12.09
CA ASN E 77 39.50 -23.31 -12.27
C ASN E 77 39.11 -22.26 -11.24
N PRO E 78 40.07 -21.81 -10.42
CA PRO E 78 39.80 -20.79 -9.39
C PRO E 78 39.11 -19.54 -9.95
N PHE E 79 39.37 -19.24 -11.22
CA PHE E 79 38.77 -18.08 -11.87
C PHE E 79 37.27 -18.27 -12.10
N ASN E 80 36.84 -19.53 -12.13
CA ASN E 80 35.43 -19.83 -12.31
C ASN E 80 34.79 -19.69 -10.93
N ILE E 81 34.87 -18.50 -10.36
CA ILE E 81 34.31 -18.25 -9.03
C ILE E 81 32.80 -18.46 -9.06
N GLU E 82 32.22 -18.27 -10.25
CA GLU E 82 30.78 -18.46 -10.44
C GLU E 82 30.41 -19.92 -10.18
N LYS E 83 31.17 -20.86 -10.76
CA LYS E 83 30.86 -22.27 -10.54
C LYS E 83 31.23 -22.74 -9.13
N ILE E 84 32.31 -22.19 -8.58
CA ILE E 84 32.73 -22.60 -7.25
C ILE E 84 31.65 -22.26 -6.23
N HIS E 85 31.01 -21.10 -6.39
CA HIS E 85 29.95 -20.74 -5.45
C HIS E 85 28.71 -21.58 -5.73
N GLU E 86 28.52 -21.94 -7.00
CA GLU E 86 27.38 -22.77 -7.38
C GLU E 86 27.54 -24.14 -6.71
N VAL E 87 28.75 -24.68 -6.78
CA VAL E 87 29.06 -25.97 -6.19
C VAL E 87 28.88 -25.98 -4.67
N MET E 88 29.37 -24.94 -4.01
CA MET E 88 29.25 -24.87 -2.56
C MET E 88 27.81 -24.67 -2.13
N ASP E 89 27.06 -23.85 -2.86
CA ASP E 89 25.66 -23.62 -2.51
C ASP E 89 24.84 -24.89 -2.66
N LYS E 90 25.22 -25.75 -3.59
CA LYS E 90 24.50 -27.01 -3.77
C LYS E 90 24.83 -27.98 -2.64
N ILE E 91 26.03 -27.88 -2.11
CA ILE E 91 26.44 -28.77 -1.03
C ILE E 91 25.82 -28.37 0.31
N SER E 92 25.90 -27.08 0.62
CA SER E 92 25.38 -26.58 1.88
C SER E 92 24.39 -25.42 1.73
N ALA E 93 23.27 -25.54 2.42
CA ALA E 93 22.23 -24.52 2.38
C ALA E 93 22.66 -23.28 3.18
N PHE E 94 23.61 -23.45 4.11
CA PHE E 94 24.07 -22.32 4.90
C PHE E 94 25.40 -22.61 5.60
N ALA E 95 26.42 -21.81 5.28
CA ALA E 95 27.76 -21.95 5.88
C ALA E 95 28.68 -20.86 5.35
N PRO E 96 28.31 -19.59 5.57
CA PRO E 96 29.12 -18.45 5.11
C PRO E 96 30.60 -18.50 5.47
N ALA E 97 30.93 -18.97 6.67
CA ALA E 97 32.33 -19.05 7.10
C ALA E 97 33.10 -20.03 6.22
N ALA E 98 32.54 -21.22 6.02
CA ALA E 98 33.18 -22.24 5.20
C ALA E 98 33.27 -21.76 3.75
N LYS E 99 32.18 -21.21 3.22
CA LYS E 99 32.18 -20.72 1.85
C LYS E 99 33.17 -19.56 1.67
N ALA E 100 33.28 -18.69 2.68
CA ALA E 100 34.21 -17.57 2.59
C ALA E 100 35.66 -18.07 2.56
N ALA E 101 35.92 -19.16 3.30
CA ALA E 101 37.25 -19.74 3.37
C ALA E 101 37.73 -20.17 1.98
N ILE E 102 36.87 -20.88 1.26
CA ILE E 102 37.19 -21.35 -0.09
C ILE E 102 37.31 -20.16 -1.03
N ASP E 103 36.33 -19.27 -0.95
CA ASP E 103 36.25 -18.07 -1.77
C ASP E 103 37.52 -17.22 -1.70
N ILE E 104 37.93 -16.86 -0.49
CA ILE E 104 39.11 -16.03 -0.30
C ILE E 104 40.38 -16.60 -0.91
N ALA E 105 40.58 -17.92 -0.75
CA ALA E 105 41.75 -18.57 -1.30
C ALA E 105 41.69 -18.54 -2.83
N CYS E 106 40.49 -18.67 -3.38
CA CYS E 106 40.33 -18.64 -4.83
C CYS E 106 40.72 -17.26 -5.35
N TYR E 107 40.32 -16.21 -4.63
CA TYR E 107 40.68 -14.86 -5.06
C TYR E 107 42.17 -14.61 -4.88
N ASP E 108 42.76 -15.23 -3.86
CA ASP E 108 44.19 -15.08 -3.62
C ASP E 108 44.91 -15.71 -4.82
N LEU E 109 44.45 -16.87 -5.24
CA LEU E 109 45.03 -17.60 -6.37
C LEU E 109 44.87 -16.82 -7.67
N MET E 110 43.72 -16.17 -7.85
CA MET E 110 43.49 -15.39 -9.05
C MET E 110 44.53 -14.26 -9.08
N GLY E 111 44.71 -13.61 -7.94
CA GLY E 111 45.66 -12.52 -7.87
C GLY E 111 47.08 -12.97 -8.17
N GLN E 112 47.40 -14.19 -7.77
CA GLN E 112 48.72 -14.72 -8.01
C GLN E 112 48.92 -15.11 -9.46
N LYS E 113 47.93 -15.75 -10.06
CA LYS E 113 48.05 -16.14 -11.46
C LYS E 113 48.18 -14.89 -12.33
N ALA E 114 47.38 -13.88 -12.02
CA ALA E 114 47.40 -12.62 -12.77
C ALA E 114 48.60 -11.75 -12.39
N GLN E 115 49.25 -12.10 -11.29
CA GLN E 115 50.42 -11.36 -10.81
C GLN E 115 50.03 -9.92 -10.48
N LEU E 116 48.98 -9.77 -9.67
CA LEU E 116 48.50 -8.46 -9.27
C LEU E 116 48.01 -8.52 -7.84
N PRO E 117 48.17 -7.44 -7.09
CA PRO E 117 47.68 -7.48 -5.71
C PRO E 117 46.15 -7.54 -5.80
N LEU E 118 45.53 -8.38 -4.96
CA LEU E 118 44.08 -8.56 -4.97
C LEU E 118 43.22 -7.32 -5.22
N TYR E 119 43.51 -6.22 -4.55
CA TYR E 119 42.70 -5.01 -4.72
C TYR E 119 42.60 -4.48 -6.17
N GLN E 120 43.55 -4.83 -7.03
CA GLN E 120 43.52 -4.37 -8.41
C GLN E 120 42.49 -5.15 -9.22
N LEU E 121 42.15 -6.34 -8.74
CA LEU E 121 41.17 -7.17 -9.41
C LEU E 121 39.77 -6.88 -8.86
N LEU E 122 39.70 -6.16 -7.76
CA LEU E 122 38.40 -5.87 -7.13
C LEU E 122 37.87 -4.46 -7.31
N GLY E 123 38.49 -3.67 -8.18
CA GLY E 123 38.02 -2.30 -8.39
C GLY E 123 39.14 -1.28 -8.45
N GLY E 124 40.26 -1.62 -7.82
CA GLY E 124 41.42 -0.75 -7.82
C GLY E 124 41.26 0.72 -7.47
N TYR E 125 40.25 1.06 -6.67
CA TYR E 125 40.02 2.47 -6.31
C TYR E 125 41.11 3.04 -5.43
N ASP E 126 41.68 2.21 -4.57
CA ASP E 126 42.73 2.64 -3.65
C ASP E 126 43.60 1.43 -3.28
N ASN E 127 44.73 1.69 -2.62
CA ASN E 127 45.64 0.60 -2.24
C ASN E 127 45.90 0.56 -0.74
N GLN E 128 45.00 1.17 0.03
CA GLN E 128 45.12 1.21 1.48
C GLN E 128 43.73 1.47 2.07
N VAL E 129 43.63 1.40 3.38
CA VAL E 129 42.36 1.65 4.05
C VAL E 129 42.57 2.04 5.50
N ILE E 130 41.73 2.96 5.98
CA ILE E 130 41.81 3.42 7.36
C ILE E 130 40.67 2.79 8.16
N THR E 131 41.02 2.14 9.27
CA THR E 131 40.01 1.49 10.09
C THR E 131 39.87 2.10 11.47
N ASP E 132 38.69 1.92 12.05
CA ASP E 132 38.44 2.40 13.40
C ASP E 132 38.98 1.29 14.28
N ILE E 133 38.73 1.40 15.58
CA ILE E 133 39.09 0.36 16.53
C ILE E 133 37.91 0.31 17.47
N THR E 134 37.48 -0.91 17.80
CA THR E 134 36.33 -1.11 18.68
C THR E 134 36.70 -1.19 20.16
N LEU E 135 35.82 -0.67 21.01
CA LEU E 135 36.03 -0.73 22.45
C LEU E 135 34.94 -1.67 22.99
N GLY E 136 35.35 -2.78 23.58
CA GLY E 136 34.39 -3.72 24.13
C GLY E 136 33.63 -3.10 25.30
N ILE E 137 32.52 -3.71 25.67
CA ILE E 137 31.71 -3.20 26.77
C ILE E 137 32.45 -3.29 28.11
N ASP E 138 32.39 -2.22 28.88
CA ASP E 138 33.02 -2.16 30.20
C ASP E 138 32.47 -0.94 30.94
N GLU E 139 32.93 -0.73 32.17
CA GLU E 139 32.48 0.42 32.93
C GLU E 139 32.84 1.69 32.17
N PRO E 140 32.01 2.74 32.28
CA PRO E 140 32.23 4.02 31.62
C PRO E 140 33.65 4.57 31.74
N ASN E 141 34.11 4.74 32.96
CA ASN E 141 35.46 5.26 33.19
C ASN E 141 36.51 4.35 32.55
N VAL E 142 36.26 3.05 32.57
CA VAL E 142 37.20 2.09 31.98
C VAL E 142 37.26 2.26 30.46
N MET E 143 36.09 2.37 29.83
CA MET E 143 36.03 2.54 28.38
C MET E 143 36.66 3.88 28.00
N ALA E 144 36.33 4.93 28.74
CA ALA E 144 36.87 6.25 28.47
C ALA E 144 38.40 6.23 28.49
N GLN E 145 38.96 5.61 29.52
CA GLN E 145 40.41 5.50 29.66
C GLN E 145 41.02 4.82 28.44
N LYS E 146 40.45 3.67 28.07
CA LYS E 146 40.95 2.95 26.91
C LYS E 146 40.80 3.74 25.63
N ALA E 147 39.79 4.60 25.59
CA ALA E 147 39.55 5.44 24.43
C ALA E 147 40.77 6.32 24.18
N VAL E 148 41.27 6.92 25.25
CA VAL E 148 42.44 7.79 25.16
C VAL E 148 43.64 6.98 24.68
N GLU E 149 43.77 5.75 25.19
CA GLU E 149 44.89 4.91 24.82
C GLU E 149 44.85 4.60 23.33
N LYS E 150 43.64 4.40 22.80
CA LYS E 150 43.50 4.11 21.37
C LYS E 150 43.77 5.37 20.55
N VAL E 151 43.32 6.51 21.08
CA VAL E 151 43.52 7.79 20.40
C VAL E 151 45.02 8.08 20.29
N LYS E 152 45.75 7.80 21.37
CA LYS E 152 47.18 8.03 21.39
C LYS E 152 47.87 7.20 20.31
N LEU E 153 47.29 6.03 20.03
CA LEU E 153 47.84 5.14 19.01
C LEU E 153 47.58 5.65 17.59
N GLY E 154 46.87 6.76 17.46
CA GLY E 154 46.59 7.32 16.14
C GLY E 154 45.19 7.11 15.60
N PHE E 155 44.31 6.52 16.41
CA PHE E 155 42.93 6.27 15.97
C PHE E 155 42.04 7.50 16.12
N ASP E 156 41.46 7.92 14.99
CA ASP E 156 40.58 9.08 14.92
C ASP E 156 39.12 8.68 15.02
N THR E 157 38.86 7.39 14.88
CA THR E 157 37.50 6.87 14.94
C THR E 157 37.42 5.67 15.88
N LEU E 158 36.44 5.71 16.78
CA LEU E 158 36.26 4.62 17.72
C LEU E 158 34.86 4.04 17.63
N LYS E 159 34.77 2.72 17.62
CA LYS E 159 33.49 2.03 17.57
C LYS E 159 33.20 1.62 19.00
N ILE E 160 32.17 2.23 19.59
CA ILE E 160 31.82 1.97 20.97
C ILE E 160 30.72 0.93 21.16
N LYS E 161 31.08 -0.20 21.78
CA LYS E 161 30.14 -1.28 22.04
C LYS E 161 29.27 -0.95 23.25
N VAL E 162 27.97 -1.19 23.11
CA VAL E 162 27.01 -0.92 24.19
C VAL E 162 25.89 -1.96 24.14
N GLY E 163 25.00 -1.93 25.13
CA GLY E 163 23.89 -2.85 25.13
C GLY E 163 23.53 -3.54 26.42
N THR E 164 23.85 -2.94 27.56
CA THR E 164 23.52 -3.56 28.84
C THR E 164 22.28 -2.90 29.45
N GLY E 165 21.97 -1.70 28.96
CA GLY E 165 20.83 -0.93 29.45
C GLY E 165 21.04 0.49 28.98
N ILE E 166 20.04 1.10 28.35
CA ILE E 166 20.20 2.47 27.85
C ILE E 166 20.80 3.45 28.87
N GLU E 167 20.37 3.32 30.13
CA GLU E 167 20.88 4.21 31.18
C GLU E 167 22.40 4.08 31.25
N ALA E 168 22.88 2.86 31.36
CA ALA E 168 24.31 2.59 31.45
C ALA E 168 25.02 2.83 30.11
N ASP E 169 24.33 2.56 29.01
CA ASP E 169 24.93 2.76 27.70
C ASP E 169 25.18 4.25 27.46
N ILE E 170 24.20 5.07 27.82
CA ILE E 170 24.34 6.51 27.66
C ILE E 170 25.52 7.01 28.52
N ALA E 171 25.69 6.44 29.70
CA ALA E 171 26.78 6.84 30.59
C ALA E 171 28.15 6.55 29.99
N ARG E 172 28.25 5.43 29.30
CA ARG E 172 29.50 5.03 28.65
C ARG E 172 29.88 6.03 27.57
N VAL E 173 28.93 6.32 26.68
CA VAL E 173 29.17 7.24 25.58
C VAL E 173 29.57 8.65 26.03
N LYS E 174 28.91 9.17 27.05
CA LYS E 174 29.23 10.51 27.53
C LYS E 174 30.60 10.57 28.21
N ALA E 175 30.97 9.50 28.90
CA ALA E 175 32.27 9.45 29.57
C ALA E 175 33.37 9.44 28.50
N ILE E 176 33.16 8.66 27.45
CA ILE E 176 34.12 8.54 26.37
C ILE E 176 34.27 9.85 25.62
N ARG E 177 33.14 10.48 25.27
CA ARG E 177 33.20 11.73 24.53
C ARG E 177 33.97 12.81 25.29
N GLU E 178 33.60 13.07 26.53
CA GLU E 178 34.30 14.10 27.29
C GLU E 178 35.76 13.76 27.48
N ALA E 179 36.07 12.47 27.52
CA ALA E 179 37.45 12.02 27.69
C ALA E 179 38.33 12.26 26.46
N VAL E 180 37.76 12.17 25.26
CA VAL E 180 38.55 12.35 24.04
C VAL E 180 38.32 13.63 23.25
N GLY E 181 37.30 14.40 23.60
CA GLY E 181 37.03 15.62 22.86
C GLY E 181 36.17 15.37 21.64
N PHE E 182 35.84 16.44 20.91
CA PHE E 182 34.99 16.31 19.74
C PHE E 182 35.69 16.14 18.39
N ASP E 183 37.00 15.97 18.39
CA ASP E 183 37.71 15.78 17.14
C ASP E 183 37.68 14.30 16.74
N ILE E 184 37.37 13.45 17.72
CA ILE E 184 37.31 12.02 17.51
C ILE E 184 35.90 11.60 17.05
N LYS E 185 35.83 10.79 16.00
CA LYS E 185 34.55 10.33 15.50
C LYS E 185 34.10 9.12 16.30
N LEU E 186 32.87 9.16 16.78
CA LEU E 186 32.36 8.05 17.56
C LEU E 186 31.16 7.38 16.90
N ARG E 187 31.23 6.06 16.76
CA ARG E 187 30.13 5.30 16.19
C ARG E 187 29.78 4.24 17.23
N LEU E 188 28.49 4.05 17.48
CA LEU E 188 28.05 3.08 18.47
C LEU E 188 27.56 1.78 17.82
N ASP E 189 27.58 0.69 18.58
CA ASP E 189 27.10 -0.60 18.11
C ASP E 189 26.42 -1.27 19.31
N ALA E 190 25.09 -1.35 19.27
CA ALA E 190 24.34 -1.95 20.37
C ALA E 190 24.16 -3.46 20.19
N ASN E 191 24.62 -3.99 19.07
CA ASN E 191 24.49 -5.40 18.77
C ASN E 191 23.10 -5.96 19.14
N GLN E 192 22.05 -5.30 18.65
CA GLN E 192 20.67 -5.75 18.85
C GLN E 192 20.08 -5.64 20.25
N ALA E 193 20.75 -4.93 21.15
CA ALA E 193 20.30 -4.85 22.54
C ALA E 193 19.08 -3.98 22.88
N TRP E 194 18.70 -3.05 22.02
CA TRP E 194 17.59 -2.18 22.35
C TRP E 194 16.29 -2.40 21.60
N THR E 195 15.19 -2.02 22.26
CA THR E 195 13.87 -2.09 21.64
C THR E 195 13.84 -0.83 20.76
N PRO E 196 12.98 -0.80 19.74
CA PRO E 196 12.93 0.38 18.87
C PRO E 196 12.76 1.71 19.59
N LYS E 197 11.78 1.80 20.48
CA LYS E 197 11.55 3.06 21.17
C LYS E 197 12.67 3.45 22.14
N ASP E 198 13.33 2.47 22.75
CA ASP E 198 14.42 2.77 23.67
C ASP E 198 15.62 3.26 22.85
N ALA E 199 15.76 2.72 21.65
CA ALA E 199 16.86 3.10 20.76
C ALA E 199 16.70 4.58 20.42
N VAL E 200 15.49 4.98 20.08
CA VAL E 200 15.21 6.37 19.75
C VAL E 200 15.52 7.24 20.97
N LYS E 201 15.01 6.85 22.13
CA LYS E 201 15.25 7.61 23.35
C LYS E 201 16.75 7.78 23.58
N ALA E 202 17.49 6.68 23.52
CA ALA E 202 18.93 6.73 23.74
C ALA E 202 19.64 7.64 22.74
N ILE E 203 19.33 7.47 21.45
CA ILE E 203 19.96 8.28 20.42
C ILE E 203 19.67 9.77 20.60
N GLN E 204 18.44 10.10 20.96
CA GLN E 204 18.07 11.49 21.18
C GLN E 204 18.78 12.04 22.41
N ALA E 205 18.94 11.19 23.42
CA ALA E 205 19.61 11.61 24.64
C ALA E 205 21.10 11.88 24.35
N LEU E 206 21.61 11.32 23.26
CA LEU E 206 23.01 11.51 22.89
C LEU E 206 23.21 12.55 21.78
N ALA E 207 22.19 13.34 21.52
CA ALA E 207 22.25 14.36 20.48
C ALA E 207 23.46 15.28 20.57
N ASP E 208 23.65 15.88 21.74
CA ASP E 208 24.77 16.80 21.94
C ASP E 208 26.15 16.15 21.88
N TYR E 209 26.20 14.83 21.85
CA TYR E 209 27.48 14.13 21.84
C TYR E 209 28.06 13.80 20.47
N GLN E 210 27.45 14.34 19.42
CA GLN E 210 27.95 14.14 18.06
C GLN E 210 28.25 12.67 17.73
N ILE E 211 27.21 11.85 17.71
CA ILE E 211 27.36 10.43 17.38
C ILE E 211 27.33 10.29 15.86
N GLU E 212 28.40 9.73 15.28
CA GLU E 212 28.47 9.56 13.84
C GLU E 212 27.37 8.63 13.32
N LEU E 213 27.16 7.52 14.01
CA LEU E 213 26.15 6.55 13.60
C LEU E 213 25.92 5.50 14.67
N VAL E 214 24.79 4.80 14.55
CA VAL E 214 24.45 3.74 15.49
C VAL E 214 24.25 2.46 14.68
N GLU E 215 24.97 1.42 15.09
CA GLU E 215 24.92 0.14 14.42
C GLU E 215 23.97 -0.86 15.07
N GLN E 216 23.15 -1.49 14.24
CA GLN E 216 22.18 -2.51 14.65
C GLN E 216 21.61 -2.31 16.05
N PRO E 217 20.76 -1.28 16.24
CA PRO E 217 20.16 -1.00 17.55
C PRO E 217 19.14 -2.02 18.04
N VAL E 218 18.44 -2.67 17.12
CA VAL E 218 17.41 -3.64 17.47
C VAL E 218 17.68 -5.05 16.94
N LYS E 219 16.89 -6.01 17.40
CA LYS E 219 17.00 -7.41 16.99
C LYS E 219 17.09 -7.54 15.46
N ARG E 220 17.88 -8.50 14.98
CA ARG E 220 18.08 -8.67 13.54
C ARG E 220 16.87 -9.02 12.70
N ARG E 221 15.89 -9.70 13.27
CA ARG E 221 14.69 -10.07 12.52
C ARG E 221 13.61 -8.98 12.55
N ASP E 222 13.77 -8.01 13.45
CA ASP E 222 12.79 -6.93 13.58
C ASP E 222 13.09 -5.79 12.61
N LEU E 223 12.84 -6.06 11.33
CA LEU E 223 13.06 -5.09 10.27
C LEU E 223 12.13 -3.88 10.37
N GLU E 224 10.90 -4.10 10.82
CA GLU E 224 9.97 -2.99 10.97
C GLU E 224 10.51 -2.09 12.07
N GLY E 225 11.08 -2.70 13.09
CA GLY E 225 11.60 -1.96 14.21
C GLY E 225 12.85 -1.17 13.86
N LEU E 226 13.72 -1.77 13.07
CA LEU E 226 14.94 -1.11 12.66
C LEU E 226 14.59 0.10 11.80
N LYS E 227 13.65 -0.07 10.88
CA LYS E 227 13.23 1.02 10.01
C LYS E 227 12.62 2.15 10.83
N TYR E 228 11.92 1.78 11.90
CA TYR E 228 11.31 2.78 12.77
C TYR E 228 12.42 3.68 13.32
N VAL E 229 13.44 3.05 13.88
CA VAL E 229 14.56 3.81 14.45
C VAL E 229 15.15 4.76 13.40
N THR E 230 15.45 4.21 12.23
CA THR E 230 16.04 4.97 11.14
C THR E 230 15.18 6.18 10.74
N SER E 231 13.86 5.98 10.72
CA SER E 231 12.95 7.05 10.34
C SER E 231 12.53 7.97 11.48
N GLN E 232 13.07 7.76 12.68
CA GLN E 232 12.71 8.59 13.82
C GLN E 232 13.84 9.50 14.32
N VAL E 233 15.05 9.31 13.79
CA VAL E 233 16.19 10.12 14.22
C VAL E 233 17.02 10.55 13.02
N ASN E 234 17.68 11.69 13.14
CA ASN E 234 18.50 12.19 12.05
C ASN E 234 19.84 11.46 12.01
N THR E 235 20.21 10.84 13.13
CA THR E 235 21.45 10.09 13.20
C THR E 235 21.46 8.95 12.19
N THR E 236 22.62 8.68 11.63
CA THR E 236 22.76 7.61 10.66
C THR E 236 22.61 6.25 11.34
N ILE E 237 21.79 5.38 10.76
CA ILE E 237 21.55 4.03 11.29
C ILE E 237 22.12 2.95 10.36
N MET E 238 22.88 2.03 10.94
CA MET E 238 23.50 0.98 10.16
C MET E 238 23.03 -0.42 10.54
N ALA E 239 22.86 -1.25 9.52
CA ALA E 239 22.45 -2.64 9.72
C ALA E 239 23.70 -3.51 9.72
N ASP E 240 23.74 -4.49 10.61
CA ASP E 240 24.85 -5.44 10.68
C ASP E 240 24.24 -6.83 10.64
N GLU E 241 23.82 -7.34 11.79
CA GLU E 241 23.21 -8.67 11.86
C GLU E 241 21.96 -8.83 10.98
N SER E 242 21.29 -7.72 10.68
CA SER E 242 20.09 -7.76 9.84
C SER E 242 20.40 -8.02 8.37
N CYS E 243 21.69 -7.95 8.00
CA CYS E 243 22.08 -8.19 6.61
C CYS E 243 23.28 -9.12 6.48
N PHE E 244 23.02 -10.35 6.08
CA PHE E 244 24.09 -11.33 5.89
C PHE E 244 24.57 -11.34 4.44
N ASP E 245 23.63 -11.54 3.51
CA ASP E 245 23.95 -11.64 2.09
C ASP E 245 23.26 -10.64 1.16
N ALA E 246 23.44 -10.85 -0.15
CA ALA E 246 22.86 -9.99 -1.19
C ALA E 246 21.34 -9.92 -1.15
N GLN E 247 20.70 -11.05 -0.89
CA GLN E 247 19.24 -11.08 -0.83
C GLN E 247 18.73 -10.23 0.33
N ASP E 248 19.42 -10.27 1.47
CA ASP E 248 19.03 -9.45 2.61
C ASP E 248 19.21 -8.00 2.25
N ALA E 249 20.34 -7.68 1.62
CA ALA E 249 20.64 -6.31 1.24
C ALA E 249 19.54 -5.78 0.35
N LEU E 250 19.11 -6.61 -0.59
CA LEU E 250 18.06 -6.23 -1.52
C LEU E 250 16.75 -5.97 -0.75
N GLU E 251 16.43 -6.83 0.21
CA GLU E 251 15.21 -6.62 0.98
C GLU E 251 15.29 -5.30 1.76
N LEU E 252 16.43 -5.02 2.38
CA LEU E 252 16.60 -3.80 3.15
C LEU E 252 16.48 -2.54 2.29
N VAL E 253 16.99 -2.59 1.07
CA VAL E 253 16.91 -1.44 0.19
C VAL E 253 15.48 -1.21 -0.29
N LYS E 254 14.76 -2.29 -0.58
CA LYS E 254 13.38 -2.17 -1.03
C LYS E 254 12.47 -1.64 0.07
N LYS E 255 12.84 -1.91 1.32
CA LYS E 255 12.03 -1.46 2.46
C LYS E 255 12.54 -0.12 3.03
N GLY E 256 13.72 0.31 2.61
CA GLY E 256 14.27 1.57 3.14
C GLY E 256 14.57 1.46 4.62
N THR E 257 14.98 0.26 5.04
CA THR E 257 15.29 -0.04 6.44
C THR E 257 16.39 0.75 7.17
N VAL E 258 17.53 0.95 6.52
CA VAL E 258 18.64 1.66 7.17
C VAL E 258 19.36 2.64 6.24
N ASP E 259 20.37 3.34 6.76
CA ASP E 259 21.15 4.29 5.96
C ASP E 259 22.45 3.70 5.43
N VAL E 260 23.07 2.82 6.23
CA VAL E 260 24.33 2.19 5.86
C VAL E 260 24.23 0.70 6.17
N ILE E 261 25.07 -0.10 5.52
CA ILE E 261 25.08 -1.53 5.73
C ILE E 261 26.51 -2.05 5.97
N ASN E 262 26.67 -2.84 7.02
CA ASN E 262 27.94 -3.44 7.40
C ASN E 262 28.12 -4.75 6.65
N ILE E 263 29.20 -4.85 5.88
CA ILE E 263 29.50 -6.06 5.11
C ILE E 263 30.58 -6.86 5.83
N LYS E 264 30.39 -8.17 5.93
CA LYS E 264 31.37 -9.05 6.55
C LYS E 264 31.51 -10.27 5.66
N LEU E 265 32.73 -10.62 5.29
CA LEU E 265 32.93 -11.79 4.44
C LEU E 265 32.41 -13.05 5.12
N MET E 266 32.54 -13.12 6.45
CA MET E 266 32.07 -14.29 7.19
C MET E 266 30.55 -14.36 7.30
N LYS E 267 29.88 -13.28 6.94
CA LYS E 267 28.40 -13.23 6.97
C LYS E 267 27.82 -13.61 5.60
N CYS E 268 28.46 -13.13 4.53
CA CYS E 268 27.97 -13.37 3.18
C CYS E 268 28.59 -14.55 2.45
N GLY E 269 29.66 -15.11 2.98
CA GLY E 269 30.28 -16.25 2.33
C GLY E 269 31.34 -15.90 1.31
N GLY E 270 32.05 -14.79 1.52
CA GLY E 270 33.12 -14.44 0.60
C GLY E 270 33.05 -13.12 -0.14
N ILE E 271 34.13 -12.85 -0.88
CA ILE E 271 34.28 -11.66 -1.68
C ILE E 271 33.26 -11.60 -2.82
N HIS E 272 32.99 -12.74 -3.43
CA HIS E 272 32.06 -12.81 -4.54
C HIS E 272 30.66 -12.29 -4.15
N GLU E 273 30.19 -12.70 -2.98
CA GLU E 273 28.88 -12.27 -2.49
C GLU E 273 28.95 -10.84 -1.94
N ALA E 274 30.08 -10.50 -1.32
CA ALA E 274 30.26 -9.17 -0.75
C ALA E 274 30.20 -8.11 -1.83
N LEU E 275 30.73 -8.45 -3.01
CA LEU E 275 30.71 -7.54 -4.15
C LEU E 275 29.26 -7.27 -4.53
N LYS E 276 28.44 -8.31 -4.52
CA LYS E 276 27.02 -8.18 -4.87
C LYS E 276 26.35 -7.19 -3.91
N ILE E 277 26.60 -7.37 -2.61
CA ILE E 277 26.03 -6.50 -1.59
C ILE E 277 26.42 -5.05 -1.83
N ASN E 278 27.71 -4.80 -2.08
CA ASN E 278 28.12 -3.43 -2.30
C ASN E 278 27.51 -2.83 -3.58
N GLN E 279 27.34 -3.67 -4.61
CA GLN E 279 26.76 -3.23 -5.89
C GLN E 279 25.34 -2.76 -5.62
N ILE E 280 24.59 -3.61 -4.93
CA ILE E 280 23.21 -3.34 -4.58
C ILE E 280 23.06 -2.07 -3.76
N CYS E 281 23.84 -1.93 -2.70
CA CYS E 281 23.76 -0.75 -1.85
C CYS E 281 24.10 0.52 -2.61
N GLU E 282 25.23 0.49 -3.31
CA GLU E 282 25.69 1.64 -4.09
C GLU E 282 24.59 2.13 -5.05
N THR E 283 23.94 1.19 -5.72
CA THR E 283 22.87 1.52 -6.66
C THR E 283 21.70 2.19 -5.94
N ALA E 284 21.49 1.84 -4.67
CA ALA E 284 20.40 2.41 -3.89
C ALA E 284 20.81 3.66 -3.12
N GLY E 285 22.09 4.04 -3.20
CA GLY E 285 22.56 5.22 -2.50
C GLY E 285 22.93 4.95 -1.05
N ILE E 286 23.20 3.69 -0.75
CA ILE E 286 23.57 3.27 0.61
C ILE E 286 25.06 2.90 0.65
N GLU E 287 25.82 3.62 1.47
CA GLU E 287 27.24 3.35 1.61
C GLU E 287 27.42 2.13 2.51
N CYS E 288 28.57 1.45 2.39
CA CYS E 288 28.84 0.28 3.19
C CYS E 288 30.09 0.42 4.05
N MET E 289 30.14 -0.36 5.12
CA MET E 289 31.30 -0.39 6.00
C MET E 289 31.76 -1.82 6.01
N ILE E 290 33.05 -2.04 5.80
CA ILE E 290 33.58 -3.40 5.83
C ILE E 290 33.82 -3.71 7.31
N GLY E 291 33.38 -4.89 7.74
CA GLY E 291 33.55 -5.25 9.14
C GLY E 291 34.27 -6.57 9.29
N CYS E 292 34.27 -7.10 10.51
CA CYS E 292 34.94 -8.37 10.78
C CYS E 292 34.44 -9.04 12.04
N MET E 293 34.76 -10.33 12.17
CA MET E 293 34.39 -11.10 13.34
C MET E 293 35.63 -11.03 14.24
N ALA E 294 35.45 -11.27 15.55
CA ALA E 294 36.59 -11.22 16.45
C ALA E 294 37.36 -12.53 16.31
N GLU E 295 36.70 -13.53 15.72
CA GLU E 295 37.31 -14.85 15.53
C GLU E 295 38.16 -15.01 14.27
N GLU E 296 38.23 -13.98 13.43
CA GLU E 296 39.05 -14.12 12.24
C GLU E 296 40.38 -13.42 12.45
N THR E 297 41.36 -13.75 11.60
CA THR E 297 42.68 -13.18 11.76
C THR E 297 43.22 -12.54 10.48
N THR E 298 44.54 -12.63 10.33
CA THR E 298 45.26 -12.05 9.20
C THR E 298 44.64 -12.31 7.82
N ILE E 299 44.30 -13.55 7.53
CA ILE E 299 43.73 -13.88 6.23
C ILE E 299 42.41 -13.15 5.96
N GLY E 300 41.43 -13.32 6.85
CA GLY E 300 40.15 -12.66 6.67
C GLY E 300 40.26 -11.15 6.60
N ILE E 301 41.00 -10.56 7.54
CA ILE E 301 41.18 -9.12 7.58
C ILE E 301 41.86 -8.58 6.33
N THR E 302 42.91 -9.27 5.89
CA THR E 302 43.64 -8.86 4.69
C THR E 302 42.74 -8.90 3.46
N ALA E 303 42.01 -9.99 3.29
CA ALA E 303 41.11 -10.11 2.15
C ALA E 303 40.07 -8.98 2.18
N ALA E 304 39.56 -8.69 3.38
CA ALA E 304 38.56 -7.64 3.55
C ALA E 304 39.14 -6.25 3.29
N ALA E 305 40.41 -6.05 3.65
CA ALA E 305 41.04 -4.76 3.41
C ALA E 305 41.19 -4.51 1.91
N HIS E 306 41.52 -5.55 1.15
CA HIS E 306 41.70 -5.40 -0.30
C HIS E 306 40.38 -5.00 -0.95
N LEU E 307 39.31 -5.70 -0.57
CA LEU E 307 37.98 -5.41 -1.10
C LEU E 307 37.59 -3.97 -0.79
N ALA E 308 37.81 -3.55 0.47
CA ALA E 308 37.45 -2.21 0.90
C ALA E 308 38.23 -1.13 0.16
N ALA E 309 39.52 -1.36 -0.04
CA ALA E 309 40.37 -0.40 -0.74
C ALA E 309 39.94 -0.32 -2.21
N ALA E 310 39.58 -1.47 -2.78
CA ALA E 310 39.17 -1.52 -4.17
C ALA E 310 37.82 -0.86 -4.47
N GLN E 311 36.87 -0.99 -3.55
CA GLN E 311 35.52 -0.46 -3.72
C GLN E 311 35.25 0.92 -3.14
N LYS E 312 34.83 1.83 -4.01
CA LYS E 312 34.53 3.19 -3.60
C LYS E 312 33.36 3.30 -2.61
N ASN E 313 32.31 2.49 -2.80
CA ASN E 313 31.15 2.57 -1.92
C ASN E 313 31.38 2.03 -0.51
N ILE E 314 32.50 1.32 -0.31
CA ILE E 314 32.82 0.83 1.02
C ILE E 314 33.65 1.99 1.57
N THR E 315 32.94 2.93 2.17
CA THR E 315 33.49 4.15 2.72
C THR E 315 33.93 4.12 4.18
N ARG E 316 33.67 3.02 4.86
CA ARG E 316 34.05 2.91 6.26
C ARG E 316 34.69 1.56 6.49
N ALA E 317 35.52 1.46 7.52
CA ALA E 317 36.18 0.20 7.82
C ALA E 317 36.29 -0.08 9.32
N ASP E 318 35.96 -1.31 9.66
CA ASP E 318 36.04 -1.79 11.04
C ASP E 318 36.78 -3.10 10.95
N LEU E 319 38.08 -2.99 10.68
CA LEU E 319 38.95 -4.14 10.54
C LEU E 319 40.02 -4.09 11.63
N ASP E 320 39.61 -4.44 12.85
CA ASP E 320 40.49 -4.40 14.01
C ASP E 320 40.70 -5.76 14.67
N ALA E 321 40.36 -6.83 13.97
CA ALA E 321 40.49 -8.17 14.52
C ALA E 321 41.90 -8.62 14.86
N THR E 322 42.87 -8.26 14.03
CA THR E 322 44.26 -8.67 14.29
C THR E 322 44.88 -7.94 15.48
N PHE E 323 44.32 -6.79 15.87
CA PHE E 323 44.89 -6.02 16.98
C PHE E 323 44.82 -6.72 18.33
N GLY E 324 43.87 -7.63 18.50
CA GLY E 324 43.74 -8.33 19.76
C GLY E 324 44.34 -9.72 19.79
N LEU E 325 44.98 -10.11 18.69
CA LEU E 325 45.58 -11.43 18.58
C LEU E 325 46.93 -11.56 19.30
N GLU E 326 47.17 -12.70 19.93
CA GLU E 326 48.43 -12.96 20.61
C GLU E 326 49.50 -13.20 19.54
N THR E 327 49.11 -13.93 18.50
CA THR E 327 50.02 -14.26 17.40
C THR E 327 49.27 -14.41 16.07
N ALA E 328 50.02 -14.40 14.97
CA ALA E 328 49.43 -14.55 13.65
C ALA E 328 49.57 -16.01 13.23
N PRO E 329 48.52 -16.58 12.63
CA PRO E 329 48.54 -17.99 12.19
C PRO E 329 49.24 -18.18 10.85
N VAL E 330 49.60 -17.07 10.22
CA VAL E 330 50.26 -17.12 8.92
C VAL E 330 51.23 -15.95 8.79
N THR E 331 52.01 -15.94 7.71
CA THR E 331 52.99 -14.87 7.49
C THR E 331 52.57 -13.85 6.44
N GLY E 332 52.87 -12.59 6.69
CA GLY E 332 52.51 -11.52 5.77
C GLY E 332 51.11 -11.00 6.02
N GLY E 333 50.58 -10.24 5.08
CA GLY E 333 49.23 -9.70 5.22
C GLY E 333 49.16 -8.57 6.24
N VAL E 334 47.94 -8.16 6.58
CA VAL E 334 47.73 -7.10 7.56
C VAL E 334 48.43 -7.48 8.86
N SER E 335 49.15 -6.52 9.43
CA SER E 335 49.92 -6.70 10.66
C SER E 335 49.09 -6.77 11.94
N LEU E 336 49.67 -7.37 12.97
CA LEU E 336 49.00 -7.50 14.27
C LEU E 336 49.04 -6.18 15.02
N GLU E 337 49.84 -5.25 14.53
CA GLU E 337 49.98 -3.96 15.16
C GLU E 337 48.70 -3.14 15.17
N ALA E 338 48.39 -2.56 16.32
CA ALA E 338 47.19 -1.74 16.45
C ALA E 338 47.47 -0.36 15.86
N LYS E 339 47.08 -0.19 14.60
CA LYS E 339 47.26 1.07 13.90
C LYS E 339 46.07 1.33 12.99
N PRO E 340 45.70 2.60 12.81
CA PRO E 340 44.56 2.96 11.95
C PRO E 340 44.78 2.71 10.47
N LEU E 341 45.99 2.97 10.00
CA LEU E 341 46.28 2.79 8.58
C LEU E 341 46.70 1.38 8.19
N LEU E 342 45.99 0.82 7.22
CA LEU E 342 46.31 -0.52 6.73
C LEU E 342 46.72 -0.35 5.28
N GLU E 343 48.02 -0.39 5.02
CA GLU E 343 48.53 -0.24 3.66
C GLU E 343 48.76 -1.57 2.98
N LEU E 344 48.20 -1.73 1.79
CA LEU E 344 48.36 -2.97 1.04
C LEU E 344 49.58 -2.80 0.15
N GLY E 345 50.44 -3.80 0.13
CA GLY E 345 51.65 -3.72 -0.69
C GLY E 345 51.38 -4.04 -2.14
N GLU E 346 52.43 -4.43 -2.86
CA GLU E 346 52.31 -4.78 -4.27
C GLU E 346 52.42 -6.28 -4.50
N ALA E 347 52.48 -7.05 -3.41
CA ALA E 347 52.57 -8.49 -3.51
C ALA E 347 51.31 -9.00 -4.21
N ALA E 348 51.45 -10.07 -5.00
CA ALA E 348 50.31 -10.63 -5.71
C ALA E 348 49.35 -11.31 -4.74
N GLY E 349 48.05 -11.29 -5.08
CA GLY E 349 47.06 -11.91 -4.23
C GLY E 349 47.00 -11.24 -2.86
N LEU E 350 47.00 -12.05 -1.81
CA LEU E 350 46.94 -11.52 -0.45
C LEU E 350 48.31 -11.20 0.14
N GLY E 351 49.37 -11.69 -0.50
CA GLY E 351 50.71 -11.45 -0.02
C GLY E 351 50.94 -12.21 1.28
N ILE E 352 50.29 -13.37 1.37
CA ILE E 352 50.38 -14.21 2.55
C ILE E 352 51.02 -15.57 2.26
N SER E 353 51.81 -16.06 3.19
CA SER E 353 52.47 -17.35 3.05
C SER E 353 52.55 -18.05 4.38
N HIS E 354 52.77 -19.36 4.34
CA HIS E 354 52.87 -20.15 5.56
C HIS E 354 54.04 -21.13 5.45
N MET F 1 50.49 0.13 -14.01
CA MET F 1 49.99 0.41 -15.39
C MET F 1 49.31 1.77 -15.44
N LYS F 2 49.66 2.56 -16.45
CA LYS F 2 49.07 3.90 -16.61
C LYS F 2 48.63 4.19 -18.04
N ILE F 3 47.58 5.00 -18.16
CA ILE F 3 47.03 5.40 -19.45
C ILE F 3 47.88 6.54 -20.03
N LYS F 4 48.45 6.30 -21.21
CA LYS F 4 49.29 7.30 -21.85
C LYS F 4 48.44 8.26 -22.69
N GLN F 5 47.71 7.70 -23.65
CA GLN F 5 46.87 8.50 -24.53
C GLN F 5 45.59 7.77 -24.89
N VAL F 6 44.53 8.55 -25.15
CA VAL F 6 43.25 8.01 -25.54
C VAL F 6 42.95 8.42 -26.97
N HIS F 7 42.87 7.43 -27.85
CA HIS F 7 42.61 7.69 -29.26
C HIS F 7 41.20 7.24 -29.64
N VAL F 8 40.47 8.11 -30.32
CA VAL F 8 39.12 7.78 -30.75
C VAL F 8 38.90 8.20 -32.20
N ARG F 9 38.21 7.35 -32.96
CA ARG F 9 37.94 7.63 -34.36
C ARG F 9 36.54 7.16 -34.72
N ALA F 10 36.00 7.72 -35.80
CA ALA F 10 34.66 7.34 -36.26
C ALA F 10 34.76 6.16 -37.22
N SER F 11 33.78 5.27 -37.16
CA SER F 11 33.74 4.11 -38.02
C SER F 11 32.34 3.97 -38.63
N LYS F 12 32.29 3.75 -39.94
CA LYS F 12 31.02 3.60 -40.63
C LYS F 12 31.07 2.36 -41.52
N ILE F 13 30.18 1.41 -41.25
CA ILE F 13 30.13 0.15 -41.99
C ILE F 13 28.71 -0.14 -42.45
N LYS F 14 28.52 -0.24 -43.77
CA LYS F 14 27.20 -0.51 -44.32
C LYS F 14 26.80 -1.94 -43.97
N LEU F 15 25.50 -2.19 -43.98
CA LEU F 15 24.97 -3.52 -43.66
C LEU F 15 24.57 -4.24 -44.95
N LYS F 16 24.55 -5.57 -44.92
CA LYS F 16 24.17 -6.35 -46.09
C LYS F 16 22.94 -5.67 -46.70
N GLU F 17 21.95 -5.41 -45.86
CA GLU F 17 20.72 -4.74 -46.24
C GLU F 17 19.96 -4.21 -45.03
N THR F 18 19.29 -3.08 -45.23
CA THR F 18 18.52 -2.41 -44.18
C THR F 18 17.85 -3.30 -43.14
N PHE F 19 17.89 -2.85 -41.90
CA PHE F 19 17.29 -3.57 -40.77
C PHE F 19 16.14 -2.72 -40.25
N THR F 20 14.96 -3.32 -40.15
CA THR F 20 13.79 -2.57 -39.70
C THR F 20 13.11 -3.07 -38.43
N ILE F 21 12.89 -2.16 -37.48
CA ILE F 21 12.20 -2.49 -36.23
C ILE F 21 11.07 -1.47 -36.05
N ALA F 22 10.25 -1.67 -35.03
CA ALA F 22 9.12 -0.77 -34.78
C ALA F 22 9.54 0.69 -34.64
N LEU F 23 10.73 0.93 -34.11
CA LEU F 23 11.22 2.29 -33.89
C LEU F 23 11.84 2.97 -35.12
N GLY F 24 12.05 2.21 -36.19
CA GLY F 24 12.64 2.79 -37.38
C GLY F 24 13.52 1.83 -38.16
N THR F 25 14.50 2.37 -38.87
CA THR F 25 15.41 1.53 -39.65
C THR F 25 16.84 2.04 -39.65
N ILE F 26 17.77 1.14 -39.94
CA ILE F 26 19.19 1.46 -39.98
C ILE F 26 19.85 0.78 -41.19
N GLU F 27 20.72 1.52 -41.87
CA GLU F 27 21.41 1.00 -43.06
C GLU F 27 22.90 0.81 -42.79
N SER F 28 23.45 1.66 -41.94
CA SER F 28 24.87 1.58 -41.63
C SER F 28 25.14 1.62 -40.13
N ALA F 29 26.09 0.82 -39.70
CA ALA F 29 26.48 0.76 -38.30
C ALA F 29 27.62 1.74 -38.09
N ASP F 30 27.31 2.91 -37.55
CA ASP F 30 28.32 3.92 -37.32
C ASP F 30 28.61 4.04 -35.82
N SER F 31 29.82 3.62 -35.44
CA SER F 31 30.22 3.67 -34.05
C SER F 31 31.56 4.36 -33.90
N ALA F 32 31.90 4.69 -32.66
CA ALA F 32 33.17 5.35 -32.36
C ALA F 32 34.10 4.30 -31.78
N ILE F 33 35.25 4.09 -32.42
CA ILE F 33 36.22 3.13 -31.95
C ILE F 33 37.30 3.81 -31.12
N VAL F 34 37.55 3.26 -29.93
CA VAL F 34 38.54 3.81 -29.02
C VAL F 34 39.73 2.88 -28.81
N GLU F 35 40.90 3.49 -28.67
CA GLU F 35 42.13 2.76 -28.43
C GLU F 35 42.88 3.48 -27.32
N ILE F 36 42.91 2.84 -26.15
CA ILE F 36 43.60 3.43 -25.01
C ILE F 36 44.98 2.79 -24.94
N GLU F 37 46.02 3.63 -25.07
CA GLU F 37 47.38 3.13 -25.02
C GLU F 37 48.02 3.45 -23.68
N THR F 38 48.64 2.45 -23.08
CA THR F 38 49.31 2.61 -21.79
C THR F 38 50.72 3.10 -22.03
N GLU F 39 51.27 3.83 -21.07
CA GLU F 39 52.62 4.34 -21.24
C GLU F 39 53.63 3.22 -21.40
N GLU F 40 53.23 1.98 -21.11
CA GLU F 40 54.14 0.86 -21.27
C GLU F 40 53.97 0.17 -22.62
N GLY F 41 53.03 0.65 -23.42
CA GLY F 41 52.84 0.08 -24.74
C GLY F 41 51.56 -0.68 -25.07
N LEU F 42 50.88 -1.20 -24.06
CA LEU F 42 49.64 -1.95 -24.29
C LEU F 42 48.52 -1.07 -24.82
N VAL F 43 47.71 -1.64 -25.72
CA VAL F 43 46.59 -0.91 -26.31
C VAL F 43 45.26 -1.64 -26.08
N GLY F 44 44.29 -0.93 -25.51
CA GLY F 44 42.98 -1.53 -25.26
C GLY F 44 41.94 -1.03 -26.25
N TYR F 45 41.13 -1.95 -26.77
CA TYR F 45 40.10 -1.57 -27.74
C TYR F 45 38.70 -1.44 -27.14
N GLY F 46 38.05 -0.33 -27.49
CA GLY F 46 36.69 -0.07 -27.02
C GLY F 46 35.81 0.40 -28.17
N GLU F 47 34.53 0.59 -27.90
CA GLU F 47 33.59 1.05 -28.91
C GLU F 47 32.30 1.59 -28.32
N GLY F 48 31.68 2.51 -29.05
CA GLY F 48 30.43 3.10 -28.62
C GLY F 48 29.50 3.14 -29.82
N GLY F 49 28.42 2.37 -29.76
CA GLY F 49 27.47 2.34 -30.85
C GLY F 49 26.19 3.03 -30.43
N PRO F 50 26.09 4.35 -30.65
CA PRO F 50 24.90 5.12 -30.28
C PRO F 50 23.69 4.91 -31.18
N GLY F 51 22.57 4.51 -30.56
CA GLY F 51 21.33 4.31 -31.30
C GLY F 51 20.48 5.52 -30.98
N ILE F 52 20.44 6.47 -31.91
CA ILE F 52 19.69 7.70 -31.72
C ILE F 52 18.23 7.53 -31.31
N PHE F 53 17.53 6.58 -31.90
CA PHE F 53 16.13 6.38 -31.55
C PHE F 53 15.94 5.42 -30.38
N ILE F 54 17.01 5.18 -29.63
CA ILE F 54 16.97 4.31 -28.47
C ILE F 54 17.47 5.07 -27.25
N THR F 55 18.63 5.70 -27.38
CA THR F 55 19.20 6.46 -26.27
C THR F 55 19.24 7.95 -26.58
N GLY F 56 19.06 8.29 -27.85
CA GLY F 56 19.11 9.69 -28.25
C GLY F 56 20.53 10.13 -28.55
N GLU F 57 21.48 9.22 -28.35
CA GLU F 57 22.90 9.52 -28.58
C GLU F 57 23.24 9.55 -30.05
N THR F 58 24.19 10.40 -30.40
CA THR F 58 24.65 10.54 -31.78
C THR F 58 26.15 10.34 -31.85
N LEU F 59 26.61 9.92 -33.02
CA LEU F 59 28.04 9.70 -33.23
C LEU F 59 28.81 10.97 -32.89
N ALA F 60 28.33 12.12 -33.37
CA ALA F 60 28.99 13.39 -33.11
C ALA F 60 29.05 13.70 -31.62
N GLY F 61 27.96 13.40 -30.92
CA GLY F 61 27.91 13.64 -29.49
C GLY F 61 28.79 12.65 -28.76
N THR F 62 28.73 11.40 -29.18
CA THR F 62 29.52 10.33 -28.58
C THR F 62 31.01 10.61 -28.73
N LEU F 63 31.40 11.13 -29.89
CA LEU F 63 32.81 11.44 -30.15
C LEU F 63 33.31 12.58 -29.27
N GLU F 64 32.57 13.68 -29.20
CA GLU F 64 33.00 14.80 -28.36
C GLU F 64 33.08 14.43 -26.89
N THR F 65 32.24 13.50 -26.45
CA THR F 65 32.22 13.07 -25.06
C THR F 65 33.45 12.20 -24.76
N ILE F 66 33.69 11.22 -25.62
CA ILE F 66 34.83 10.34 -25.46
C ILE F 66 36.12 11.15 -25.34
N GLU F 67 36.23 12.21 -26.12
CA GLU F 67 37.41 13.05 -26.09
C GLU F 67 37.57 13.73 -24.73
N LEU F 68 36.46 14.18 -24.16
CA LEU F 68 36.52 14.83 -22.85
C LEU F 68 36.92 13.78 -21.82
N PHE F 69 36.42 12.57 -22.01
CA PHE F 69 36.72 11.46 -21.10
C PHE F 69 38.19 11.10 -21.22
N GLY F 70 38.64 10.91 -22.46
CA GLY F 70 40.04 10.55 -22.71
C GLY F 70 41.04 11.43 -22.00
N GLN F 71 40.85 12.75 -22.08
CA GLN F 71 41.78 13.68 -21.45
C GLN F 71 41.70 13.73 -19.94
N ALA F 72 40.61 13.22 -19.38
CA ALA F 72 40.44 13.22 -17.93
C ALA F 72 41.01 11.97 -17.25
N ILE F 73 41.19 10.91 -18.00
CA ILE F 73 41.73 9.67 -17.43
C ILE F 73 43.22 9.45 -17.65
N ILE F 74 43.87 10.38 -18.37
CA ILE F 74 45.30 10.25 -18.62
C ILE F 74 46.06 10.14 -17.30
N GLY F 75 46.89 9.10 -17.17
CA GLY F 75 47.65 8.92 -15.95
C GLY F 75 46.95 8.08 -14.89
N LEU F 76 45.85 7.45 -15.26
CA LEU F 76 45.10 6.60 -14.34
C LEU F 76 45.33 5.13 -14.68
N ASN F 77 45.20 4.27 -13.68
CA ASN F 77 45.39 2.85 -13.91
C ASN F 77 44.11 2.25 -14.50
N PRO F 78 44.24 1.48 -15.59
CA PRO F 78 43.08 0.87 -16.22
C PRO F 78 42.33 -0.05 -15.26
N PHE F 79 43.02 -0.51 -14.23
CA PHE F 79 42.43 -1.39 -13.22
C PHE F 79 41.54 -0.63 -12.24
N ASN F 80 41.73 0.69 -12.18
CA ASN F 80 40.94 1.54 -11.28
C ASN F 80 39.65 1.87 -12.02
N ILE F 81 38.90 0.83 -12.38
CA ILE F 81 37.66 0.99 -13.11
C ILE F 81 36.68 1.81 -12.27
N GLU F 82 36.84 1.76 -10.94
CA GLU F 82 35.99 2.52 -10.03
C GLU F 82 36.17 4.03 -10.24
N LYS F 83 37.41 4.51 -10.15
CA LYS F 83 37.65 5.93 -10.32
C LYS F 83 37.37 6.42 -11.75
N ILE F 84 37.60 5.55 -12.73
CA ILE F 84 37.37 5.93 -14.12
C ILE F 84 35.88 6.22 -14.37
N HIS F 85 35.00 5.35 -13.89
CA HIS F 85 33.57 5.59 -14.07
C HIS F 85 33.15 6.79 -13.26
N GLU F 86 33.83 7.00 -12.13
CA GLU F 86 33.55 8.14 -11.27
C GLU F 86 33.86 9.43 -12.03
N VAL F 87 35.01 9.47 -12.70
CA VAL F 87 35.42 10.64 -13.45
C VAL F 87 34.49 10.87 -14.64
N MET F 88 34.10 9.79 -15.31
CA MET F 88 33.21 9.93 -16.44
C MET F 88 31.84 10.46 -16.03
N ASP F 89 31.32 9.95 -14.92
CA ASP F 89 30.01 10.38 -14.44
C ASP F 89 30.03 11.82 -13.98
N LYS F 90 31.19 12.28 -13.50
CA LYS F 90 31.34 13.66 -13.03
C LYS F 90 31.26 14.63 -14.20
N ILE F 91 31.73 14.18 -15.36
CA ILE F 91 31.75 14.99 -16.58
C ILE F 91 30.40 15.01 -17.31
N SER F 92 29.83 13.83 -17.53
CA SER F 92 28.56 13.69 -18.24
C SER F 92 27.46 13.00 -17.44
N ALA F 93 26.29 13.63 -17.38
CA ALA F 93 25.15 13.07 -16.66
C ALA F 93 24.48 11.95 -17.43
N PHE F 94 24.80 11.83 -18.71
CA PHE F 94 24.22 10.78 -19.55
C PHE F 94 24.94 10.63 -20.87
N ALA F 95 25.58 9.49 -21.05
CA ALA F 95 26.33 9.18 -22.26
C ALA F 95 26.87 7.77 -22.13
N PRO F 96 25.97 6.77 -22.14
CA PRO F 96 26.34 5.35 -22.02
C PRO F 96 27.16 4.83 -23.20
N ALA F 97 27.03 5.46 -24.37
CA ALA F 97 27.77 5.03 -25.54
C ALA F 97 29.24 5.35 -25.38
N ALA F 98 29.52 6.57 -24.94
CA ALA F 98 30.90 7.01 -24.74
C ALA F 98 31.54 6.31 -23.56
N LYS F 99 30.80 6.18 -22.46
CA LYS F 99 31.33 5.52 -21.27
C LYS F 99 31.64 4.05 -21.53
N ALA F 100 30.82 3.40 -22.34
CA ALA F 100 31.02 1.99 -22.67
C ALA F 100 32.29 1.82 -23.51
N ALA F 101 32.60 2.82 -24.33
CA ALA F 101 33.77 2.78 -25.19
C ALA F 101 35.05 2.80 -24.35
N ILE F 102 35.09 3.71 -23.38
CA ILE F 102 36.23 3.82 -22.48
C ILE F 102 36.29 2.56 -21.62
N ASP F 103 35.16 2.26 -20.98
CA ASP F 103 35.03 1.08 -20.12
C ASP F 103 35.55 -0.20 -20.76
N ILE F 104 35.04 -0.52 -21.94
CA ILE F 104 35.44 -1.74 -22.63
C ILE F 104 36.95 -1.80 -22.89
N ALA F 105 37.52 -0.67 -23.32
CA ALA F 105 38.95 -0.62 -23.60
C ALA F 105 39.73 -0.94 -22.34
N CYS F 106 39.34 -0.30 -21.24
CA CYS F 106 40.01 -0.52 -19.95
C CYS F 106 39.97 -1.98 -19.54
N TYR F 107 38.83 -2.65 -19.74
CA TYR F 107 38.74 -4.07 -19.39
C TYR F 107 39.61 -4.90 -20.33
N ASP F 108 39.71 -4.45 -21.58
CA ASP F 108 40.55 -5.17 -22.54
C ASP F 108 41.99 -5.12 -22.04
N LEU F 109 42.41 -3.94 -21.57
CA LEU F 109 43.76 -3.75 -21.03
C LEU F 109 43.97 -4.64 -19.80
N MET F 110 42.97 -4.69 -18.93
CA MET F 110 43.06 -5.51 -17.73
C MET F 110 43.33 -6.97 -18.13
N GLY F 111 42.57 -7.47 -19.09
CA GLY F 111 42.78 -8.84 -19.53
C GLY F 111 44.19 -9.04 -20.03
N GLN F 112 44.70 -8.03 -20.73
CA GLN F 112 46.05 -8.08 -21.28
C GLN F 112 47.12 -8.09 -20.21
N LYS F 113 47.15 -7.05 -19.38
CA LYS F 113 48.13 -6.96 -18.31
C LYS F 113 48.17 -8.19 -17.41
N ALA F 114 47.02 -8.86 -17.26
CA ALA F 114 46.95 -10.06 -16.44
C ALA F 114 47.19 -11.30 -17.28
N GLN F 115 47.24 -11.11 -18.59
CA GLN F 115 47.44 -12.22 -19.52
C GLN F 115 46.35 -13.25 -19.35
N LEU F 116 45.11 -12.77 -19.34
CA LEU F 116 43.92 -13.61 -19.18
C LEU F 116 42.84 -13.17 -20.16
N PRO F 117 42.11 -14.12 -20.75
CA PRO F 117 41.06 -13.66 -21.67
C PRO F 117 40.03 -12.96 -20.77
N LEU F 118 39.34 -11.96 -21.30
CA LEU F 118 38.38 -11.19 -20.52
C LEU F 118 37.37 -12.00 -19.68
N TYR F 119 36.80 -13.05 -20.26
CA TYR F 119 35.83 -13.84 -19.53
C TYR F 119 36.33 -14.45 -18.21
N GLN F 120 37.65 -14.51 -18.04
CA GLN F 120 38.26 -15.05 -16.82
C GLN F 120 38.28 -14.02 -15.71
N LEU F 121 38.21 -12.74 -16.09
CA LEU F 121 38.22 -11.66 -15.10
C LEU F 121 36.79 -11.28 -14.74
N LEU F 122 35.83 -11.74 -15.53
CA LEU F 122 34.43 -11.38 -15.29
C LEU F 122 33.56 -12.45 -14.67
N GLY F 123 34.13 -13.61 -14.35
CA GLY F 123 33.34 -14.67 -13.74
C GLY F 123 33.79 -16.08 -14.08
N GLY F 124 34.35 -16.24 -15.28
CA GLY F 124 34.86 -17.53 -15.73
C GLY F 124 33.89 -18.71 -15.79
N TYR F 125 32.60 -18.43 -15.80
CA TYR F 125 31.61 -19.49 -15.84
C TYR F 125 31.64 -20.35 -17.10
N ASP F 126 31.94 -19.74 -18.25
CA ASP F 126 32.03 -20.46 -19.52
C ASP F 126 33.00 -19.71 -20.43
N ASN F 127 33.33 -20.32 -21.57
CA ASN F 127 34.25 -19.68 -22.52
C ASN F 127 33.62 -19.54 -23.90
N GLN F 128 32.31 -19.76 -23.95
CA GLN F 128 31.55 -19.64 -25.20
C GLN F 128 30.14 -19.16 -24.88
N VAL F 129 29.36 -18.91 -25.92
CA VAL F 129 27.98 -18.46 -25.76
C VAL F 129 27.19 -18.73 -27.04
N ILE F 130 25.96 -19.21 -26.87
CA ILE F 130 25.09 -19.51 -28.01
C ILE F 130 24.07 -18.38 -28.18
N THR F 131 24.14 -17.70 -29.32
CA THR F 131 23.24 -16.59 -29.61
C THR F 131 22.16 -16.92 -30.64
N ASP F 132 21.13 -16.08 -30.64
CA ASP F 132 20.02 -16.21 -31.57
C ASP F 132 20.32 -15.23 -32.70
N ILE F 133 19.41 -15.14 -33.66
CA ILE F 133 19.58 -14.19 -34.75
C ILE F 133 18.28 -13.42 -34.89
N THR F 134 18.39 -12.10 -35.01
CA THR F 134 17.24 -11.20 -35.10
C THR F 134 16.69 -10.96 -36.50
N LEU F 135 15.44 -11.34 -36.72
CA LEU F 135 14.76 -11.14 -38.01
C LEU F 135 14.06 -9.79 -38.03
N GLY F 136 14.51 -8.92 -38.93
CA GLY F 136 13.93 -7.59 -39.06
C GLY F 136 12.47 -7.64 -39.51
N ILE F 137 11.77 -6.51 -39.39
CA ILE F 137 10.37 -6.45 -39.78
C ILE F 137 10.19 -6.52 -41.30
N ASP F 138 9.31 -7.42 -41.73
CA ASP F 138 9.01 -7.60 -43.15
C ASP F 138 7.67 -8.31 -43.26
N GLU F 139 7.32 -8.74 -44.46
CA GLU F 139 6.06 -9.45 -44.68
C GLU F 139 6.15 -10.85 -44.09
N PRO F 140 5.01 -11.39 -43.62
CA PRO F 140 5.03 -12.73 -43.04
C PRO F 140 5.75 -13.77 -43.91
N ASN F 141 5.26 -13.96 -45.13
CA ASN F 141 5.85 -14.93 -46.04
C ASN F 141 7.35 -14.70 -46.21
N VAL F 142 7.77 -13.43 -46.17
CA VAL F 142 9.18 -13.09 -46.32
C VAL F 142 9.99 -13.49 -45.07
N MET F 143 9.55 -13.02 -43.91
CA MET F 143 10.23 -13.35 -42.66
C MET F 143 10.32 -14.86 -42.50
N ALA F 144 9.27 -15.55 -42.94
CA ALA F 144 9.23 -17.01 -42.84
C ALA F 144 10.33 -17.61 -43.71
N GLN F 145 10.75 -16.87 -44.73
CA GLN F 145 11.80 -17.33 -45.63
C GLN F 145 13.15 -17.26 -44.94
N LYS F 146 13.50 -16.08 -44.44
CA LYS F 146 14.76 -15.89 -43.75
C LYS F 146 14.84 -16.81 -42.54
N ALA F 147 13.68 -17.17 -41.98
CA ALA F 147 13.64 -18.06 -40.83
C ALA F 147 14.32 -19.38 -41.18
N VAL F 148 13.76 -20.09 -42.17
CA VAL F 148 14.33 -21.36 -42.61
C VAL F 148 15.77 -21.10 -43.06
N GLU F 149 15.99 -19.90 -43.59
CA GLU F 149 17.28 -19.46 -44.08
C GLU F 149 18.32 -19.39 -42.96
N LYS F 150 17.91 -18.85 -41.82
CA LYS F 150 18.79 -18.72 -40.66
C LYS F 150 18.88 -20.04 -39.90
N VAL F 151 17.80 -20.81 -39.93
CA VAL F 151 17.77 -22.09 -39.25
C VAL F 151 18.77 -23.04 -39.89
N LYS F 152 18.88 -22.99 -41.21
CA LYS F 152 19.80 -23.85 -41.92
C LYS F 152 21.23 -23.48 -41.57
N LEU F 153 21.43 -22.23 -41.15
CA LEU F 153 22.77 -21.76 -40.77
C LEU F 153 23.18 -22.36 -39.42
N GLY F 154 22.26 -23.05 -38.77
CA GLY F 154 22.56 -23.67 -37.49
C GLY F 154 21.80 -23.08 -36.31
N PHE F 155 21.13 -21.95 -36.51
CA PHE F 155 20.39 -21.28 -35.45
C PHE F 155 19.17 -22.04 -34.97
N ASP F 156 19.05 -22.16 -33.64
CA ASP F 156 17.92 -22.86 -33.04
C ASP F 156 16.99 -21.89 -32.32
N THR F 157 17.40 -20.63 -32.24
CA THR F 157 16.62 -19.58 -31.59
C THR F 157 16.54 -18.36 -32.50
N LEU F 158 15.32 -17.89 -32.73
CA LEU F 158 15.11 -16.74 -33.60
C LEU F 158 14.36 -15.62 -32.89
N LYS F 159 14.89 -14.40 -33.00
CA LYS F 159 14.28 -13.23 -32.40
C LYS F 159 13.48 -12.53 -33.49
N ILE F 160 12.14 -12.58 -33.36
CA ILE F 160 11.25 -11.99 -34.35
C ILE F 160 10.80 -10.57 -34.04
N LYS F 161 11.19 -9.63 -34.87
CA LYS F 161 10.80 -8.24 -34.68
C LYS F 161 9.38 -8.01 -35.20
N VAL F 162 8.56 -7.36 -34.38
CA VAL F 162 7.18 -7.06 -34.76
C VAL F 162 6.86 -5.65 -34.27
N GLY F 163 5.65 -5.17 -34.57
CA GLY F 163 5.26 -3.84 -34.13
C GLY F 163 4.60 -2.96 -35.17
N THR F 164 3.85 -3.54 -36.09
CA THR F 164 3.16 -2.77 -37.12
C THR F 164 1.65 -2.81 -36.89
N GLY F 165 1.21 -3.78 -36.11
CA GLY F 165 -0.20 -3.95 -35.83
C GLY F 165 -0.42 -5.39 -35.45
N ILE F 166 -1.04 -5.63 -34.30
CA ILE F 166 -1.26 -7.00 -33.85
C ILE F 166 -1.81 -7.91 -34.96
N GLU F 167 -2.60 -7.36 -35.87
CA GLU F 167 -3.15 -8.15 -36.96
C GLU F 167 -2.02 -8.76 -37.77
N ALA F 168 -1.16 -7.89 -38.29
CA ALA F 168 -0.02 -8.30 -39.10
C ALA F 168 1.04 -9.01 -38.26
N ASP F 169 1.32 -8.47 -37.07
CA ASP F 169 2.32 -9.07 -36.19
C ASP F 169 2.00 -10.52 -35.91
N ILE F 170 0.75 -10.81 -35.58
CA ILE F 170 0.33 -12.17 -35.31
C ILE F 170 0.51 -13.02 -36.56
N ALA F 171 0.26 -12.42 -37.71
CA ALA F 171 0.40 -13.10 -38.99
C ALA F 171 1.85 -13.51 -39.20
N ARG F 172 2.77 -12.60 -38.91
CA ARG F 172 4.19 -12.86 -39.06
C ARG F 172 4.62 -14.09 -38.25
N VAL F 173 4.34 -14.05 -36.96
CA VAL F 173 4.71 -15.14 -36.05
C VAL F 173 4.17 -16.49 -36.51
N LYS F 174 2.89 -16.54 -36.85
CA LYS F 174 2.28 -17.78 -37.30
C LYS F 174 2.99 -18.33 -38.54
N ALA F 175 3.22 -17.46 -39.53
CA ALA F 175 3.88 -17.85 -40.77
C ALA F 175 5.25 -18.45 -40.46
N ILE F 176 6.00 -17.79 -39.58
CA ILE F 176 7.31 -18.26 -39.19
C ILE F 176 7.22 -19.62 -38.51
N ARG F 177 6.34 -19.76 -37.53
CA ARG F 177 6.18 -21.01 -36.81
C ARG F 177 5.78 -22.14 -37.77
N GLU F 178 5.12 -21.77 -38.86
CA GLU F 178 4.69 -22.73 -39.85
C GLU F 178 5.88 -23.21 -40.68
N ALA F 179 6.72 -22.26 -41.09
CA ALA F 179 7.88 -22.55 -41.91
C ALA F 179 9.08 -23.18 -41.19
N VAL F 180 9.06 -23.26 -39.87
CA VAL F 180 10.21 -23.84 -39.15
C VAL F 180 9.85 -24.98 -38.19
N GLY F 181 8.58 -25.08 -37.82
CA GLY F 181 8.18 -26.14 -36.91
C GLY F 181 8.48 -25.80 -35.47
N PHE F 182 7.95 -26.63 -34.57
CA PHE F 182 8.10 -26.43 -33.13
C PHE F 182 9.45 -26.84 -32.54
N ASP F 183 10.45 -27.07 -33.38
CA ASP F 183 11.77 -27.46 -32.88
C ASP F 183 12.65 -26.23 -32.72
N ILE F 184 12.20 -25.10 -33.26
CA ILE F 184 12.94 -23.85 -33.16
C ILE F 184 12.35 -22.97 -32.05
N LYS F 185 13.24 -22.34 -31.28
CA LYS F 185 12.82 -21.48 -30.19
C LYS F 185 12.56 -20.09 -30.79
N LEU F 186 11.43 -19.50 -30.42
CA LEU F 186 11.08 -18.18 -30.95
C LEU F 186 10.75 -17.16 -29.87
N ARG F 187 11.45 -16.03 -29.91
CA ARG F 187 11.24 -14.94 -28.96
C ARG F 187 10.82 -13.69 -29.75
N LEU F 188 9.83 -12.96 -29.23
CA LEU F 188 9.33 -11.77 -29.90
C LEU F 188 9.84 -10.47 -29.30
N ASP F 189 9.95 -9.44 -30.13
CA ASP F 189 10.41 -8.13 -29.69
C ASP F 189 9.57 -7.09 -30.43
N ALA F 190 8.63 -6.46 -29.73
CA ALA F 190 7.78 -5.46 -30.35
C ALA F 190 8.34 -4.04 -30.24
N ASN F 191 9.45 -3.89 -29.52
CA ASN F 191 10.07 -2.58 -29.36
C ASN F 191 9.09 -1.47 -28.99
N GLN F 192 8.29 -1.69 -27.95
CA GLN F 192 7.33 -0.70 -27.44
C GLN F 192 6.11 -0.39 -28.30
N ALA F 193 5.84 -1.18 -29.32
CA ALA F 193 4.73 -0.90 -30.22
C ALA F 193 3.30 -1.13 -29.73
N TRP F 194 3.10 -2.03 -28.77
CA TRP F 194 1.74 -2.31 -28.33
C TRP F 194 1.25 -1.63 -27.05
N THR F 195 -0.07 -1.48 -26.96
CA THR F 195 -0.69 -0.92 -25.77
C THR F 195 -0.70 -2.15 -24.87
N PRO F 196 -0.85 -1.96 -23.55
CA PRO F 196 -0.86 -3.13 -22.67
C PRO F 196 -1.92 -4.18 -23.00
N LYS F 197 -3.13 -3.76 -23.30
CA LYS F 197 -4.18 -4.73 -23.60
C LYS F 197 -4.01 -5.37 -24.97
N ASP F 198 -3.41 -4.66 -25.91
CA ASP F 198 -3.18 -5.24 -27.24
C ASP F 198 -2.13 -6.33 -27.13
N ALA F 199 -1.11 -6.06 -26.32
CA ALA F 199 -0.02 -7.01 -26.10
C ALA F 199 -0.57 -8.32 -25.57
N VAL F 200 -1.42 -8.22 -24.56
CA VAL F 200 -2.04 -9.39 -23.95
C VAL F 200 -2.89 -10.15 -24.95
N LYS F 201 -3.63 -9.42 -25.78
CA LYS F 201 -4.48 -10.04 -26.79
C LYS F 201 -3.60 -10.82 -27.77
N ALA F 202 -2.55 -10.17 -28.27
CA ALA F 202 -1.64 -10.79 -29.21
C ALA F 202 -0.96 -12.02 -28.59
N ILE F 203 -0.46 -11.86 -27.37
CA ILE F 203 0.21 -12.95 -26.66
C ILE F 203 -0.70 -14.16 -26.46
N GLN F 204 -1.97 -13.90 -26.15
CA GLN F 204 -2.91 -14.99 -25.95
C GLN F 204 -3.27 -15.66 -27.28
N ALA F 205 -3.24 -14.87 -28.35
CA ALA F 205 -3.56 -15.37 -29.68
C ALA F 205 -2.49 -16.37 -30.14
N LEU F 206 -1.24 -16.07 -29.84
CA LEU F 206 -0.12 -16.93 -30.21
C LEU F 206 0.11 -18.07 -29.19
N ALA F 207 -0.84 -18.24 -28.28
CA ALA F 207 -0.75 -19.27 -27.24
C ALA F 207 -0.20 -20.60 -27.74
N ASP F 208 -1.00 -21.33 -28.52
CA ASP F 208 -0.56 -22.63 -29.02
C ASP F 208 0.56 -22.55 -30.04
N TYR F 209 1.29 -21.43 -30.07
CA TYR F 209 2.40 -21.28 -30.98
C TYR F 209 3.74 -21.40 -30.26
N GLN F 210 3.66 -21.69 -28.97
CA GLN F 210 4.85 -21.88 -28.14
C GLN F 210 5.88 -20.75 -28.20
N ILE F 211 5.48 -19.55 -27.83
CA ILE F 211 6.38 -18.41 -27.84
C ILE F 211 7.20 -18.43 -26.55
N GLU F 212 8.52 -18.41 -26.67
CA GLU F 212 9.38 -18.44 -25.48
C GLU F 212 9.19 -17.21 -24.60
N LEU F 213 9.29 -16.03 -25.20
CA LEU F 213 9.14 -14.78 -24.45
C LEU F 213 8.82 -13.62 -25.37
N VAL F 214 8.40 -12.51 -24.78
CA VAL F 214 8.09 -11.30 -25.54
C VAL F 214 8.87 -10.13 -24.95
N GLU F 215 9.65 -9.46 -25.78
CA GLU F 215 10.49 -8.35 -25.37
C GLU F 215 9.81 -7.00 -25.53
N GLN F 216 9.97 -6.16 -24.51
CA GLN F 216 9.43 -4.80 -24.45
C GLN F 216 8.14 -4.57 -25.24
N PRO F 217 7.02 -5.15 -24.79
CA PRO F 217 5.75 -4.98 -25.50
C PRO F 217 5.13 -3.58 -25.46
N VAL F 218 5.48 -2.79 -24.45
CA VAL F 218 4.92 -1.45 -24.34
C VAL F 218 5.96 -0.35 -24.23
N LYS F 219 5.49 0.89 -24.22
CA LYS F 219 6.35 2.05 -24.11
C LYS F 219 7.28 1.94 -22.90
N ARG F 220 8.52 2.37 -23.08
CA ARG F 220 9.54 2.30 -22.03
C ARG F 220 9.23 3.01 -20.71
N ARG F 221 8.44 4.08 -20.76
CA ARG F 221 8.11 4.82 -19.53
C ARG F 221 6.82 4.30 -18.89
N ASP F 222 6.15 3.37 -19.54
CA ASP F 222 4.90 2.81 -19.01
C ASP F 222 5.17 1.54 -18.23
N LEU F 223 5.79 1.69 -17.07
CA LEU F 223 6.14 0.56 -16.23
C LEU F 223 4.91 -0.16 -15.70
N GLU F 224 3.83 0.58 -15.48
CA GLU F 224 2.59 -0.01 -14.99
C GLU F 224 1.95 -0.87 -16.06
N GLY F 225 1.93 -0.36 -17.29
CA GLY F 225 1.37 -1.12 -18.39
C GLY F 225 2.22 -2.34 -18.65
N LEU F 226 3.54 -2.21 -18.46
CA LEU F 226 4.45 -3.32 -18.66
C LEU F 226 4.21 -4.40 -17.62
N LYS F 227 4.09 -4.00 -16.36
CA LYS F 227 3.81 -4.93 -15.27
C LYS F 227 2.48 -5.62 -15.54
N TYR F 228 1.54 -4.88 -16.11
CA TYR F 228 0.22 -5.41 -16.44
C TYR F 228 0.40 -6.63 -17.36
N VAL F 229 1.14 -6.43 -18.45
CA VAL F 229 1.37 -7.52 -19.40
C VAL F 229 1.98 -8.72 -18.69
N THR F 230 3.02 -8.47 -17.91
CA THR F 230 3.70 -9.54 -17.18
C THR F 230 2.76 -10.31 -16.26
N SER F 231 1.86 -9.58 -15.61
CA SER F 231 0.93 -10.22 -14.67
C SER F 231 -0.31 -10.81 -15.32
N GLN F 232 -0.49 -10.55 -16.62
CA GLN F 232 -1.66 -11.04 -17.35
C GLN F 232 -1.45 -12.34 -18.13
N VAL F 233 -0.20 -12.68 -18.45
CA VAL F 233 0.06 -13.90 -19.19
C VAL F 233 1.14 -14.73 -18.53
N ASN F 234 1.16 -16.02 -18.81
CA ASN F 234 2.17 -16.90 -18.25
C ASN F 234 3.46 -16.81 -19.07
N THR F 235 3.35 -16.25 -20.27
CA THR F 235 4.50 -16.08 -21.15
C THR F 235 5.54 -15.16 -20.49
N THR F 236 6.81 -15.51 -20.63
CA THR F 236 7.89 -14.71 -20.07
C THR F 236 7.94 -13.35 -20.77
N ILE F 237 8.05 -12.28 -19.99
CA ILE F 237 8.09 -10.93 -20.53
C ILE F 237 9.43 -10.31 -20.16
N MET F 238 10.09 -9.73 -21.15
CA MET F 238 11.41 -9.14 -20.95
C MET F 238 11.38 -7.64 -21.17
N ALA F 239 12.17 -6.93 -20.37
CA ALA F 239 12.27 -5.50 -20.50
C ALA F 239 13.56 -5.20 -21.26
N ASP F 240 13.51 -4.19 -22.13
CA ASP F 240 14.69 -3.76 -22.86
C ASP F 240 14.84 -2.26 -22.65
N GLU F 241 14.13 -1.47 -23.45
CA GLU F 241 14.22 -0.01 -23.32
C GLU F 241 13.81 0.50 -21.94
N SER F 242 13.03 -0.29 -21.20
CA SER F 242 12.62 0.12 -19.86
C SER F 242 13.76 0.01 -18.86
N CYS F 243 14.85 -0.63 -19.28
CA CYS F 243 16.00 -0.79 -18.38
C CYS F 243 17.33 -0.42 -19.00
N PHE F 244 17.86 0.75 -18.62
CA PHE F 244 19.15 1.21 -19.11
C PHE F 244 20.31 0.86 -18.16
N ASP F 245 20.18 1.27 -16.91
CA ASP F 245 21.22 1.05 -15.92
C ASP F 245 20.83 0.26 -14.68
N ALA F 246 21.74 0.21 -13.72
CA ALA F 246 21.54 -0.51 -12.48
C ALA F 246 20.34 0.04 -11.70
N GLN F 247 20.16 1.35 -11.72
CA GLN F 247 19.04 1.96 -11.01
C GLN F 247 17.70 1.56 -11.62
N ASP F 248 17.63 1.50 -12.95
CA ASP F 248 16.39 1.10 -13.61
C ASP F 248 16.10 -0.32 -13.19
N ALA F 249 17.14 -1.16 -13.26
CA ALA F 249 17.02 -2.57 -12.90
C ALA F 249 16.47 -2.71 -11.49
N LEU F 250 16.98 -1.90 -10.56
CA LEU F 250 16.54 -1.95 -9.19
C LEU F 250 15.05 -1.57 -9.07
N GLU F 251 14.66 -0.51 -9.77
CA GLU F 251 13.26 -0.08 -9.73
C GLU F 251 12.37 -1.17 -10.31
N LEU F 252 12.84 -1.86 -11.35
CA LEU F 252 12.06 -2.92 -11.96
C LEU F 252 11.91 -4.13 -11.04
N VAL F 253 12.95 -4.45 -10.28
CA VAL F 253 12.88 -5.59 -9.36
C VAL F 253 11.96 -5.23 -8.19
N LYS F 254 12.00 -3.98 -7.75
CA LYS F 254 11.17 -3.51 -6.65
C LYS F 254 9.68 -3.60 -7.03
N LYS F 255 9.36 -3.22 -8.26
CA LYS F 255 7.99 -3.24 -8.75
C LYS F 255 7.54 -4.60 -9.29
N GLY F 256 8.48 -5.52 -9.50
CA GLY F 256 8.15 -6.82 -10.04
C GLY F 256 7.59 -6.68 -11.45
N THR F 257 8.12 -5.69 -12.17
CA THR F 257 7.71 -5.34 -13.53
C THR F 257 7.81 -6.39 -14.65
N VAL F 258 8.89 -7.17 -14.67
CA VAL F 258 9.07 -8.18 -15.71
C VAL F 258 9.74 -9.45 -15.19
N ASP F 259 9.88 -10.45 -16.05
CA ASP F 259 10.49 -11.73 -15.69
C ASP F 259 11.98 -11.81 -16.06
N VAL F 260 12.36 -11.09 -17.11
CA VAL F 260 13.73 -11.10 -17.62
C VAL F 260 14.17 -9.70 -18.03
N ILE F 261 15.46 -9.42 -17.93
CA ILE F 261 15.99 -8.10 -18.30
C ILE F 261 17.06 -8.22 -19.39
N ASN F 262 16.95 -7.38 -20.42
CA ASN F 262 17.92 -7.37 -21.51
C ASN F 262 19.02 -6.36 -21.19
N ILE F 263 20.27 -6.81 -21.14
CA ILE F 263 21.38 -5.90 -20.84
C ILE F 263 22.15 -5.54 -22.11
N LYS F 264 22.45 -4.26 -22.27
CA LYS F 264 23.23 -3.78 -23.42
C LYS F 264 24.33 -2.88 -22.86
N LEU F 265 25.57 -3.16 -23.21
CA LEU F 265 26.69 -2.35 -22.74
C LEU F 265 26.49 -0.92 -23.20
N MET F 266 25.87 -0.77 -24.36
CA MET F 266 25.61 0.56 -24.91
C MET F 266 24.50 1.28 -24.14
N LYS F 267 23.66 0.52 -23.46
CA LYS F 267 22.58 1.09 -22.66
C LYS F 267 23.05 1.54 -21.27
N CYS F 268 23.84 0.69 -20.62
CA CYS F 268 24.34 0.95 -19.28
C CYS F 268 25.69 1.66 -19.14
N GLY F 269 26.47 1.71 -20.21
CA GLY F 269 27.75 2.38 -20.13
C GLY F 269 28.94 1.46 -19.89
N GLY F 270 28.84 0.22 -20.35
CA GLY F 270 29.95 -0.69 -20.18
C GLY F 270 29.77 -1.89 -19.28
N ILE F 271 30.81 -2.71 -19.20
CA ILE F 271 30.83 -3.92 -18.40
C ILE F 271 30.69 -3.67 -16.90
N HIS F 272 31.33 -2.61 -16.40
CA HIS F 272 31.26 -2.28 -14.97
C HIS F 272 29.81 -2.13 -14.49
N GLU F 273 28.99 -1.44 -15.30
CA GLU F 273 27.59 -1.21 -14.97
C GLU F 273 26.76 -2.46 -15.22
N ALA F 274 27.03 -3.11 -16.35
CA ALA F 274 26.32 -4.33 -16.74
C ALA F 274 26.45 -5.40 -15.66
N LEU F 275 27.59 -5.40 -14.96
CA LEU F 275 27.80 -6.37 -13.90
C LEU F 275 26.82 -6.09 -12.75
N LYS F 276 26.64 -4.82 -12.42
CA LYS F 276 25.71 -4.45 -11.36
C LYS F 276 24.30 -4.94 -11.71
N ILE F 277 23.90 -4.69 -12.95
CA ILE F 277 22.58 -5.10 -13.41
C ILE F 277 22.34 -6.60 -13.24
N ASN F 278 23.27 -7.42 -13.73
CA ASN F 278 23.10 -8.86 -13.60
C ASN F 278 23.12 -9.27 -12.13
N GLN F 279 23.95 -8.62 -11.32
CA GLN F 279 24.06 -8.92 -9.89
C GLN F 279 22.72 -8.66 -9.23
N ILE F 280 22.13 -7.50 -9.55
CA ILE F 280 20.84 -7.11 -8.99
C ILE F 280 19.76 -8.07 -9.44
N CYS F 281 19.71 -8.35 -10.74
CA CYS F 281 18.71 -9.27 -11.28
C CYS F 281 18.82 -10.66 -10.68
N GLU F 282 20.03 -11.20 -10.70
CA GLU F 282 20.28 -12.53 -10.16
C GLU F 282 19.81 -12.63 -8.71
N THR F 283 20.10 -11.60 -7.91
CA THR F 283 19.71 -11.59 -6.52
C THR F 283 18.18 -11.62 -6.41
N ALA F 284 17.52 -10.96 -7.36
CA ALA F 284 16.06 -10.89 -7.37
C ALA F 284 15.40 -12.08 -8.05
N GLY F 285 16.19 -13.02 -8.54
CA GLY F 285 15.64 -14.19 -9.21
C GLY F 285 15.25 -13.94 -10.66
N ILE F 286 15.81 -12.88 -11.24
CA ILE F 286 15.55 -12.48 -12.62
C ILE F 286 16.76 -12.77 -13.51
N GLU F 287 16.56 -13.59 -14.53
CA GLU F 287 17.64 -13.91 -15.47
C GLU F 287 17.82 -12.76 -16.46
N CYS F 288 19.00 -12.66 -17.06
CA CYS F 288 19.30 -11.59 -18.00
C CYS F 288 19.69 -12.12 -19.38
N MET F 289 19.45 -11.31 -20.40
CA MET F 289 19.84 -11.64 -21.78
C MET F 289 20.76 -10.54 -22.23
N ILE F 290 21.92 -10.89 -22.77
CA ILE F 290 22.86 -9.88 -23.26
C ILE F 290 22.38 -9.48 -24.65
N GLY F 291 22.30 -8.17 -24.90
CA GLY F 291 21.84 -7.70 -26.19
C GLY F 291 22.85 -6.80 -26.88
N CYS F 292 22.41 -6.15 -27.97
CA CYS F 292 23.28 -5.26 -28.70
C CYS F 292 22.52 -4.30 -29.59
N MET F 293 23.19 -3.22 -29.97
CA MET F 293 22.62 -2.21 -30.86
C MET F 293 23.06 -2.62 -32.26
N ALA F 294 22.35 -2.15 -33.28
CA ALA F 294 22.73 -2.50 -34.64
C ALA F 294 23.90 -1.63 -35.07
N GLU F 295 24.19 -0.60 -34.28
CA GLU F 295 25.29 0.32 -34.58
C GLU F 295 26.65 -0.05 -33.98
N GLU F 296 26.74 -1.23 -33.37
CA GLU F 296 28.03 -1.62 -32.81
C GLU F 296 28.56 -2.81 -33.57
N THR F 297 29.88 -2.96 -33.58
CA THR F 297 30.52 -4.03 -34.31
C THR F 297 31.30 -5.01 -33.45
N THR F 298 32.35 -5.58 -34.05
CA THR F 298 33.21 -6.56 -33.41
C THR F 298 33.62 -6.25 -31.96
N ILE F 299 34.09 -5.04 -31.67
CA ILE F 299 34.50 -4.73 -30.31
C ILE F 299 33.34 -4.87 -29.31
N GLY F 300 32.24 -4.18 -29.57
CA GLY F 300 31.09 -4.26 -28.67
C GLY F 300 30.57 -5.67 -28.47
N ILE F 301 30.33 -6.39 -29.57
CA ILE F 301 29.84 -7.75 -29.51
C ILE F 301 30.81 -8.66 -28.77
N THR F 302 32.11 -8.43 -28.97
CA THR F 302 33.13 -9.24 -28.33
C THR F 302 33.10 -9.01 -26.81
N ALA F 303 33.12 -7.74 -26.42
CA ALA F 303 33.08 -7.39 -25.01
C ALA F 303 31.84 -7.99 -24.35
N ALA F 304 30.72 -7.98 -25.06
CA ALA F 304 29.48 -8.53 -24.54
C ALA F 304 29.50 -10.05 -24.44
N ALA F 305 30.15 -10.71 -25.40
CA ALA F 305 30.24 -12.15 -25.40
C ALA F 305 31.04 -12.66 -24.21
N HIS F 306 32.11 -11.94 -23.87
CA HIS F 306 32.96 -12.32 -22.74
C HIS F 306 32.15 -12.23 -21.44
N LEU F 307 31.52 -11.09 -21.21
CA LEU F 307 30.70 -10.89 -20.01
C LEU F 307 29.63 -11.96 -19.91
N ALA F 308 28.94 -12.23 -21.01
CA ALA F 308 27.88 -13.23 -21.06
C ALA F 308 28.37 -14.62 -20.72
N ALA F 309 29.48 -15.01 -21.35
CA ALA F 309 30.06 -16.32 -21.11
C ALA F 309 30.47 -16.43 -19.64
N ALA F 310 30.99 -15.34 -19.09
CA ALA F 310 31.47 -15.30 -17.71
C ALA F 310 30.42 -15.36 -16.62
N GLN F 311 29.25 -14.77 -16.88
CA GLN F 311 28.16 -14.71 -15.90
C GLN F 311 27.06 -15.75 -16.04
N LYS F 312 26.90 -16.56 -15.00
CA LYS F 312 25.88 -17.60 -15.00
C LYS F 312 24.47 -17.08 -15.19
N ASN F 313 24.15 -15.94 -14.59
CA ASN F 313 22.79 -15.40 -14.68
C ASN F 313 22.41 -14.82 -16.04
N ILE F 314 23.38 -14.71 -16.94
CA ILE F 314 23.08 -14.22 -18.27
C ILE F 314 22.89 -15.53 -19.02
N THR F 315 21.65 -15.98 -19.07
CA THR F 315 21.29 -17.24 -19.70
C THR F 315 20.87 -17.16 -21.16
N ARG F 316 20.78 -15.95 -21.69
CA ARG F 316 20.39 -15.75 -23.09
C ARG F 316 21.31 -14.75 -23.77
N ALA F 317 21.43 -14.88 -25.09
CA ALA F 317 22.28 -13.98 -25.85
C ALA F 317 21.64 -13.58 -27.17
N ASP F 318 21.75 -12.28 -27.48
CA ASP F 318 21.22 -11.72 -28.72
C ASP F 318 22.35 -10.84 -29.25
N LEU F 319 23.43 -11.49 -29.66
CA LEU F 319 24.61 -10.80 -30.18
C LEU F 319 24.77 -11.14 -31.66
N ASP F 320 24.07 -10.40 -32.51
CA ASP F 320 24.12 -10.63 -33.95
C ASP F 320 24.45 -9.38 -34.75
N ALA F 321 24.97 -8.35 -34.08
CA ALA F 321 25.31 -7.10 -34.76
C ALA F 321 26.39 -7.25 -35.85
N THR F 322 27.21 -8.30 -35.77
CA THR F 322 28.25 -8.49 -36.77
C THR F 322 27.75 -9.32 -37.96
N PHE F 323 26.68 -10.09 -37.74
CA PHE F 323 26.14 -10.94 -38.81
C PHE F 323 25.58 -10.16 -40.00
N GLY F 324 25.52 -8.83 -39.87
CA GLY F 324 24.99 -8.01 -40.94
C GLY F 324 25.98 -6.98 -41.45
N LEU F 325 27.20 -7.04 -40.93
CA LEU F 325 28.24 -6.10 -41.34
C LEU F 325 28.93 -6.62 -42.60
N GLU F 326 29.41 -5.70 -43.42
CA GLU F 326 30.11 -6.06 -44.65
C GLU F 326 31.59 -6.25 -44.37
N THR F 327 32.09 -5.48 -43.41
CA THR F 327 33.49 -5.54 -43.02
C THR F 327 33.64 -5.41 -41.50
N ALA F 328 34.87 -5.63 -41.03
CA ALA F 328 35.18 -5.51 -39.61
C ALA F 328 36.19 -4.38 -39.45
N PRO F 329 35.97 -3.48 -38.49
CA PRO F 329 36.87 -2.34 -38.25
C PRO F 329 38.14 -2.73 -37.51
N VAL F 330 38.23 -4.00 -37.14
CA VAL F 330 39.38 -4.49 -36.42
C VAL F 330 39.53 -6.00 -36.63
N THR F 331 40.70 -6.53 -36.34
CA THR F 331 40.95 -7.96 -36.50
C THR F 331 40.78 -8.72 -35.19
N GLY F 332 40.13 -9.87 -35.27
CA GLY F 332 39.92 -10.68 -34.08
C GLY F 332 38.54 -10.50 -33.48
N GLY F 333 38.35 -11.06 -32.29
CA GLY F 333 37.05 -10.97 -31.63
C GLY F 333 36.04 -11.90 -32.28
N VAL F 334 34.76 -11.56 -32.15
CA VAL F 334 33.70 -12.37 -32.73
C VAL F 334 33.70 -12.23 -34.25
N SER F 335 33.60 -13.37 -34.93
CA SER F 335 33.58 -13.41 -36.39
C SER F 335 32.29 -12.84 -36.98
N LEU F 336 32.37 -12.42 -38.23
CA LEU F 336 31.21 -11.87 -38.92
C LEU F 336 30.31 -13.00 -39.41
N GLU F 337 30.85 -14.22 -39.39
CA GLU F 337 30.09 -15.37 -39.84
C GLU F 337 28.79 -15.49 -39.04
N ALA F 338 27.69 -15.71 -39.76
CA ALA F 338 26.39 -15.85 -39.11
C ALA F 338 26.25 -17.25 -38.52
N LYS F 339 26.83 -17.45 -37.34
CA LYS F 339 26.78 -18.73 -36.65
C LYS F 339 26.24 -18.54 -35.23
N PRO F 340 25.43 -19.50 -34.75
CA PRO F 340 24.84 -19.42 -33.40
C PRO F 340 25.87 -19.58 -32.29
N LEU F 341 26.88 -20.41 -32.52
CA LEU F 341 27.91 -20.65 -31.51
C LEU F 341 29.04 -19.62 -31.57
N LEU F 342 29.34 -19.02 -30.42
CA LEU F 342 30.40 -18.03 -30.33
C LEU F 342 31.43 -18.49 -29.31
N GLU F 343 32.53 -19.05 -29.79
CA GLU F 343 33.58 -19.53 -28.91
C GLU F 343 34.62 -18.44 -28.69
N LEU F 344 35.08 -18.32 -27.45
CA LEU F 344 36.07 -17.31 -27.10
C LEU F 344 37.44 -17.99 -26.95
N GLY F 345 38.46 -17.43 -27.59
CA GLY F 345 39.79 -17.98 -27.51
C GLY F 345 40.49 -17.67 -26.21
N GLU F 346 41.74 -18.10 -26.08
CA GLU F 346 42.51 -17.88 -24.87
C GLU F 346 43.37 -16.62 -24.91
N ALA F 347 43.25 -15.86 -25.99
CA ALA F 347 44.03 -14.63 -26.12
C ALA F 347 43.69 -13.74 -24.92
N ALA F 348 44.60 -12.84 -24.58
CA ALA F 348 44.38 -11.95 -23.45
C ALA F 348 43.38 -10.84 -23.78
N GLY F 349 42.61 -10.42 -22.78
CA GLY F 349 41.62 -9.37 -22.97
C GLY F 349 40.57 -9.74 -24.00
N LEU F 350 40.32 -8.83 -24.94
CA LEU F 350 39.32 -9.05 -25.98
C LEU F 350 39.84 -9.91 -27.12
N GLY F 351 41.17 -10.05 -27.20
CA GLY F 351 41.76 -10.83 -28.27
C GLY F 351 41.54 -10.12 -29.59
N ILE F 352 41.66 -8.79 -29.56
CA ILE F 352 41.45 -7.96 -30.72
C ILE F 352 42.63 -7.04 -31.02
N SER F 353 42.85 -6.77 -32.30
CA SER F 353 43.93 -5.91 -32.76
C SER F 353 43.59 -5.40 -34.16
N HIS F 354 44.33 -4.38 -34.62
CA HIS F 354 44.10 -3.80 -35.94
C HIS F 354 43.77 -4.84 -37.00
N MET G 1 -51.24 10.02 3.33
CA MET G 1 -50.86 11.35 2.79
C MET G 1 -50.44 11.30 1.33
N LYS G 2 -50.85 12.31 0.57
CA LYS G 2 -50.48 12.40 -0.84
C LYS G 2 -50.25 13.86 -1.20
N ILE G 3 -49.14 14.14 -1.87
CA ILE G 3 -48.82 15.49 -2.29
C ILE G 3 -49.83 15.91 -3.36
N LYS G 4 -50.44 17.08 -3.17
CA LYS G 4 -51.42 17.59 -4.11
C LYS G 4 -50.77 18.59 -5.05
N GLN G 5 -49.99 19.51 -4.48
CA GLN G 5 -49.33 20.52 -5.28
C GLN G 5 -48.10 21.09 -4.57
N VAL G 6 -47.14 21.53 -5.37
CA VAL G 6 -45.91 22.11 -4.84
C VAL G 6 -45.81 23.54 -5.35
N HIS G 7 -45.69 24.49 -4.43
CA HIS G 7 -45.57 25.90 -4.79
C HIS G 7 -44.19 26.42 -4.39
N VAL G 8 -43.55 27.19 -5.27
CA VAL G 8 -42.24 27.74 -4.95
C VAL G 8 -42.19 29.23 -5.25
N ARG G 9 -41.48 29.96 -4.39
CA ARG G 9 -41.37 31.40 -4.55
C ARG G 9 -39.97 31.87 -4.23
N ALA G 10 -39.63 33.03 -4.77
CA ALA G 10 -38.33 33.62 -4.49
C ALA G 10 -38.50 34.32 -3.15
N SER G 11 -37.40 34.46 -2.43
CA SER G 11 -37.41 35.15 -1.16
C SER G 11 -36.13 35.97 -1.07
N LYS G 12 -36.27 37.29 -0.94
CA LYS G 12 -35.12 38.17 -0.85
C LYS G 12 -35.22 38.96 0.45
N ILE G 13 -34.24 38.76 1.33
CA ILE G 13 -34.22 39.44 2.62
C ILE G 13 -32.90 40.16 2.83
N LYS G 14 -32.97 41.47 3.04
CA LYS G 14 -31.77 42.27 3.25
C LYS G 14 -31.01 41.87 4.51
N LEU G 15 -29.70 41.81 4.41
CA LEU G 15 -28.86 41.48 5.57
C LEU G 15 -28.54 42.74 6.35
N LYS G 16 -28.44 42.63 7.68
CA LYS G 16 -28.15 43.79 8.52
C LYS G 16 -26.79 44.40 8.19
N GLU G 17 -25.85 43.56 7.78
CA GLU G 17 -24.52 44.05 7.41
C GLU G 17 -23.94 43.13 6.33
N THR G 18 -23.02 43.65 5.54
CA THR G 18 -22.41 42.85 4.48
C THR G 18 -21.48 41.81 5.11
N PHE G 19 -21.67 40.54 4.74
CA PHE G 19 -20.87 39.45 5.27
C PHE G 19 -19.77 39.09 4.28
N THR G 20 -18.54 38.95 4.78
CA THR G 20 -17.40 38.63 3.92
C THR G 20 -16.56 37.44 4.39
N ILE G 21 -16.19 36.57 3.45
CA ILE G 21 -15.35 35.43 3.74
C ILE G 21 -14.28 35.35 2.67
N ALA G 22 -13.35 34.42 2.80
CA ALA G 22 -12.27 34.30 1.83
C ALA G 22 -12.78 34.07 0.40
N LEU G 23 -13.99 33.53 0.27
CA LEU G 23 -14.58 33.23 -1.03
C LEU G 23 -15.38 34.35 -1.70
N GLY G 24 -15.77 35.36 -0.93
CA GLY G 24 -16.54 36.45 -1.50
C GLY G 24 -17.42 37.13 -0.47
N THR G 25 -18.30 38.00 -0.93
CA THR G 25 -19.18 38.75 -0.03
C THR G 25 -20.65 38.58 -0.39
N ILE G 26 -21.51 38.73 0.61
CA ILE G 26 -22.94 38.61 0.41
C ILE G 26 -23.64 39.82 1.03
N GLU G 27 -24.67 40.33 0.34
CA GLU G 27 -25.40 41.50 0.79
C GLU G 27 -26.87 41.24 1.08
N SER G 28 -27.43 40.19 0.47
CA SER G 28 -28.84 39.87 0.66
C SER G 28 -29.03 38.35 0.72
N ALA G 29 -29.99 37.91 1.52
CA ALA G 29 -30.29 36.48 1.66
C ALA G 29 -31.38 36.14 0.66
N ASP G 30 -30.97 35.70 -0.53
CA ASP G 30 -31.93 35.35 -1.58
C ASP G 30 -32.06 33.83 -1.71
N SER G 31 -33.23 33.31 -1.37
CA SER G 31 -33.45 31.88 -1.43
C SER G 31 -34.76 31.50 -2.07
N ALA G 32 -34.97 30.20 -2.19
CA ALA G 32 -36.18 29.66 -2.79
C ALA G 32 -37.00 29.05 -1.66
N ILE G 33 -38.25 29.47 -1.54
CA ILE G 33 -39.10 28.93 -0.49
C ILE G 33 -40.18 28.03 -1.08
N VAL G 34 -40.25 26.81 -0.57
CA VAL G 34 -41.19 25.81 -1.05
C VAL G 34 -42.33 25.54 -0.08
N GLU G 35 -43.52 25.33 -0.64
CA GLU G 35 -44.69 25.00 0.15
C GLU G 35 -45.32 23.79 -0.53
N ILE G 36 -45.34 22.66 0.18
CA ILE G 36 -45.90 21.43 -0.36
C ILE G 36 -47.27 21.17 0.29
N GLU G 37 -48.30 21.20 -0.55
CA GLU G 37 -49.67 20.98 -0.11
C GLU G 37 -50.11 19.54 -0.33
N THR G 38 -50.74 18.93 0.67
CA THR G 38 -51.21 17.57 0.53
C THR G 38 -52.70 17.61 0.22
N GLU G 39 -53.25 16.48 -0.21
CA GLU G 39 -54.66 16.43 -0.55
C GLU G 39 -55.53 16.73 0.67
N GLU G 40 -55.06 16.34 1.86
CA GLU G 40 -55.85 16.55 3.07
C GLU G 40 -55.78 17.98 3.61
N GLY G 41 -54.88 18.78 3.06
CA GLY G 41 -54.77 20.16 3.52
C GLY G 41 -53.52 20.57 4.28
N LEU G 42 -52.72 19.61 4.73
CA LEU G 42 -51.49 19.95 5.46
C LEU G 42 -50.51 20.57 4.48
N VAL G 43 -49.76 21.58 4.94
CA VAL G 43 -48.79 22.27 4.10
C VAL G 43 -47.40 22.25 4.75
N GLY G 44 -46.42 21.71 4.03
CA GLY G 44 -45.06 21.64 4.52
C GLY G 44 -44.18 22.74 3.94
N TYR G 45 -43.33 23.31 4.76
CA TYR G 45 -42.42 24.39 4.35
C TYR G 45 -40.99 23.90 4.13
N GLY G 46 -40.37 24.39 3.04
CA GLY G 46 -39.01 24.01 2.71
C GLY G 46 -38.24 25.22 2.16
N GLU G 47 -36.92 25.10 2.07
CA GLU G 47 -36.10 26.19 1.56
C GLU G 47 -34.84 25.71 0.86
N GLY G 48 -34.45 26.44 -0.19
CA GLY G 48 -33.25 26.12 -0.93
C GLY G 48 -32.40 27.38 -0.92
N GLY G 49 -31.32 27.37 -0.14
CA GLY G 49 -30.44 28.53 -0.08
C GLY G 49 -29.23 28.29 -0.97
N PRO G 50 -29.19 28.86 -2.17
CA PRO G 50 -28.06 28.67 -3.08
C PRO G 50 -26.86 29.59 -2.83
N GLY G 51 -25.67 29.02 -2.84
CA GLY G 51 -24.46 29.81 -2.63
C GLY G 51 -23.55 29.65 -3.84
N ILE G 52 -23.64 30.59 -4.77
CA ILE G 52 -22.85 30.49 -5.99
C ILE G 52 -21.35 30.24 -5.78
N PHE G 53 -20.73 30.88 -4.79
CA PHE G 53 -19.30 30.65 -4.59
C PHE G 53 -18.97 29.47 -3.68
N ILE G 54 -19.98 28.72 -3.26
CA ILE G 54 -19.77 27.54 -2.42
C ILE G 54 -20.14 26.28 -3.19
N THR G 55 -21.34 26.29 -3.79
CA THR G 55 -21.84 25.12 -4.52
C THR G 55 -22.06 25.35 -6.02
N GLY G 56 -22.03 26.60 -6.44
CA GLY G 56 -22.25 26.90 -7.84
C GLY G 56 -23.72 27.13 -8.15
N GLU G 57 -24.57 26.82 -7.17
CA GLU G 57 -26.00 27.00 -7.38
C GLU G 57 -26.45 28.45 -7.34
N THR G 58 -27.40 28.74 -8.23
CA THR G 58 -28.00 30.06 -8.37
C THR G 58 -29.47 30.02 -7.98
N LEU G 59 -30.06 31.17 -7.68
CA LEU G 59 -31.47 31.18 -7.31
C LEU G 59 -32.32 30.81 -8.52
N ALA G 60 -31.93 31.28 -9.69
CA ALA G 60 -32.70 31.00 -10.92
C ALA G 60 -32.67 29.51 -11.19
N GLY G 61 -31.47 28.93 -11.11
CA GLY G 61 -31.32 27.51 -11.36
C GLY G 61 -32.09 26.69 -10.35
N THR G 62 -32.07 27.13 -9.09
CA THR G 62 -32.75 26.42 -8.01
C THR G 62 -34.27 26.44 -8.17
N LEU G 63 -34.80 27.59 -8.53
CA LEU G 63 -36.24 27.72 -8.73
C LEU G 63 -36.68 26.81 -9.88
N GLU G 64 -35.91 26.78 -10.96
CA GLU G 64 -36.26 25.95 -12.10
C GLU G 64 -36.26 24.46 -11.74
N THR G 65 -35.25 24.04 -10.99
CA THR G 65 -35.12 22.64 -10.60
C THR G 65 -36.24 22.23 -9.65
N ILE G 66 -36.55 23.10 -8.69
CA ILE G 66 -37.61 22.81 -7.76
C ILE G 66 -38.94 22.60 -8.49
N GLU G 67 -39.23 23.44 -9.47
CA GLU G 67 -40.47 23.30 -10.22
C GLU G 67 -40.54 21.94 -10.93
N LEU G 68 -39.39 21.47 -11.44
CA LEU G 68 -39.33 20.17 -12.09
C LEU G 68 -39.62 19.06 -11.06
N PHE G 69 -39.02 19.16 -9.89
CA PHE G 69 -39.22 18.18 -8.82
C PHE G 69 -40.69 18.16 -8.40
N GLY G 70 -41.23 19.35 -8.19
CA GLY G 70 -42.62 19.50 -7.76
C GLY G 70 -43.63 18.77 -8.61
N GLN G 71 -43.53 18.90 -9.93
CA GLN G 71 -44.46 18.22 -10.81
C GLN G 71 -44.21 16.72 -10.85
N ALA G 72 -42.99 16.30 -10.54
CA ALA G 72 -42.65 14.89 -10.56
C ALA G 72 -43.08 14.14 -9.31
N ILE G 73 -43.28 14.84 -8.20
CA ILE G 73 -43.66 14.16 -6.97
C ILE G 73 -45.13 14.28 -6.60
N ILE G 74 -45.93 14.91 -7.44
CA ILE G 74 -47.34 15.03 -7.16
C ILE G 74 -47.90 13.62 -7.04
N GLY G 75 -48.73 13.37 -6.04
CA GLY G 75 -49.29 12.04 -5.88
C GLY G 75 -48.50 11.12 -4.98
N LEU G 76 -47.29 11.53 -4.60
CA LEU G 76 -46.47 10.71 -3.70
C LEU G 76 -46.75 11.05 -2.24
N ASN G 77 -46.41 10.11 -1.38
CA ASN G 77 -46.59 10.27 0.06
C ASN G 77 -45.33 10.91 0.62
N PRO G 78 -45.46 12.01 1.39
CA PRO G 78 -44.31 12.68 1.98
C PRO G 78 -43.41 11.75 2.80
N PHE G 79 -44.00 10.69 3.35
CA PHE G 79 -43.26 9.72 4.15
C PHE G 79 -42.31 8.85 3.32
N ASN G 80 -42.63 8.71 2.03
CA ASN G 80 -41.79 7.93 1.12
C ASN G 80 -40.63 8.83 0.70
N ILE G 81 -39.83 9.24 1.67
CA ILE G 81 -38.70 10.12 1.42
C ILE G 81 -37.65 9.40 0.58
N GLU G 82 -37.69 8.06 0.61
CA GLU G 82 -36.76 7.24 -0.16
C GLU G 82 -37.05 7.45 -1.65
N LYS G 83 -38.32 7.35 -2.04
CA LYS G 83 -38.67 7.53 -3.44
C LYS G 83 -38.56 8.98 -3.87
N ILE G 84 -38.89 9.90 -2.97
CA ILE G 84 -38.80 11.31 -3.32
C ILE G 84 -37.36 11.66 -3.74
N HIS G 85 -36.37 11.19 -2.98
CA HIS G 85 -34.99 11.46 -3.34
C HIS G 85 -34.63 10.69 -4.60
N GLU G 86 -35.16 9.48 -4.74
CA GLU G 86 -34.88 8.69 -5.92
C GLU G 86 -35.35 9.46 -7.16
N VAL G 87 -36.54 10.05 -7.05
CA VAL G 87 -37.13 10.82 -8.14
C VAL G 87 -36.31 12.06 -8.46
N MET G 88 -35.92 12.80 -7.43
CA MET G 88 -35.13 14.01 -7.63
C MET G 88 -33.74 13.67 -8.17
N ASP G 89 -33.19 12.56 -7.71
CA ASP G 89 -31.86 12.16 -8.17
C ASP G 89 -31.86 11.72 -9.62
N LYS G 90 -32.98 11.19 -10.10
CA LYS G 90 -33.07 10.76 -11.49
C LYS G 90 -33.16 12.03 -12.34
N ILE G 91 -33.92 13.01 -11.87
CA ILE G 91 -34.10 14.26 -12.59
C ILE G 91 -32.83 15.11 -12.68
N SER G 92 -32.15 15.30 -11.55
CA SER G 92 -30.94 16.12 -11.54
C SER G 92 -29.74 15.44 -10.92
N ALA G 93 -28.60 15.47 -11.63
CA ALA G 93 -27.38 14.86 -11.15
C ALA G 93 -26.75 15.71 -10.03
N PHE G 94 -27.12 16.99 -9.95
CA PHE G 94 -26.57 17.87 -8.91
C PHE G 94 -27.39 19.12 -8.67
N ALA G 95 -28.00 19.22 -7.50
CA ALA G 95 -28.80 20.38 -7.15
C ALA G 95 -29.19 20.26 -5.68
N PRO G 96 -28.21 20.27 -4.77
CA PRO G 96 -28.53 20.14 -3.35
C PRO G 96 -29.50 21.17 -2.79
N ALA G 97 -29.43 22.42 -3.26
CA ALA G 97 -30.34 23.46 -2.76
C ALA G 97 -31.80 23.10 -3.10
N ALA G 98 -32.04 22.73 -4.35
CA ALA G 98 -33.39 22.36 -4.78
C ALA G 98 -33.88 21.10 -4.05
N LYS G 99 -32.99 20.11 -3.93
CA LYS G 99 -33.38 18.87 -3.27
C LYS G 99 -33.64 19.11 -1.78
N ALA G 100 -32.83 19.97 -1.15
CA ALA G 100 -33.05 20.26 0.26
C ALA G 100 -34.40 20.92 0.45
N ALA G 101 -34.78 21.80 -0.48
CA ALA G 101 -36.05 22.50 -0.37
C ALA G 101 -37.22 21.52 -0.33
N ILE G 102 -37.21 20.55 -1.24
CA ILE G 102 -38.27 19.55 -1.29
C ILE G 102 -38.19 18.66 -0.05
N ASP G 103 -36.98 18.16 0.23
CA ASP G 103 -36.72 17.29 1.37
C ASP G 103 -37.22 17.91 2.66
N ILE G 104 -36.84 19.15 2.93
CA ILE G 104 -37.25 19.80 4.16
C ILE G 104 -38.77 19.92 4.29
N ALA G 105 -39.46 20.27 3.22
CA ALA G 105 -40.91 20.41 3.29
C ALA G 105 -41.58 19.06 3.55
N CYS G 106 -40.95 18.00 3.07
CA CYS G 106 -41.49 16.65 3.29
C CYS G 106 -41.38 16.22 4.75
N TYR G 107 -40.25 16.56 5.38
CA TYR G 107 -40.09 16.22 6.78
C TYR G 107 -41.04 17.08 7.64
N ASP G 108 -41.31 18.30 7.20
CA ASP G 108 -42.22 19.18 7.91
C ASP G 108 -43.59 18.52 7.89
N LEU G 109 -44.01 18.05 6.71
CA LEU G 109 -45.29 17.35 6.56
C LEU G 109 -45.32 16.07 7.41
N MET G 110 -44.22 15.34 7.44
CA MET G 110 -44.18 14.10 8.24
C MET G 110 -44.44 14.45 9.72
N GLY G 111 -43.79 15.50 10.19
CA GLY G 111 -43.97 15.92 11.58
C GLY G 111 -45.40 16.35 11.83
N GLN G 112 -45.95 17.14 10.92
CA GLN G 112 -47.33 17.60 11.07
C GLN G 112 -48.32 16.45 11.04
N LYS G 113 -48.10 15.48 10.16
CA LYS G 113 -49.01 14.34 10.07
C LYS G 113 -48.93 13.47 11.34
N ALA G 114 -47.72 13.24 11.81
CA ALA G 114 -47.53 12.43 13.02
C ALA G 114 -47.87 13.25 14.26
N GLN G 115 -48.00 14.56 14.09
CA GLN G 115 -48.31 15.48 15.19
C GLN G 115 -47.20 15.44 16.23
N LEU G 116 -45.97 15.58 15.74
CA LEU G 116 -44.77 15.57 16.57
C LEU G 116 -43.80 16.62 16.04
N PRO G 117 -43.00 17.22 16.94
CA PRO G 117 -42.02 18.21 16.53
C PRO G 117 -41.03 17.42 15.68
N LEU G 118 -40.45 18.02 14.67
CA LEU G 118 -39.53 17.30 13.80
C LEU G 118 -38.38 16.59 14.53
N TYR G 119 -37.77 17.21 15.54
CA TYR G 119 -36.67 16.56 16.24
C TYR G 119 -37.00 15.17 16.78
N GLN G 120 -38.26 14.91 17.10
CA GLN G 120 -38.66 13.60 17.61
C GLN G 120 -38.61 12.50 16.54
N LEU G 121 -38.73 12.88 15.28
CA LEU G 121 -38.68 11.89 14.20
C LEU G 121 -37.24 11.68 13.72
N LEU G 122 -36.35 12.56 14.15
CA LEU G 122 -34.96 12.51 13.72
C LEU G 122 -33.95 11.92 14.70
N GLY G 123 -34.42 11.44 15.85
CA GLY G 123 -33.50 10.88 16.82
C GLY G 123 -33.87 11.19 18.26
N GLY G 124 -34.56 12.31 18.45
CA GLY G 124 -35.02 12.73 19.76
C GLY G 124 -34.02 12.95 20.89
N TYR G 125 -32.74 13.06 20.58
CA TYR G 125 -31.72 13.23 21.62
C TYR G 125 -31.91 14.47 22.52
N ASP G 126 -32.26 15.60 21.92
CA ASP G 126 -32.45 16.84 22.67
C ASP G 126 -33.56 17.64 21.98
N ASN G 127 -34.02 18.70 22.64
CA ASN G 127 -35.08 19.54 22.08
C ASN G 127 -34.60 20.99 21.98
N GLN G 128 -33.28 21.17 21.95
CA GLN G 128 -32.69 22.51 21.84
C GLN G 128 -31.25 22.39 21.39
N VAL G 129 -30.68 23.50 20.92
CA VAL G 129 -29.30 23.48 20.46
C VAL G 129 -28.62 24.83 20.70
N ILE G 130 -27.35 24.78 21.03
CA ILE G 130 -26.58 25.99 21.27
C ILE G 130 -25.72 26.27 20.06
N THR G 131 -25.83 27.48 19.51
CA THR G 131 -25.04 27.81 18.35
C THR G 131 -24.00 28.89 18.61
N ASP G 132 -22.95 28.86 17.81
CA ASP G 132 -21.92 29.89 17.89
C ASP G 132 -22.51 31.02 17.06
N ILE G 133 -21.70 32.03 16.79
CA ILE G 133 -22.11 33.14 15.95
C ILE G 133 -20.82 33.47 15.22
N THR G 134 -20.90 33.64 13.91
CA THR G 134 -19.72 33.92 13.10
C THR G 134 -19.38 35.40 13.02
N LEU G 135 -18.12 35.68 12.72
CA LEU G 135 -17.60 37.04 12.55
C LEU G 135 -16.96 37.05 11.16
N GLY G 136 -17.51 37.88 10.28
CA GLY G 136 -16.97 37.96 8.93
C GLY G 136 -15.62 38.65 8.89
N ILE G 137 -14.81 38.31 7.89
CA ILE G 137 -13.49 38.88 7.73
C ILE G 137 -13.55 40.41 7.84
N ASP G 138 -12.60 40.98 8.58
CA ASP G 138 -12.52 42.42 8.77
C ASP G 138 -11.16 42.74 9.42
N GLU G 139 -11.00 43.97 9.92
CA GLU G 139 -9.76 44.37 10.56
C GLU G 139 -9.68 43.73 11.94
N PRO G 140 -8.47 43.35 12.37
CA PRO G 140 -8.27 42.74 13.68
C PRO G 140 -8.96 43.49 14.82
N ASN G 141 -8.89 44.82 14.77
CA ASN G 141 -9.49 45.66 15.79
C ASN G 141 -11.00 45.60 15.70
N VAL G 142 -11.49 45.60 14.46
CA VAL G 142 -12.93 45.53 14.18
C VAL G 142 -13.53 44.22 14.65
N MET G 143 -12.91 43.10 14.22
CA MET G 143 -13.38 41.78 14.61
C MET G 143 -13.35 41.64 16.13
N ALA G 144 -12.31 42.18 16.76
CA ALA G 144 -12.17 42.12 18.22
C ALA G 144 -13.33 42.85 18.91
N GLN G 145 -13.70 44.00 18.37
CA GLN G 145 -14.81 44.78 18.92
C GLN G 145 -16.10 43.98 18.82
N LYS G 146 -16.29 43.33 17.67
CA LYS G 146 -17.47 42.52 17.41
C LYS G 146 -17.60 41.40 18.45
N ALA G 147 -16.46 40.79 18.76
CA ALA G 147 -16.43 39.70 19.73
C ALA G 147 -17.12 40.09 21.03
N VAL G 148 -16.63 41.15 21.66
CA VAL G 148 -17.20 41.62 22.91
C VAL G 148 -18.71 41.78 22.80
N GLU G 149 -19.16 42.18 21.62
CA GLU G 149 -20.59 42.36 21.37
C GLU G 149 -21.35 41.06 21.62
N LYS G 150 -21.10 40.08 20.77
CA LYS G 150 -21.75 38.78 20.87
C LYS G 150 -21.57 38.14 22.24
N VAL G 151 -20.38 38.26 22.81
CA VAL G 151 -20.15 37.68 24.13
C VAL G 151 -21.16 38.28 25.10
N LYS G 152 -21.34 39.60 25.02
CA LYS G 152 -22.30 40.28 25.89
C LYS G 152 -23.71 39.75 25.65
N LEU G 153 -23.94 39.23 24.45
CA LEU G 153 -25.24 38.68 24.10
C LEU G 153 -25.43 37.31 24.76
N GLY G 154 -24.33 36.67 25.12
CA GLY G 154 -24.41 35.37 25.77
C GLY G 154 -23.69 34.27 25.03
N PHE G 155 -23.12 34.59 23.88
CA PHE G 155 -22.41 33.60 23.07
C PHE G 155 -21.09 33.16 23.69
N ASP G 156 -20.97 31.86 23.95
CA ASP G 156 -19.76 31.29 24.52
C ASP G 156 -18.80 30.79 23.45
N THR G 157 -19.25 30.78 22.20
CA THR G 157 -18.42 30.33 21.09
C THR G 157 -18.52 31.29 19.92
N LEU G 158 -17.39 31.55 19.28
CA LEU G 158 -17.37 32.47 18.14
C LEU G 158 -16.63 31.84 16.97
N LYS G 159 -17.21 31.96 15.79
CA LYS G 159 -16.58 31.44 14.57
C LYS G 159 -15.88 32.62 13.92
N ILE G 160 -14.59 32.46 13.63
CA ILE G 160 -13.79 33.53 13.05
C ILE G 160 -13.30 33.24 11.64
N LYS G 161 -13.73 34.06 10.69
CA LYS G 161 -13.31 33.90 9.30
C LYS G 161 -11.93 34.52 9.11
N VAL G 162 -11.12 33.88 8.28
CA VAL G 162 -9.77 34.34 7.98
C VAL G 162 -9.47 33.86 6.57
N GLY G 163 -8.41 34.40 5.96
CA GLY G 163 -8.07 33.96 4.62
C GLY G 163 -7.49 34.97 3.66
N THR G 164 -7.04 36.11 4.15
CA THR G 164 -6.43 37.12 3.27
C THR G 164 -4.92 36.88 3.20
N GLY G 165 -4.36 36.39 4.28
CA GLY G 165 -2.93 36.10 4.34
C GLY G 165 -2.59 35.58 5.73
N ILE G 166 -1.84 34.48 5.80
CA ILE G 166 -1.46 33.89 7.08
C ILE G 166 -1.01 34.96 8.08
N GLU G 167 -0.39 36.02 7.58
CA GLU G 167 0.09 37.10 8.43
C GLU G 167 -1.08 37.87 9.04
N ALA G 168 -1.88 38.50 8.19
CA ALA G 168 -3.03 39.27 8.63
C ALA G 168 -4.03 38.45 9.44
N ASP G 169 -4.24 37.20 9.03
CA ASP G 169 -5.17 36.33 9.71
C ASP G 169 -4.73 36.06 11.15
N ILE G 170 -3.47 35.70 11.33
CA ILE G 170 -2.93 35.43 12.67
C ILE G 170 -3.18 36.64 13.57
N ALA G 171 -2.95 37.83 13.02
CA ALA G 171 -3.15 39.06 13.77
C ALA G 171 -4.62 39.17 14.16
N ARG G 172 -5.50 38.77 13.26
CA ARG G 172 -6.94 38.81 13.51
C ARG G 172 -7.31 38.02 14.77
N VAL G 173 -6.94 36.75 14.79
CA VAL G 173 -7.24 35.88 15.92
C VAL G 173 -6.66 36.45 17.22
N LYS G 174 -5.35 36.66 17.24
CA LYS G 174 -4.68 37.20 18.43
C LYS G 174 -5.46 38.36 19.03
N ALA G 175 -5.82 39.33 18.20
CA ALA G 175 -6.56 40.50 18.67
C ALA G 175 -7.83 40.07 19.40
N ILE G 176 -8.64 39.25 18.74
CA ILE G 176 -9.90 38.77 19.30
C ILE G 176 -9.73 38.03 20.61
N ARG G 177 -8.79 37.09 20.65
CA ARG G 177 -8.55 36.31 21.86
C ARG G 177 -8.19 37.23 23.02
N GLU G 178 -7.15 38.03 22.81
CA GLU G 178 -6.68 38.99 23.82
C GLU G 178 -7.68 40.10 24.03
N ALA G 179 -8.93 39.86 23.62
CA ALA G 179 -9.99 40.85 23.74
C ALA G 179 -11.22 40.37 24.51
N VAL G 180 -11.54 39.08 24.43
CA VAL G 180 -12.70 38.55 25.14
C VAL G 180 -12.38 37.57 26.26
N GLY G 181 -11.15 37.06 26.27
CA GLY G 181 -10.75 36.13 27.32
C GLY G 181 -10.37 34.76 26.82
N PHE G 182 -10.44 33.77 27.71
CA PHE G 182 -10.08 32.40 27.37
C PHE G 182 -11.21 31.43 27.70
N ASP G 183 -12.29 31.95 28.27
CA ASP G 183 -13.44 31.14 28.60
C ASP G 183 -14.34 31.03 27.37
N ILE G 184 -14.06 31.86 26.37
CA ILE G 184 -14.82 31.87 25.12
C ILE G 184 -14.15 30.95 24.11
N LYS G 185 -14.92 30.02 23.54
CA LYS G 185 -14.39 29.08 22.56
C LYS G 185 -14.21 29.78 21.22
N LEU G 186 -13.12 29.50 20.53
CA LEU G 186 -12.87 30.12 19.24
C LEU G 186 -12.54 29.12 18.13
N ARG G 187 -13.39 29.07 17.12
CA ARG G 187 -13.17 28.18 15.98
C ARG G 187 -12.83 29.06 14.78
N LEU G 188 -11.90 28.60 13.95
CA LEU G 188 -11.49 29.38 12.78
C LEU G 188 -11.92 28.71 11.47
N ASP G 189 -12.19 29.54 10.48
CA ASP G 189 -12.59 29.07 9.16
C ASP G 189 -11.84 29.89 8.12
N ALA G 190 -10.95 29.25 7.36
CA ALA G 190 -10.15 29.93 6.35
C ALA G 190 -10.68 29.71 4.94
N ASN G 191 -11.88 29.15 4.83
CA ASN G 191 -12.49 28.86 3.54
C ASN G 191 -11.50 28.60 2.41
N GLN G 192 -10.70 27.55 2.57
CA GLN G 192 -9.73 27.11 1.56
C GLN G 192 -8.59 28.08 1.22
N ALA G 193 -8.37 29.09 2.05
CA ALA G 193 -7.34 30.09 1.74
C ALA G 193 -5.85 29.71 1.80
N TRP G 194 -5.49 28.63 2.47
CA TRP G 194 -4.07 28.27 2.61
C TRP G 194 -3.54 27.03 1.90
N THR G 195 -2.25 27.08 1.58
CA THR G 195 -1.59 25.93 0.96
C THR G 195 -1.27 25.04 2.15
N PRO G 196 -1.05 23.74 1.91
CA PRO G 196 -0.74 22.80 2.99
C PRO G 196 0.31 23.28 4.01
N LYS G 197 1.52 23.53 3.54
CA LYS G 197 2.59 23.97 4.44
C LYS G 197 2.36 25.32 5.12
N ASP G 198 1.66 26.24 4.45
CA ASP G 198 1.38 27.54 5.03
C ASP G 198 0.28 27.40 6.08
N ALA G 199 -0.61 26.44 5.86
CA ALA G 199 -1.70 26.18 6.79
C ALA G 199 -1.10 25.69 8.10
N VAL G 200 -0.17 24.75 7.99
CA VAL G 200 0.48 24.20 9.18
C VAL G 200 1.17 25.31 9.94
N LYS G 201 1.90 26.16 9.22
CA LYS G 201 2.63 27.28 9.84
C LYS G 201 1.66 28.21 10.58
N ALA G 202 0.58 28.58 9.91
CA ALA G 202 -0.41 29.47 10.50
C ALA G 202 -1.04 28.85 11.75
N ILE G 203 -1.31 27.55 11.71
CA ILE G 203 -1.91 26.87 12.84
C ILE G 203 -0.95 26.76 14.02
N GLN G 204 0.27 26.29 13.75
CA GLN G 204 1.26 26.14 14.81
C GLN G 204 1.58 27.50 15.43
N ALA G 205 1.22 28.57 14.72
CA ALA G 205 1.47 29.92 15.18
C ALA G 205 0.50 30.34 16.31
N LEU G 206 -0.71 29.81 16.26
CA LEU G 206 -1.71 30.12 17.27
C LEU G 206 -1.79 29.04 18.34
N ALA G 207 -0.66 28.39 18.59
CA ALA G 207 -0.58 27.33 19.58
C ALA G 207 -1.04 27.77 20.97
N ASP G 208 -0.50 28.89 21.46
CA ASP G 208 -0.87 29.39 22.78
C ASP G 208 -2.21 30.11 22.83
N TYR G 209 -2.78 30.41 21.67
CA TYR G 209 -4.07 31.10 21.62
C TYR G 209 -5.27 30.21 21.86
N GLN G 210 -5.02 28.92 22.03
CA GLN G 210 -6.09 27.96 22.34
C GLN G 210 -7.26 27.99 21.36
N ILE G 211 -7.06 27.41 20.19
CA ILE G 211 -8.11 27.36 19.17
C ILE G 211 -8.83 26.02 19.22
N GLU G 212 -10.17 26.04 19.22
CA GLU G 212 -10.93 24.80 19.26
C GLU G 212 -10.69 23.95 18.02
N LEU G 213 -10.73 24.58 16.85
CA LEU G 213 -10.52 23.86 15.60
C LEU G 213 -10.40 24.80 14.41
N VAL G 214 -9.83 24.29 13.32
CA VAL G 214 -9.69 25.06 12.09
C VAL G 214 -10.49 24.36 10.99
N GLU G 215 -11.37 25.12 10.35
CA GLU G 215 -12.26 24.65 9.30
C GLU G 215 -11.70 24.87 7.89
N GLN G 216 -11.73 23.81 7.08
CA GLN G 216 -11.28 23.84 5.68
C GLN G 216 -10.13 24.81 5.42
N PRO G 217 -8.90 24.43 5.83
CA PRO G 217 -7.72 25.28 5.63
C PRO G 217 -7.19 25.34 4.19
N VAL G 218 -7.43 24.28 3.43
CA VAL G 218 -6.96 24.22 2.05
C VAL G 218 -8.10 24.06 1.04
N LYS G 219 -7.75 24.06 -0.24
CA LYS G 219 -8.74 23.91 -1.31
C LYS G 219 -9.53 22.60 -1.18
N ARG G 220 -10.84 22.71 -1.33
CA ARG G 220 -11.75 21.57 -1.22
C ARG G 220 -11.34 20.31 -1.97
N ARG G 221 -10.64 20.45 -3.09
CA ARG G 221 -10.24 19.29 -3.87
C ARG G 221 -8.86 18.72 -3.53
N ASP G 222 -8.12 19.41 -2.68
CA ASP G 222 -6.79 18.95 -2.29
C ASP G 222 -6.91 18.09 -1.04
N LEU G 223 -7.39 16.87 -1.21
CA LEU G 223 -7.57 15.94 -0.09
C LEU G 223 -6.24 15.48 0.49
N GLU G 224 -5.22 15.33 -0.35
CA GLU G 224 -3.92 14.93 0.14
C GLU G 224 -3.41 16.05 1.04
N GLY G 225 -3.56 17.28 0.58
CA GLY G 225 -3.13 18.43 1.35
C GLY G 225 -3.88 18.60 2.65
N LEU G 226 -5.20 18.40 2.61
CA LEU G 226 -6.03 18.55 3.79
C LEU G 226 -5.60 17.53 4.85
N LYS G 227 -5.37 16.30 4.42
CA LYS G 227 -4.94 15.25 5.35
C LYS G 227 -3.56 15.66 5.92
N TYR G 228 -2.72 16.24 5.07
CA TYR G 228 -1.39 16.68 5.49
C TYR G 228 -1.52 17.59 6.70
N VAL G 229 -2.34 18.63 6.58
CA VAL G 229 -2.55 19.57 7.68
C VAL G 229 -3.02 18.82 8.92
N THR G 230 -4.10 18.05 8.79
CA THR G 230 -4.64 17.28 9.89
C THR G 230 -3.56 16.46 10.58
N SER G 231 -2.71 15.82 9.79
CA SER G 231 -1.65 14.97 10.31
C SER G 231 -0.38 15.70 10.75
N GLN G 232 -0.37 17.03 10.69
CA GLN G 232 0.82 17.78 11.09
C GLN G 232 0.61 18.58 12.37
N VAL G 233 -0.64 18.90 12.69
CA VAL G 233 -0.96 19.65 13.89
C VAL G 233 -1.85 18.83 14.80
N ASN G 234 -1.80 19.13 16.10
CA ASN G 234 -2.63 18.42 17.07
C ASN G 234 -4.00 19.07 17.10
N THR G 235 -4.07 20.32 16.63
CA THR G 235 -5.30 21.09 16.57
C THR G 235 -6.35 20.36 15.73
N THR G 236 -7.62 20.49 16.12
CA THR G 236 -8.70 19.82 15.40
C THR G 236 -9.00 20.46 14.04
N ILE G 237 -8.94 19.64 12.99
CA ILE G 237 -9.20 20.10 11.64
C ILE G 237 -10.56 19.62 11.14
N MET G 238 -11.38 20.56 10.68
CA MET G 238 -12.71 20.27 10.18
C MET G 238 -12.84 20.48 8.68
N ALA G 239 -13.51 19.55 8.01
CA ALA G 239 -13.74 19.64 6.57
C ALA G 239 -15.11 20.25 6.32
N ASP G 240 -15.19 21.15 5.34
CA ASP G 240 -16.47 21.76 5.01
C ASP G 240 -16.71 21.57 3.51
N GLU G 241 -16.17 22.48 2.70
CA GLU G 241 -16.35 22.39 1.25
C GLU G 241 -15.82 21.08 0.67
N SER G 242 -14.92 20.40 1.39
CA SER G 242 -14.40 19.13 0.90
C SER G 242 -15.44 18.02 1.09
N CYS G 243 -16.53 18.34 1.81
CA CYS G 243 -17.57 17.35 2.05
C CYS G 243 -18.98 17.86 1.80
N PHE G 244 -19.55 17.49 0.66
CA PHE G 244 -20.91 17.89 0.32
C PHE G 244 -21.94 16.84 0.72
N ASP G 245 -21.73 15.61 0.26
CA ASP G 245 -22.66 14.51 0.51
C ASP G 245 -22.08 13.31 1.24
N ALA G 246 -22.90 12.26 1.34
CA ALA G 246 -22.52 11.03 2.03
C ALA G 246 -21.30 10.37 1.39
N GLN G 247 -21.27 10.34 0.07
CA GLN G 247 -20.14 9.74 -0.62
C GLN G 247 -18.84 10.50 -0.32
N ASP G 248 -18.91 11.81 -0.17
CA ASP G 248 -17.70 12.56 0.16
C ASP G 248 -17.27 12.16 1.56
N ALA G 249 -18.23 12.11 2.47
CA ALA G 249 -17.98 11.75 3.86
C ALA G 249 -17.27 10.41 3.95
N LEU G 250 -17.78 9.43 3.23
CA LEU G 250 -17.20 8.10 3.23
C LEU G 250 -15.74 8.14 2.74
N GLU G 251 -15.48 8.93 1.71
CA GLU G 251 -14.12 9.04 1.20
C GLU G 251 -13.20 9.66 2.25
N LEU G 252 -13.71 10.67 2.96
CA LEU G 252 -12.89 11.33 3.99
C LEU G 252 -12.56 10.40 5.16
N VAL G 253 -13.56 9.68 5.68
CA VAL G 253 -13.31 8.77 6.79
C VAL G 253 -12.38 7.67 6.30
N LYS G 254 -12.57 7.26 5.05
CA LYS G 254 -11.72 6.22 4.46
C LYS G 254 -10.25 6.60 4.57
N LYS G 255 -9.91 7.75 3.99
CA LYS G 255 -8.54 8.22 3.99
C LYS G 255 -8.05 8.84 5.29
N GLY G 256 -8.96 9.09 6.23
CA GLY G 256 -8.59 9.71 7.49
C GLY G 256 -8.13 11.14 7.27
N THR G 257 -8.85 11.83 6.40
CA THR G 257 -8.54 13.21 6.01
C THR G 257 -8.67 14.31 7.06
N VAL G 258 -9.72 14.28 7.88
CA VAL G 258 -9.94 15.30 8.90
C VAL G 258 -10.43 14.72 10.22
N ASP G 259 -10.62 15.58 11.21
CA ASP G 259 -11.08 15.16 12.52
C ASP G 259 -12.58 15.35 12.73
N VAL G 260 -13.13 16.39 12.10
CA VAL G 260 -14.55 16.73 12.22
C VAL G 260 -15.12 17.08 10.84
N ILE G 261 -16.43 16.92 10.67
CA ILE G 261 -17.06 17.24 9.38
C ILE G 261 -18.24 18.19 9.54
N ASN G 262 -18.25 19.26 8.73
CA ASN G 262 -19.32 20.25 8.77
C ASN G 262 -20.44 19.82 7.82
N ILE G 263 -21.64 19.68 8.36
CA ILE G 263 -22.80 19.29 7.56
C ILE G 263 -23.68 20.50 7.27
N LYS G 264 -24.12 20.63 6.03
CA LYS G 264 -25.02 21.71 5.65
C LYS G 264 -26.11 21.11 4.77
N LEU G 265 -27.37 21.33 5.14
CA LEU G 265 -28.47 20.79 4.35
C LEU G 265 -28.39 21.25 2.90
N MET G 266 -27.87 22.46 2.66
CA MET G 266 -27.75 23.00 1.31
C MET G 266 -26.58 22.44 0.50
N LYS G 267 -25.71 21.67 1.14
CA LYS G 267 -24.59 21.05 0.44
C LYS G 267 -24.95 19.60 0.11
N CYS G 268 -25.73 18.98 0.99
CA CYS G 268 -26.08 17.57 0.82
C CYS G 268 -27.47 17.26 0.25
N GLY G 269 -28.29 18.30 0.08
CA GLY G 269 -29.62 18.09 -0.47
C GLY G 269 -30.71 17.66 0.50
N GLY G 270 -30.58 18.05 1.77
CA GLY G 270 -31.61 17.70 2.72
C GLY G 270 -31.26 16.85 3.94
N ILE G 271 -32.22 16.76 4.84
CA ILE G 271 -32.10 16.00 6.08
C ILE G 271 -31.83 14.53 5.79
N HIS G 272 -32.42 13.99 4.73
CA HIS G 272 -32.22 12.58 4.37
C HIS G 272 -30.76 12.23 4.13
N GLU G 273 -30.04 13.10 3.42
CA GLU G 273 -28.62 12.88 3.16
C GLU G 273 -27.79 13.24 4.39
N ALA G 274 -28.19 14.30 5.10
CA ALA G 274 -27.47 14.73 6.29
C ALA G 274 -27.40 13.61 7.31
N LEU G 275 -28.50 12.86 7.44
CA LEU G 275 -28.54 11.73 8.37
C LEU G 275 -27.46 10.72 7.95
N LYS G 276 -27.39 10.42 6.66
CA LYS G 276 -26.38 9.49 6.14
C LYS G 276 -24.98 9.94 6.49
N ILE G 277 -24.68 11.21 6.31
CA ILE G 277 -23.36 11.74 6.61
C ILE G 277 -23.02 11.60 8.10
N ASN G 278 -23.96 11.98 8.95
CA ASN G 278 -23.75 11.90 10.38
C ASN G 278 -23.53 10.47 10.83
N GLN G 279 -24.33 9.55 10.31
CA GLN G 279 -24.18 8.14 10.69
C GLN G 279 -22.85 7.57 10.24
N ILE G 280 -22.37 7.99 9.06
CA ILE G 280 -21.09 7.49 8.57
C ILE G 280 -19.98 8.01 9.47
N CYS G 281 -20.06 9.28 9.83
CA CYS G 281 -19.07 9.92 10.69
C CYS G 281 -19.07 9.35 12.11
N GLU G 282 -20.25 9.18 12.67
CA GLU G 282 -20.37 8.64 14.01
C GLU G 282 -19.76 7.23 14.04
N THR G 283 -20.04 6.45 13.01
CA THR G 283 -19.52 5.10 12.93
C THR G 283 -17.99 5.10 12.84
N ALA G 284 -17.43 6.15 12.24
CA ALA G 284 -15.98 6.27 12.11
C ALA G 284 -15.33 7.02 13.27
N GLY G 285 -16.12 7.45 14.24
CA GLY G 285 -15.57 8.17 15.39
C GLY G 285 -15.28 9.64 15.13
N ILE G 286 -15.96 10.21 14.14
CA ILE G 286 -15.79 11.62 13.76
C ILE G 286 -17.08 12.37 14.07
N GLU G 287 -16.99 13.41 14.90
CA GLU G 287 -18.18 14.19 15.25
C GLU G 287 -18.53 15.13 14.11
N CYS G 288 -19.76 15.65 14.13
CA CYS G 288 -20.22 16.57 13.10
C CYS G 288 -20.74 17.88 13.66
N MET G 289 -20.55 18.93 12.88
CA MET G 289 -21.06 20.24 13.23
C MET G 289 -22.07 20.57 12.13
N ILE G 290 -23.21 21.15 12.51
CA ILE G 290 -24.22 21.53 11.53
C ILE G 290 -23.98 23.01 11.20
N GLY G 291 -23.87 23.33 9.92
CA GLY G 291 -23.63 24.70 9.52
C GLY G 291 -24.76 25.28 8.67
N CYS G 292 -24.52 26.42 8.04
CA CYS G 292 -25.55 27.04 7.21
C CYS G 292 -24.93 27.97 6.18
N MET G 293 -25.73 28.31 5.17
CA MET G 293 -25.30 29.22 4.11
C MET G 293 -25.77 30.60 4.55
N ALA G 294 -25.10 31.65 4.09
CA ALA G 294 -25.51 32.99 4.46
C ALA G 294 -26.85 33.32 3.78
N GLU G 295 -27.12 32.67 2.65
CA GLU G 295 -28.35 32.88 1.89
C GLU G 295 -29.61 32.16 2.38
N GLU G 296 -29.52 31.37 3.44
CA GLU G 296 -30.74 30.70 3.89
C GLU G 296 -31.36 31.43 5.06
N THR G 297 -32.60 31.10 5.39
CA THR G 297 -33.26 31.78 6.47
C THR G 297 -33.95 30.88 7.49
N THR G 298 -35.02 31.41 8.09
CA THR G 298 -35.80 30.72 9.11
C THR G 298 -36.07 29.24 8.85
N ILE G 299 -36.60 28.92 7.68
CA ILE G 299 -36.93 27.53 7.37
C ILE G 299 -35.72 26.59 7.36
N GLY G 300 -34.69 26.94 6.60
CA GLY G 300 -33.51 26.10 6.54
C GLY G 300 -32.80 25.99 7.88
N ILE G 301 -32.76 27.10 8.61
CA ILE G 301 -32.12 27.12 9.93
C ILE G 301 -32.93 26.28 10.92
N THR G 302 -34.25 26.39 10.88
CA THR G 302 -35.08 25.63 11.79
C THR G 302 -34.94 24.14 11.52
N ALA G 303 -34.97 23.74 10.25
CA ALA G 303 -34.82 22.34 9.88
C ALA G 303 -33.50 21.78 10.40
N ALA G 304 -32.44 22.58 10.25
CA ALA G 304 -31.11 22.18 10.69
C ALA G 304 -31.03 22.07 12.20
N ALA G 305 -31.77 22.92 12.90
CA ALA G 305 -31.80 22.90 14.37
C ALA G 305 -32.46 21.62 14.87
N HIS G 306 -33.57 21.22 14.25
CA HIS G 306 -34.25 19.99 14.67
C HIS G 306 -33.35 18.79 14.46
N LEU G 307 -32.62 18.77 13.35
CA LEU G 307 -31.71 17.67 13.08
C LEU G 307 -30.56 17.65 14.11
N ALA G 308 -29.96 18.81 14.33
CA ALA G 308 -28.84 18.92 15.26
C ALA G 308 -29.21 18.47 16.67
N ALA G 309 -30.32 18.97 17.17
CA ALA G 309 -30.79 18.61 18.50
C ALA G 309 -31.15 17.12 18.60
N ALA G 310 -31.63 16.55 17.49
CA ALA G 310 -32.04 15.15 17.48
C ALA G 310 -30.91 14.12 17.43
N GLN G 311 -29.81 14.49 16.78
CA GLN G 311 -28.67 13.59 16.64
C GLN G 311 -27.52 13.85 17.61
N LYS G 312 -27.15 12.83 18.37
CA LYS G 312 -26.07 12.97 19.35
C LYS G 312 -24.71 13.34 18.75
N ASN G 313 -24.35 12.73 17.63
CA ASN G 313 -23.04 13.00 17.02
C ASN G 313 -22.90 14.38 16.37
N ILE G 314 -23.98 15.13 16.28
CA ILE G 314 -23.87 16.49 15.75
C ILE G 314 -23.66 17.26 17.06
N THR G 315 -22.39 17.39 17.41
CA THR G 315 -21.97 18.01 18.67
C THR G 315 -21.63 19.49 18.65
N ARG G 316 -21.75 20.11 17.49
CA ARG G 316 -21.46 21.53 17.36
C ARG G 316 -22.48 22.13 16.40
N ALA G 317 -22.80 23.41 16.59
CA ALA G 317 -23.77 24.07 15.73
C ALA G 317 -23.33 25.47 15.32
N ASP G 318 -23.53 25.78 14.05
CA ASP G 318 -23.21 27.08 13.48
C ASP G 318 -24.44 27.48 12.68
N LEU G 319 -25.51 27.77 13.41
CA LEU G 319 -26.80 28.14 12.84
C LEU G 319 -27.09 29.60 13.19
N ASP G 320 -26.37 30.51 12.53
CA ASP G 320 -26.50 31.94 12.79
C ASP G 320 -27.06 32.78 11.64
N ALA G 321 -27.59 32.12 10.61
CA ALA G 321 -28.13 32.85 9.46
C ALA G 321 -29.26 33.85 9.79
N THR G 322 -30.18 33.46 10.67
CA THR G 322 -31.29 34.35 10.99
C THR G 322 -30.90 35.61 11.78
N PHE G 323 -29.75 35.58 12.46
CA PHE G 323 -29.32 36.73 13.27
C PHE G 323 -29.00 37.96 12.43
N GLY G 324 -28.70 37.75 11.15
CA GLY G 324 -28.38 38.86 10.27
C GLY G 324 -29.53 39.29 9.36
N LEU G 325 -30.66 38.60 9.44
CA LEU G 325 -31.82 38.93 8.60
C LEU G 325 -32.51 40.21 9.07
N GLU G 326 -32.86 41.05 8.10
CA GLU G 326 -33.52 42.30 8.45
C GLU G 326 -34.99 42.06 8.79
N THR G 327 -35.56 40.98 8.30
CA THR G 327 -36.95 40.63 8.60
C THR G 327 -37.15 39.12 8.40
N ALA G 328 -38.22 38.58 8.98
CA ALA G 328 -38.50 37.15 8.88
C ALA G 328 -39.41 36.81 7.71
N PRO G 329 -39.02 35.84 6.88
CA PRO G 329 -39.83 35.45 5.73
C PRO G 329 -41.07 34.66 6.12
N VAL G 330 -41.07 34.15 7.34
CA VAL G 330 -42.18 33.33 7.80
C VAL G 330 -42.44 33.51 9.29
N THR G 331 -43.50 32.88 9.79
CA THR G 331 -43.85 32.96 11.21
C THR G 331 -43.44 31.69 11.95
N GLY G 332 -42.89 31.86 13.16
CA GLY G 332 -42.46 30.72 13.95
C GLY G 332 -41.05 30.27 13.62
N GLY G 333 -40.69 29.07 14.08
CA GLY G 333 -39.36 28.54 13.83
C GLY G 333 -38.28 29.29 14.59
N VAL G 334 -37.02 29.11 14.18
CA VAL G 334 -35.92 29.78 14.85
C VAL G 334 -36.04 31.29 14.67
N SER G 335 -36.03 32.01 15.78
CA SER G 335 -36.17 33.46 15.78
C SER G 335 -34.99 34.20 15.18
N LEU G 336 -35.23 35.48 14.88
CA LEU G 336 -34.22 36.35 14.32
C LEU G 336 -33.31 36.89 15.44
N GLU G 337 -33.76 36.75 16.69
CA GLU G 337 -33.01 37.22 17.83
C GLU G 337 -31.64 36.58 17.94
N ALA G 338 -30.61 37.39 18.08
CA ALA G 338 -29.24 36.89 18.20
C ALA G 338 -29.04 36.35 19.62
N LYS G 339 -29.20 35.04 19.77
CA LYS G 339 -29.04 34.34 21.04
C LYS G 339 -28.41 32.97 20.73
N PRO G 340 -27.61 32.44 21.67
CA PRO G 340 -26.98 31.14 21.43
C PRO G 340 -27.90 29.93 21.63
N LEU G 341 -28.93 30.10 22.46
CA LEU G 341 -29.84 28.99 22.71
C LEU G 341 -31.04 28.97 21.77
N LEU G 342 -31.15 27.90 21.00
CA LEU G 342 -32.26 27.74 20.08
C LEU G 342 -33.12 26.63 20.64
N GLU G 343 -34.20 27.02 21.31
CA GLU G 343 -35.09 26.06 21.92
C GLU G 343 -36.21 25.71 20.96
N LEU G 344 -36.37 24.43 20.68
CA LEU G 344 -37.43 23.97 19.77
C LEU G 344 -38.66 23.67 20.64
N GLY G 345 -39.82 24.13 20.19
CA GLY G 345 -41.03 23.91 20.95
C GLY G 345 -41.65 22.55 20.72
N GLU G 346 -42.92 22.42 21.09
CA GLU G 346 -43.64 21.18 20.92
C GLU G 346 -44.55 21.27 19.70
N ALA G 347 -44.40 22.35 18.94
CA ALA G 347 -45.19 22.52 17.73
C ALA G 347 -44.80 21.39 16.76
N ALA G 348 -45.78 20.82 16.07
CA ALA G 348 -45.53 19.73 15.12
C ALA G 348 -44.71 20.20 13.91
N GLY G 349 -43.86 19.31 13.39
CA GLY G 349 -43.05 19.66 12.24
C GLY G 349 -42.03 20.73 12.57
N LEU G 350 -41.91 21.74 11.70
CA LEU G 350 -40.97 22.83 11.91
C LEU G 350 -41.56 23.94 12.78
N GLY G 351 -42.87 23.88 13.00
CA GLY G 351 -43.55 24.89 13.78
C GLY G 351 -43.61 26.20 13.03
N ILE G 352 -43.62 26.13 11.71
CA ILE G 352 -43.64 27.31 10.85
C ILE G 352 -44.96 27.52 10.12
N SER G 353 -45.32 28.79 9.90
CA SER G 353 -46.55 29.15 9.20
C SER G 353 -46.42 30.55 8.61
N HIS G 354 -47.51 31.03 8.01
CA HIS G 354 -47.54 32.37 7.42
C HIS G 354 -46.40 32.58 6.44
N MET H 1 -44.13 11.64 25.51
CA MET H 1 -44.28 10.19 25.84
C MET H 1 -43.16 9.75 26.79
N LYS H 2 -43.50 8.90 27.75
CA LYS H 2 -42.54 8.42 28.75
C LYS H 2 -42.66 6.93 29.03
N ILE H 3 -41.51 6.28 29.17
CA ILE H 3 -41.48 4.86 29.49
C ILE H 3 -41.87 4.70 30.96
N LYS H 4 -42.88 3.89 31.24
CA LYS H 4 -43.33 3.67 32.61
C LYS H 4 -42.73 2.39 33.19
N GLN H 5 -42.82 1.32 32.42
CA GLN H 5 -42.30 0.04 32.88
C GLN H 5 -41.84 -0.82 31.70
N VAL H 6 -40.88 -1.69 31.97
CA VAL H 6 -40.37 -2.60 30.94
C VAL H 6 -40.58 -4.03 31.44
N HIS H 7 -41.33 -4.82 30.67
CA HIS H 7 -41.58 -6.19 31.05
C HIS H 7 -40.90 -7.14 30.08
N VAL H 8 -40.30 -8.21 30.59
CA VAL H 8 -39.66 -9.16 29.71
C VAL H 8 -39.99 -10.58 30.17
N ARG H 9 -40.18 -11.48 29.22
CA ARG H 9 -40.49 -12.88 29.51
C ARG H 9 -39.87 -13.80 28.49
N ALA H 10 -39.59 -15.03 28.91
CA ALA H 10 -38.99 -16.04 28.03
C ALA H 10 -40.05 -16.70 27.16
N SER H 11 -39.64 -17.06 25.95
CA SER H 11 -40.53 -17.74 25.02
C SER H 11 -39.76 -18.89 24.37
N LYS H 12 -40.22 -20.11 24.60
CA LYS H 12 -39.58 -21.29 24.02
C LYS H 12 -40.58 -21.96 23.08
N ILE H 13 -40.33 -21.84 21.77
CA ILE H 13 -41.22 -22.41 20.77
C ILE H 13 -40.54 -23.47 19.91
N LYS H 14 -41.11 -24.67 19.91
CA LYS H 14 -40.54 -25.76 19.12
C LYS H 14 -40.62 -25.48 17.62
N LEU H 15 -39.60 -25.92 16.89
CA LEU H 15 -39.60 -25.76 15.44
C LEU H 15 -40.30 -27.01 14.90
N LYS H 16 -40.94 -26.88 13.75
CA LYS H 16 -41.64 -28.00 13.14
C LYS H 16 -40.66 -29.09 12.67
N GLU H 17 -39.40 -28.72 12.48
CA GLU H 17 -38.34 -29.64 12.05
C GLU H 17 -36.97 -29.08 12.43
N THR H 18 -36.04 -29.94 12.85
CA THR H 18 -34.71 -29.48 13.20
C THR H 18 -34.11 -28.79 11.98
N PHE H 19 -33.49 -27.64 12.20
CA PHE H 19 -32.89 -26.90 11.11
C PHE H 19 -31.39 -27.05 11.22
N THR H 20 -30.77 -27.51 10.14
CA THR H 20 -29.34 -27.72 10.14
C THR H 20 -28.57 -26.83 9.18
N ILE H 21 -27.52 -26.20 9.70
CA ILE H 21 -26.63 -25.36 8.91
C ILE H 21 -25.22 -25.85 9.21
N ALA H 22 -24.21 -25.25 8.59
CA ALA H 22 -22.83 -25.68 8.79
C ALA H 22 -22.35 -25.54 10.23
N LEU H 23 -22.86 -24.54 10.93
CA LEU H 23 -22.48 -24.26 12.31
C LEU H 23 -23.14 -25.16 13.36
N GLY H 24 -24.19 -25.86 12.94
CA GLY H 24 -24.88 -26.74 13.86
C GLY H 24 -26.37 -26.79 13.61
N THR H 25 -27.11 -27.36 14.55
CA THR H 25 -28.55 -27.48 14.41
C THR H 25 -29.29 -26.65 15.45
N ILE H 26 -30.55 -26.38 15.15
CA ILE H 26 -31.42 -25.62 16.05
C ILE H 26 -32.74 -26.39 16.06
N GLU H 27 -33.29 -26.63 17.26
CA GLU H 27 -34.53 -27.38 17.39
C GLU H 27 -35.67 -26.60 18.03
N SER H 28 -35.33 -25.45 18.60
CA SER H 28 -36.34 -24.62 19.25
C SER H 28 -36.00 -23.13 19.15
N ALA H 29 -37.03 -22.31 18.96
CA ALA H 29 -36.87 -20.88 18.85
C ALA H 29 -37.13 -20.27 20.23
N ASP H 30 -36.06 -20.11 20.99
CA ASP H 30 -36.15 -19.55 22.33
C ASP H 30 -35.73 -18.09 22.29
N SER H 31 -36.69 -17.19 22.56
CA SER H 31 -36.39 -15.77 22.54
C SER H 31 -36.95 -15.04 23.75
N ALA H 32 -36.49 -13.80 23.91
CA ALA H 32 -36.94 -12.94 24.99
C ALA H 32 -37.94 -11.95 24.40
N ILE H 33 -39.14 -11.89 24.96
CA ILE H 33 -40.16 -10.97 24.46
C ILE H 33 -40.31 -9.82 25.45
N VAL H 34 -40.20 -8.61 24.94
CA VAL H 34 -40.29 -7.41 25.76
C VAL H 34 -41.51 -6.56 25.44
N GLU H 35 -42.11 -6.00 26.48
CA GLU H 35 -43.25 -5.10 26.35
C GLU H 35 -42.86 -3.83 27.09
N ILE H 36 -42.79 -2.71 26.38
CA ILE H 36 -42.44 -1.44 27.01
C ILE H 36 -43.73 -0.64 27.15
N GLU H 37 -44.11 -0.37 28.39
CA GLU H 37 -45.34 0.37 28.65
C GLU H 37 -45.01 1.82 28.93
N THR H 38 -45.82 2.72 28.36
CA THR H 38 -45.62 4.14 28.57
C THR H 38 -46.59 4.62 29.63
N GLU H 39 -46.34 5.79 30.19
CA GLU H 39 -47.21 6.34 31.22
C GLU H 39 -48.62 6.56 30.69
N GLU H 40 -48.75 6.91 29.42
CA GLU H 40 -50.06 7.14 28.84
C GLU H 40 -50.83 5.86 28.54
N GLY H 41 -50.14 4.72 28.53
CA GLY H 41 -50.85 3.48 28.27
C GLY H 41 -50.46 2.69 27.03
N LEU H 42 -49.73 3.30 26.12
CA LEU H 42 -49.32 2.58 24.91
C LEU H 42 -48.25 1.55 25.29
N VAL H 43 -48.31 0.38 24.65
CA VAL H 43 -47.37 -0.69 24.92
C VAL H 43 -46.61 -1.10 23.65
N GLY H 44 -45.29 -1.14 23.72
CA GLY H 44 -44.50 -1.52 22.56
C GLY H 44 -43.93 -2.93 22.69
N TYR H 45 -43.97 -3.70 21.61
CA TYR H 45 -43.47 -5.07 21.61
C TYR H 45 -42.07 -5.19 20.99
N GLY H 46 -41.20 -5.93 21.68
CA GLY H 46 -39.85 -6.15 21.18
C GLY H 46 -39.46 -7.59 21.41
N GLU H 47 -38.38 -8.02 20.78
CA GLU H 47 -37.92 -9.38 20.94
C GLU H 47 -36.41 -9.51 20.73
N GLY H 48 -35.80 -10.38 21.52
CA GLY H 48 -34.37 -10.66 21.43
C GLY H 48 -34.21 -12.15 21.16
N GLY H 49 -33.85 -12.51 19.94
CA GLY H 49 -33.67 -13.92 19.60
C GLY H 49 -32.19 -14.24 19.48
N PRO H 50 -31.57 -14.75 20.54
CA PRO H 50 -30.13 -15.07 20.48
C PRO H 50 -29.80 -16.36 19.75
N GLY H 51 -28.73 -16.31 18.95
CA GLY H 51 -28.27 -17.46 18.20
C GLY H 51 -26.89 -17.75 18.74
N ILE H 52 -26.80 -18.68 19.69
CA ILE H 52 -25.54 -19.01 20.33
C ILE H 52 -24.37 -19.32 19.38
N PHE H 53 -24.59 -20.05 18.29
CA PHE H 53 -23.45 -20.31 17.42
C PHE H 53 -23.18 -19.21 16.39
N ILE H 54 -23.88 -18.08 16.54
CA ILE H 54 -23.66 -16.94 15.67
C ILE H 54 -23.00 -15.82 16.49
N THR H 55 -23.64 -15.42 17.58
CA THR H 55 -23.13 -14.33 18.43
C THR H 55 -22.68 -14.76 19.82
N GLY H 56 -22.98 -16.01 20.20
CA GLY H 56 -22.59 -16.48 21.51
C GLY H 56 -23.64 -16.13 22.56
N GLU H 57 -24.66 -15.37 22.17
CA GLU H 57 -25.69 -14.98 23.13
C GLU H 57 -26.63 -16.12 23.51
N THR H 58 -27.07 -16.07 24.76
CA THR H 58 -27.99 -17.09 25.29
C THR H 58 -29.28 -16.42 25.76
N LEU H 59 -30.32 -17.21 25.99
CA LEU H 59 -31.56 -16.63 26.46
C LEU H 59 -31.35 -16.10 27.88
N ALA H 60 -30.63 -16.84 28.71
CA ALA H 60 -30.41 -16.39 30.09
C ALA H 60 -29.69 -15.04 30.12
N GLY H 61 -28.60 -14.92 29.37
CA GLY H 61 -27.85 -13.68 29.32
C GLY H 61 -28.62 -12.52 28.73
N THR H 62 -29.42 -12.81 27.71
CA THR H 62 -30.22 -11.79 27.06
C THR H 62 -31.31 -11.28 28.02
N LEU H 63 -31.89 -12.19 28.80
CA LEU H 63 -32.91 -11.76 29.77
C LEU H 63 -32.31 -10.86 30.85
N GLU H 64 -31.16 -11.25 31.39
CA GLU H 64 -30.52 -10.43 32.44
C GLU H 64 -30.15 -9.06 31.88
N THR H 65 -29.63 -9.02 30.66
CA THR H 65 -29.24 -7.75 30.05
C THR H 65 -30.44 -6.85 29.79
N ILE H 66 -31.53 -7.42 29.25
CA ILE H 66 -32.73 -6.64 29.02
C ILE H 66 -33.24 -6.03 30.34
N GLU H 67 -33.20 -6.82 31.41
CA GLU H 67 -33.65 -6.33 32.70
C GLU H 67 -32.78 -5.14 33.11
N LEU H 68 -31.48 -5.27 32.88
CA LEU H 68 -30.56 -4.18 33.21
C LEU H 68 -30.91 -2.94 32.38
N PHE H 69 -31.20 -3.14 31.10
CA PHE H 69 -31.59 -2.04 30.21
C PHE H 69 -32.94 -1.42 30.64
N GLY H 70 -33.93 -2.27 30.89
CA GLY H 70 -35.24 -1.81 31.30
C GLY H 70 -35.21 -0.86 32.48
N GLN H 71 -34.45 -1.23 33.50
CA GLN H 71 -34.28 -0.46 34.72
C GLN H 71 -33.57 0.87 34.48
N ALA H 72 -32.80 0.97 33.39
CA ALA H 72 -32.08 2.20 33.11
C ALA H 72 -32.82 3.20 32.24
N ILE H 73 -33.84 2.77 31.49
CA ILE H 73 -34.57 3.67 30.62
C ILE H 73 -35.92 4.14 31.11
N ILE H 74 -36.24 3.87 32.38
CA ILE H 74 -37.51 4.30 32.94
C ILE H 74 -37.54 5.82 32.90
N GLY H 75 -38.61 6.39 32.32
CA GLY H 75 -38.72 7.84 32.25
C GLY H 75 -38.31 8.47 30.93
N LEU H 76 -37.56 7.73 30.12
CA LEU H 76 -37.12 8.25 28.83
C LEU H 76 -38.23 8.22 27.80
N ASN H 77 -38.10 9.06 26.78
CA ASN H 77 -39.06 9.13 25.70
C ASN H 77 -38.66 8.06 24.67
N PRO H 78 -39.61 7.21 24.24
CA PRO H 78 -39.29 6.17 23.26
C PRO H 78 -38.71 6.74 21.97
N PHE H 79 -39.05 8.00 21.66
CA PHE H 79 -38.55 8.67 20.46
C PHE H 79 -37.07 9.03 20.57
N ASN H 80 -36.58 9.10 21.81
CA ASN H 80 -35.18 9.41 22.06
C ASN H 80 -34.36 8.11 21.89
N ILE H 81 -34.44 7.54 20.69
CA ILE H 81 -33.75 6.29 20.35
C ILE H 81 -32.24 6.51 20.41
N GLU H 82 -31.81 7.76 20.26
CA GLU H 82 -30.40 8.08 20.33
C GLU H 82 -29.89 7.87 21.77
N LYS H 83 -30.64 8.37 22.75
CA LYS H 83 -30.21 8.20 24.14
C LYS H 83 -30.42 6.76 24.60
N ILE H 84 -31.49 6.13 24.14
CA ILE H 84 -31.75 4.75 24.53
C ILE H 84 -30.58 3.85 24.12
N HIS H 85 -30.04 4.06 22.92
CA HIS H 85 -28.89 3.25 22.54
C HIS H 85 -27.64 3.69 23.30
N GLU H 86 -27.50 4.97 23.61
CA GLU H 86 -26.33 5.42 24.37
C GLU H 86 -26.32 4.73 25.73
N VAL H 87 -27.48 4.72 26.38
CA VAL H 87 -27.64 4.11 27.69
C VAL H 87 -27.32 2.62 27.64
N MET H 88 -27.84 1.91 26.65
CA MET H 88 -27.60 0.48 26.53
C MET H 88 -26.12 0.16 26.21
N ASP H 89 -25.50 0.98 25.37
CA ASP H 89 -24.10 0.77 25.01
C ASP H 89 -23.17 1.02 26.20
N LYS H 90 -23.53 1.96 27.06
CA LYS H 90 -22.70 2.22 28.25
C LYS H 90 -22.82 1.04 29.22
N ILE H 91 -24.01 0.44 29.28
CA ILE H 91 -24.25 -0.70 30.17
C ILE H 91 -23.54 -1.98 29.71
N SER H 92 -23.70 -2.31 28.42
CA SER H 92 -23.09 -3.51 27.86
C SER H 92 -22.26 -3.27 26.59
N ALA H 93 -21.06 -3.86 26.57
CA ALA H 93 -20.17 -3.74 25.42
C ALA H 93 -20.63 -4.59 24.23
N PHE H 94 -21.45 -5.61 24.50
CA PHE H 94 -21.93 -6.49 23.43
C PHE H 94 -23.14 -7.30 23.87
N ALA H 95 -24.29 -7.02 23.24
CA ALA H 95 -25.53 -7.72 23.54
C ALA H 95 -26.56 -7.31 22.50
N PRO H 96 -26.26 -7.59 21.21
CA PRO H 96 -27.21 -7.21 20.16
C PRO H 96 -28.66 -7.71 20.30
N ALA H 97 -28.86 -8.93 20.79
CA ALA H 97 -30.24 -9.43 20.93
C ALA H 97 -31.00 -8.64 21.98
N ALA H 98 -30.35 -8.35 23.11
CA ALA H 98 -30.98 -7.60 24.19
C ALA H 98 -31.25 -6.18 23.74
N LYS H 99 -30.30 -5.61 23.00
CA LYS H 99 -30.44 -4.24 22.51
C LYS H 99 -31.53 -4.16 21.44
N ALA H 100 -31.63 -5.21 20.61
CA ALA H 100 -32.67 -5.22 19.58
C ALA H 100 -34.06 -5.26 20.25
N ALA H 101 -34.18 -6.08 21.30
CA ALA H 101 -35.45 -6.21 22.04
C ALA H 101 -35.99 -4.86 22.48
N ILE H 102 -35.16 -4.08 23.16
CA ILE H 102 -35.56 -2.75 23.60
C ILE H 102 -35.82 -1.83 22.41
N ASP H 103 -34.88 -1.81 21.46
CA ASP H 103 -34.96 -0.97 20.26
C ASP H 103 -36.25 -1.21 19.45
N ILE H 104 -36.55 -2.47 19.17
CA ILE H 104 -37.75 -2.77 18.39
C ILE H 104 -39.01 -2.30 19.11
N ALA H 105 -39.07 -2.54 20.43
CA ALA H 105 -40.25 -2.12 21.20
C ALA H 105 -40.41 -0.60 21.13
N CYS H 106 -39.29 0.13 21.08
CA CYS H 106 -39.36 1.58 21.03
C CYS H 106 -39.93 2.07 19.71
N TYR H 107 -39.49 1.48 18.60
CA TYR H 107 -40.02 1.89 17.32
C TYR H 107 -41.50 1.54 17.24
N ASP H 108 -41.89 0.41 17.83
CA ASP H 108 -43.30 0.01 17.84
C ASP H 108 -44.06 1.16 18.49
N LEU H 109 -43.59 1.60 19.66
CA LEU H 109 -44.23 2.71 20.38
C LEU H 109 -44.25 4.01 19.55
N MET H 110 -43.17 4.27 18.83
CA MET H 110 -43.09 5.46 18.00
C MET H 110 -44.19 5.41 16.94
N GLY H 111 -44.31 4.27 16.27
CA GLY H 111 -45.34 4.14 15.25
C GLY H 111 -46.74 4.28 15.85
N GLN H 112 -46.92 3.75 17.06
CA GLN H 112 -48.23 3.84 17.67
C GLN H 112 -48.59 5.27 18.06
N LYS H 113 -47.64 5.97 18.67
CA LYS H 113 -47.88 7.36 19.08
C LYS H 113 -48.15 8.25 17.86
N ALA H 114 -47.38 8.03 16.79
CA ALA H 114 -47.53 8.80 15.57
C ALA H 114 -48.75 8.33 14.78
N GLN H 115 -49.26 7.16 15.15
CA GLN H 115 -50.42 6.56 14.49
C GLN H 115 -50.08 6.25 13.03
N LEU H 116 -48.95 5.60 12.85
CA LEU H 116 -48.46 5.23 11.52
C LEU H 116 -47.80 3.86 11.51
N PRO H 117 -47.94 3.14 10.39
CA PRO H 117 -47.31 1.81 10.31
C PRO H 117 -45.80 2.10 10.37
N LEU H 118 -45.04 1.21 10.98
CA LEU H 118 -43.59 1.42 11.12
C LEU H 118 -42.86 1.68 9.79
N TYR H 119 -43.23 0.96 8.74
CA TYR H 119 -42.55 1.17 7.46
C TYR H 119 -42.64 2.64 6.99
N GLN H 120 -43.65 3.38 7.43
CA GLN H 120 -43.79 4.79 7.05
C GLN H 120 -42.77 5.68 7.76
N LEU H 121 -42.40 5.32 8.98
CA LEU H 121 -41.43 6.11 9.73
C LEU H 121 -39.99 5.77 9.34
N LEU H 122 -39.80 4.63 8.70
CA LEU H 122 -38.45 4.19 8.35
C LEU H 122 -37.97 4.42 6.91
N GLY H 123 -38.75 5.15 6.10
CA GLY H 123 -38.35 5.40 4.72
C GLY H 123 -39.53 5.36 3.76
N GLY H 124 -40.55 4.57 4.11
CA GLY H 124 -41.77 4.47 3.31
C GLY H 124 -41.69 4.08 1.84
N TYR H 125 -40.62 3.42 1.43
CA TYR H 125 -40.45 3.04 0.04
C TYR H 125 -41.49 2.02 -0.46
N ASP H 126 -41.91 1.10 0.40
CA ASP H 126 -42.91 0.09 0.03
C ASP H 126 -43.67 -0.30 1.29
N ASN H 127 -44.70 -1.12 1.14
CA ASN H 127 -45.50 -1.57 2.28
C ASN H 127 -45.57 -3.10 2.32
N GLN H 128 -44.65 -3.74 1.62
CA GLN H 128 -44.60 -5.19 1.57
C GLN H 128 -43.20 -5.63 1.18
N VAL H 129 -42.90 -6.90 1.37
CA VAL H 129 -41.60 -7.43 0.99
C VAL H 129 -41.75 -8.89 0.60
N ILE H 130 -40.98 -9.31 -0.39
CA ILE H 130 -41.02 -10.69 -0.87
C ILE H 130 -39.81 -11.39 -0.28
N THR H 131 -40.05 -12.50 0.40
CA THR H 131 -38.96 -13.23 1.02
C THR H 131 -38.66 -14.53 0.33
N ASP H 132 -37.44 -15.01 0.52
CA ASP H 132 -37.04 -16.30 -0.04
C ASP H 132 -37.38 -17.29 1.07
N ILE H 133 -37.01 -18.54 0.86
CA ILE H 133 -37.23 -19.55 1.89
C ILE H 133 -35.95 -20.38 1.91
N THR H 134 -35.44 -20.63 3.10
CA THR H 134 -34.19 -21.38 3.25
C THR H 134 -34.44 -22.89 3.37
N LEU H 135 -33.55 -23.67 2.76
CA LEU H 135 -33.61 -25.13 2.83
C LEU H 135 -32.42 -25.57 3.67
N GLY H 136 -32.69 -26.28 4.77
CA GLY H 136 -31.62 -26.73 5.63
C GLY H 136 -30.77 -27.79 4.97
N ILE H 137 -29.57 -27.99 5.50
CA ILE H 137 -28.63 -28.98 4.96
C ILE H 137 -29.18 -30.41 5.01
N ASP H 138 -29.18 -31.09 3.87
CA ASP H 138 -29.66 -32.47 3.77
C ASP H 138 -29.13 -33.11 2.49
N GLU H 139 -29.46 -34.38 2.27
CA GLU H 139 -29.02 -35.08 1.07
C GLU H 139 -29.52 -34.37 -0.18
N PRO H 140 -28.70 -34.36 -1.25
CA PRO H 140 -29.05 -33.72 -2.52
C PRO H 140 -30.47 -34.03 -2.99
N ASN H 141 -30.82 -35.31 -3.03
CA ASN H 141 -32.15 -35.73 -3.47
C ASN H 141 -33.27 -35.19 -2.58
N VAL H 142 -33.04 -35.17 -1.27
CA VAL H 142 -34.04 -34.67 -0.34
C VAL H 142 -34.21 -33.16 -0.50
N MET H 143 -33.10 -32.43 -0.53
CA MET H 143 -33.17 -30.98 -0.69
C MET H 143 -33.89 -30.62 -1.98
N ALA H 144 -33.59 -31.38 -3.04
CA ALA H 144 -34.21 -31.15 -4.34
C ALA H 144 -35.73 -31.31 -4.20
N GLN H 145 -36.13 -32.35 -3.47
CA GLN H 145 -37.54 -32.64 -3.24
C GLN H 145 -38.21 -31.48 -2.50
N LYS H 146 -37.56 -31.01 -1.45
CA LYS H 146 -38.08 -29.90 -0.65
C LYS H 146 -38.15 -28.63 -1.50
N ALA H 147 -37.21 -28.46 -2.43
CA ALA H 147 -37.19 -27.29 -3.29
C ALA H 147 -38.46 -27.25 -4.14
N VAL H 148 -38.85 -28.40 -4.68
CA VAL H 148 -40.05 -28.44 -5.50
C VAL H 148 -41.27 -28.13 -4.64
N GLU H 149 -41.26 -28.63 -3.40
CA GLU H 149 -42.37 -28.37 -2.48
C GLU H 149 -42.52 -26.87 -2.20
N LYS H 150 -41.39 -26.18 -2.07
CA LYS H 150 -41.43 -24.74 -1.79
C LYS H 150 -41.84 -23.92 -3.01
N VAL H 151 -41.34 -24.31 -4.18
CA VAL H 151 -41.69 -23.58 -5.40
C VAL H 151 -43.19 -23.70 -5.63
N LYS H 152 -43.77 -24.81 -5.17
CA LYS H 152 -45.20 -25.07 -5.32
C LYS H 152 -45.98 -24.12 -4.40
N LEU H 153 -45.31 -23.67 -3.34
CA LEU H 153 -45.93 -22.73 -2.39
C LEU H 153 -45.87 -21.31 -2.92
N GLY H 154 -45.23 -21.13 -4.09
CA GLY H 154 -45.12 -19.81 -4.69
C GLY H 154 -43.77 -19.11 -4.57
N PHE H 155 -42.81 -19.77 -3.94
CA PHE H 155 -41.49 -19.16 -3.78
C PHE H 155 -40.71 -19.15 -5.09
N ASP H 156 -40.13 -18.00 -5.42
CA ASP H 156 -39.34 -17.89 -6.64
C ASP H 156 -37.85 -17.77 -6.35
N THR H 157 -37.51 -17.70 -5.07
CA THR H 157 -36.12 -17.61 -4.64
C THR H 157 -35.86 -18.57 -3.49
N LEU H 158 -34.85 -19.42 -3.63
CA LEU H 158 -34.55 -20.40 -2.59
C LEU H 158 -33.14 -20.22 -2.04
N LYS H 159 -33.03 -20.15 -0.73
CA LYS H 159 -31.75 -20.01 -0.06
C LYS H 159 -31.29 -21.43 0.32
N ILE H 160 -30.20 -21.87 -0.30
CA ILE H 160 -29.68 -23.21 -0.08
C ILE H 160 -28.50 -23.28 0.89
N LYS H 161 -28.69 -24.01 1.97
CA LYS H 161 -27.64 -24.17 2.97
C LYS H 161 -26.68 -25.27 2.54
N VAL H 162 -25.39 -24.94 2.51
CA VAL H 162 -24.37 -25.92 2.14
C VAL H 162 -23.25 -25.82 3.16
N GLY H 163 -22.28 -26.73 3.09
CA GLY H 163 -21.18 -26.66 4.04
C GLY H 163 -20.60 -27.92 4.63
N THR H 164 -20.88 -29.09 4.06
CA THR H 164 -20.31 -30.32 4.60
C THR H 164 -19.09 -30.76 3.80
N GLY H 165 -18.89 -30.13 2.64
CA GLY H 165 -17.76 -30.46 1.79
C GLY H 165 -18.12 -30.14 0.34
N ILE H 166 -17.22 -29.47 -0.37
CA ILE H 166 -17.48 -29.10 -1.76
C ILE H 166 -18.08 -30.21 -2.60
N GLU H 167 -17.62 -31.44 -2.36
CA GLU H 167 -18.13 -32.59 -3.09
C GLU H 167 -19.65 -32.67 -2.92
N ALA H 168 -20.07 -32.83 -1.68
CA ALA H 168 -21.49 -32.91 -1.36
C ALA H 168 -22.22 -31.60 -1.69
N ASP H 169 -21.68 -30.49 -1.21
CA ASP H 169 -22.31 -29.18 -1.46
C ASP H 169 -22.62 -28.93 -2.93
N ILE H 170 -21.71 -29.33 -3.82
CA ILE H 170 -21.91 -29.14 -5.25
C ILE H 170 -23.06 -30.03 -5.75
N ALA H 171 -23.09 -31.26 -5.25
CA ALA H 171 -24.13 -32.21 -5.64
C ALA H 171 -25.50 -31.72 -5.20
N ARG H 172 -25.56 -31.10 -4.02
CA ARG H 172 -26.81 -30.56 -3.50
C ARG H 172 -27.36 -29.51 -4.45
N VAL H 173 -26.53 -28.52 -4.80
CA VAL H 173 -26.95 -27.47 -5.71
C VAL H 173 -27.38 -27.98 -7.09
N LYS H 174 -26.55 -28.81 -7.71
CA LYS H 174 -26.88 -29.36 -9.03
C LYS H 174 -28.25 -30.02 -9.00
N ALA H 175 -28.47 -30.89 -8.01
CA ALA H 175 -29.73 -31.60 -7.88
C ALA H 175 -30.92 -30.63 -7.77
N ILE H 176 -30.76 -29.60 -6.96
CA ILE H 176 -31.83 -28.62 -6.77
C ILE H 176 -32.17 -27.89 -8.08
N ARG H 177 -31.15 -27.39 -8.77
CA ARG H 177 -31.38 -26.68 -10.02
C ARG H 177 -32.04 -27.63 -11.03
N GLU H 178 -31.56 -28.86 -11.01
CA GLU H 178 -32.04 -29.92 -11.89
C GLU H 178 -33.53 -30.16 -11.67
N ALA H 179 -33.96 -30.03 -10.41
CA ALA H 179 -35.35 -30.25 -10.04
C ALA H 179 -36.33 -29.13 -10.31
N VAL H 180 -35.91 -27.87 -10.14
CA VAL H 180 -36.82 -26.76 -10.34
C VAL H 180 -36.61 -25.90 -11.59
N GLY H 181 -35.54 -26.15 -12.33
CA GLY H 181 -35.31 -25.39 -13.54
C GLY H 181 -34.66 -24.03 -13.28
N PHE H 182 -34.41 -23.30 -14.36
CA PHE H 182 -33.75 -21.99 -14.29
C PHE H 182 -34.65 -20.78 -14.03
N ASP H 183 -35.94 -21.02 -13.84
CA ASP H 183 -36.88 -19.94 -13.58
C ASP H 183 -36.79 -19.49 -12.12
N ILE H 184 -36.24 -20.35 -11.27
CA ILE H 184 -36.11 -20.06 -9.85
C ILE H 184 -34.73 -19.51 -9.49
N LYS H 185 -34.69 -18.44 -8.69
CA LYS H 185 -33.40 -17.89 -8.29
C LYS H 185 -32.85 -18.65 -7.10
N LEU H 186 -31.58 -19.03 -7.18
CA LEU H 186 -30.95 -19.78 -6.11
C LEU H 186 -29.75 -19.05 -5.50
N ARG H 187 -29.81 -18.84 -4.19
CA ARG H 187 -28.70 -18.20 -3.48
C ARG H 187 -28.14 -19.22 -2.48
N LEU H 188 -26.82 -19.34 -2.44
CA LEU H 188 -26.17 -20.29 -1.54
C LEU H 188 -25.69 -19.64 -0.25
N ASP H 189 -25.64 -20.41 0.82
CA ASP H 189 -25.15 -19.93 2.11
C ASP H 189 -24.31 -21.04 2.70
N ALA H 190 -22.99 -20.83 2.78
CA ALA H 190 -22.06 -21.83 3.32
C ALA H 190 -21.79 -21.68 4.81
N ASN H 191 -22.26 -20.60 5.40
CA ASN H 191 -22.03 -20.36 6.81
C ASN H 191 -20.58 -20.62 7.24
N GLN H 192 -19.64 -20.02 6.51
CA GLN H 192 -18.20 -20.11 6.80
C GLN H 192 -17.51 -21.45 6.57
N ALA H 193 -18.22 -22.39 5.97
CA ALA H 193 -17.72 -23.76 5.74
C ALA H 193 -16.50 -23.98 4.84
N TRP H 194 -16.27 -23.13 3.86
CA TRP H 194 -15.16 -23.36 2.95
C TRP H 194 -13.91 -22.52 3.15
N THR H 195 -12.79 -23.04 2.66
CA THR H 195 -11.52 -22.32 2.68
C THR H 195 -11.67 -21.41 1.46
N PRO H 196 -10.88 -20.34 1.36
CA PRO H 196 -11.02 -19.46 0.20
C PRO H 196 -10.85 -20.17 -1.15
N LYS H 197 -9.88 -21.07 -1.25
CA LYS H 197 -9.64 -21.78 -2.51
C LYS H 197 -10.72 -22.81 -2.81
N ASP H 198 -11.24 -23.47 -1.78
CA ASP H 198 -12.31 -24.44 -2.00
C ASP H 198 -13.54 -23.64 -2.42
N ALA H 199 -13.66 -22.43 -1.89
CA ALA H 199 -14.79 -21.56 -2.22
C ALA H 199 -14.79 -21.22 -3.71
N VAL H 200 -13.65 -20.77 -4.21
CA VAL H 200 -13.51 -20.43 -5.62
C VAL H 200 -13.78 -21.68 -6.46
N LYS H 201 -13.25 -22.81 -6.03
CA LYS H 201 -13.43 -24.06 -6.75
C LYS H 201 -14.90 -24.45 -6.86
N ALA H 202 -15.61 -24.41 -5.74
CA ALA H 202 -17.02 -24.77 -5.74
C ALA H 202 -17.84 -23.81 -6.61
N ILE H 203 -17.62 -22.51 -6.42
CA ILE H 203 -18.33 -21.50 -7.19
C ILE H 203 -18.12 -21.65 -8.69
N GLN H 204 -16.87 -21.87 -9.10
CA GLN H 204 -16.58 -22.03 -10.51
C GLN H 204 -17.21 -23.32 -11.06
N ALA H 205 -17.27 -24.34 -10.21
CA ALA H 205 -17.85 -25.62 -10.60
C ALA H 205 -19.34 -25.50 -10.86
N LEU H 206 -19.97 -24.48 -10.30
CA LEU H 206 -21.41 -24.24 -10.45
C LEU H 206 -21.70 -23.09 -11.41
N ALA H 207 -20.67 -22.65 -12.14
CA ALA H 207 -20.83 -21.53 -13.07
C ALA H 207 -21.99 -21.70 -14.05
N ASP H 208 -22.30 -22.95 -14.40
CA ASP H 208 -23.39 -23.20 -15.33
C ASP H 208 -24.73 -23.43 -14.67
N TYR H 209 -24.79 -23.22 -13.36
CA TYR H 209 -26.04 -23.43 -12.64
C TYR H 209 -26.77 -22.15 -12.26
N GLN H 210 -26.21 -21.03 -12.71
CA GLN H 210 -26.83 -19.73 -12.49
C GLN H 210 -27.06 -19.39 -11.01
N ILE H 211 -25.97 -19.36 -10.24
CA ILE H 211 -26.05 -19.05 -8.82
C ILE H 211 -26.22 -17.54 -8.67
N GLU H 212 -27.27 -17.12 -7.97
CA GLU H 212 -27.52 -15.70 -7.78
C GLU H 212 -26.44 -15.04 -6.93
N LEU H 213 -26.11 -15.67 -5.81
CA LEU H 213 -25.08 -15.14 -4.92
C LEU H 213 -24.64 -16.21 -3.93
N VAL H 214 -23.49 -16.00 -3.32
CA VAL H 214 -22.95 -16.93 -2.33
C VAL H 214 -22.71 -16.16 -1.04
N GLU H 215 -23.35 -16.61 0.01
CA GLU H 215 -23.28 -15.97 1.32
C GLU H 215 -22.21 -16.57 2.23
N GLN H 216 -21.41 -15.69 2.82
CA GLN H 216 -20.35 -16.05 3.78
C GLN H 216 -19.67 -17.40 3.48
N PRO H 217 -18.86 -17.46 2.41
CA PRO H 217 -18.17 -18.70 2.05
C PRO H 217 -17.06 -19.15 3.01
N VAL H 218 -16.45 -18.18 3.68
CA VAL H 218 -15.34 -18.47 4.59
C VAL H 218 -15.57 -17.98 6.00
N LYS H 219 -14.64 -18.31 6.90
CA LYS H 219 -14.71 -17.92 8.30
C LYS H 219 -14.93 -16.43 8.48
N ARG H 220 -15.77 -16.10 9.47
CA ARG H 220 -16.13 -14.73 9.80
C ARG H 220 -14.97 -13.73 9.90
N ARG H 221 -13.90 -14.11 10.58
CA ARG H 221 -12.77 -13.22 10.78
C ARG H 221 -11.77 -13.17 9.62
N ASP H 222 -11.83 -14.13 8.71
CA ASP H 222 -10.91 -14.18 7.58
C ASP H 222 -11.33 -13.19 6.48
N LEU H 223 -11.19 -11.90 6.76
CA LEU H 223 -11.55 -10.88 5.79
C LEU H 223 -10.71 -10.92 4.51
N GLU H 224 -9.46 -11.36 4.61
CA GLU H 224 -8.61 -11.45 3.44
C GLU H 224 -9.07 -12.61 2.56
N GLY H 225 -9.45 -13.70 3.19
CA GLY H 225 -9.93 -14.86 2.44
C GLY H 225 -11.27 -14.57 1.80
N LEU H 226 -12.07 -13.74 2.45
CA LEU H 226 -13.39 -13.37 1.93
C LEU H 226 -13.23 -12.49 0.69
N LYS H 227 -12.38 -11.48 0.78
CA LYS H 227 -12.15 -10.61 -0.36
C LYS H 227 -11.57 -11.40 -1.54
N TYR H 228 -10.73 -12.39 -1.24
CA TYR H 228 -10.13 -13.24 -2.26
C TYR H 228 -11.22 -13.89 -3.10
N VAL H 229 -12.19 -14.52 -2.44
CA VAL H 229 -13.30 -15.16 -3.13
C VAL H 229 -14.01 -14.15 -4.02
N THR H 230 -14.33 -13.01 -3.42
CA THR H 230 -15.03 -11.93 -4.12
C THR H 230 -14.32 -11.44 -5.38
N SER H 231 -13.00 -11.31 -5.31
CA SER H 231 -12.24 -10.82 -6.45
C SER H 231 -11.77 -11.93 -7.38
N GLN H 232 -12.20 -13.16 -7.12
CA GLN H 232 -11.79 -14.29 -7.95
C GLN H 232 -12.93 -14.87 -8.78
N VAL H 233 -14.17 -14.47 -8.47
CA VAL H 233 -15.33 -15.00 -9.20
C VAL H 233 -16.30 -13.89 -9.60
N ASN H 234 -16.98 -14.07 -10.73
CA ASN H 234 -17.94 -13.08 -11.18
C ASN H 234 -19.22 -13.15 -10.33
N THR H 235 -19.40 -14.25 -9.64
CA THR H 235 -20.57 -14.43 -8.80
C THR H 235 -20.59 -13.46 -7.62
N THR H 236 -21.78 -12.93 -7.31
CA THR H 236 -21.97 -12.00 -6.21
C THR H 236 -21.71 -12.67 -4.88
N ILE H 237 -20.89 -12.03 -4.05
CA ILE H 237 -20.55 -12.57 -2.73
C ILE H 237 -21.14 -11.70 -1.62
N MET H 238 -21.79 -12.35 -0.66
CA MET H 238 -22.41 -11.63 0.44
C MET H 238 -21.79 -11.93 1.79
N ALA H 239 -21.66 -10.91 2.62
CA ALA H 239 -21.12 -11.12 3.96
C ALA H 239 -22.30 -11.25 4.92
N ASP H 240 -22.17 -12.16 5.90
CA ASP H 240 -23.20 -12.31 6.92
C ASP H 240 -22.49 -12.24 8.27
N GLU H 241 -21.93 -13.36 8.72
CA GLU H 241 -21.23 -13.35 10.00
C GLU H 241 -20.06 -12.35 10.04
N SER H 242 -19.53 -11.98 8.88
CA SER H 242 -18.44 -11.01 8.83
C SER H 242 -18.92 -9.60 9.12
N CYS H 243 -20.23 -9.39 9.15
CA CYS H 243 -20.76 -8.07 9.43
C CYS H 243 -21.87 -8.02 10.49
N PHE H 244 -21.50 -7.63 11.71
CA PHE H 244 -22.46 -7.53 12.80
C PHE H 244 -23.10 -6.14 12.91
N ASP H 245 -22.26 -5.11 13.03
CA ASP H 245 -22.75 -3.74 13.16
C ASP H 245 -22.23 -2.74 12.12
N ALA H 246 -22.54 -1.47 12.33
CA ALA H 246 -22.14 -0.42 11.41
C ALA H 246 -20.63 -0.34 11.23
N GLN H 247 -19.88 -0.51 12.34
CA GLN H 247 -18.43 -0.45 12.25
C GLN H 247 -17.89 -1.60 11.39
N ASP H 248 -18.53 -2.76 11.46
CA ASP H 248 -18.08 -3.87 10.62
C ASP H 248 -18.35 -3.51 9.16
N ALA H 249 -19.54 -2.98 8.91
CA ALA H 249 -19.92 -2.62 7.56
C ALA H 249 -18.95 -1.57 6.99
N LEU H 250 -18.57 -0.61 7.82
CA LEU H 250 -17.63 0.41 7.35
C LEU H 250 -16.30 -0.23 6.99
N GLU H 251 -15.85 -1.19 7.80
CA GLU H 251 -14.59 -1.87 7.53
C GLU H 251 -14.65 -2.64 6.21
N LEU H 252 -15.77 -3.32 5.96
CA LEU H 252 -15.92 -4.09 4.73
C LEU H 252 -15.97 -3.18 3.49
N VAL H 253 -16.67 -2.06 3.58
CA VAL H 253 -16.75 -1.17 2.44
C VAL H 253 -15.36 -0.60 2.15
N LYS H 254 -14.65 -0.21 3.21
CA LYS H 254 -13.31 0.36 3.06
C LYS H 254 -12.36 -0.64 2.40
N LYS H 255 -12.50 -1.92 2.74
CA LYS H 255 -11.65 -2.95 2.17
C LYS H 255 -12.20 -3.54 0.87
N GLY H 256 -13.45 -3.25 0.55
CA GLY H 256 -14.05 -3.79 -0.66
C GLY H 256 -14.12 -5.31 -0.57
N THR H 257 -14.44 -5.80 0.62
CA THR H 257 -14.49 -7.23 0.89
C THR H 257 -15.58 -8.04 0.20
N VAL H 258 -16.77 -7.46 0.05
CA VAL H 258 -17.90 -8.17 -0.56
C VAL H 258 -18.77 -7.31 -1.47
N ASP H 259 -19.77 -7.93 -2.10
CA ASP H 259 -20.68 -7.22 -3.01
C ASP H 259 -22.02 -6.86 -2.37
N VAL H 260 -22.41 -7.66 -1.38
CA VAL H 260 -23.67 -7.47 -0.68
C VAL H 260 -23.50 -7.76 0.80
N ILE H 261 -24.36 -7.17 1.63
CA ILE H 261 -24.26 -7.39 3.07
C ILE H 261 -25.58 -7.80 3.71
N ASN H 262 -25.56 -8.88 4.48
CA ASN H 262 -26.74 -9.39 5.17
C ASN H 262 -26.95 -8.69 6.51
N ILE H 263 -28.10 -8.03 6.67
CA ILE H 263 -28.42 -7.34 7.91
C ILE H 263 -29.39 -8.15 8.76
N LYS H 264 -29.08 -8.27 10.05
CA LYS H 264 -29.96 -8.96 10.99
C LYS H 264 -30.09 -8.07 12.22
N LEU H 265 -31.31 -7.79 12.64
CA LEU H 265 -31.52 -6.94 13.80
C LEU H 265 -30.88 -7.56 15.02
N MET H 266 -30.88 -8.90 15.07
CA MET H 266 -30.29 -9.61 16.19
C MET H 266 -28.77 -9.60 16.17
N LYS H 267 -28.17 -9.24 15.04
CA LYS H 267 -26.72 -9.15 14.96
C LYS H 267 -26.26 -7.72 15.30
N CYS H 268 -27.03 -6.74 14.87
CA CYS H 268 -26.66 -5.33 15.06
C CYS H 268 -27.25 -4.58 16.26
N GLY H 269 -28.20 -5.17 16.96
CA GLY H 269 -28.79 -4.48 18.10
C GLY H 269 -30.04 -3.64 17.79
N GLY H 270 -30.76 -3.94 16.72
CA GLY H 270 -31.96 -3.18 16.44
C GLY H 270 -32.03 -2.38 15.16
N ILE H 271 -33.19 -1.79 14.94
CA ILE H 271 -33.49 -0.99 13.76
C ILE H 271 -32.56 0.23 13.65
N HIS H 272 -32.31 0.87 14.79
CA HIS H 272 -31.46 2.05 14.81
C HIS H 272 -30.10 1.79 14.15
N GLU H 273 -29.47 0.67 14.52
CA GLU H 273 -28.17 0.30 13.97
C GLU H 273 -28.29 -0.24 12.55
N ALA H 274 -29.36 -0.98 12.27
CA ALA H 274 -29.58 -1.53 10.93
C ALA H 274 -29.63 -0.40 9.89
N LEU H 275 -30.33 0.68 10.23
CA LEU H 275 -30.43 1.82 9.33
C LEU H 275 -29.05 2.35 9.01
N LYS H 276 -28.17 2.41 10.01
CA LYS H 276 -26.81 2.90 9.80
C LYS H 276 -26.08 1.99 8.81
N ILE H 277 -26.20 0.68 9.02
CA ILE H 277 -25.54 -0.28 8.15
C ILE H 277 -26.00 -0.13 6.71
N ASN H 278 -27.31 0.01 6.52
CA ASN H 278 -27.84 0.14 5.16
C ASN H 278 -27.43 1.47 4.51
N GLN H 279 -27.35 2.52 5.32
CA GLN H 279 -26.96 3.84 4.86
C GLN H 279 -25.54 3.79 4.30
N ILE H 280 -24.67 3.19 5.09
CA ILE H 280 -23.26 3.02 4.75
C ILE H 280 -23.12 2.22 3.47
N CYS H 281 -23.78 1.07 3.41
CA CYS H 281 -23.71 0.21 2.22
C CYS H 281 -24.22 0.92 0.98
N GLU H 282 -25.38 1.56 1.11
CA GLU H 282 -25.99 2.29 0.03
C GLU H 282 -25.02 3.32 -0.53
N THR H 283 -24.37 4.07 0.36
CA THR H 283 -23.42 5.10 -0.01
C THR H 283 -22.24 4.50 -0.79
N ALA H 284 -21.88 3.27 -0.45
CA ALA H 284 -20.76 2.58 -1.10
C ALA H 284 -21.18 1.73 -2.30
N GLY H 285 -22.45 1.79 -2.68
CA GLY H 285 -22.93 1.00 -3.82
C GLY H 285 -23.09 -0.47 -3.50
N ILE H 286 -23.31 -0.77 -2.23
CA ILE H 286 -23.48 -2.13 -1.74
C ILE H 286 -24.93 -2.33 -1.32
N GLU H 287 -25.63 -3.25 -1.99
CA GLU H 287 -27.01 -3.55 -1.63
C GLU H 287 -27.06 -4.42 -0.38
N CYS H 288 -28.17 -4.37 0.34
CA CYS H 288 -28.31 -5.16 1.55
C CYS H 288 -29.46 -6.15 1.51
N MET H 289 -29.29 -7.28 2.18
CA MET H 289 -30.36 -8.25 2.28
C MET H 289 -30.69 -8.31 3.77
N ILE H 290 -31.99 -8.30 4.10
CA ILE H 290 -32.42 -8.39 5.51
C ILE H 290 -32.61 -9.87 5.81
N GLY H 291 -32.01 -10.32 6.90
CA GLY H 291 -32.11 -11.73 7.27
C GLY H 291 -32.69 -11.92 8.66
N CYS H 292 -32.54 -13.13 9.20
CA CYS H 292 -33.07 -13.43 10.52
C CYS H 292 -32.42 -14.63 11.18
N MET H 293 -32.69 -14.79 12.47
CA MET H 293 -32.19 -15.91 13.24
C MET H 293 -33.36 -16.87 13.32
N ALA H 294 -33.07 -18.16 13.44
CA ALA H 294 -34.12 -19.16 13.53
C ALA H 294 -34.87 -18.98 14.84
N GLU H 295 -34.19 -18.44 15.84
CA GLU H 295 -34.80 -18.25 17.15
C GLU H 295 -35.82 -17.11 17.26
N GLU H 296 -35.97 -16.31 16.20
CA GLU H 296 -36.92 -15.20 16.22
C GLU H 296 -38.35 -15.61 15.89
N THR H 297 -39.30 -14.78 16.30
CA THR H 297 -40.70 -15.04 16.04
C THR H 297 -41.32 -13.87 15.28
N THR H 298 -42.64 -13.75 15.38
CA THR H 298 -43.40 -12.71 14.71
C THR H 298 -42.88 -11.29 14.99
N ILE H 299 -42.53 -11.02 16.24
CA ILE H 299 -42.08 -9.68 16.59
C ILE H 299 -40.82 -9.31 15.80
N GLY H 300 -39.77 -10.10 15.96
CA GLY H 300 -38.52 -9.84 15.26
C GLY H 300 -38.69 -9.78 13.75
N ILE H 301 -39.38 -10.78 13.20
CA ILE H 301 -39.59 -10.82 11.75
C ILE H 301 -40.42 -9.64 11.22
N THR H 302 -41.45 -9.24 11.95
CA THR H 302 -42.29 -8.14 11.51
C THR H 302 -41.50 -6.81 11.50
N ALA H 303 -40.66 -6.60 12.51
CA ALA H 303 -39.87 -5.37 12.57
C ALA H 303 -38.90 -5.34 11.39
N ALA H 304 -38.25 -6.48 11.14
CA ALA H 304 -37.29 -6.59 10.05
C ALA H 304 -37.98 -6.32 8.72
N ALA H 305 -39.19 -6.85 8.57
CA ALA H 305 -39.98 -6.67 7.35
C ALA H 305 -40.35 -5.20 7.11
N HIS H 306 -40.72 -4.49 8.18
CA HIS H 306 -41.07 -3.07 8.08
C HIS H 306 -39.84 -2.28 7.63
N LEU H 307 -38.68 -2.61 8.19
CA LEU H 307 -37.44 -1.93 7.81
C LEU H 307 -37.10 -2.23 6.35
N ALA H 308 -37.18 -3.50 5.96
CA ALA H 308 -36.86 -3.88 4.58
C ALA H 308 -37.78 -3.24 3.55
N ALA H 309 -39.08 -3.19 3.85
CA ALA H 309 -40.04 -2.58 2.93
C ALA H 309 -39.76 -1.07 2.80
N ALA H 310 -39.40 -0.45 3.92
CA ALA H 310 -39.15 0.99 3.97
C ALA H 310 -37.91 1.51 3.23
N GLN H 311 -36.86 0.70 3.19
CA GLN H 311 -35.59 1.09 2.60
C GLN H 311 -35.33 0.51 1.23
N LYS H 312 -35.11 1.40 0.27
CA LYS H 312 -34.85 1.00 -1.11
C LYS H 312 -33.62 0.12 -1.26
N ASN H 313 -32.55 0.43 -0.53
CA ASN H 313 -31.31 -0.34 -0.65
C ASN H 313 -31.35 -1.75 -0.08
N ILE H 314 -32.40 -2.08 0.68
CA ILE H 314 -32.52 -3.45 1.19
C ILE H 314 -33.34 -4.10 0.10
N THR H 315 -32.63 -4.66 -0.87
CA THR H 315 -33.23 -5.27 -2.05
C THR H 315 -33.58 -6.74 -1.97
N ARG H 316 -33.12 -7.42 -0.94
CA ARG H 316 -33.40 -8.84 -0.78
C ARG H 316 -33.86 -9.08 0.64
N ALA H 317 -34.57 -10.18 0.85
CA ALA H 317 -35.05 -10.52 2.17
C ALA H 317 -35.10 -12.03 2.38
N ASP H 318 -34.62 -12.44 3.55
CA ASP H 318 -34.60 -13.83 3.95
C ASP H 318 -35.27 -13.82 5.33
N LEU H 319 -36.57 -13.56 5.33
CA LEU H 319 -37.38 -13.48 6.54
C LEU H 319 -38.34 -14.67 6.60
N ASP H 320 -37.78 -15.84 6.87
CA ASP H 320 -38.54 -17.08 6.89
C ASP H 320 -38.59 -17.79 8.24
N ALA H 321 -38.19 -17.11 9.32
CA ALA H 321 -38.19 -17.74 10.63
C ALA H 321 -39.57 -18.19 11.15
N THR H 322 -40.62 -17.41 10.87
CA THR H 322 -41.96 -17.80 11.35
C THR H 322 -42.50 -19.05 10.66
N PHE H 323 -41.98 -19.37 9.47
CA PHE H 323 -42.46 -20.54 8.73
C PHE H 323 -42.15 -21.84 9.45
N GLY H 324 -41.11 -21.83 10.28
CA GLY H 324 -40.74 -23.03 10.99
C GLY H 324 -41.26 -23.14 12.42
N LEU H 325 -42.05 -22.16 12.85
CA LEU H 325 -42.59 -22.16 14.21
C LEU H 325 -43.89 -22.95 14.38
N GLU H 326 -44.00 -23.68 15.49
CA GLU H 326 -45.20 -24.47 15.78
C GLU H 326 -46.34 -23.54 16.19
N THR H 327 -46.00 -22.45 16.89
CA THR H 327 -46.99 -21.50 17.35
C THR H 327 -46.49 -20.05 17.26
N ALA H 328 -47.41 -19.10 17.40
CA ALA H 328 -47.06 -17.67 17.37
C ALA H 328 -47.26 -17.11 18.77
N PRO H 329 -46.31 -16.31 19.28
CA PRO H 329 -46.40 -15.73 20.62
C PRO H 329 -47.31 -14.52 20.78
N VAL H 330 -47.65 -13.88 19.67
CA VAL H 330 -48.52 -12.71 19.69
C VAL H 330 -49.42 -12.76 18.46
N THR H 331 -50.48 -11.95 18.46
CA THR H 331 -51.38 -11.90 17.32
C THR H 331 -50.91 -10.80 16.37
N GLY H 332 -51.34 -10.86 15.12
CA GLY H 332 -50.94 -9.87 14.14
C GLY H 332 -49.53 -10.08 13.62
N GLY H 333 -49.01 -9.08 12.90
CA GLY H 333 -47.66 -9.20 12.36
C GLY H 333 -47.60 -10.23 11.26
N VAL H 334 -46.39 -10.56 10.81
CA VAL H 334 -46.21 -11.58 9.77
C VAL H 334 -46.71 -12.91 10.32
N SER H 335 -47.56 -13.60 9.57
CA SER H 335 -48.11 -14.88 10.05
C SER H 335 -47.15 -16.05 9.92
N LEU H 336 -47.59 -17.19 10.44
CA LEU H 336 -46.80 -18.42 10.41
C LEU H 336 -46.86 -19.07 9.04
N GLU H 337 -47.80 -18.62 8.22
CA GLU H 337 -47.98 -19.20 6.88
C GLU H 337 -46.75 -19.05 5.99
N ALA H 338 -46.31 -20.16 5.42
CA ALA H 338 -45.16 -20.16 4.53
C ALA H 338 -45.60 -19.60 3.18
N LYS H 339 -45.30 -18.33 2.95
CA LYS H 339 -45.65 -17.66 1.71
C LYS H 339 -44.57 -16.62 1.43
N PRO H 340 -44.27 -16.36 0.15
CA PRO H 340 -43.24 -15.40 -0.25
C PRO H 340 -43.59 -13.93 -0.04
N LEU H 341 -44.87 -13.59 -0.14
CA LEU H 341 -45.29 -12.20 0.03
C LEU H 341 -45.65 -11.86 1.46
N LEU H 342 -44.95 -10.88 2.03
CA LEU H 342 -45.23 -10.44 3.38
C LEU H 342 -45.81 -9.03 3.27
N GLU H 343 -47.13 -8.93 3.42
CA GLU H 343 -47.79 -7.63 3.31
C GLU H 343 -47.98 -7.00 4.67
N LEU H 344 -47.51 -5.77 4.82
CA LEU H 344 -47.67 -5.06 6.08
C LEU H 344 -48.95 -4.26 5.92
N GLY H 345 -49.79 -4.29 6.94
CA GLY H 345 -51.05 -3.56 6.84
C GLY H 345 -50.92 -2.08 7.10
N GLU H 346 -51.99 -1.49 7.60
CA GLU H 346 -52.03 -0.06 7.89
C GLU H 346 -52.02 0.15 9.41
N ALA H 347 -51.97 -0.94 10.17
CA ALA H 347 -51.97 -0.84 11.62
C ALA H 347 -50.73 -0.06 12.09
N ALA H 348 -50.92 0.79 13.10
CA ALA H 348 -49.83 1.60 13.63
C ALA H 348 -48.67 0.76 14.16
N GLY H 349 -47.45 1.27 14.00
CA GLY H 349 -46.28 0.56 14.49
C GLY H 349 -46.10 -0.81 13.86
N LEU H 350 -45.85 -1.82 14.68
CA LEU H 350 -45.65 -3.18 14.19
C LEU H 350 -46.94 -3.81 13.69
N GLY H 351 -48.07 -3.38 14.23
CA GLY H 351 -49.34 -3.98 13.82
C GLY H 351 -49.47 -5.31 14.53
N ILE H 352 -48.94 -5.37 15.74
CA ILE H 352 -48.98 -6.57 16.56
C ILE H 352 -49.87 -6.35 17.78
N SER H 353 -50.71 -7.33 18.11
CA SER H 353 -51.63 -7.23 19.25
C SER H 353 -52.43 -5.94 19.27
#